data_8XU2
#
_entry.id   8XU2
#
_cell.length_a   362.335
_cell.length_b   362.335
_cell.length_c   77.886
_cell.angle_alpha   90.00
_cell.angle_beta   90.00
_cell.angle_gamma   120.00
#
_symmetry.space_group_name_H-M   'H 3'
#
loop_
_entity.id
_entity.type
_entity.pdbx_description
1 polymer 'citrate synthase'
2 non-polymer 'CITRIC ACID'
3 water water
#
_entity_poly.entity_id   1
_entity_poly.type   'polypeptide(L)'
_entity_poly.pdbx_seq_one_letter_code
;MSFLKEKLAEKIAQHRPRTTRLLKEFGNVKIDEVTISQAIGGMRGIKSLVTDISYLDPEEGIRFRGYTIPEVLEKLPKVP
GAEMPYVEGHFYLLLTGDVPTEKEVKEVAEEFKKRRALPEYVKDTLKAMPRDTHPMTMFAAGILAMQRESKFAAYYNAGK
FNKNTAWEPMFEDAMDLMAKLPSLGAYIYRMKYKSDTHIPSNPDLDLGGDFANMMGIDKPYDDVARLYFILHSDHESGNV
SAHTAHLVASALSDAYYAYSAAMCGLAGPLHGLANQEVLKWIQETIDKKLGGKVPTKEELKKFVEETLSSGQVIPGYGHA
VLRKTDPRYVAQREFALKHMPDDPIFQVVSMLYEVVPPILSSLGKVKDPWPNVDAHSGCIQWHYGVVEYDFYTVLFGIGR
ALGVLANLVWDRALGYAIERPKSVTTDMLEKWAGIKAA
;
_entity_poly.pdbx_strand_id   A,B,C,D,E,F,G,H
#
loop_
_chem_comp.id
_chem_comp.type
_chem_comp.name
_chem_comp.formula
CIT non-polymer 'CITRIC ACID' 'C6 H8 O7'
#
# COMPACT_ATOMS: atom_id res chain seq x y z
N SER A 2 25.33 -35.24 16.44
CA SER A 2 25.59 -34.02 17.24
C SER A 2 24.56 -33.93 18.36
N PHE A 3 24.96 -33.26 19.45
CA PHE A 3 24.06 -33.01 20.55
C PHE A 3 22.86 -32.19 20.08
N LEU A 4 23.10 -31.19 19.22
CA LEU A 4 22.04 -30.34 18.70
C LEU A 4 21.01 -31.19 17.96
N LYS A 5 21.47 -32.11 17.11
CA LYS A 5 20.56 -32.90 16.29
C LYS A 5 19.74 -33.85 17.17
N GLU A 6 20.39 -34.42 18.21
CA GLU A 6 19.73 -35.33 19.13
C GLU A 6 18.71 -34.57 19.99
N LYS A 7 19.07 -33.34 20.40
CA LYS A 7 18.17 -32.50 21.16
C LYS A 7 16.93 -32.19 20.32
N LEU A 8 17.17 -31.88 19.04
CA LEU A 8 16.09 -31.55 18.12
C LEU A 8 15.20 -32.77 17.91
N ALA A 9 15.80 -33.96 17.81
CA ALA A 9 15.04 -35.19 17.67
C ALA A 9 14.09 -35.38 18.86
N GLU A 10 14.55 -35.08 20.09
CA GLU A 10 13.72 -35.17 21.28
C GLU A 10 12.53 -34.23 21.16
N LYS A 11 12.81 -32.96 20.82
CA LYS A 11 11.76 -31.95 20.75
C LYS A 11 10.72 -32.33 19.70
N ILE A 12 11.16 -32.95 18.61
CA ILE A 12 10.26 -33.38 17.55
C ILE A 12 9.36 -34.52 18.08
N ALA A 13 9.95 -35.48 18.80
CA ALA A 13 9.20 -36.60 19.38
C ALA A 13 8.09 -36.08 20.31
N GLN A 14 8.37 -35.03 21.09
CA GLN A 14 7.41 -34.44 22.01
C GLN A 14 6.34 -33.64 21.26
N HIS A 15 6.72 -32.98 20.16
CA HIS A 15 5.79 -32.07 19.51
C HIS A 15 4.80 -32.81 18.60
N ARG A 16 5.26 -33.87 17.91
CA ARG A 16 4.44 -34.51 16.88
C ARG A 16 3.07 -34.92 17.44
N PRO A 17 2.96 -35.60 18.61
CA PRO A 17 1.66 -36.01 19.14
C PRO A 17 0.65 -34.87 19.27
N ARG A 18 1.14 -33.67 19.63
CA ARG A 18 0.30 -32.48 19.75
C ARG A 18 -0.35 -32.13 18.41
N THR A 19 0.46 -32.21 17.33
CA THR A 19 -0.02 -31.90 15.99
C THR A 19 -1.02 -32.97 15.56
N THR A 20 -0.70 -34.24 15.81
CA THR A 20 -1.56 -35.38 15.49
C THR A 20 -2.94 -35.23 16.14
N ARG A 21 -2.94 -34.84 17.42
CA ARG A 21 -4.15 -34.69 18.20
C ARG A 21 -5.02 -33.54 17.66
N LEU A 22 -4.41 -32.41 17.33
CA LEU A 22 -5.16 -31.28 16.80
C LEU A 22 -5.87 -31.68 15.49
N LEU A 23 -5.22 -32.50 14.66
CA LEU A 23 -5.81 -32.92 13.40
C LEU A 23 -6.86 -33.99 13.65
N LYS A 24 -6.59 -34.92 14.57
CA LYS A 24 -7.48 -36.06 14.75
C LYS A 24 -8.78 -35.65 15.43
N GLU A 25 -8.68 -34.85 16.52
CA GLU A 25 -9.82 -34.55 17.36
C GLU A 25 -10.44 -33.20 17.03
N PHE A 26 -9.63 -32.20 16.62
CA PHE A 26 -10.08 -30.79 16.59
C PHE A 26 -9.91 -30.14 15.21
N GLY A 27 -9.85 -30.99 14.18
CA GLY A 27 -9.62 -30.55 12.80
C GLY A 27 -10.59 -29.47 12.34
N ASN A 28 -11.85 -29.50 12.82
CA ASN A 28 -12.90 -28.68 12.25
C ASN A 28 -13.14 -27.42 13.06
N VAL A 29 -12.34 -27.21 14.12
CA VAL A 29 -12.49 -26.00 14.93
C VAL A 29 -12.13 -24.77 14.10
N LYS A 30 -13.04 -23.79 14.06
CA LYS A 30 -12.89 -22.57 13.30
C LYS A 30 -11.96 -21.60 14.04
N ILE A 31 -10.97 -21.05 13.31
CA ILE A 31 -10.04 -20.11 13.91
C ILE A 31 -10.12 -18.75 13.23
N ASP A 32 -10.76 -18.65 12.05
CA ASP A 32 -10.85 -17.34 11.41
C ASP A 32 -11.86 -17.42 10.26
N GLU A 33 -12.09 -16.29 9.63
CA GLU A 33 -12.87 -16.23 8.40
C GLU A 33 -12.15 -15.38 7.36
N VAL A 34 -12.67 -15.45 6.12
CA VAL A 34 -12.11 -14.76 4.97
C VAL A 34 -13.19 -13.88 4.36
N THR A 35 -12.88 -12.59 4.16
CA THR A 35 -13.77 -11.68 3.45
C THR A 35 -13.26 -11.39 2.04
N ILE A 36 -14.12 -10.76 1.24
CA ILE A 36 -13.79 -10.32 -0.11
C ILE A 36 -12.55 -9.42 -0.06
N SER A 37 -12.56 -8.47 0.88
CA SER A 37 -11.48 -7.53 1.09
C SER A 37 -10.12 -8.22 1.27
N GLN A 38 -10.12 -9.31 2.02
CA GLN A 38 -8.92 -10.03 2.40
C GLN A 38 -8.41 -10.88 1.23
N ALA A 39 -9.32 -11.48 0.45
CA ALA A 39 -8.94 -12.28 -0.71
C ALA A 39 -8.30 -11.38 -1.77
N ILE A 40 -8.92 -10.22 -2.03
CA ILE A 40 -8.37 -9.24 -2.94
C ILE A 40 -7.10 -8.61 -2.35
N GLY A 41 -7.05 -8.44 -1.02
CA GLY A 41 -6.02 -7.64 -0.38
C GLY A 41 -4.90 -8.49 0.24
N GLY A 42 -4.49 -9.55 -0.45
CA GLY A 42 -3.27 -10.25 -0.09
C GLY A 42 -3.39 -11.05 1.19
N MET A 43 -4.54 -11.73 1.35
CA MET A 43 -4.85 -12.54 2.52
C MET A 43 -4.66 -11.77 3.84
N ARG A 44 -4.80 -10.45 3.83
CA ARG A 44 -4.44 -9.61 4.96
C ARG A 44 -5.10 -10.11 6.23
N GLY A 45 -4.28 -10.49 7.23
CA GLY A 45 -4.77 -10.79 8.56
C GLY A 45 -5.37 -12.18 8.73
N ILE A 46 -5.45 -12.98 7.64
CA ILE A 46 -6.02 -14.30 7.70
C ILE A 46 -5.06 -15.23 8.45
N LYS A 47 -5.58 -15.88 9.50
CA LYS A 47 -4.82 -16.82 10.31
C LYS A 47 -4.84 -18.17 9.60
N SER A 48 -3.82 -18.40 8.74
CA SER A 48 -3.82 -19.52 7.81
C SER A 48 -2.47 -20.24 7.78
N LEU A 49 -1.56 -19.88 8.70
CA LEU A 49 -0.20 -20.43 8.76
C LEU A 49 0.11 -20.80 10.21
N VAL A 50 0.93 -21.85 10.38
CA VAL A 50 1.34 -22.32 11.69
C VAL A 50 2.87 -22.39 11.73
N THR A 51 3.45 -21.71 12.72
CA THR A 51 4.87 -21.84 13.05
C THR A 51 5.03 -21.68 14.55
N ASP A 52 6.07 -22.33 15.12
CA ASP A 52 6.39 -22.17 16.53
C ASP A 52 7.75 -21.48 16.72
N ILE A 53 8.46 -21.12 15.64
CA ILE A 53 9.79 -20.54 15.74
C ILE A 53 9.65 -19.19 16.43
N SER A 54 8.70 -18.40 15.93
CA SER A 54 8.44 -17.10 16.48
C SER A 54 6.97 -16.77 16.29
N TYR A 55 6.51 -15.78 17.05
CA TYR A 55 5.11 -15.34 16.98
C TYR A 55 5.10 -13.82 17.07
N LEU A 56 4.43 -13.20 16.08
CA LEU A 56 4.32 -11.75 16.06
C LEU A 56 3.01 -11.32 16.72
N ASP A 57 3.13 -10.80 17.95
CA ASP A 57 2.01 -10.19 18.64
C ASP A 57 1.87 -8.75 18.13
N PRO A 58 0.67 -8.30 17.66
CA PRO A 58 0.50 -6.90 17.24
C PRO A 58 0.87 -5.83 18.28
N GLU A 59 0.69 -6.16 19.57
CA GLU A 59 0.93 -5.22 20.66
C GLU A 59 2.35 -5.33 21.23
N GLU A 60 2.82 -6.55 21.50
CA GLU A 60 4.10 -6.77 22.17
CA GLU A 60 4.10 -6.77 22.17
C GLU A 60 5.24 -6.92 21.15
N GLY A 61 4.89 -7.15 19.88
CA GLY A 61 5.88 -7.44 18.84
C GLY A 61 6.34 -8.89 18.86
N ILE A 62 7.55 -9.12 18.36
CA ILE A 62 8.00 -10.48 18.08
C ILE A 62 8.46 -11.16 19.37
N ARG A 63 8.10 -12.44 19.52
CA ARG A 63 8.73 -13.31 20.50
C ARG A 63 9.38 -14.48 19.78
N PHE A 64 10.62 -14.79 20.16
CA PHE A 64 11.36 -15.92 19.61
C PHE A 64 11.27 -17.09 20.59
N ARG A 65 10.50 -18.13 20.21
CA ARG A 65 10.38 -19.31 21.04
C ARG A 65 9.89 -18.92 22.45
N GLY A 66 8.90 -18.03 22.50
CA GLY A 66 8.33 -17.60 23.77
C GLY A 66 9.04 -16.37 24.34
N TYR A 67 10.29 -16.08 23.96
CA TYR A 67 11.08 -15.04 24.62
C TYR A 67 10.98 -13.69 23.91
N THR A 68 11.04 -12.62 24.70
CA THR A 68 11.15 -11.27 24.16
C THR A 68 12.60 -11.04 23.72
N ILE A 69 12.80 -9.95 22.99
CA ILE A 69 14.12 -9.58 22.51
C ILE A 69 15.05 -9.25 23.70
N PRO A 70 14.66 -8.41 24.69
CA PRO A 70 15.50 -8.20 25.86
C PRO A 70 15.91 -9.51 26.52
N GLU A 71 14.96 -10.47 26.60
CA GLU A 71 15.23 -11.77 27.20
C GLU A 71 16.25 -12.57 26.41
N VAL A 72 16.08 -12.61 25.07
CA VAL A 72 17.00 -13.33 24.21
C VAL A 72 18.41 -12.77 24.37
N LEU A 73 18.55 -11.43 24.28
CA LEU A 73 19.85 -10.80 24.33
C LEU A 73 20.52 -10.97 25.69
N GLU A 74 19.68 -11.08 26.72
CA GLU A 74 20.12 -11.23 28.09
C GLU A 74 20.62 -12.66 28.32
N LYS A 75 19.85 -13.66 27.87
CA LYS A 75 20.09 -15.03 28.27
C LYS A 75 21.07 -15.78 27.39
N LEU A 76 21.19 -15.41 26.10
CA LEU A 76 22.04 -16.18 25.18
C LEU A 76 23.50 -15.98 25.59
N PRO A 77 24.35 -17.03 25.56
CA PRO A 77 25.78 -16.85 25.83
C PRO A 77 26.42 -15.84 24.88
N LYS A 78 27.32 -15.02 25.45
CA LYS A 78 27.98 -13.92 24.76
C LYS A 78 29.30 -14.42 24.18
N VAL A 79 29.75 -13.75 23.12
CA VAL A 79 31.04 -14.09 22.55
C VAL A 79 32.09 -13.48 23.50
N PRO A 80 33.10 -14.26 23.93
CA PRO A 80 34.21 -13.71 24.73
C PRO A 80 34.84 -12.48 24.07
N GLY A 81 34.92 -11.38 24.81
CA GLY A 81 35.53 -10.16 24.32
C GLY A 81 34.53 -9.23 23.66
N ALA A 82 33.26 -9.64 23.59
CA ALA A 82 32.26 -8.89 22.86
C ALA A 82 30.99 -8.75 23.70
N GLU A 83 30.11 -7.85 23.25
CA GLU A 83 28.90 -7.46 23.93
C GLU A 83 27.71 -8.37 23.56
N MET A 84 27.72 -8.95 22.35
CA MET A 84 26.50 -9.56 21.82
C MET A 84 26.59 -11.08 21.85
N PRO A 85 25.43 -11.79 21.80
CA PRO A 85 25.46 -13.25 21.74
C PRO A 85 26.08 -13.83 20.47
N TYR A 86 26.54 -15.08 20.57
CA TYR A 86 26.78 -15.88 19.40
C TYR A 86 25.49 -15.99 18.60
N VAL A 87 25.57 -15.74 17.28
CA VAL A 87 24.41 -15.92 16.42
C VAL A 87 24.06 -17.40 16.41
N GLU A 88 25.09 -18.26 16.49
CA GLU A 88 24.94 -19.70 16.55
C GLU A 88 24.05 -20.12 17.73
N GLY A 89 24.14 -19.41 18.86
CA GLY A 89 23.34 -19.67 20.03
C GLY A 89 21.87 -19.31 19.80
N HIS A 90 21.62 -18.24 19.06
CA HIS A 90 20.27 -17.91 18.66
C HIS A 90 19.71 -18.97 17.71
N PHE A 91 20.55 -19.50 16.83
CA PHE A 91 20.10 -20.56 15.94
C PHE A 91 19.69 -21.80 16.74
N TYR A 92 20.48 -22.14 17.77
CA TYR A 92 20.20 -23.25 18.67
C TYR A 92 18.83 -23.04 19.31
N LEU A 93 18.59 -21.84 19.82
CA LEU A 93 17.33 -21.46 20.43
C LEU A 93 16.16 -21.64 19.45
N LEU A 94 16.29 -21.09 18.24
CA LEU A 94 15.19 -21.17 17.28
C LEU A 94 14.91 -22.63 16.91
N LEU A 95 15.96 -23.46 16.81
CA LEU A 95 15.76 -24.86 16.44
C LEU A 95 15.12 -25.67 17.56
N THR A 96 15.56 -25.46 18.81
CA THR A 96 15.23 -26.36 19.90
C THR A 96 14.17 -25.79 20.84
N GLY A 97 14.07 -24.46 20.95
CA GLY A 97 13.26 -23.82 21.98
C GLY A 97 14.03 -23.59 23.29
N ASP A 98 15.25 -24.12 23.42
CA ASP A 98 16.07 -23.99 24.63
C ASP A 98 17.18 -22.96 24.45
N VAL A 99 17.43 -22.18 25.51
CA VAL A 99 18.64 -21.38 25.62
C VAL A 99 19.84 -22.32 25.79
N PRO A 100 20.87 -22.25 24.92
CA PRO A 100 22.01 -23.16 25.01
C PRO A 100 22.95 -22.77 26.13
N THR A 101 23.61 -23.78 26.72
CA THR A 101 24.77 -23.56 27.59
C THR A 101 25.97 -23.14 26.74
N GLU A 102 27.02 -22.67 27.41
CA GLU A 102 28.28 -22.35 26.77
C GLU A 102 28.76 -23.56 25.97
N LYS A 103 28.70 -24.75 26.58
CA LYS A 103 29.15 -25.96 25.94
C LYS A 103 28.35 -26.19 24.65
N GLU A 104 27.04 -25.90 24.68
CA GLU A 104 26.16 -26.24 23.57
C GLU A 104 26.37 -25.28 22.40
N VAL A 105 26.60 -24.00 22.70
CA VAL A 105 26.86 -22.99 21.69
C VAL A 105 28.18 -23.29 21.00
N LYS A 106 29.20 -23.67 21.78
CA LYS A 106 30.52 -23.93 21.22
C LYS A 106 30.44 -25.05 20.20
N GLU A 107 29.60 -26.04 20.45
CA GLU A 107 29.44 -27.15 19.53
C GLU A 107 28.85 -26.68 18.20
N VAL A 108 27.90 -25.75 18.24
CA VAL A 108 27.31 -25.19 17.04
C VAL A 108 28.34 -24.33 16.31
N ALA A 109 29.09 -23.51 17.07
CA ALA A 109 30.11 -22.64 16.52
C ALA A 109 31.17 -23.45 15.80
N GLU A 110 31.55 -24.61 16.38
CA GLU A 110 32.55 -25.48 15.79
C GLU A 110 32.02 -26.11 14.50
N GLU A 111 30.74 -26.46 14.49
CA GLU A 111 30.11 -27.10 13.33
C GLU A 111 30.00 -26.08 12.20
N PHE A 112 29.69 -24.81 12.52
CA PHE A 112 29.65 -23.74 11.54
C PHE A 112 31.02 -23.48 10.94
N LYS A 113 32.07 -23.56 11.75
CA LYS A 113 33.44 -23.40 11.26
C LYS A 113 33.72 -24.47 10.22
N LYS A 114 33.26 -25.70 10.44
CA LYS A 114 33.52 -26.78 9.51
C LYS A 114 32.72 -26.61 8.21
N ARG A 115 31.62 -25.87 8.24
CA ARG A 115 30.71 -25.84 7.10
C ARG A 115 30.74 -24.49 6.38
N ARG A 116 31.59 -23.54 6.78
CA ARG A 116 31.38 -22.17 6.30
C ARG A 116 32.07 -21.87 4.96
N ALA A 117 32.94 -22.77 4.45
CA ALA A 117 33.67 -22.48 3.22
C ALA A 117 32.71 -22.45 2.02
N LEU A 118 32.93 -21.50 1.14
CA LEU A 118 32.11 -21.28 -0.05
C LEU A 118 32.62 -22.13 -1.22
N PRO A 119 31.78 -22.97 -1.87
CA PRO A 119 32.21 -23.66 -3.09
C PRO A 119 32.80 -22.68 -4.11
N GLU A 120 33.91 -23.08 -4.75
CA GLU A 120 34.53 -22.25 -5.78
C GLU A 120 33.58 -21.93 -6.92
N TYR A 121 32.75 -22.89 -7.32
CA TYR A 121 31.83 -22.66 -8.44
C TYR A 121 30.79 -21.60 -8.11
N VAL A 122 30.57 -21.30 -6.83
CA VAL A 122 29.69 -20.19 -6.48
C VAL A 122 30.35 -18.87 -6.89
N LYS A 123 31.63 -18.73 -6.62
CA LYS A 123 32.39 -17.56 -7.04
C LYS A 123 32.46 -17.50 -8.55
N ASP A 124 32.67 -18.63 -9.23
CA ASP A 124 32.70 -18.68 -10.68
C ASP A 124 31.38 -18.15 -11.24
N THR A 125 30.27 -18.60 -10.65
CA THR A 125 28.93 -18.24 -11.12
C THR A 125 28.69 -16.73 -10.94
N LEU A 126 29.09 -16.17 -9.78
CA LEU A 126 28.90 -14.75 -9.50
C LEU A 126 29.79 -13.87 -10.39
N LYS A 127 30.94 -14.40 -10.82
CA LYS A 127 31.79 -13.69 -11.76
C LYS A 127 31.21 -13.72 -13.17
N ALA A 128 30.51 -14.80 -13.53
CA ALA A 128 29.96 -14.91 -14.88
C ALA A 128 28.73 -14.02 -15.00
N MET A 129 28.00 -13.85 -13.90
CA MET A 129 26.93 -12.87 -13.82
C MET A 129 27.53 -11.48 -13.97
N PRO A 130 26.95 -10.59 -14.83
CA PRO A 130 27.48 -9.24 -14.95
C PRO A 130 27.67 -8.57 -13.59
N ARG A 131 28.81 -7.90 -13.42
CA ARG A 131 29.19 -7.31 -12.15
C ARG A 131 28.19 -6.22 -11.74
N ASP A 132 27.42 -5.69 -12.72
CA ASP A 132 26.47 -4.63 -12.42
C ASP A 132 25.14 -5.23 -11.95
N THR A 133 25.06 -6.55 -11.81
CA THR A 133 23.90 -7.21 -11.22
C THR A 133 23.69 -6.78 -9.77
N HIS A 134 22.41 -6.54 -9.42
CA HIS A 134 22.00 -6.16 -8.08
C HIS A 134 22.50 -7.20 -7.07
N PRO A 135 23.00 -6.78 -5.90
CA PRO A 135 23.57 -7.74 -4.94
C PRO A 135 22.60 -8.80 -4.44
N MET A 136 21.29 -8.50 -4.39
CA MET A 136 20.28 -9.47 -3.98
C MET A 136 20.05 -10.52 -5.06
N THR A 137 20.27 -10.13 -6.34
CA THR A 137 20.20 -11.10 -7.41
C THR A 137 21.39 -12.06 -7.32
N MET A 138 22.57 -11.52 -7.03
CA MET A 138 23.75 -12.33 -6.86
C MET A 138 23.58 -13.27 -5.66
N PHE A 139 22.99 -12.74 -4.58
CA PHE A 139 22.81 -13.48 -3.35
C PHE A 139 21.89 -14.68 -3.57
N ALA A 140 20.74 -14.42 -4.20
CA ALA A 140 19.78 -15.47 -4.50
C ALA A 140 20.39 -16.51 -5.43
N ALA A 141 21.24 -16.07 -6.38
CA ALA A 141 21.84 -16.94 -7.37
C ALA A 141 22.87 -17.86 -6.71
N GLY A 142 23.67 -17.28 -5.82
CA GLY A 142 24.65 -18.04 -5.05
C GLY A 142 24.03 -19.17 -4.23
N ILE A 143 22.93 -18.87 -3.54
CA ILE A 143 22.18 -19.86 -2.78
C ILE A 143 21.68 -20.94 -3.73
N LEU A 144 21.03 -20.51 -4.83
CA LEU A 144 20.45 -21.44 -5.80
C LEU A 144 21.50 -22.39 -6.37
N ALA A 145 22.67 -21.87 -6.74
CA ALA A 145 23.72 -22.69 -7.35
C ALA A 145 24.12 -23.83 -6.41
N MET A 146 24.09 -23.60 -5.09
CA MET A 146 24.50 -24.59 -4.12
C MET A 146 23.45 -25.68 -3.91
N GLN A 147 22.31 -25.60 -4.61
CA GLN A 147 21.31 -26.66 -4.66
C GLN A 147 21.95 -27.97 -5.12
N ARG A 148 23.03 -27.88 -5.90
CA ARG A 148 23.84 -29.02 -6.30
C ARG A 148 24.27 -29.88 -5.09
N GLU A 149 24.46 -29.25 -3.91
CA GLU A 149 24.97 -29.96 -2.74
C GLU A 149 23.84 -30.48 -1.84
N SER A 150 22.57 -30.29 -2.20
CA SER A 150 21.46 -30.61 -1.31
C SER A 150 21.45 -32.07 -0.91
N LYS A 151 21.54 -32.31 0.41
CA LYS A 151 21.38 -33.62 1.02
C LYS A 151 19.92 -34.07 0.99
N PHE A 152 19.00 -33.11 1.18
CA PHE A 152 17.59 -33.40 1.12
C PHE A 152 17.22 -33.88 -0.28
N ALA A 153 17.71 -33.17 -1.32
CA ALA A 153 17.42 -33.57 -2.69
C ALA A 153 18.01 -34.94 -3.00
N ALA A 154 19.23 -35.25 -2.54
CA ALA A 154 19.86 -36.54 -2.84
C ALA A 154 19.09 -37.66 -2.13
N TYR A 155 18.70 -37.40 -0.88
CA TYR A 155 17.86 -38.30 -0.10
C TYR A 155 16.56 -38.60 -0.84
N TYR A 156 15.86 -37.57 -1.29
CA TYR A 156 14.63 -37.79 -2.02
C TYR A 156 14.91 -38.57 -3.30
N ASN A 157 15.94 -38.19 -4.07
CA ASN A 157 16.20 -38.75 -5.39
C ASN A 157 16.65 -40.21 -5.27
N ALA A 158 17.22 -40.59 -4.12
CA ALA A 158 17.65 -41.96 -3.87
C ALA A 158 16.49 -42.86 -3.43
N GLY A 159 15.27 -42.32 -3.33
CA GLY A 159 14.09 -43.08 -2.93
C GLY A 159 13.96 -43.30 -1.41
N LYS A 160 14.63 -42.48 -0.60
CA LYS A 160 14.71 -42.72 0.84
C LYS A 160 13.67 -41.92 1.62
N PHE A 161 12.80 -41.18 0.94
CA PHE A 161 11.91 -40.29 1.67
C PHE A 161 11.10 -41.11 2.69
N ASN A 162 11.12 -40.66 3.93
CA ASN A 162 10.27 -41.22 4.98
C ASN A 162 9.80 -40.03 5.82
N LYS A 163 8.50 -39.96 6.06
CA LYS A 163 7.93 -38.77 6.68
C LYS A 163 8.47 -38.57 8.10
N ASN A 164 8.99 -39.63 8.74
CA ASN A 164 9.49 -39.48 10.11
C ASN A 164 10.91 -38.92 10.14
N THR A 165 11.71 -39.20 9.10
CA THR A 165 13.16 -38.96 9.09
C THR A 165 13.56 -37.81 8.16
N ALA A 166 12.63 -37.27 7.37
CA ALA A 166 12.89 -36.28 6.33
C ALA A 166 13.48 -35.00 6.91
N TRP A 167 13.16 -34.66 8.17
CA TRP A 167 13.72 -33.48 8.78
C TRP A 167 15.24 -33.55 8.89
N GLU A 168 15.80 -34.76 8.87
CA GLU A 168 17.20 -34.95 9.20
C GLU A 168 18.10 -34.36 8.10
N PRO A 169 17.96 -34.77 6.83
CA PRO A 169 18.70 -34.11 5.75
C PRO A 169 18.34 -32.64 5.57
N MET A 170 17.10 -32.25 5.91
CA MET A 170 16.71 -30.84 5.87
C MET A 170 17.55 -30.07 6.89
N PHE A 171 17.73 -30.64 8.11
CA PHE A 171 18.59 -30.05 9.12
C PHE A 171 20.02 -29.89 8.62
N GLU A 172 20.55 -30.92 7.94
CA GLU A 172 21.94 -30.89 7.47
C GLU A 172 22.11 -29.76 6.45
N ASP A 173 21.15 -29.62 5.51
CA ASP A 173 21.16 -28.55 4.54
C ASP A 173 21.06 -27.19 5.22
N ALA A 174 20.20 -27.09 6.25
CA ALA A 174 20.02 -25.83 6.97
C ALA A 174 21.34 -25.42 7.65
N MET A 175 22.06 -26.38 8.24
CA MET A 175 23.32 -26.09 8.90
C MET A 175 24.37 -25.66 7.86
N ASP A 176 24.39 -26.37 6.72
CA ASP A 176 25.35 -26.09 5.67
C ASP A 176 25.13 -24.70 5.10
N LEU A 177 23.87 -24.39 4.79
CA LEU A 177 23.52 -23.11 4.19
C LEU A 177 23.73 -21.98 5.18
N MET A 178 23.21 -22.14 6.40
CA MET A 178 23.31 -21.05 7.37
C MET A 178 24.80 -20.70 7.62
N ALA A 179 25.67 -21.72 7.68
CA ALA A 179 27.08 -21.49 7.94
C ALA A 179 27.72 -20.65 6.83
N LYS A 180 27.22 -20.79 5.59
CA LYS A 180 27.84 -20.21 4.41
C LYS A 180 27.26 -18.84 4.03
N LEU A 181 26.02 -18.53 4.43
CA LEU A 181 25.35 -17.34 3.93
C LEU A 181 26.17 -16.08 4.21
N PRO A 182 26.77 -15.90 5.39
CA PRO A 182 27.58 -14.72 5.65
C PRO A 182 28.78 -14.57 4.73
N SER A 183 29.47 -15.68 4.44
CA SER A 183 30.59 -15.70 3.51
C SER A 183 30.12 -15.35 2.11
N LEU A 184 28.95 -15.84 1.71
CA LEU A 184 28.39 -15.51 0.40
C LEU A 184 28.13 -14.02 0.32
N GLY A 185 27.49 -13.48 1.36
CA GLY A 185 27.21 -12.05 1.44
C GLY A 185 28.48 -11.21 1.35
N ALA A 186 29.48 -11.59 2.14
CA ALA A 186 30.76 -10.89 2.17
C ALA A 186 31.44 -10.94 0.81
N TYR A 187 31.38 -12.11 0.15
CA TYR A 187 31.99 -12.26 -1.15
C TYR A 187 31.39 -11.21 -2.10
N ILE A 188 30.07 -11.14 -2.13
CA ILE A 188 29.35 -10.19 -2.99
C ILE A 188 29.75 -8.76 -2.62
N TYR A 189 29.88 -8.46 -1.31
CA TYR A 189 30.23 -7.11 -0.88
C TYR A 189 31.61 -6.74 -1.41
N ARG A 190 32.58 -7.66 -1.25
CA ARG A 190 33.95 -7.39 -1.67
C ARG A 190 34.04 -7.27 -3.19
N MET A 191 33.40 -8.19 -3.90
CA MET A 191 33.52 -8.27 -5.36
C MET A 191 32.88 -7.06 -6.04
N LYS A 192 31.79 -6.53 -5.47
CA LYS A 192 31.07 -5.40 -6.03
C LYS A 192 31.64 -4.06 -5.55
N TYR A 193 31.93 -3.93 -4.25
CA TYR A 193 32.07 -2.60 -3.67
C TYR A 193 33.46 -2.35 -3.07
N LYS A 194 34.32 -3.37 -2.94
CA LYS A 194 35.61 -3.17 -2.29
C LYS A 194 36.75 -3.62 -3.21
N SER A 195 36.61 -3.29 -4.50
CA SER A 195 37.68 -3.48 -5.47
C SER A 195 38.03 -4.95 -5.70
N ASP A 196 37.13 -5.85 -5.31
CA ASP A 196 37.30 -7.26 -5.61
C ASP A 196 38.59 -7.77 -4.99
N THR A 197 38.94 -7.25 -3.81
CA THR A 197 39.93 -7.93 -2.98
C THR A 197 39.22 -8.57 -1.80
N HIS A 198 39.73 -9.72 -1.36
CA HIS A 198 39.03 -10.59 -0.44
C HIS A 198 39.87 -10.84 0.82
N ILE A 199 39.20 -10.77 1.96
CA ILE A 199 39.83 -11.05 3.25
C ILE A 199 39.45 -12.49 3.62
N PRO A 200 40.41 -13.40 3.83
CA PRO A 200 40.08 -14.78 4.16
C PRO A 200 39.33 -14.90 5.49
N SER A 201 38.50 -15.96 5.54
CA SER A 201 37.85 -16.42 6.76
C SER A 201 38.89 -16.61 7.86
N ASN A 202 38.58 -16.14 9.07
CA ASN A 202 39.35 -16.46 10.25
C ASN A 202 38.68 -17.63 10.96
N PRO A 203 39.30 -18.84 10.96
CA PRO A 203 38.62 -20.03 11.48
C PRO A 203 38.45 -20.02 13.00
N ASP A 204 39.01 -19.02 13.70
CA ASP A 204 38.80 -18.90 15.12
C ASP A 204 37.65 -17.95 15.46
N LEU A 205 37.02 -17.30 14.48
CA LEU A 205 35.95 -16.36 14.80
C LEU A 205 34.60 -17.06 14.69
N ASP A 206 33.63 -16.56 15.45
CA ASP A 206 32.24 -16.97 15.35
C ASP A 206 31.62 -16.38 14.07
N LEU A 207 30.36 -16.74 13.81
CA LEU A 207 29.67 -16.36 12.58
C LEU A 207 29.73 -14.84 12.41
N GLY A 208 29.33 -14.10 13.45
CA GLY A 208 29.22 -12.65 13.34
C GLY A 208 30.59 -11.99 13.23
N GLY A 209 31.54 -12.49 14.04
CA GLY A 209 32.90 -11.95 14.02
C GLY A 209 33.55 -12.17 12.66
N ASP A 210 33.37 -13.38 12.10
CA ASP A 210 34.00 -13.71 10.84
C ASP A 210 33.35 -12.92 9.69
N PHE A 211 32.04 -12.66 9.80
CA PHE A 211 31.36 -11.83 8.82
C PHE A 211 31.99 -10.43 8.77
N ALA A 212 32.17 -9.79 9.94
CA ALA A 212 32.78 -8.48 10.01
C ALA A 212 34.21 -8.52 9.47
N ASN A 213 34.96 -9.56 9.82
CA ASN A 213 36.30 -9.82 9.31
C ASN A 213 36.31 -9.83 7.78
N MET A 214 35.48 -10.69 7.19
CA MET A 214 35.45 -10.90 5.75
C MET A 214 34.89 -9.67 5.00
N MET A 215 34.07 -8.87 5.68
CA MET A 215 33.57 -7.62 5.12
C MET A 215 34.66 -6.55 5.12
N GLY A 216 35.59 -6.67 6.06
CA GLY A 216 36.71 -5.75 6.20
C GLY A 216 36.37 -4.59 7.13
N ILE A 217 35.51 -4.82 8.14
CA ILE A 217 35.05 -3.78 9.04
C ILE A 217 35.45 -4.13 10.48
N ASP A 218 36.04 -3.16 11.18
CA ASP A 218 36.61 -3.38 12.51
C ASP A 218 35.54 -3.44 13.60
N LYS A 219 35.93 -3.96 14.77
CA LYS A 219 35.16 -3.83 15.99
C LYS A 219 34.67 -2.40 16.12
N PRO A 220 33.42 -2.13 16.56
CA PRO A 220 32.48 -3.18 16.99
C PRO A 220 31.46 -3.66 15.95
N TYR A 221 31.83 -3.67 14.66
CA TYR A 221 30.90 -4.10 13.62
C TYR A 221 30.55 -5.58 13.83
N ASP A 222 31.46 -6.35 14.45
CA ASP A 222 31.18 -7.72 14.82
C ASP A 222 29.89 -7.80 15.65
N ASP A 223 29.73 -6.87 16.61
CA ASP A 223 28.57 -6.84 17.48
C ASP A 223 27.37 -6.25 16.75
N VAL A 224 27.60 -5.24 15.89
CA VAL A 224 26.54 -4.70 15.06
C VAL A 224 25.87 -5.85 14.30
N ALA A 225 26.67 -6.74 13.74
CA ALA A 225 26.22 -7.81 12.87
C ALA A 225 25.50 -8.88 13.69
N ARG A 226 26.10 -9.29 14.81
CA ARG A 226 25.47 -10.25 15.70
C ARG A 226 24.07 -9.79 16.10
N LEU A 227 23.97 -8.52 16.51
CA LEU A 227 22.70 -7.93 16.90
C LEU A 227 21.76 -7.89 15.69
N TYR A 228 22.25 -7.35 14.57
CA TYR A 228 21.43 -7.18 13.38
C TYR A 228 20.81 -8.53 12.99
N PHE A 229 21.65 -9.58 12.95
CA PHE A 229 21.22 -10.88 12.47
C PHE A 229 20.16 -11.49 13.41
N ILE A 230 20.38 -11.36 14.73
CA ILE A 230 19.44 -11.89 15.71
C ILE A 230 18.10 -11.15 15.59
N LEU A 231 18.13 -9.82 15.45
CA LEU A 231 16.89 -9.06 15.38
C LEU A 231 16.08 -9.41 14.13
N HIS A 232 16.79 -9.72 13.03
CA HIS A 232 16.13 -9.98 11.75
C HIS A 232 15.88 -11.46 11.55
N SER A 233 16.13 -12.27 12.59
CA SER A 233 16.17 -13.73 12.48
C SER A 233 14.85 -14.32 12.01
N ASP A 234 13.72 -13.79 12.48
CA ASP A 234 12.40 -14.32 12.17
C ASP A 234 11.36 -13.25 12.50
N HIS A 235 10.22 -13.30 11.79
CA HIS A 235 9.07 -12.45 12.09
C HIS A 235 7.81 -13.23 11.72
N GLU A 236 7.66 -14.36 12.42
CA GLU A 236 6.76 -15.47 12.10
C GLU A 236 6.86 -15.82 10.60
N SER A 237 5.90 -16.63 10.12
CA SER A 237 6.01 -17.29 8.84
C SER A 237 5.21 -16.56 7.76
N GLY A 238 4.48 -15.50 8.13
CA GLY A 238 3.52 -14.86 7.22
C GLY A 238 4.11 -13.71 6.41
N ASN A 239 5.30 -13.23 6.79
CA ASN A 239 6.03 -12.26 5.99
C ASN A 239 6.43 -12.89 4.65
N VAL A 240 6.65 -12.06 3.63
CA VAL A 240 6.75 -12.57 2.25
C VAL A 240 7.92 -13.55 2.10
N SER A 241 9.09 -13.19 2.66
CA SER A 241 10.27 -14.02 2.49
C SER A 241 10.10 -15.37 3.20
N ALA A 242 9.64 -15.35 4.46
CA ALA A 242 9.50 -16.57 5.23
C ALA A 242 8.41 -17.46 4.63
N HIS A 243 7.33 -16.82 4.20
CA HIS A 243 6.21 -17.53 3.60
C HIS A 243 6.64 -18.17 2.29
N THR A 244 7.42 -17.43 1.50
CA THR A 244 7.88 -17.95 0.21
C THR A 244 8.71 -19.21 0.43
N ALA A 245 9.67 -19.15 1.39
CA ALA A 245 10.46 -20.32 1.71
C ALA A 245 9.56 -21.50 2.10
N HIS A 246 8.61 -21.20 3.01
CA HIS A 246 7.71 -22.21 3.54
C HIS A 246 6.91 -22.84 2.40
N LEU A 247 6.35 -21.99 1.54
CA LEU A 247 5.55 -22.42 0.41
C LEU A 247 6.33 -23.33 -0.52
N VAL A 248 7.52 -22.87 -0.92
CA VAL A 248 8.34 -23.63 -1.86
C VAL A 248 8.73 -24.97 -1.25
N ALA A 249 9.22 -24.95 0.01
CA ALA A 249 9.61 -26.17 0.72
C ALA A 249 8.43 -27.14 0.93
N SER A 250 7.19 -26.61 0.99
CA SER A 250 6.00 -27.42 1.17
C SER A 250 5.80 -28.41 0.01
N ALA A 251 6.38 -28.09 -1.18
CA ALA A 251 6.36 -29.01 -2.30
C ALA A 251 7.54 -29.98 -2.25
N LEU A 252 8.29 -29.96 -1.14
CA LEU A 252 9.46 -30.79 -0.86
C LEU A 252 10.69 -30.37 -1.69
N SER A 253 10.69 -29.12 -2.14
CA SER A 253 11.90 -28.47 -2.61
C SER A 253 12.82 -28.26 -1.42
N ASP A 254 14.12 -28.48 -1.66
CA ASP A 254 15.13 -28.37 -0.62
C ASP A 254 15.29 -26.91 -0.22
N ALA A 255 16.07 -26.69 0.86
CA ALA A 255 16.27 -25.38 1.46
C ALA A 255 16.98 -24.40 0.52
N TYR A 256 17.77 -24.90 -0.44
CA TYR A 256 18.48 -24.02 -1.37
C TYR A 256 17.47 -23.40 -2.35
N TYR A 257 16.62 -24.25 -2.94
CA TYR A 257 15.53 -23.74 -3.75
C TYR A 257 14.66 -22.80 -2.91
N ALA A 258 14.34 -23.20 -1.67
CA ALA A 258 13.35 -22.48 -0.87
C ALA A 258 13.87 -21.14 -0.42
N TYR A 259 15.15 -21.10 -0.03
CA TYR A 259 15.70 -19.84 0.48
C TYR A 259 16.09 -18.91 -0.68
N SER A 260 16.54 -19.46 -1.81
CA SER A 260 16.70 -18.64 -3.00
C SER A 260 15.41 -17.91 -3.37
N ALA A 261 14.31 -18.67 -3.45
CA ALA A 261 12.96 -18.13 -3.69
C ALA A 261 12.62 -17.05 -2.66
N ALA A 262 12.96 -17.29 -1.39
CA ALA A 262 12.69 -16.34 -0.32
C ALA A 262 13.39 -15.01 -0.59
N MET A 263 14.64 -15.05 -1.05
CA MET A 263 15.41 -13.83 -1.30
C MET A 263 14.87 -13.09 -2.53
N CYS A 264 14.26 -13.80 -3.48
CA CYS A 264 13.51 -13.14 -4.56
C CYS A 264 12.39 -12.27 -3.99
N GLY A 265 11.68 -12.76 -2.95
CA GLY A 265 10.63 -11.98 -2.28
C GLY A 265 11.19 -10.86 -1.41
N LEU A 266 12.27 -11.13 -0.67
CA LEU A 266 12.88 -10.11 0.18
C LEU A 266 13.44 -8.96 -0.65
N ALA A 267 13.80 -9.23 -1.91
CA ALA A 267 14.32 -8.21 -2.80
C ALA A 267 13.26 -7.15 -3.11
N GLY A 268 11.98 -7.49 -2.90
CA GLY A 268 10.86 -6.64 -3.30
C GLY A 268 10.85 -5.31 -2.55
N PRO A 269 10.58 -4.18 -3.25
CA PRO A 269 10.51 -2.88 -2.59
C PRO A 269 9.57 -2.82 -1.38
N LEU A 270 8.50 -3.63 -1.36
CA LEU A 270 7.55 -3.60 -0.26
C LEU A 270 7.97 -4.55 0.87
N HIS A 271 9.18 -5.14 0.79
CA HIS A 271 9.60 -6.08 1.83
C HIS A 271 11.02 -5.80 2.33
N GLY A 272 12.02 -5.64 1.44
CA GLY A 272 13.40 -5.60 1.88
C GLY A 272 14.12 -4.26 1.75
N LEU A 273 13.42 -3.19 1.35
CA LEU A 273 14.07 -1.94 0.99
C LEU A 273 13.87 -0.83 2.03
N ALA A 274 13.05 -1.03 3.06
CA ALA A 274 12.62 0.11 3.87
C ALA A 274 13.80 0.72 4.62
N ASN A 275 14.78 -0.11 5.01
CA ASN A 275 15.98 0.34 5.72
C ASN A 275 16.67 1.44 4.91
N GLN A 276 17.01 1.13 3.65
CA GLN A 276 17.72 2.06 2.80
C GLN A 276 16.82 3.25 2.44
N GLU A 277 15.50 3.08 2.38
CA GLU A 277 14.60 4.16 1.98
C GLU A 277 14.43 5.16 3.12
N VAL A 278 14.31 4.65 4.36
CA VAL A 278 14.38 5.49 5.53
C VAL A 278 15.67 6.33 5.51
N LEU A 279 16.81 5.66 5.37
CA LEU A 279 18.09 6.33 5.54
C LEU A 279 18.25 7.43 4.48
N LYS A 280 17.89 7.12 3.23
CA LYS A 280 17.97 8.09 2.15
C LYS A 280 17.08 9.29 2.43
N TRP A 281 15.87 9.03 2.93
CA TRP A 281 14.91 10.08 3.24
C TRP A 281 15.43 10.96 4.38
N ILE A 282 16.05 10.38 5.42
CA ILE A 282 16.66 11.16 6.48
C ILE A 282 17.81 12.01 5.93
N GLN A 283 18.65 11.44 5.07
CA GLN A 283 19.83 12.15 4.55
C GLN A 283 19.37 13.30 3.64
N GLU A 284 18.29 13.09 2.90
CA GLU A 284 17.75 14.12 2.02
C GLU A 284 17.07 15.22 2.84
N THR A 285 16.43 14.82 3.95
CA THR A 285 15.79 15.75 4.86
C THR A 285 16.85 16.64 5.51
N ILE A 286 17.92 16.03 6.03
CA ILE A 286 19.03 16.77 6.64
C ILE A 286 19.56 17.81 5.67
N ASP A 287 19.66 17.44 4.38
CA ASP A 287 20.34 18.27 3.39
C ASP A 287 19.41 19.37 2.88
N LYS A 288 18.18 19.01 2.51
CA LYS A 288 17.29 20.00 1.84
C LYS A 288 16.36 20.74 2.79
N LYS A 289 15.81 20.10 3.82
CA LYS A 289 14.81 20.78 4.62
C LYS A 289 15.37 21.38 5.91
N LEU A 290 16.63 21.08 6.28
CA LEU A 290 17.19 21.56 7.54
C LEU A 290 18.60 22.13 7.33
N GLY A 291 18.91 22.56 6.09
CA GLY A 291 20.20 23.15 5.76
C GLY A 291 21.39 22.40 6.36
N GLY A 292 21.43 21.08 6.13
CA GLY A 292 22.59 20.24 6.46
C GLY A 292 22.90 20.12 7.95
N LYS A 293 21.91 20.36 8.83
CA LYS A 293 22.16 20.47 10.27
C LYS A 293 21.09 19.70 11.06
N VAL A 294 21.47 19.19 12.24
CA VAL A 294 20.57 18.57 13.19
C VAL A 294 19.58 19.62 13.71
N PRO A 295 18.25 19.45 13.47
CA PRO A 295 17.27 20.48 13.80
C PRO A 295 16.87 20.50 15.28
N THR A 296 15.97 21.41 15.65
CA THR A 296 15.31 21.39 16.95
C THR A 296 14.10 20.47 16.88
N LYS A 297 13.65 20.04 18.06
CA LYS A 297 12.42 19.27 18.18
C LYS A 297 11.28 20.05 17.51
N GLU A 298 11.35 21.38 17.63
CA GLU A 298 10.36 22.28 17.07
C GLU A 298 10.35 22.23 15.54
N GLU A 299 11.54 22.41 14.93
CA GLU A 299 11.68 22.50 13.49
C GLU A 299 11.23 21.20 12.81
N LEU A 300 11.53 20.06 13.46
CA LEU A 300 11.23 18.76 12.88
C LEU A 300 9.74 18.45 13.04
N LYS A 301 9.17 18.83 14.19
CA LYS A 301 7.76 18.61 14.51
C LYS A 301 6.89 19.14 13.38
N LYS A 302 7.25 20.32 12.85
CA LYS A 302 6.46 20.96 11.81
C LYS A 302 6.89 20.48 10.43
N PHE A 303 8.15 20.04 10.26
CA PHE A 303 8.57 19.43 9.02
C PHE A 303 7.75 18.16 8.75
N VAL A 304 7.50 17.39 9.81
CA VAL A 304 6.74 16.14 9.71
C VAL A 304 5.33 16.45 9.21
N GLU A 305 4.69 17.47 9.80
CA GLU A 305 3.30 17.82 9.53
C GLU A 305 3.11 18.25 8.08
N GLU A 306 4.11 18.95 7.52
CA GLU A 306 4.10 19.40 6.14
C GLU A 306 4.16 18.22 5.17
N THR A 307 5.01 17.22 5.49
CA THR A 307 5.18 16.03 4.65
C THR A 307 3.89 15.22 4.65
N LEU A 308 3.26 15.10 5.83
CA LEU A 308 2.04 14.33 6.02
C LEU A 308 0.85 15.03 5.37
N SER A 309 0.63 16.31 5.72
CA SER A 309 -0.53 17.04 5.24
C SER A 309 -0.42 17.34 3.74
N SER A 310 0.80 17.21 3.17
CA SER A 310 0.98 17.27 1.71
C SER A 310 0.84 15.88 1.08
N GLY A 311 0.43 14.88 1.87
CA GLY A 311 -0.01 13.58 1.35
C GLY A 311 1.13 12.59 1.14
N GLN A 312 2.05 12.47 2.11
CA GLN A 312 3.21 11.58 1.97
C GLN A 312 3.56 10.92 3.31
N VAL A 313 4.21 9.74 3.23
CA VAL A 313 4.41 8.88 4.38
C VAL A 313 5.72 9.28 5.08
N ILE A 314 5.78 9.02 6.39
CA ILE A 314 7.05 8.96 7.12
C ILE A 314 7.57 7.52 6.99
N PRO A 315 8.69 7.27 6.29
CA PRO A 315 9.18 5.91 6.08
C PRO A 315 9.67 5.27 7.39
N GLY A 316 9.51 3.94 7.48
CA GLY A 316 9.95 3.18 8.63
C GLY A 316 8.95 3.22 9.79
N TYR A 317 7.79 3.85 9.55
CA TYR A 317 6.67 3.90 10.50
C TYR A 317 5.49 3.17 9.84
N GLY A 318 4.72 2.43 10.65
CA GLY A 318 3.64 1.61 10.12
C GLY A 318 4.10 0.17 9.88
N HIS A 319 3.12 -0.73 9.73
CA HIS A 319 3.36 -2.15 9.54
C HIS A 319 2.03 -2.85 9.26
N ALA A 320 2.10 -4.00 8.58
CA ALA A 320 0.91 -4.78 8.25
C ALA A 320 0.32 -5.42 9.52
N VAL A 321 1.14 -5.71 10.53
CA VAL A 321 0.72 -6.54 11.66
C VAL A 321 1.01 -5.83 13.00
N LEU A 322 2.20 -5.25 13.16
CA LEU A 322 2.54 -4.48 14.35
C LEU A 322 1.55 -3.34 14.54
N ARG A 323 1.12 -3.11 15.80
CA ARG A 323 0.30 -1.97 16.17
C ARG A 323 0.97 -1.12 17.25
N LYS A 324 2.10 -1.57 17.78
CA LYS A 324 2.90 -0.77 18.72
C LYS A 324 4.34 -0.67 18.24
N THR A 325 5.16 0.03 19.03
CA THR A 325 6.59 0.16 18.80
C THR A 325 7.18 -1.23 18.61
N ASP A 326 8.03 -1.36 17.57
CA ASP A 326 8.75 -2.59 17.28
C ASP A 326 9.86 -2.78 18.31
N PRO A 327 9.89 -3.87 19.09
CA PRO A 327 10.99 -4.10 20.03
C PRO A 327 12.35 -4.30 19.35
N ARG A 328 12.32 -4.64 18.04
CA ARG A 328 13.54 -4.73 17.24
C ARG A 328 14.13 -3.34 17.07
N TYR A 329 13.24 -2.35 16.82
CA TYR A 329 13.61 -0.94 16.77
C TYR A 329 14.27 -0.52 18.09
N VAL A 330 13.67 -0.92 19.22
CA VAL A 330 14.13 -0.52 20.55
C VAL A 330 15.54 -1.04 20.80
N ALA A 331 15.82 -2.30 20.41
CA ALA A 331 17.14 -2.89 20.62
C ALA A 331 18.20 -2.16 19.79
N GLN A 332 17.83 -1.74 18.57
CA GLN A 332 18.73 -0.98 17.71
C GLN A 332 19.06 0.36 18.40
N ARG A 333 18.01 0.99 18.96
CA ARG A 333 18.13 2.27 19.66
C ARG A 333 19.10 2.18 20.83
N GLU A 334 18.97 1.12 21.63
CA GLU A 334 19.82 0.94 22.79
C GLU A 334 21.28 0.83 22.36
N PHE A 335 21.51 0.16 21.21
CA PHE A 335 22.85 0.01 20.68
C PHE A 335 23.42 1.35 20.23
N ALA A 336 22.59 2.16 19.56
CA ALA A 336 23.01 3.44 19.03
C ALA A 336 23.30 4.43 20.18
N LEU A 337 22.45 4.45 21.21
CA LEU A 337 22.66 5.29 22.38
C LEU A 337 24.03 5.02 23.00
N LYS A 338 24.37 3.73 23.13
CA LYS A 338 25.66 3.33 23.67
C LYS A 338 26.83 3.75 22.78
N HIS A 339 26.74 3.49 21.48
CA HIS A 339 27.95 3.43 20.65
C HIS A 339 28.09 4.63 19.71
N MET A 340 27.01 5.37 19.45
CA MET A 340 27.08 6.47 18.48
C MET A 340 26.07 7.56 18.86
N PRO A 341 26.07 8.05 20.12
CA PRO A 341 25.05 9.01 20.56
C PRO A 341 25.14 10.36 19.83
N ASP A 342 26.34 10.70 19.34
CA ASP A 342 26.62 11.99 18.72
C ASP A 342 26.51 11.93 17.20
N ASP A 343 26.17 10.77 16.63
CA ASP A 343 26.06 10.66 15.19
C ASP A 343 24.87 11.51 14.72
N PRO A 344 25.10 12.44 13.76
CA PRO A 344 24.04 13.33 13.29
C PRO A 344 22.78 12.62 12.79
N ILE A 345 22.96 11.51 12.06
CA ILE A 345 21.84 10.80 11.46
C ILE A 345 21.03 10.10 12.57
N PHE A 346 21.73 9.52 13.55
CA PHE A 346 21.06 8.91 14.69
C PHE A 346 20.23 9.94 15.44
N GLN A 347 20.77 11.16 15.59
CA GLN A 347 20.08 12.19 16.34
C GLN A 347 18.73 12.49 15.70
N VAL A 348 18.68 12.54 14.36
CA VAL A 348 17.42 12.74 13.66
C VAL A 348 16.49 11.54 13.88
N VAL A 349 17.05 10.32 13.85
CA VAL A 349 16.28 9.10 14.08
C VAL A 349 15.64 9.14 15.48
N SER A 350 16.46 9.49 16.48
CA SER A 350 16.03 9.64 17.86
C SER A 350 14.88 10.63 18.01
N MET A 351 15.07 11.82 17.44
CA MET A 351 14.08 12.90 17.53
C MET A 351 12.79 12.51 16.80
N LEU A 352 12.91 11.79 15.68
CA LEU A 352 11.75 11.28 14.95
C LEU A 352 10.93 10.33 15.84
N TYR A 353 11.62 9.56 16.67
CA TYR A 353 10.98 8.62 17.60
C TYR A 353 10.00 9.39 18.50
N GLU A 354 10.44 10.56 18.98
CA GLU A 354 9.69 11.38 19.92
C GLU A 354 8.49 12.03 19.23
N VAL A 355 8.74 12.65 18.08
CA VAL A 355 7.81 13.63 17.52
C VAL A 355 6.78 12.95 16.61
N VAL A 356 7.15 11.83 15.93
CA VAL A 356 6.35 11.30 14.84
C VAL A 356 5.13 10.51 15.37
N PRO A 357 5.25 9.64 16.41
CA PRO A 357 4.08 8.89 16.89
C PRO A 357 2.92 9.77 17.36
N PRO A 358 3.10 10.78 18.26
CA PRO A 358 2.02 11.71 18.61
C PRO A 358 1.26 12.27 17.41
N ILE A 359 2.00 12.67 16.37
CA ILE A 359 1.45 13.31 15.19
C ILE A 359 0.65 12.33 14.32
N LEU A 360 1.19 11.11 14.12
CA LEU A 360 0.54 10.08 13.31
C LEU A 360 -0.72 9.58 14.02
N SER A 361 -0.70 9.61 15.36
CA SER A 361 -1.82 9.19 16.18
C SER A 361 -3.00 10.16 16.05
N SER A 362 -2.71 11.48 16.16
CA SER A 362 -3.68 12.55 15.93
C SER A 362 -4.46 12.32 14.63
N LEU A 363 -3.73 12.23 13.51
CA LEU A 363 -4.34 12.07 12.19
C LEU A 363 -5.10 10.74 12.10
N GLY A 364 -4.73 9.78 12.97
CA GLY A 364 -5.47 8.54 13.19
C GLY A 364 -5.69 7.70 11.93
N LYS A 365 -4.76 7.79 10.96
CA LYS A 365 -4.97 7.20 9.63
C LYS A 365 -4.08 5.98 9.41
N VAL A 366 -2.89 5.92 10.04
CA VAL A 366 -2.06 4.72 9.97
C VAL A 366 -2.39 3.84 11.18
N LYS A 367 -2.69 2.55 10.92
CA LYS A 367 -3.11 1.62 11.95
C LYS A 367 -1.96 1.36 12.94
N ASP A 368 -0.70 1.57 12.51
CA ASP A 368 0.48 1.45 13.38
C ASP A 368 1.24 2.78 13.40
N PRO A 369 0.89 3.73 14.30
CA PRO A 369 1.57 5.03 14.37
C PRO A 369 2.86 5.00 15.19
N TRP A 370 3.78 4.10 14.79
CA TRP A 370 4.96 3.77 15.56
C TRP A 370 6.07 3.27 14.64
N PRO A 371 7.35 3.30 15.07
CA PRO A 371 8.46 2.82 14.23
C PRO A 371 8.54 1.30 14.13
N ASN A 372 9.06 0.81 12.99
CA ASN A 372 9.55 -0.56 12.87
C ASN A 372 11.08 -0.52 12.77
N VAL A 373 11.75 -1.69 12.75
CA VAL A 373 13.22 -1.72 12.75
C VAL A 373 13.80 -0.86 11.66
N ASP A 374 13.14 -0.84 10.50
CA ASP A 374 13.71 -0.24 9.30
C ASP A 374 13.92 1.27 9.50
N ALA A 375 13.23 1.84 10.50
CA ALA A 375 13.47 3.22 10.91
C ALA A 375 14.85 3.40 11.55
N HIS A 376 15.48 2.31 12.05
CA HIS A 376 16.70 2.44 12.85
C HIS A 376 17.96 1.80 12.23
N SER A 377 17.81 0.79 11.37
CA SER A 377 18.92 -0.09 11.01
C SER A 377 19.99 0.67 10.21
N GLY A 378 19.52 1.53 9.30
CA GLY A 378 20.38 2.19 8.33
C GLY A 378 21.39 3.16 8.96
N CYS A 379 20.98 3.91 9.99
CA CYS A 379 21.92 4.87 10.59
C CYS A 379 23.09 4.12 11.23
N ILE A 380 22.84 2.90 11.74
CA ILE A 380 23.89 2.10 12.35
C ILE A 380 24.84 1.56 11.27
N GLN A 381 24.29 1.02 10.18
CA GLN A 381 25.11 0.50 9.09
C GLN A 381 25.97 1.64 8.52
N TRP A 382 25.32 2.77 8.22
CA TRP A 382 25.98 3.94 7.64
C TRP A 382 27.11 4.42 8.54
N HIS A 383 26.85 4.50 9.85
CA HIS A 383 27.85 4.97 10.80
C HIS A 383 29.16 4.20 10.63
N TYR A 384 29.07 2.89 10.41
CA TYR A 384 30.25 2.03 10.38
C TYR A 384 30.80 1.87 8.96
N GLY A 385 30.26 2.65 8.01
CA GLY A 385 30.84 2.77 6.67
C GLY A 385 30.23 1.81 5.65
N VAL A 386 29.14 1.12 6.03
CA VAL A 386 28.37 0.33 5.07
C VAL A 386 27.40 1.31 4.41
N VAL A 387 27.88 1.95 3.33
CA VAL A 387 27.17 3.02 2.67
C VAL A 387 26.41 2.48 1.46
N GLU A 388 26.61 1.18 1.15
CA GLU A 388 26.11 0.61 -0.11
C GLU A 388 24.69 0.10 0.12
N TYR A 389 23.74 1.03 -0.06
CA TYR A 389 22.32 0.85 0.26
C TYR A 389 21.75 -0.48 -0.23
N ASP A 390 22.02 -0.85 -1.49
CA ASP A 390 21.42 -2.06 -2.06
C ASP A 390 21.82 -3.30 -1.28
N PHE A 391 23.01 -3.29 -0.70
CA PHE A 391 23.52 -4.43 0.06
C PHE A 391 22.79 -4.61 1.40
N TYR A 392 22.08 -3.60 1.90
CA TYR A 392 21.42 -3.74 3.22
C TYR A 392 20.47 -4.92 3.22
N THR A 393 19.80 -5.17 2.09
CA THR A 393 18.85 -6.26 2.00
C THR A 393 19.56 -7.60 2.09
N VAL A 394 20.82 -7.67 1.66
CA VAL A 394 21.59 -8.91 1.78
C VAL A 394 21.83 -9.20 3.27
N LEU A 395 22.14 -8.17 4.07
CA LEU A 395 22.28 -8.32 5.53
C LEU A 395 21.01 -8.94 6.10
N PHE A 396 19.85 -8.42 5.67
CA PHE A 396 18.54 -8.90 6.10
C PHE A 396 18.41 -10.39 5.74
N GLY A 397 18.76 -10.74 4.51
CA GLY A 397 18.68 -12.11 4.02
C GLY A 397 19.54 -13.10 4.81
N ILE A 398 20.72 -12.64 5.25
CA ILE A 398 21.60 -13.49 6.06
C ILE A 398 20.90 -13.76 7.39
N GLY A 399 20.41 -12.70 8.02
CA GLY A 399 19.74 -12.77 9.33
C GLY A 399 18.48 -13.64 9.30
N ARG A 400 17.62 -13.39 8.32
CA ARG A 400 16.31 -14.01 8.25
C ARG A 400 16.43 -15.51 8.01
N ALA A 401 17.58 -15.98 7.51
CA ALA A 401 17.76 -17.40 7.31
C ALA A 401 17.75 -18.16 8.64
N LEU A 402 18.14 -17.51 9.75
CA LEU A 402 18.19 -18.19 11.03
C LEU A 402 16.82 -18.78 11.40
N GLY A 403 15.79 -17.95 11.31
CA GLY A 403 14.44 -18.38 11.60
C GLY A 403 13.83 -19.20 10.48
N VAL A 404 14.03 -18.78 9.23
CA VAL A 404 13.39 -19.48 8.13
C VAL A 404 13.91 -20.90 8.01
N LEU A 405 15.23 -21.10 8.09
CA LEU A 405 15.76 -22.46 7.94
C LEU A 405 15.34 -23.33 9.14
N ALA A 406 15.31 -22.75 10.35
CA ALA A 406 14.75 -23.45 11.50
C ALA A 406 13.31 -23.87 11.22
N ASN A 407 12.51 -22.97 10.65
CA ASN A 407 11.13 -23.25 10.32
C ASN A 407 11.01 -24.38 9.29
N LEU A 408 11.91 -24.46 8.30
CA LEU A 408 11.81 -25.50 7.28
C LEU A 408 12.10 -26.88 7.87
N VAL A 409 13.06 -26.92 8.81
CA VAL A 409 13.38 -28.18 9.49
C VAL A 409 12.10 -28.70 10.18
N TRP A 410 11.40 -27.79 10.87
CA TRP A 410 10.20 -28.13 11.62
C TRP A 410 9.02 -28.43 10.71
N ASP A 411 8.90 -27.72 9.58
CA ASP A 411 7.85 -28.06 8.61
C ASP A 411 8.00 -29.51 8.21
N ARG A 412 9.22 -29.96 7.97
CA ARG A 412 9.45 -31.34 7.58
C ARG A 412 9.30 -32.29 8.78
N ALA A 413 9.70 -31.85 9.98
CA ALA A 413 9.58 -32.66 11.17
C ALA A 413 8.11 -33.00 11.40
N LEU A 414 7.23 -32.00 11.24
CA LEU A 414 5.80 -32.13 11.53
C LEU A 414 5.02 -32.55 10.28
N GLY A 415 5.70 -32.76 9.15
CA GLY A 415 5.03 -33.26 7.94
C GLY A 415 3.97 -32.32 7.40
N TYR A 416 4.15 -31.01 7.54
CA TYR A 416 3.19 -30.05 6.99
C TYR A 416 3.01 -30.26 5.49
N ALA A 417 1.76 -30.20 5.06
CA ALA A 417 1.37 -30.60 3.71
C ALA A 417 1.65 -29.47 2.73
N ILE A 418 1.64 -29.82 1.44
CA ILE A 418 1.83 -28.84 0.38
C ILE A 418 0.83 -27.70 0.59
N GLU A 419 1.32 -26.46 0.49
CA GLU A 419 0.47 -25.29 0.59
C GLU A 419 -0.20 -25.04 -0.76
N ARG A 420 -1.53 -25.09 -0.75
CA ARG A 420 -2.32 -25.08 -1.97
C ARG A 420 -3.72 -24.56 -1.63
N PRO A 421 -3.88 -23.24 -1.46
CA PRO A 421 -5.21 -22.65 -1.30
C PRO A 421 -5.97 -22.68 -2.64
N LYS A 422 -7.22 -22.18 -2.61
CA LYS A 422 -8.11 -22.18 -3.74
C LYS A 422 -8.24 -20.75 -4.25
N SER A 423 -8.21 -20.58 -5.59
CA SER A 423 -8.47 -19.29 -6.23
C SER A 423 -9.96 -19.14 -6.52
N VAL A 424 -10.40 -17.88 -6.59
CA VAL A 424 -11.73 -17.52 -7.05
C VAL A 424 -11.56 -16.40 -8.06
N THR A 425 -12.55 -16.26 -8.95
CA THR A 425 -12.58 -15.19 -9.95
C THR A 425 -13.29 -13.95 -9.39
N THR A 426 -13.15 -12.83 -10.12
CA THR A 426 -13.88 -11.61 -9.83
C THR A 426 -15.39 -11.85 -9.98
N ASP A 427 -15.80 -12.63 -10.99
CA ASP A 427 -17.19 -13.00 -11.19
C ASP A 427 -17.76 -13.69 -9.95
N MET A 428 -16.99 -14.62 -9.38
CA MET A 428 -17.43 -15.37 -8.22
C MET A 428 -17.57 -14.43 -7.01
N LEU A 429 -16.68 -13.44 -6.88
CA LEU A 429 -16.78 -12.49 -5.78
C LEU A 429 -18.01 -11.61 -5.96
N GLU A 430 -18.29 -11.24 -7.22
CA GLU A 430 -19.46 -10.46 -7.56
C GLU A 430 -20.73 -11.23 -7.27
N LYS A 431 -20.76 -12.53 -7.58
CA LYS A 431 -21.88 -13.40 -7.25
C LYS A 431 -22.12 -13.37 -5.74
N TRP A 432 -21.06 -13.62 -4.94
CA TRP A 432 -21.21 -13.65 -3.49
C TRP A 432 -21.62 -12.30 -2.93
N ALA A 433 -21.25 -11.20 -3.61
CA ALA A 433 -21.56 -9.86 -3.16
C ALA A 433 -23.01 -9.48 -3.50
N GLY A 434 -23.65 -10.27 -4.38
CA GLY A 434 -25.00 -10.01 -4.84
C GLY A 434 -25.10 -9.01 -6.00
N ILE A 435 -23.98 -8.79 -6.72
CA ILE A 435 -23.98 -7.93 -7.90
C ILE A 435 -24.43 -8.77 -9.11
N LYS A 436 -25.14 -8.11 -10.03
CA LYS A 436 -26.01 -8.76 -11.01
C LYS A 436 -25.20 -9.55 -12.04
N SER B 2 1.59 -1.27 -29.32
CA SER B 2 1.15 -2.52 -29.96
C SER B 2 -0.36 -2.66 -29.75
N PHE B 3 -1.00 -3.39 -30.68
CA PHE B 3 -2.42 -3.66 -30.58
C PHE B 3 -2.71 -4.45 -29.31
N LEU B 4 -1.83 -5.42 -28.99
CA LEU B 4 -2.00 -6.25 -27.80
C LEU B 4 -1.99 -5.38 -26.55
N LYS B 5 -1.04 -4.44 -26.47
CA LYS B 5 -0.88 -3.64 -25.27
C LYS B 5 -2.08 -2.69 -25.12
N GLU B 6 -2.57 -2.15 -26.23
CA GLU B 6 -3.72 -1.25 -26.23
C GLU B 6 -4.98 -2.02 -25.86
N LYS B 7 -5.11 -3.25 -26.35
CA LYS B 7 -6.25 -4.10 -26.03
C LYS B 7 -6.26 -4.39 -24.54
N LEU B 8 -5.07 -4.69 -24.01
CA LEU B 8 -4.92 -4.99 -22.59
C LEU B 8 -5.27 -3.75 -21.77
N ALA B 9 -4.83 -2.57 -22.21
CA ALA B 9 -5.16 -1.33 -21.53
C ALA B 9 -6.69 -1.14 -21.46
N GLU B 10 -7.43 -1.47 -22.52
CA GLU B 10 -8.89 -1.36 -22.53
C GLU B 10 -9.48 -2.29 -21.49
N LYS B 11 -9.03 -3.56 -21.48
CA LYS B 11 -9.56 -4.55 -20.57
C LYS B 11 -9.30 -4.13 -19.12
N ILE B 12 -8.15 -3.50 -18.88
CA ILE B 12 -7.82 -3.04 -17.54
C ILE B 12 -8.76 -1.90 -17.13
N ALA B 13 -9.02 -0.96 -18.05
CA ALA B 13 -9.92 0.16 -17.79
C ALA B 13 -11.32 -0.34 -17.41
N GLN B 14 -11.81 -1.40 -18.07
CA GLN B 14 -13.11 -1.98 -17.77
C GLN B 14 -13.10 -2.76 -16.45
N HIS B 15 -11.99 -3.41 -16.12
CA HIS B 15 -11.98 -4.31 -14.98
C HIS B 15 -11.79 -3.56 -13.67
N ARG B 16 -10.94 -2.51 -13.67
CA ARG B 16 -10.55 -1.85 -12.43
C ARG B 16 -11.78 -1.42 -11.61
N PRO B 17 -12.79 -0.73 -12.20
CA PRO B 17 -13.96 -0.30 -11.42
C PRO B 17 -14.66 -1.42 -10.67
N ARG B 18 -14.70 -2.63 -11.26
CA ARG B 18 -15.29 -3.79 -10.62
C ARG B 18 -14.55 -4.16 -9.34
N THR B 19 -13.21 -4.10 -9.39
CA THR B 19 -12.38 -4.42 -8.23
C THR B 19 -12.58 -3.34 -7.16
N THR B 20 -12.59 -2.07 -7.58
CA THR B 20 -12.80 -0.93 -6.70
C THR B 20 -14.13 -1.06 -5.95
N ARG B 21 -15.18 -1.44 -6.67
CA ARG B 21 -16.52 -1.58 -6.11
C ARG B 21 -16.58 -2.71 -5.09
N LEU B 22 -15.97 -3.86 -5.39
CA LEU B 22 -15.97 -4.98 -4.45
C LEU B 22 -15.31 -4.57 -3.13
N LEU B 23 -14.24 -3.77 -3.20
CA LEU B 23 -13.55 -3.33 -2.01
C LEU B 23 -14.33 -2.24 -1.30
N LYS B 24 -14.92 -1.30 -2.06
CA LYS B 24 -15.56 -0.15 -1.45
C LYS B 24 -16.87 -0.55 -0.76
N GLU B 25 -17.71 -1.33 -1.46
CA GLU B 25 -19.05 -1.63 -1.01
C GLU B 25 -19.15 -2.96 -0.28
N PHE B 26 -18.36 -3.97 -0.69
CA PHE B 26 -18.62 -5.36 -0.27
C PHE B 26 -17.39 -6.01 0.38
N GLY B 27 -16.47 -5.17 0.90
CA GLY B 27 -15.22 -5.62 1.47
C GLY B 27 -15.42 -6.66 2.58
N ASN B 28 -16.50 -6.54 3.37
CA ASN B 28 -16.64 -7.32 4.59
C ASN B 28 -17.52 -8.54 4.39
N VAL B 29 -17.95 -8.79 3.16
CA VAL B 29 -18.70 -10.00 2.84
C VAL B 29 -17.79 -11.21 3.04
N LYS B 30 -18.28 -12.17 3.83
CA LYS B 30 -17.54 -13.39 4.16
C LYS B 30 -17.66 -14.36 3.00
N ILE B 31 -16.53 -14.95 2.58
CA ILE B 31 -16.55 -15.92 1.49
C ILE B 31 -16.06 -17.29 1.96
N ASP B 32 -15.43 -17.39 3.13
CA ASP B 32 -14.97 -18.69 3.59
C ASP B 32 -14.54 -18.59 5.05
N GLU B 33 -14.16 -19.74 5.62
CA GLU B 33 -13.57 -19.76 6.95
C GLU B 33 -12.33 -20.65 6.93
N VAL B 34 -11.59 -20.59 8.05
CA VAL B 34 -10.36 -21.34 8.24
C VAL B 34 -10.50 -22.22 9.48
N THR B 35 -10.22 -23.52 9.33
CA THR B 35 -10.18 -24.43 10.46
C THR B 35 -8.74 -24.78 10.85
N ILE B 36 -8.59 -25.42 12.00
CA ILE B 36 -7.31 -25.91 12.49
C ILE B 36 -6.67 -26.83 11.45
N SER B 37 -7.48 -27.73 10.90
CA SER B 37 -7.07 -28.70 9.88
C SER B 37 -6.41 -28.00 8.68
N GLN B 38 -7.00 -26.89 8.26
CA GLN B 38 -6.60 -26.17 7.05
C GLN B 38 -5.34 -25.35 7.30
N ALA B 39 -5.20 -24.77 8.51
CA ALA B 39 -4.01 -24.01 8.87
C ALA B 39 -2.80 -24.95 8.95
N ILE B 40 -2.98 -26.11 9.59
CA ILE B 40 -1.96 -27.14 9.64
C ILE B 40 -1.74 -27.75 8.25
N GLY B 41 -2.80 -27.86 7.45
CA GLY B 41 -2.76 -28.65 6.23
C GLY B 41 -2.59 -27.81 4.96
N GLY B 42 -1.76 -26.77 5.03
CA GLY B 42 -1.35 -26.08 3.82
C GLY B 42 -2.47 -25.27 3.17
N MET B 43 -3.26 -24.59 4.01
CA MET B 43 -4.39 -23.75 3.59
C MET B 43 -5.36 -24.52 2.68
N ARG B 44 -5.44 -25.84 2.80
CA ARG B 44 -6.17 -26.67 1.85
C ARG B 44 -7.62 -26.19 1.74
N GLY B 45 -8.03 -25.81 0.53
CA GLY B 45 -9.43 -25.51 0.24
C GLY B 45 -9.85 -24.08 0.59
N ILE B 46 -8.96 -23.29 1.22
CA ILE B 46 -9.31 -21.94 1.62
C ILE B 46 -9.34 -21.04 0.38
N LYS B 47 -10.48 -20.37 0.17
CA LYS B 47 -10.67 -19.46 -0.95
C LYS B 47 -10.12 -18.11 -0.54
N SER B 48 -8.81 -17.91 -0.82
CA SER B 48 -8.05 -16.78 -0.31
C SER B 48 -7.21 -16.10 -1.41
N LEU B 49 -7.41 -16.52 -2.67
CA LEU B 49 -6.68 -15.95 -3.80
C LEU B 49 -7.67 -15.58 -4.91
N VAL B 50 -7.35 -14.51 -5.63
CA VAL B 50 -8.18 -14.01 -6.72
C VAL B 50 -7.33 -13.92 -7.99
N THR B 51 -7.81 -14.57 -9.06
CA THR B 51 -7.22 -14.47 -10.39
C THR B 51 -8.34 -14.64 -11.40
N ASP B 52 -8.21 -14.00 -12.57
CA ASP B 52 -9.14 -14.20 -13.67
C ASP B 52 -8.52 -14.92 -14.87
N ILE B 53 -7.23 -15.29 -14.79
CA ILE B 53 -6.54 -15.87 -15.93
C ILE B 53 -7.17 -17.22 -16.23
N SER B 54 -7.32 -18.00 -15.17
CA SER B 54 -7.90 -19.31 -15.26
C SER B 54 -8.61 -19.62 -13.94
N TYR B 55 -9.49 -20.62 -14.00
CA TYR B 55 -10.26 -21.05 -12.84
C TYR B 55 -10.32 -22.57 -12.85
N LEU B 56 -9.90 -23.18 -11.74
CA LEU B 56 -9.93 -24.63 -11.63
C LEU B 56 -11.24 -25.06 -10.95
N ASP B 57 -12.15 -25.59 -11.77
CA ASP B 57 -13.37 -26.24 -11.25
C ASP B 57 -13.02 -27.67 -10.82
N PRO B 58 -13.33 -28.10 -9.57
CA PRO B 58 -13.06 -29.49 -9.16
C PRO B 58 -13.65 -30.58 -10.04
N GLU B 59 -14.81 -30.29 -10.67
CA GLU B 59 -15.53 -31.27 -11.49
C GLU B 59 -15.16 -31.17 -12.97
N GLU B 60 -15.14 -29.96 -13.54
CA GLU B 60 -14.94 -29.76 -14.97
CA GLU B 60 -14.94 -29.76 -14.97
C GLU B 60 -13.45 -29.58 -15.30
N GLY B 61 -12.62 -29.30 -14.27
CA GLY B 61 -11.22 -29.00 -14.48
C GLY B 61 -10.99 -27.54 -14.87
N ILE B 62 -9.88 -27.31 -15.58
CA ILE B 62 -9.41 -25.94 -15.79
C ILE B 62 -10.20 -25.29 -16.92
N ARG B 63 -10.55 -24.01 -16.71
CA ARG B 63 -11.01 -23.15 -17.78
C ARG B 63 -10.05 -21.96 -17.90
N PHE B 64 -9.65 -21.66 -19.15
CA PHE B 64 -8.77 -20.53 -19.44
C PHE B 64 -9.62 -19.38 -19.94
N ARG B 65 -9.74 -18.34 -19.13
CA ARG B 65 -10.54 -17.18 -19.45
C ARG B 65 -11.95 -17.60 -19.85
N GLY B 66 -12.55 -18.52 -19.09
CA GLY B 66 -13.92 -18.96 -19.36
C GLY B 66 -13.99 -20.17 -20.29
N TYR B 67 -12.93 -20.45 -21.08
CA TYR B 67 -13.00 -21.50 -22.10
C TYR B 67 -12.46 -22.84 -21.60
N THR B 68 -13.07 -23.92 -22.10
CA THR B 68 -12.55 -25.26 -21.85
C THR B 68 -11.35 -25.50 -22.76
N ILE B 69 -10.62 -26.58 -22.48
CA ILE B 69 -9.47 -26.95 -23.29
C ILE B 69 -9.90 -27.28 -24.71
N PRO B 70 -10.92 -28.14 -24.96
CA PRO B 70 -11.37 -28.38 -26.33
C PRO B 70 -11.71 -27.08 -27.06
N GLU B 71 -12.32 -26.12 -26.35
CA GLU B 71 -12.68 -24.85 -26.92
C GLU B 71 -11.44 -24.02 -27.30
N VAL B 72 -10.46 -23.98 -26.40
CA VAL B 72 -9.22 -23.25 -26.65
C VAL B 72 -8.54 -23.82 -27.90
N LEU B 73 -8.37 -25.15 -27.95
CA LEU B 73 -7.65 -25.79 -29.04
C LEU B 73 -8.39 -25.64 -30.36
N GLU B 74 -9.73 -25.53 -30.27
CA GLU B 74 -10.60 -25.40 -31.42
C GLU B 74 -10.51 -23.97 -31.97
N LYS B 75 -10.57 -22.97 -31.08
CA LYS B 75 -10.79 -21.59 -31.51
C LYS B 75 -9.49 -20.85 -31.82
N LEU B 76 -8.37 -21.21 -31.16
CA LEU B 76 -7.14 -20.43 -31.32
C LEU B 76 -6.63 -20.64 -32.74
N PRO B 77 -6.13 -19.59 -33.44
CA PRO B 77 -5.53 -19.76 -34.76
C PRO B 77 -4.36 -20.76 -34.72
N LYS B 78 -4.31 -21.58 -35.78
CA LYS B 78 -3.37 -22.66 -35.91
C LYS B 78 -2.15 -22.15 -36.67
N VAL B 79 -1.01 -22.79 -36.42
CA VAL B 79 0.19 -22.46 -37.18
C VAL B 79 0.00 -23.08 -38.56
N PRO B 80 0.20 -22.31 -39.66
CA PRO B 80 0.06 -22.85 -41.02
C PRO B 80 0.91 -24.10 -41.22
N GLY B 81 0.27 -25.20 -41.66
CA GLY B 81 0.98 -26.45 -41.92
C GLY B 81 1.11 -27.35 -40.69
N ALA B 82 0.49 -26.94 -39.58
CA ALA B 82 0.57 -27.68 -38.33
C ALA B 82 -0.83 -27.82 -37.74
N GLU B 83 -0.94 -28.71 -36.76
CA GLU B 83 -2.20 -29.12 -36.16
C GLU B 83 -2.57 -28.23 -34.96
N MET B 84 -1.59 -27.63 -34.28
CA MET B 84 -1.84 -27.02 -32.98
C MET B 84 -1.78 -25.49 -33.09
N PRO B 85 -2.39 -24.77 -32.12
CA PRO B 85 -2.34 -23.31 -32.13
C PRO B 85 -0.94 -22.72 -31.92
N TYR B 86 -0.75 -21.48 -32.38
CA TYR B 86 0.33 -20.66 -31.90
C TYR B 86 0.21 -20.52 -30.39
N VAL B 87 1.32 -20.75 -29.68
CA VAL B 87 1.36 -20.56 -28.25
C VAL B 87 1.13 -19.08 -27.95
N GLU B 88 1.67 -18.22 -28.85
CA GLU B 88 1.51 -16.78 -28.77
C GLU B 88 0.04 -16.38 -28.71
N GLY B 89 -0.82 -17.11 -29.44
CA GLY B 89 -2.26 -16.87 -29.46
C GLY B 89 -2.90 -17.21 -28.12
N HIS B 90 -2.43 -18.28 -27.49
CA HIS B 90 -2.88 -18.61 -26.15
C HIS B 90 -2.45 -17.52 -25.15
N PHE B 91 -1.25 -16.97 -25.34
CA PHE B 91 -0.78 -15.91 -24.46
C PHE B 91 -1.66 -14.67 -24.60
N TYR B 92 -2.06 -14.34 -25.84
CA TYR B 92 -2.96 -13.24 -26.14
C TYR B 92 -4.27 -13.45 -25.38
N LEU B 93 -4.82 -14.67 -25.45
CA LEU B 93 -6.07 -15.03 -24.78
C LEU B 93 -5.92 -14.84 -23.26
N LEU B 94 -4.84 -15.38 -22.67
CA LEU B 94 -4.69 -15.28 -21.22
C LEU B 94 -4.56 -13.83 -20.79
N LEU B 95 -3.89 -13.00 -21.60
CA LEU B 95 -3.69 -11.60 -21.24
C LEU B 95 -4.99 -10.79 -21.37
N THR B 96 -5.76 -11.02 -22.46
CA THR B 96 -6.85 -10.13 -22.81
C THR B 96 -8.23 -10.71 -22.45
N GLY B 97 -8.37 -12.03 -22.43
CA GLY B 97 -9.68 -12.66 -22.34
C GLY B 97 -10.33 -12.93 -23.70
N ASP B 98 -9.73 -12.41 -24.79
CA ASP B 98 -10.26 -12.56 -26.14
C ASP B 98 -9.48 -13.61 -26.93
N VAL B 99 -10.21 -14.41 -27.73
CA VAL B 99 -9.57 -15.24 -28.74
C VAL B 99 -9.04 -14.31 -29.84
N PRO B 100 -7.73 -14.38 -30.17
CA PRO B 100 -7.18 -13.50 -31.20
C PRO B 100 -7.57 -13.95 -32.60
N THR B 101 -7.70 -12.98 -33.50
CA THR B 101 -7.75 -13.26 -34.93
C THR B 101 -6.36 -13.67 -35.39
N GLU B 102 -6.30 -14.22 -36.61
CA GLU B 102 -5.04 -14.58 -37.22
C GLU B 102 -4.14 -13.36 -37.28
N LYS B 103 -4.70 -12.20 -37.64
CA LYS B 103 -3.93 -10.96 -37.71
C LYS B 103 -3.33 -10.66 -36.34
N GLU B 104 -4.10 -10.90 -35.27
CA GLU B 104 -3.69 -10.46 -33.93
C GLU B 104 -2.56 -11.36 -33.41
N VAL B 105 -2.66 -12.67 -33.68
CA VAL B 105 -1.65 -13.63 -33.27
C VAL B 105 -0.35 -13.35 -33.99
N LYS B 106 -0.41 -13.02 -35.30
CA LYS B 106 0.79 -12.79 -36.08
C LYS B 106 1.58 -11.62 -35.49
N GLU B 107 0.87 -10.62 -34.97
CA GLU B 107 1.53 -9.48 -34.37
C GLU B 107 2.30 -9.89 -33.10
N VAL B 108 1.72 -10.81 -32.32
CA VAL B 108 2.38 -11.31 -31.13
C VAL B 108 3.58 -12.18 -31.52
N ALA B 109 3.40 -13.03 -32.54
CA ALA B 109 4.44 -13.90 -33.04
C ALA B 109 5.64 -13.09 -33.53
N GLU B 110 5.37 -11.95 -34.19
CA GLU B 110 6.43 -11.06 -34.66
C GLU B 110 7.18 -10.43 -33.50
N GLU B 111 6.44 -10.07 -32.45
CA GLU B 111 7.02 -9.44 -31.28
C GLU B 111 7.91 -10.44 -30.53
N PHE B 112 7.46 -11.71 -30.44
CA PHE B 112 8.24 -12.76 -29.82
C PHE B 112 9.53 -13.04 -30.58
N LYS B 113 9.48 -12.97 -31.92
CA LYS B 113 10.68 -13.13 -32.72
C LYS B 113 11.69 -12.06 -32.37
N LYS B 114 11.24 -10.83 -32.14
CA LYS B 114 12.16 -9.76 -31.82
C LYS B 114 12.75 -9.90 -30.42
N ARG B 115 12.09 -10.65 -29.52
CA ARG B 115 12.49 -10.66 -28.13
C ARG B 115 13.12 -12.00 -27.72
N ARG B 116 13.31 -12.94 -28.64
CA ARG B 116 13.62 -14.29 -28.18
C ARG B 116 15.11 -14.57 -27.92
N ALA B 117 16.02 -13.68 -28.31
CA ALA B 117 17.45 -13.99 -28.20
C ALA B 117 17.87 -14.01 -26.72
N LEU B 118 18.71 -14.99 -26.37
CA LEU B 118 19.21 -15.19 -25.03
C LEU B 118 20.47 -14.34 -24.78
N PRO B 119 20.52 -13.50 -23.73
CA PRO B 119 21.78 -12.83 -23.36
C PRO B 119 22.93 -13.80 -23.23
N GLU B 120 24.10 -13.46 -23.79
CA GLU B 120 25.27 -14.31 -23.72
C GLU B 120 25.68 -14.58 -22.27
N TYR B 121 25.54 -13.62 -21.37
CA TYR B 121 25.91 -13.82 -19.96
C TYR B 121 25.04 -14.87 -19.29
N VAL B 122 23.86 -15.17 -19.85
CA VAL B 122 23.07 -16.28 -19.33
C VAL B 122 23.80 -17.61 -19.61
N LYS B 123 24.30 -17.75 -20.82
CA LYS B 123 25.11 -18.92 -21.18
C LYS B 123 26.38 -18.98 -20.36
N ASP B 124 27.04 -17.84 -20.14
CA ASP B 124 28.24 -17.79 -19.32
C ASP B 124 27.93 -18.30 -17.92
N THR B 125 26.80 -17.86 -17.35
CA THR B 125 26.40 -18.21 -15.99
C THR B 125 26.12 -19.72 -15.89
N LEU B 126 25.42 -20.28 -16.89
CA LEU B 126 25.08 -21.70 -16.90
C LEU B 126 26.32 -22.58 -17.09
N LYS B 127 27.34 -22.06 -17.79
CA LYS B 127 28.60 -22.77 -17.93
C LYS B 127 29.41 -22.71 -16.64
N ALA B 128 29.30 -21.64 -15.86
CA ALA B 128 30.06 -21.52 -14.63
C ALA B 128 29.46 -22.43 -13.56
N MET B 129 28.13 -22.59 -13.61
CA MET B 129 27.45 -23.58 -12.79
C MET B 129 27.93 -24.97 -13.21
N PRO B 130 28.29 -25.86 -12.25
CA PRO B 130 28.75 -27.20 -12.62
C PRO B 130 27.76 -27.88 -13.56
N ARG B 131 28.29 -28.55 -14.58
CA ARG B 131 27.46 -29.15 -15.62
C ARG B 131 26.53 -30.21 -15.03
N ASP B 132 26.88 -30.74 -13.84
CA ASP B 132 26.08 -31.79 -13.23
C ASP B 132 24.93 -31.18 -12.42
N THR B 133 24.78 -29.86 -12.44
CA THR B 133 23.63 -29.17 -11.87
C THR B 133 22.33 -29.60 -12.54
N HIS B 134 21.29 -29.81 -11.71
CA HIS B 134 19.98 -30.21 -12.16
C HIS B 134 19.46 -29.17 -13.14
N PRO B 135 18.77 -29.58 -14.22
CA PRO B 135 18.33 -28.62 -15.25
C PRO B 135 17.35 -27.57 -14.73
N MET B 136 16.55 -27.88 -13.71
CA MET B 136 15.63 -26.92 -13.12
C MET B 136 16.39 -25.86 -12.31
N THR B 137 17.53 -26.24 -11.74
CA THR B 137 18.37 -25.28 -11.05
C THR B 137 18.99 -24.31 -12.07
N MET B 138 19.45 -24.86 -13.20
CA MET B 138 19.96 -24.04 -14.27
C MET B 138 18.89 -23.10 -14.81
N PHE B 139 17.68 -23.62 -14.95
CA PHE B 139 16.54 -22.89 -15.52
C PHE B 139 16.20 -21.71 -14.64
N ALA B 140 16.05 -21.96 -13.34
CA ALA B 140 15.74 -20.90 -12.39
C ALA B 140 16.86 -19.86 -12.36
N ALA B 141 18.12 -20.30 -12.49
CA ALA B 141 19.28 -19.42 -12.42
C ALA B 141 19.35 -18.53 -13.66
N GLY B 142 19.06 -19.10 -14.82
CA GLY B 142 19.01 -18.34 -16.06
C GLY B 142 17.99 -17.21 -16.03
N ILE B 143 16.78 -17.51 -15.53
CA ILE B 143 15.73 -16.53 -15.35
C ILE B 143 16.23 -15.44 -14.41
N LEU B 144 16.75 -15.86 -13.25
CA LEU B 144 17.19 -14.94 -12.21
C LEU B 144 18.27 -13.99 -12.74
N ALA B 145 19.25 -14.51 -13.48
CA ALA B 145 20.35 -13.68 -13.97
C ALA B 145 19.81 -12.54 -14.85
N MET B 146 18.73 -12.79 -15.59
CA MET B 146 18.17 -11.80 -16.50
C MET B 146 17.38 -10.71 -15.76
N GLN B 147 17.29 -10.80 -14.42
CA GLN B 147 16.73 -9.75 -13.58
C GLN B 147 17.47 -8.43 -13.81
N ARG B 148 18.74 -8.53 -14.24
CA ARG B 148 19.54 -7.38 -14.66
C ARG B 148 18.82 -6.53 -15.71
N GLU B 149 17.99 -7.15 -16.56
CA GLU B 149 17.34 -6.44 -17.66
C GLU B 149 15.94 -5.92 -17.28
N SER B 150 15.48 -6.12 -16.04
CA SER B 150 14.09 -5.82 -15.68
C SER B 150 13.76 -4.34 -15.91
N LYS B 151 12.75 -4.11 -16.74
CA LYS B 151 12.17 -2.80 -16.98
C LYS B 151 11.33 -2.36 -15.77
N PHE B 152 10.62 -3.30 -15.16
CA PHE B 152 9.87 -3.02 -13.95
C PHE B 152 10.80 -2.56 -12.83
N ALA B 153 11.92 -3.25 -12.63
CA ALA B 153 12.86 -2.87 -11.59
C ALA B 153 13.47 -1.50 -11.88
N ALA B 154 13.81 -1.20 -13.14
CA ALA B 154 14.42 0.09 -13.48
C ALA B 154 13.40 1.22 -13.27
N TYR B 155 12.16 0.95 -13.68
CA TYR B 155 11.02 1.84 -13.44
C TYR B 155 10.88 2.15 -11.94
N TYR B 156 10.84 1.11 -11.13
CA TYR B 156 10.72 1.32 -9.70
C TYR B 156 11.92 2.11 -9.17
N ASN B 157 13.13 1.75 -9.57
CA ASN B 157 14.35 2.30 -9.00
C ASN B 157 14.51 3.77 -9.43
N ALA B 158 13.92 4.14 -10.57
CA ALA B 158 13.97 5.51 -11.06
C ALA B 158 12.93 6.41 -10.37
N GLY B 159 12.13 5.87 -9.44
CA GLY B 159 11.12 6.62 -8.72
C GLY B 159 9.82 6.82 -9.49
N LYS B 160 9.56 6.00 -10.53
CA LYS B 160 8.44 6.24 -11.42
C LYS B 160 7.21 5.41 -11.06
N PHE B 161 7.26 4.65 -9.96
CA PHE B 161 6.14 3.78 -9.67
C PHE B 161 4.85 4.61 -9.61
N ASN B 162 3.83 4.18 -10.35
CA ASN B 162 2.51 4.76 -10.29
C ASN B 162 1.54 3.61 -10.40
N LYS B 163 0.57 3.55 -9.48
CA LYS B 163 -0.27 2.36 -9.36
C LYS B 163 -1.11 2.17 -10.64
N ASN B 164 -1.31 3.23 -11.43
CA ASN B 164 -2.14 3.09 -12.63
C ASN B 164 -1.35 2.53 -13.80
N THR B 165 -0.05 2.82 -13.86
CA THR B 165 0.81 2.56 -15.02
C THR B 165 1.78 1.38 -14.81
N ALA B 166 1.88 0.85 -13.58
CA ALA B 166 2.87 -0.14 -13.19
C ALA B 166 2.76 -1.42 -14.02
N TRP B 167 1.54 -1.76 -14.48
CA TRP B 167 1.36 -2.95 -15.28
C TRP B 167 2.16 -2.88 -16.59
N GLU B 168 2.49 -1.67 -17.03
CA GLU B 168 3.04 -1.47 -18.37
C GLU B 168 4.46 -2.06 -18.45
N PRO B 169 5.41 -1.66 -17.59
CA PRO B 169 6.72 -2.30 -17.57
C PRO B 169 6.68 -3.76 -17.17
N MET B 170 5.68 -4.16 -16.35
CA MET B 170 5.49 -5.56 -16.02
C MET B 170 5.14 -6.33 -17.29
N PHE B 171 4.26 -5.77 -18.13
CA PHE B 171 3.91 -6.37 -19.42
C PHE B 171 5.15 -6.52 -20.31
N GLU B 172 6.00 -5.49 -20.36
CA GLU B 172 7.18 -5.54 -21.21
C GLU B 172 8.12 -6.66 -20.75
N ASP B 173 8.35 -6.77 -19.43
CA ASP B 173 9.15 -7.85 -18.87
C ASP B 173 8.52 -9.21 -19.16
N ALA B 174 7.18 -9.32 -19.06
CA ALA B 174 6.51 -10.58 -19.32
C ALA B 174 6.72 -11.00 -20.79
N MET B 175 6.63 -10.05 -21.72
CA MET B 175 6.84 -10.34 -23.13
C MET B 175 8.29 -10.77 -23.37
N ASP B 176 9.23 -10.06 -22.74
CA ASP B 176 10.64 -10.33 -22.90
C ASP B 176 10.98 -11.71 -22.37
N LEU B 177 10.51 -12.02 -21.16
CA LEU B 177 10.82 -13.29 -20.51
C LEU B 177 10.13 -14.43 -21.25
N MET B 178 8.83 -14.29 -21.55
CA MET B 178 8.10 -15.36 -22.19
C MET B 178 8.75 -15.72 -23.54
N ALA B 179 9.20 -14.71 -24.29
CA ALA B 179 9.80 -14.95 -25.59
C ALA B 179 11.09 -15.76 -25.47
N LYS B 180 11.81 -15.62 -24.34
CA LYS B 180 13.13 -16.20 -24.15
C LYS B 180 13.11 -17.57 -23.47
N LEU B 181 12.08 -17.87 -22.67
CA LEU B 181 12.10 -19.07 -21.84
C LEU B 181 12.34 -20.33 -22.67
N PRO B 182 11.72 -20.51 -23.85
CA PRO B 182 11.98 -21.70 -24.66
C PRO B 182 13.42 -21.86 -25.10
N SER B 183 14.04 -20.74 -25.51
CA SER B 183 15.46 -20.71 -25.88
C SER B 183 16.33 -21.07 -24.68
N LEU B 184 15.97 -20.58 -23.49
CA LEU B 184 16.71 -20.91 -22.28
C LEU B 184 16.64 -22.40 -22.04
N GLY B 185 15.41 -22.94 -22.11
CA GLY B 185 15.18 -24.37 -21.93
C GLY B 185 16.00 -25.21 -22.91
N ALA B 186 15.94 -24.85 -24.19
CA ALA B 186 16.65 -25.55 -25.25
C ALA B 186 18.15 -25.50 -25.02
N TYR B 187 18.65 -24.32 -24.59
CA TYR B 187 20.06 -24.18 -24.32
C TYR B 187 20.48 -25.21 -23.29
N ILE B 188 19.73 -25.28 -22.18
CA ILE B 188 20.01 -26.22 -21.10
C ILE B 188 19.97 -27.65 -21.63
N TYR B 189 18.98 -27.95 -22.49
CA TYR B 189 18.84 -29.31 -23.01
C TYR B 189 20.09 -29.67 -23.83
N ARG B 190 20.51 -28.76 -24.71
CA ARG B 190 21.64 -29.03 -25.60
C ARG B 190 22.93 -29.16 -24.78
N MET B 191 23.15 -28.22 -23.85
CA MET B 191 24.40 -28.14 -23.11
C MET B 191 24.58 -29.34 -22.18
N LYS B 192 23.50 -29.87 -21.62
CA LYS B 192 23.55 -30.99 -20.69
C LYS B 192 23.49 -32.33 -21.43
N TYR B 193 22.60 -32.48 -22.41
CA TYR B 193 22.22 -33.81 -22.86
C TYR B 193 22.51 -34.09 -24.33
N LYS B 194 22.89 -33.09 -25.11
CA LYS B 194 23.13 -33.31 -26.53
C LYS B 194 24.53 -32.88 -26.94
N SER B 195 25.51 -33.20 -26.08
CA SER B 195 26.92 -33.00 -26.37
C SER B 195 27.30 -31.53 -26.53
N ASP B 196 26.45 -30.63 -26.02
CA ASP B 196 26.79 -29.22 -26.02
C ASP B 196 27.02 -28.71 -27.44
N THR B 197 26.26 -29.24 -28.40
CA THR B 197 26.18 -28.58 -29.70
C THR B 197 24.80 -27.93 -29.82
N HIS B 198 24.74 -26.80 -30.51
CA HIS B 198 23.58 -25.92 -30.46
C HIS B 198 23.05 -25.67 -31.86
N ILE B 199 21.72 -25.74 -31.99
CA ILE B 199 21.03 -25.45 -33.23
C ILE B 199 20.50 -24.02 -33.13
N PRO B 200 20.88 -23.10 -34.04
CA PRO B 200 20.42 -21.71 -33.96
C PRO B 200 18.90 -21.59 -34.11
N SER B 201 18.39 -20.54 -33.47
CA SER B 201 17.01 -20.08 -33.64
C SER B 201 16.71 -19.88 -35.12
N ASN B 202 15.55 -20.35 -35.56
CA ASN B 202 15.03 -20.02 -36.88
C ASN B 202 14.07 -18.84 -36.73
N PRO B 203 14.42 -17.64 -37.22
CA PRO B 203 13.61 -16.44 -37.01
C PRO B 203 12.26 -16.46 -37.73
N ASP B 204 12.02 -17.46 -38.58
CA ASP B 204 10.74 -17.60 -39.26
C ASP B 204 9.80 -18.55 -38.54
N LEU B 205 10.22 -19.20 -37.44
CA LEU B 205 9.34 -20.14 -36.76
C LEU B 205 8.65 -19.44 -35.60
N ASP B 206 7.47 -19.95 -35.24
CA ASP B 206 6.74 -19.55 -34.05
C ASP B 206 7.43 -20.12 -32.80
N LEU B 207 6.90 -19.75 -31.62
CA LEU B 207 7.51 -20.12 -30.36
C LEU B 207 7.71 -21.64 -30.29
N GLY B 208 6.63 -22.39 -30.54
CA GLY B 208 6.67 -23.84 -30.39
C GLY B 208 7.54 -24.50 -31.44
N GLY B 209 7.43 -24.02 -32.68
CA GLY B 209 8.22 -24.55 -33.77
C GLY B 209 9.71 -24.32 -33.53
N ASP B 210 10.06 -23.11 -33.07
CA ASP B 210 11.46 -22.78 -32.86
C ASP B 210 12.03 -23.57 -31.67
N PHE B 211 11.19 -23.82 -30.66
CA PHE B 211 11.60 -24.64 -29.54
C PHE B 211 12.01 -26.03 -30.02
N ALA B 212 11.14 -26.68 -30.84
CA ALA B 212 11.45 -28.01 -31.37
C ALA B 212 12.71 -27.97 -32.23
N ASN B 213 12.84 -26.93 -33.06
CA ASN B 213 14.03 -26.68 -33.87
C ASN B 213 15.31 -26.66 -33.00
N MET B 214 15.30 -25.81 -31.98
CA MET B 214 16.46 -25.61 -31.12
C MET B 214 16.75 -26.81 -30.23
N MET B 215 15.71 -27.62 -29.93
CA MET B 215 15.88 -28.86 -29.19
C MET B 215 16.52 -29.94 -30.08
N GLY B 216 16.29 -29.81 -31.40
CA GLY B 216 16.82 -30.74 -32.38
C GLY B 216 15.86 -31.89 -32.66
N ILE B 217 14.54 -31.66 -32.53
CA ILE B 217 13.55 -32.71 -32.66
C ILE B 217 12.57 -32.36 -33.79
N ASP B 218 12.34 -33.32 -34.69
CA ASP B 218 11.60 -33.08 -35.94
C ASP B 218 10.09 -33.07 -35.68
N LYS B 219 9.35 -32.55 -36.67
CA LYS B 219 7.91 -32.69 -36.74
C LYS B 219 7.55 -34.13 -36.39
N PRO B 220 6.46 -34.39 -35.61
CA PRO B 220 5.56 -33.34 -35.09
C PRO B 220 5.84 -32.85 -33.67
N TYR B 221 7.11 -32.85 -33.24
CA TYR B 221 7.43 -32.40 -31.89
C TYR B 221 7.05 -30.93 -31.72
N ASP B 222 7.06 -30.16 -32.82
CA ASP B 222 6.58 -28.78 -32.81
C ASP B 222 5.17 -28.70 -32.23
N ASP B 223 4.29 -29.64 -32.64
CA ASP B 223 2.91 -29.68 -32.19
C ASP B 223 2.83 -30.27 -30.78
N VAL B 224 3.67 -31.26 -30.48
CA VAL B 224 3.76 -31.78 -29.12
C VAL B 224 4.00 -30.62 -28.15
N ALA B 225 4.92 -29.72 -28.51
CA ALA B 225 5.35 -28.64 -27.65
C ALA B 225 4.27 -27.57 -27.54
N ARG B 226 3.68 -27.19 -28.67
CA ARG B 226 2.58 -26.23 -28.67
C ARG B 226 1.47 -26.70 -27.75
N LEU B 227 1.06 -27.97 -27.89
CA LEU B 227 0.01 -28.54 -27.07
C LEU B 227 0.48 -28.57 -25.61
N TYR B 228 1.69 -29.10 -25.38
CA TYR B 228 2.21 -29.25 -24.03
C TYR B 228 2.16 -27.91 -23.30
N PHE B 229 2.65 -26.86 -23.96
CA PHE B 229 2.78 -25.55 -23.33
C PHE B 229 1.41 -24.97 -23.01
N ILE B 230 0.46 -25.10 -23.94
CA ILE B 230 -0.89 -24.57 -23.73
C ILE B 230 -1.56 -25.32 -22.57
N LEU B 231 -1.41 -26.64 -22.50
CA LEU B 231 -2.08 -27.40 -21.45
C LEU B 231 -1.52 -27.03 -20.06
N HIS B 232 -0.21 -26.72 -20.01
CA HIS B 232 0.47 -26.45 -18.75
C HIS B 232 0.48 -24.96 -18.43
N SER B 233 -0.23 -24.16 -19.25
CA SER B 233 -0.13 -22.71 -19.23
C SER B 233 -0.51 -22.10 -17.87
N ASP B 234 -1.55 -22.64 -17.22
CA ASP B 234 -2.07 -22.08 -15.97
C ASP B 234 -2.95 -23.14 -15.31
N HIS B 235 -3.02 -23.08 -13.97
CA HIS B 235 -3.94 -23.91 -13.21
C HIS B 235 -4.39 -23.14 -11.97
N GLU B 236 -5.05 -22.02 -12.26
CA GLU B 236 -5.32 -20.90 -11.35
C GLU B 236 -4.05 -20.54 -10.56
N SER B 237 -4.22 -19.70 -9.52
CA SER B 237 -3.10 -19.05 -8.87
C SER B 237 -2.67 -19.76 -7.58
N GLY B 238 -3.40 -20.83 -7.20
CA GLY B 238 -3.22 -21.46 -5.90
C GLY B 238 -2.22 -22.62 -5.91
N ASN B 239 -1.84 -23.11 -7.10
CA ASN B 239 -0.76 -24.08 -7.21
C ASN B 239 0.56 -23.44 -6.75
N VAL B 240 1.52 -24.27 -6.34
CA VAL B 240 2.70 -23.76 -5.62
C VAL B 240 3.50 -22.80 -6.50
N SER B 241 3.72 -23.16 -7.77
CA SER B 241 4.56 -22.34 -8.64
C SER B 241 3.88 -21.00 -8.93
N ALA B 242 2.58 -21.02 -9.28
CA ALA B 242 1.87 -19.79 -9.62
C ALA B 242 1.72 -18.90 -8.39
N HIS B 243 1.46 -19.52 -7.26
CA HIS B 243 1.29 -18.81 -6.01
C HIS B 243 2.62 -18.16 -5.60
N THR B 244 3.72 -18.90 -5.78
CA THR B 244 5.03 -18.39 -5.42
C THR B 244 5.33 -17.13 -6.23
N ALA B 245 5.09 -17.19 -7.55
CA ALA B 245 5.28 -16.01 -8.39
C ALA B 245 4.45 -14.85 -7.90
N HIS B 246 3.17 -15.13 -7.64
CA HIS B 246 2.21 -14.12 -7.23
C HIS B 246 2.66 -13.49 -5.91
N LEU B 247 3.06 -14.34 -4.96
CA LEU B 247 3.51 -13.90 -3.64
C LEU B 247 4.72 -12.98 -3.74
N VAL B 248 5.73 -13.44 -4.50
CA VAL B 248 6.96 -12.68 -4.62
C VAL B 248 6.69 -11.34 -5.29
N ALA B 249 5.94 -11.37 -6.42
CA ALA B 249 5.59 -10.15 -7.14
C ALA B 249 4.74 -9.18 -6.30
N SER B 250 3.97 -9.71 -5.33
CA SER B 250 3.12 -8.89 -4.48
C SER B 250 3.95 -7.91 -3.64
N ALA B 251 5.25 -8.22 -3.42
CA ALA B 251 6.15 -7.28 -2.75
C ALA B 251 6.81 -6.31 -3.76
N LEU B 252 6.33 -6.36 -5.02
CA LEU B 252 6.77 -5.51 -6.13
C LEU B 252 8.16 -5.92 -6.65
N SER B 253 8.55 -7.17 -6.38
CA SER B 253 9.63 -7.83 -7.10
C SER B 253 9.18 -8.04 -8.55
N ASP B 254 10.13 -7.84 -9.47
CA ASP B 254 9.86 -7.99 -10.89
C ASP B 254 9.64 -9.47 -11.24
N ALA B 255 9.22 -9.69 -12.48
CA ALA B 255 8.85 -10.99 -13.01
C ALA B 255 10.01 -11.97 -13.02
N TYR B 256 11.27 -11.48 -13.13
CA TYR B 256 12.41 -12.37 -13.17
C TYR B 256 12.64 -12.97 -11.78
N TYR B 257 12.65 -12.12 -10.74
CA TYR B 257 12.65 -12.62 -9.37
C TYR B 257 11.46 -13.57 -9.15
N ALA B 258 10.27 -13.17 -9.62
CA ALA B 258 9.04 -13.88 -9.27
C ALA B 258 8.99 -15.23 -9.95
N TYR B 259 9.41 -15.29 -11.22
CA TYR B 259 9.32 -16.54 -11.95
C TYR B 259 10.49 -17.46 -11.60
N SER B 260 11.67 -16.91 -11.32
CA SER B 260 12.75 -17.73 -10.77
C SER B 260 12.29 -18.46 -9.49
N ALA B 261 11.73 -17.70 -8.54
CA ALA B 261 11.12 -18.23 -7.31
C ALA B 261 10.10 -19.32 -7.63
N ALA B 262 9.26 -19.08 -8.65
CA ALA B 262 8.25 -20.03 -9.04
C ALA B 262 8.87 -21.37 -9.44
N MET B 263 9.98 -21.32 -10.18
CA MET B 263 10.62 -22.54 -10.65
C MET B 263 11.31 -23.28 -9.50
N CYS B 264 11.74 -22.56 -8.47
CA CYS B 264 12.18 -23.21 -7.23
C CYS B 264 11.06 -24.07 -6.62
N GLY B 265 9.80 -23.58 -6.66
CA GLY B 265 8.64 -24.36 -6.21
C GLY B 265 8.29 -25.50 -7.15
N LEU B 266 8.31 -25.24 -8.47
CA LEU B 266 7.95 -26.27 -9.44
C LEU B 266 8.96 -27.41 -9.41
N ALA B 267 10.20 -27.13 -8.99
CA ALA B 267 11.23 -28.16 -8.90
C ALA B 267 10.89 -29.21 -7.84
N GLY B 268 9.97 -28.87 -6.91
CA GLY B 268 9.65 -29.72 -5.78
C GLY B 268 9.05 -31.07 -6.20
N PRO B 269 9.44 -32.17 -5.56
CA PRO B 269 8.88 -33.48 -5.87
C PRO B 269 7.36 -33.55 -5.82
N LEU B 270 6.70 -32.74 -4.98
CA LEU B 270 5.24 -32.79 -4.88
C LEU B 270 4.58 -31.86 -5.91
N HIS B 271 5.35 -31.29 -6.84
CA HIS B 271 4.78 -30.32 -7.76
C HIS B 271 5.20 -30.59 -9.21
N GLY B 272 6.50 -30.76 -9.49
CA GLY B 272 6.95 -30.80 -10.88
C GLY B 272 7.52 -32.15 -11.35
N LEU B 273 7.44 -33.21 -10.52
CA LEU B 273 8.14 -34.44 -10.83
C LEU B 273 7.21 -35.58 -11.26
N ALA B 274 5.88 -35.39 -11.19
CA ALA B 274 4.98 -36.53 -11.32
C ALA B 274 5.05 -37.14 -12.72
N ASN B 275 5.30 -36.31 -13.74
CA ASN B 275 5.42 -36.77 -15.12
C ASN B 275 6.49 -37.85 -15.22
N GLN B 276 7.71 -37.54 -14.77
CA GLN B 276 8.83 -38.46 -14.86
C GLN B 276 8.62 -39.64 -13.92
N GLU B 277 7.90 -39.47 -12.80
CA GLU B 277 7.73 -40.55 -11.83
C GLU B 277 6.71 -41.57 -12.37
N VAL B 278 5.63 -41.09 -12.97
CA VAL B 278 4.73 -41.93 -13.73
C VAL B 278 5.50 -42.75 -14.75
N LEU B 279 6.27 -42.08 -15.61
CA LEU B 279 6.89 -42.75 -16.75
C LEU B 279 7.86 -43.82 -16.26
N LYS B 280 8.68 -43.50 -15.26
CA LYS B 280 9.62 -44.44 -14.69
C LYS B 280 8.91 -45.67 -14.12
N TRP B 281 7.80 -45.42 -13.42
CA TRP B 281 7.01 -46.47 -12.80
C TRP B 281 6.39 -47.37 -13.87
N ILE B 282 5.88 -46.80 -14.97
CA ILE B 282 5.37 -47.59 -16.08
C ILE B 282 6.50 -48.42 -16.71
N GLN B 283 7.68 -47.83 -16.91
CA GLN B 283 8.77 -48.53 -17.57
C GLN B 283 9.30 -49.66 -16.71
N GLU B 284 9.29 -49.46 -15.38
CA GLU B 284 9.73 -50.48 -14.45
C GLU B 284 8.69 -51.59 -14.37
N THR B 285 7.41 -51.22 -14.46
CA THR B 285 6.32 -52.17 -14.46
C THR B 285 6.39 -53.05 -15.70
N ILE B 286 6.55 -52.43 -16.88
CA ILE B 286 6.68 -53.17 -18.13
C ILE B 286 7.82 -54.18 -18.04
N ASP B 287 8.92 -53.80 -17.39
CA ASP B 287 10.13 -54.61 -17.40
C ASP B 287 10.06 -55.71 -16.34
N LYS B 288 9.65 -55.38 -15.12
CA LYS B 288 9.73 -56.41 -14.06
C LYS B 288 8.42 -57.16 -13.86
N LYS B 289 7.26 -56.49 -13.89
CA LYS B 289 6.04 -57.18 -13.51
C LYS B 289 5.31 -57.82 -14.70
N LEU B 290 5.72 -57.51 -15.94
CA LEU B 290 5.01 -58.03 -17.11
C LEU B 290 6.00 -58.55 -18.15
N GLY B 291 7.20 -58.96 -17.72
CA GLY B 291 8.22 -59.52 -18.58
C GLY B 291 8.39 -58.77 -19.91
N GLY B 292 8.54 -57.45 -19.84
CA GLY B 292 8.92 -56.61 -20.98
C GLY B 292 7.85 -56.54 -22.08
N LYS B 293 6.57 -56.80 -21.76
CA LYS B 293 5.53 -56.94 -22.77
C LYS B 293 4.26 -56.20 -22.32
N VAL B 294 3.49 -55.71 -23.31
CA VAL B 294 2.20 -55.08 -23.11
C VAL B 294 1.21 -56.10 -22.55
N PRO B 295 0.67 -55.89 -21.33
CA PRO B 295 -0.18 -56.89 -20.68
C PRO B 295 -1.62 -56.90 -21.19
N THR B 296 -2.44 -57.82 -20.63
CA THR B 296 -3.88 -57.81 -20.81
C THR B 296 -4.49 -56.87 -19.79
N LYS B 297 -5.73 -56.45 -20.08
CA LYS B 297 -6.52 -55.68 -19.13
C LYS B 297 -6.62 -56.44 -17.81
N GLU B 298 -6.67 -57.77 -17.92
CA GLU B 298 -6.77 -58.67 -16.78
C GLU B 298 -5.49 -58.59 -15.92
N GLU B 299 -4.33 -58.76 -16.55
CA GLU B 299 -3.06 -58.84 -15.85
C GLU B 299 -2.75 -57.53 -15.12
N LEU B 300 -3.13 -56.42 -15.74
CA LEU B 300 -2.84 -55.11 -15.19
C LEU B 300 -3.80 -54.79 -14.05
N LYS B 301 -5.07 -55.18 -14.22
CA LYS B 301 -6.13 -54.95 -13.24
C LYS B 301 -5.68 -55.45 -11.87
N LYS B 302 -5.03 -56.62 -11.85
CA LYS B 302 -4.62 -57.26 -10.61
C LYS B 302 -3.24 -56.76 -10.18
N PHE B 303 -2.41 -56.33 -11.14
CA PHE B 303 -1.14 -55.70 -10.80
C PHE B 303 -1.37 -54.42 -10.00
N VAL B 304 -2.39 -53.65 -10.40
CA VAL B 304 -2.74 -52.41 -9.73
C VAL B 304 -3.11 -52.69 -8.27
N GLU B 305 -3.95 -53.72 -8.06
CA GLU B 305 -4.50 -54.05 -6.74
C GLU B 305 -3.40 -54.46 -5.77
N GLU B 306 -2.39 -55.17 -6.28
CA GLU B 306 -1.23 -55.61 -5.50
C GLU B 306 -0.41 -54.40 -5.04
N THR B 307 -0.20 -53.41 -5.92
CA THR B 307 0.57 -52.22 -5.61
C THR B 307 -0.14 -51.39 -4.54
N LEU B 308 -1.48 -51.28 -4.67
CA LEU B 308 -2.32 -50.52 -3.76
C LEU B 308 -2.42 -51.21 -2.40
N SER B 309 -2.82 -52.50 -2.41
CA SER B 309 -3.05 -53.23 -1.17
C SER B 309 -1.74 -53.51 -0.45
N SER B 310 -0.58 -53.38 -1.14
CA SER B 310 0.72 -53.42 -0.49
C SER B 310 1.17 -52.03 -0.04
N GLY B 311 0.27 -51.04 -0.12
CA GLY B 311 0.46 -49.74 0.53
C GLY B 311 1.26 -48.74 -0.30
N GLN B 312 0.95 -48.63 -1.61
CA GLN B 312 1.65 -47.71 -2.49
C GLN B 312 0.68 -47.06 -3.49
N VAL B 313 1.06 -45.86 -3.96
CA VAL B 313 0.20 -45.02 -4.79
C VAL B 313 0.37 -45.42 -6.26
N ILE B 314 -0.71 -45.18 -7.04
CA ILE B 314 -0.62 -45.16 -8.49
C ILE B 314 -0.24 -43.74 -8.90
N PRO B 315 0.99 -43.51 -9.46
CA PRO B 315 1.42 -42.14 -9.76
C PRO B 315 0.59 -41.53 -10.89
N GLY B 316 0.40 -40.21 -10.85
CA GLY B 316 -0.32 -39.47 -11.86
C GLY B 316 -1.84 -39.52 -11.70
N TYR B 317 -2.30 -40.14 -10.59
CA TYR B 317 -3.71 -40.18 -10.20
C TYR B 317 -3.89 -39.41 -8.89
N GLY B 318 -5.01 -38.69 -8.76
CA GLY B 318 -5.25 -37.86 -7.58
C GLY B 318 -4.83 -36.42 -7.82
N HIS B 319 -5.30 -35.53 -6.93
CA HIS B 319 -5.03 -34.11 -6.99
C HIS B 319 -5.59 -33.41 -5.75
N ALA B 320 -5.01 -32.25 -5.42
CA ALA B 320 -5.45 -31.47 -4.27
C ALA B 320 -6.83 -30.85 -4.52
N VAL B 321 -7.19 -30.56 -5.78
CA VAL B 321 -8.38 -29.77 -6.09
C VAL B 321 -9.29 -30.50 -7.08
N LEU B 322 -8.72 -31.07 -8.15
CA LEU B 322 -9.49 -31.85 -9.11
C LEU B 322 -10.18 -33.02 -8.41
N ARG B 323 -11.45 -33.27 -8.79
CA ARG B 323 -12.21 -34.42 -8.31
C ARG B 323 -12.70 -35.29 -9.47
N LYS B 324 -12.47 -34.85 -10.72
CA LYS B 324 -12.75 -35.68 -11.89
C LYS B 324 -11.52 -35.77 -12.78
N THR B 325 -11.69 -36.50 -13.90
CA THR B 325 -10.67 -36.63 -14.93
C THR B 325 -10.19 -35.23 -15.32
N ASP B 326 -8.87 -35.07 -15.40
CA ASP B 326 -8.23 -33.84 -15.83
C ASP B 326 -8.43 -33.69 -17.34
N PRO B 327 -9.06 -32.59 -17.83
CA PRO B 327 -9.20 -32.37 -19.28
C PRO B 327 -7.86 -32.17 -19.99
N ARG B 328 -6.81 -31.84 -19.22
CA ARG B 328 -5.46 -31.74 -19.76
C ARG B 328 -4.96 -33.14 -20.12
N TYR B 329 -5.26 -34.11 -19.24
CA TYR B 329 -5.00 -35.52 -19.52
C TYR B 329 -5.71 -35.97 -20.80
N VAL B 330 -6.98 -35.57 -20.96
CA VAL B 330 -7.80 -35.98 -22.09
C VAL B 330 -7.20 -35.46 -23.41
N ALA B 331 -6.72 -34.21 -23.41
CA ALA B 331 -6.14 -33.62 -24.61
C ALA B 331 -4.84 -34.34 -25.00
N GLN B 332 -4.06 -34.76 -23.99
CA GLN B 332 -2.84 -35.51 -24.24
C GLN B 332 -3.21 -36.85 -24.90
N ARG B 333 -4.26 -37.49 -24.36
CA ARG B 333 -4.75 -38.78 -24.83
C ARG B 333 -5.15 -38.69 -26.31
N GLU B 334 -5.89 -37.65 -26.66
CA GLU B 334 -6.36 -37.50 -28.04
C GLU B 334 -5.18 -37.37 -28.99
N PHE B 335 -4.11 -36.69 -28.52
CA PHE B 335 -2.90 -36.54 -29.33
C PHE B 335 -2.21 -37.90 -29.52
N ALA B 336 -2.13 -38.69 -28.45
CA ALA B 336 -1.46 -39.98 -28.47
C ALA B 336 -2.22 -40.98 -29.35
N LEU B 337 -3.56 -40.99 -29.24
CA LEU B 337 -4.40 -41.86 -30.06
C LEU B 337 -4.13 -41.61 -31.54
N LYS B 338 -4.04 -40.32 -31.91
CA LYS B 338 -3.74 -39.94 -33.28
C LYS B 338 -2.34 -40.36 -33.73
N HIS B 339 -1.32 -40.10 -32.92
CA HIS B 339 0.04 -40.03 -33.44
C HIS B 339 0.90 -41.22 -33.01
N MET B 340 0.50 -41.95 -31.96
CA MET B 340 1.32 -43.05 -31.46
C MET B 340 0.44 -44.12 -30.84
N PRO B 341 -0.59 -44.63 -31.55
CA PRO B 341 -1.52 -45.60 -30.97
C PRO B 341 -0.87 -46.94 -30.60
N ASP B 342 0.22 -47.27 -31.31
CA ASP B 342 0.90 -48.55 -31.17
C ASP B 342 2.11 -48.47 -30.23
N ASP B 343 2.35 -47.29 -29.63
CA ASP B 343 3.49 -47.15 -28.73
C ASP B 343 3.23 -47.99 -27.49
N PRO B 344 4.16 -48.91 -27.12
CA PRO B 344 3.98 -49.79 -25.96
C PRO B 344 3.63 -49.07 -24.66
N ILE B 345 4.32 -47.95 -24.40
CA ILE B 345 4.17 -47.22 -23.14
C ILE B 345 2.80 -46.55 -23.13
N PHE B 346 2.37 -45.98 -24.26
CA PHE B 346 1.06 -45.38 -24.36
C PHE B 346 -0.02 -46.42 -24.09
N GLN B 347 0.17 -47.64 -24.61
CA GLN B 347 -0.83 -48.69 -24.46
C GLN B 347 -1.07 -48.96 -22.98
N VAL B 348 0.00 -49.00 -22.18
CA VAL B 348 -0.14 -49.18 -20.74
C VAL B 348 -0.86 -47.98 -20.11
N VAL B 349 -0.53 -46.76 -20.56
CA VAL B 349 -1.16 -45.53 -20.08
C VAL B 349 -2.67 -45.59 -20.35
N SER B 350 -3.03 -45.96 -21.59
CA SER B 350 -4.41 -46.11 -22.04
C SER B 350 -5.17 -47.10 -21.15
N MET B 351 -4.59 -48.30 -20.98
CA MET B 351 -5.21 -49.35 -20.20
C MET B 351 -5.35 -48.95 -18.74
N LEU B 352 -4.37 -48.21 -18.20
CA LEU B 352 -4.44 -47.70 -16.84
C LEU B 352 -5.63 -46.75 -16.68
N TYR B 353 -5.94 -45.98 -17.73
CA TYR B 353 -7.08 -45.08 -17.74
C TYR B 353 -8.36 -45.86 -17.43
N GLU B 354 -8.50 -47.03 -18.06
CA GLU B 354 -9.68 -47.88 -17.95
C GLU B 354 -9.78 -48.50 -16.56
N VAL B 355 -8.68 -49.12 -16.11
CA VAL B 355 -8.71 -50.07 -15.02
C VAL B 355 -8.55 -49.37 -13.67
N VAL B 356 -7.81 -48.24 -13.60
CA VAL B 356 -7.37 -47.68 -12.33
C VAL B 356 -8.49 -46.90 -11.64
N PRO B 357 -9.31 -46.06 -12.32
CA PRO B 357 -10.39 -45.32 -11.64
C PRO B 357 -11.41 -46.21 -10.92
N PRO B 358 -12.04 -47.24 -11.56
CA PRO B 358 -12.89 -48.19 -10.83
C PRO B 358 -12.30 -48.71 -9.53
N ILE B 359 -11.02 -49.09 -9.55
CA ILE B 359 -10.32 -49.70 -8.44
C ILE B 359 -10.07 -48.68 -7.31
N LEU B 360 -9.63 -47.46 -7.66
CA LEU B 360 -9.34 -46.42 -6.69
C LEU B 360 -10.64 -45.92 -6.05
N SER B 361 -11.74 -46.00 -6.80
CA SER B 361 -13.06 -45.60 -6.32
C SER B 361 -13.56 -46.57 -5.24
N SER B 362 -13.47 -47.88 -5.52
CA SER B 362 -13.76 -48.95 -4.56
C SER B 362 -13.10 -48.68 -3.22
N LEU B 363 -11.77 -48.56 -3.21
CA LEU B 363 -11.00 -48.36 -1.99
C LEU B 363 -11.37 -47.03 -1.33
N GLY B 364 -11.92 -46.09 -2.12
CA GLY B 364 -12.53 -44.86 -1.63
C GLY B 364 -11.59 -43.99 -0.78
N LYS B 365 -10.28 -44.05 -1.06
CA LYS B 365 -9.27 -43.45 -0.18
C LYS B 365 -8.62 -42.21 -0.80
N VAL B 366 -8.53 -42.14 -2.14
CA VAL B 366 -8.08 -40.92 -2.82
C VAL B 366 -9.31 -40.10 -3.20
N LYS B 367 -9.32 -38.82 -2.81
CA LYS B 367 -10.47 -37.95 -3.03
C LYS B 367 -10.69 -37.70 -4.53
N ASP B 368 -9.63 -37.89 -5.35
CA ASP B 368 -9.70 -37.78 -6.82
C ASP B 368 -9.24 -39.10 -7.44
N PRO B 369 -10.15 -40.09 -7.64
CA PRO B 369 -9.80 -41.40 -8.22
C PRO B 369 -9.74 -41.38 -9.74
N TRP B 370 -8.91 -40.47 -10.28
CA TRP B 370 -8.89 -40.16 -11.70
C TRP B 370 -7.50 -39.64 -12.08
N PRO B 371 -7.14 -39.68 -13.39
CA PRO B 371 -5.82 -39.21 -13.83
C PRO B 371 -5.70 -37.68 -13.84
N ASN B 372 -4.47 -37.18 -13.63
CA ASN B 372 -4.10 -35.81 -13.98
C ASN B 372 -3.16 -35.86 -15.17
N VAL B 373 -2.76 -34.70 -15.73
CA VAL B 373 -1.92 -34.66 -16.93
C VAL B 373 -0.67 -35.52 -16.77
N ASP B 374 -0.09 -35.52 -15.56
CA ASP B 374 1.21 -36.13 -15.33
C ASP B 374 1.17 -37.64 -15.61
N ALA B 375 -0.04 -38.22 -15.63
CA ALA B 375 -0.23 -39.60 -16.02
C ALA B 375 0.03 -39.79 -17.51
N HIS B 376 -0.03 -38.72 -18.32
CA HIS B 376 0.02 -38.86 -19.78
C HIS B 376 1.24 -38.23 -20.46
N SER B 377 1.86 -37.22 -19.86
CA SER B 377 2.80 -36.36 -20.58
C SER B 377 4.06 -37.11 -21.00
N GLY B 378 4.56 -37.97 -20.09
CA GLY B 378 5.84 -38.63 -20.24
C GLY B 378 5.90 -39.60 -21.42
N CYS B 379 4.82 -40.36 -21.68
CA CYS B 379 4.87 -41.32 -22.77
C CYS B 379 5.00 -40.59 -24.11
N ILE B 380 4.44 -39.37 -24.20
CA ILE B 380 4.53 -38.58 -25.41
C ILE B 380 5.96 -38.04 -25.59
N GLN B 381 6.54 -37.50 -24.51
CA GLN B 381 7.91 -36.97 -24.58
C GLN B 381 8.87 -38.11 -24.93
N TRP B 382 8.75 -39.23 -24.22
CA TRP B 382 9.61 -40.39 -24.44
C TRP B 382 9.51 -40.89 -25.88
N HIS B 383 8.29 -40.97 -26.41
CA HIS B 383 8.09 -41.45 -27.77
C HIS B 383 8.95 -40.69 -28.76
N TYR B 384 9.07 -39.36 -28.56
CA TYR B 384 9.78 -38.51 -29.52
C TYR B 384 11.25 -38.34 -29.16
N GLY B 385 11.73 -39.11 -28.17
CA GLY B 385 13.16 -39.19 -27.88
C GLY B 385 13.63 -38.22 -26.80
N VAL B 386 12.70 -37.56 -26.12
CA VAL B 386 13.04 -36.79 -24.94
C VAL B 386 13.03 -37.77 -23.76
N VAL B 387 14.19 -38.39 -23.55
CA VAL B 387 14.34 -39.47 -22.58
C VAL B 387 14.87 -38.91 -21.26
N GLU B 388 15.22 -37.61 -21.23
CA GLU B 388 15.94 -37.03 -20.11
C GLU B 388 14.94 -36.51 -19.08
N TYR B 389 14.57 -37.42 -18.19
CA TYR B 389 13.49 -37.25 -17.21
C TYR B 389 13.53 -35.92 -16.47
N ASP B 390 14.71 -35.53 -15.97
CA ASP B 390 14.82 -34.33 -15.15
C ASP B 390 14.38 -33.09 -15.93
N PHE B 391 14.60 -33.11 -17.25
CA PHE B 391 14.27 -31.98 -18.11
C PHE B 391 12.76 -31.78 -18.25
N TYR B 392 11.94 -32.80 -17.97
CA TYR B 392 10.50 -32.67 -18.18
C TYR B 392 9.94 -31.47 -17.41
N THR B 393 10.47 -31.23 -16.21
CA THR B 393 9.99 -30.14 -15.38
C THR B 393 10.30 -28.79 -16.03
N VAL B 394 11.39 -28.72 -16.81
CA VAL B 394 11.72 -27.49 -17.51
C VAL B 394 10.66 -27.19 -18.57
N LEU B 395 10.17 -28.23 -19.28
CA LEU B 395 9.07 -28.08 -20.22
C LEU B 395 7.86 -27.45 -19.50
N PHE B 396 7.54 -27.98 -18.32
CA PHE B 396 6.45 -27.50 -17.50
C PHE B 396 6.66 -26.01 -17.18
N GLY B 397 7.87 -25.65 -16.75
CA GLY B 397 8.21 -24.28 -16.42
C GLY B 397 8.06 -23.30 -17.58
N ILE B 398 8.39 -23.75 -18.80
CA ILE B 398 8.23 -22.91 -19.99
C ILE B 398 6.73 -22.65 -20.18
N GLY B 399 5.94 -23.71 -20.13
CA GLY B 399 4.50 -23.63 -20.33
C GLY B 399 3.79 -22.77 -19.29
N ARG B 400 4.09 -23.01 -18.01
CA ARG B 400 3.39 -22.38 -16.90
C ARG B 400 3.65 -20.88 -16.88
N ALA B 401 4.70 -20.42 -17.56
CA ALA B 401 4.98 -18.99 -17.58
C ALA B 401 3.89 -18.23 -18.35
N LEU B 402 3.21 -18.90 -19.30
CA LEU B 402 2.18 -18.22 -20.09
C LEU B 402 1.09 -17.64 -19.17
N GLY B 403 0.58 -18.46 -18.27
CA GLY B 403 -0.46 -18.03 -17.35
C GLY B 403 0.10 -17.19 -16.21
N VAL B 404 1.24 -17.60 -15.64
CA VAL B 404 1.78 -16.90 -14.49
C VAL B 404 2.17 -15.47 -14.86
N LEU B 405 2.86 -15.28 -15.99
CA LEU B 405 3.27 -13.92 -16.36
C LEU B 405 2.03 -13.07 -16.69
N ALA B 406 1.04 -13.65 -17.35
CA ALA B 406 -0.23 -12.95 -17.59
C ALA B 406 -0.84 -12.53 -16.24
N ASN B 407 -0.81 -13.43 -15.25
CA ASN B 407 -1.34 -13.14 -13.92
C ASN B 407 -0.57 -12.00 -13.24
N LEU B 408 0.76 -11.91 -13.42
CA LEU B 408 1.52 -10.87 -12.74
C LEU B 408 1.19 -9.50 -13.34
N VAL B 409 0.97 -9.46 -14.66
CA VAL B 409 0.60 -8.21 -15.31
C VAL B 409 -0.70 -7.71 -14.69
N TRP B 410 -1.66 -8.62 -14.52
CA TRP B 410 -2.98 -8.28 -13.96
C TRP B 410 -2.90 -7.95 -12.48
N ASP B 411 -2.06 -8.65 -11.71
CA ASP B 411 -1.87 -8.30 -10.31
C ASP B 411 -1.45 -6.84 -10.22
N ARG B 412 -0.54 -6.40 -11.09
CA ARG B 412 -0.10 -5.01 -11.06
C ARG B 412 -1.17 -4.08 -11.64
N ALA B 413 -1.91 -4.53 -12.66
CA ALA B 413 -2.96 -3.72 -13.26
C ALA B 413 -4.01 -3.39 -12.19
N LEU B 414 -4.38 -4.38 -11.38
CA LEU B 414 -5.44 -4.26 -10.39
C LEU B 414 -4.89 -3.84 -9.02
N GLY B 415 -3.57 -3.62 -8.92
CA GLY B 415 -3.00 -3.11 -7.68
C GLY B 415 -3.16 -4.07 -6.49
N TYR B 416 -3.16 -5.38 -6.72
CA TYR B 416 -3.28 -6.34 -5.63
C TYR B 416 -2.16 -6.16 -4.61
N ALA B 417 -2.54 -6.19 -3.34
CA ALA B 417 -1.68 -5.77 -2.25
C ALA B 417 -0.70 -6.89 -1.90
N ILE B 418 0.32 -6.52 -1.12
CA ILE B 418 1.29 -7.49 -0.64
C ILE B 418 0.54 -8.64 0.05
N GLU B 419 0.94 -9.88 -0.27
CA GLU B 419 0.36 -11.04 0.37
C GLU B 419 1.04 -11.25 1.73
N ARG B 420 0.23 -11.21 2.81
CA ARG B 420 0.78 -11.21 4.16
C ARG B 420 -0.26 -11.80 5.12
N PRO B 421 -0.44 -13.14 5.13
CA PRO B 421 -1.31 -13.77 6.13
C PRO B 421 -0.63 -13.73 7.49
N LYS B 422 -1.38 -14.19 8.51
CA LYS B 422 -0.94 -14.16 9.91
C LYS B 422 -0.65 -15.60 10.33
N SER B 423 0.45 -15.79 11.07
CA SER B 423 0.82 -17.07 11.65
C SER B 423 0.18 -17.22 13.04
N VAL B 424 -0.01 -18.48 13.43
CA VAL B 424 -0.40 -18.85 14.77
C VAL B 424 0.53 -19.97 15.22
N THR B 425 0.68 -20.12 16.55
CA THR B 425 1.44 -21.18 17.16
C THR B 425 0.58 -22.41 17.43
N THR B 426 1.24 -23.54 17.75
CA THR B 426 0.58 -24.75 18.18
C THR B 426 -0.19 -24.50 19.49
N ASP B 427 0.39 -23.70 20.40
CA ASP B 427 -0.27 -23.31 21.65
C ASP B 427 -1.60 -22.62 21.36
N MET B 428 -1.60 -21.71 20.39
CA MET B 428 -2.79 -20.96 20.04
C MET B 428 -3.85 -21.90 19.47
N LEU B 429 -3.44 -22.90 18.69
CA LEU B 429 -4.39 -23.87 18.13
C LEU B 429 -4.96 -24.73 19.26
N GLU B 430 -4.12 -25.08 20.24
CA GLU B 430 -4.53 -25.83 21.41
C GLU B 430 -5.54 -25.02 22.23
N LYS B 431 -5.29 -23.72 22.40
CA LYS B 431 -6.24 -22.83 23.05
C LYS B 431 -7.60 -22.87 22.35
N TRP B 432 -7.61 -22.67 21.02
CA TRP B 432 -8.85 -22.66 20.24
C TRP B 432 -9.54 -24.03 20.32
N ALA B 433 -8.77 -25.11 20.47
CA ALA B 433 -9.32 -26.45 20.49
C ALA B 433 -9.91 -26.79 21.86
N GLY B 434 -9.58 -25.97 22.88
CA GLY B 434 -10.03 -26.18 24.24
C GLY B 434 -9.14 -27.14 25.05
N ILE B 435 -7.93 -27.41 24.57
CA ILE B 435 -6.97 -28.24 25.28
C ILE B 435 -6.21 -27.39 26.30
N LYS B 436 -5.99 -26.11 25.93
CA LYS B 436 -5.20 -25.18 26.71
C LYS B 436 -6.14 -24.09 27.26
N ALA B 437 -5.55 -22.94 27.66
CA ALA B 437 -6.10 -21.98 28.62
C ALA B 437 -6.30 -22.69 29.97
N ALA B 438 -5.37 -23.60 30.30
CA ALA B 438 -5.39 -24.47 31.47
C ALA B 438 -6.76 -25.18 31.57
N SER C 2 -5.34 41.54 5.67
CA SER C 2 -5.96 40.76 6.76
C SER C 2 -5.25 39.41 6.87
N PHE C 3 -5.29 38.85 8.07
CA PHE C 3 -4.73 37.54 8.33
C PHE C 3 -5.45 36.49 7.47
N LEU C 4 -6.78 36.61 7.33
CA LEU C 4 -7.56 35.68 6.53
C LEU C 4 -7.06 35.68 5.08
N LYS C 5 -6.85 36.88 4.52
CA LYS C 5 -6.48 36.97 3.13
C LYS C 5 -5.07 36.43 2.91
N GLU C 6 -4.17 36.68 3.87
CA GLU C 6 -2.80 36.19 3.79
C GLU C 6 -2.77 34.68 3.94
N LYS C 7 -3.62 34.14 4.83
CA LYS C 7 -3.73 32.71 5.03
C LYS C 7 -4.19 32.05 3.73
N LEU C 8 -5.19 32.69 3.10
CA LEU C 8 -5.75 32.18 1.87
C LEU C 8 -4.69 32.21 0.77
N ALA C 9 -3.89 33.29 0.71
CA ALA C 9 -2.81 33.39 -0.25
C ALA C 9 -1.83 32.22 -0.10
N GLU C 10 -1.49 31.84 1.15
CA GLU C 10 -0.60 30.71 1.40
C GLU C 10 -1.21 29.42 0.85
N LYS C 11 -2.49 29.17 1.19
CA LYS C 11 -3.16 27.94 0.79
C LYS C 11 -3.21 27.85 -0.74
N ILE C 12 -3.39 28.99 -1.41
CA ILE C 12 -3.45 29.01 -2.86
C ILE C 12 -2.06 28.66 -3.43
N ALA C 13 -1.00 29.24 -2.85
CA ALA C 13 0.37 28.95 -3.30
C ALA C 13 0.68 27.45 -3.20
N GLN C 14 0.22 26.78 -2.14
CA GLN C 14 0.42 25.36 -1.95
C GLN C 14 -0.44 24.53 -2.90
N HIS C 15 -1.66 24.98 -3.20
CA HIS C 15 -2.59 24.15 -3.94
C HIS C 15 -2.31 24.20 -5.44
N ARG C 16 -1.93 25.38 -5.97
CA ARG C 16 -1.82 25.55 -7.41
C ARG C 16 -0.91 24.48 -8.04
N PRO C 17 0.31 24.21 -7.52
CA PRO C 17 1.19 23.17 -8.11
C PRO C 17 0.53 21.81 -8.29
N ARG C 18 -0.34 21.42 -7.33
CA ARG C 18 -1.09 20.16 -7.41
C ARG C 18 -1.99 20.14 -8.65
N THR C 19 -2.67 21.28 -8.91
CA THR C 19 -3.58 21.39 -10.04
C THR C 19 -2.77 21.38 -11.33
N THR C 20 -1.65 22.11 -11.36
CA THR C 20 -0.74 22.16 -12.50
C THR C 20 -0.25 20.75 -12.88
N ARG C 21 0.14 19.98 -11.86
CA ARG C 21 0.65 18.64 -12.05
C ARG C 21 -0.41 17.70 -12.62
N LEU C 22 -1.64 17.77 -12.09
CA LEU C 22 -2.71 16.93 -12.60
C LEU C 22 -2.97 17.20 -14.08
N LEU C 23 -2.87 18.46 -14.50
CA LEU C 23 -3.10 18.82 -15.89
C LEU C 23 -1.88 18.45 -16.74
N LYS C 24 -0.68 18.66 -16.22
CA LYS C 24 0.52 18.50 -17.02
C LYS C 24 0.81 17.01 -17.26
N GLU C 25 0.75 16.20 -16.20
CA GLU C 25 1.17 14.81 -16.24
C GLU C 25 -0.01 13.86 -16.46
N PHE C 26 -1.20 14.16 -15.90
CA PHE C 26 -2.27 13.18 -15.74
C PHE C 26 -3.58 13.64 -16.38
N GLY C 27 -3.49 14.58 -17.32
CA GLY C 27 -4.65 15.17 -17.98
C GLY C 27 -5.53 14.12 -18.65
N ASN C 28 -4.93 13.05 -19.16
CA ASN C 28 -5.65 12.11 -20.02
C ASN C 28 -6.15 10.89 -19.24
N VAL C 29 -5.92 10.87 -17.92
CA VAL C 29 -6.44 9.79 -17.09
C VAL C 29 -7.96 9.88 -17.08
N LYS C 30 -8.61 8.74 -17.40
CA LYS C 30 -10.05 8.64 -17.43
C LYS C 30 -10.58 8.48 -16.01
N ILE C 31 -11.63 9.25 -15.66
CA ILE C 31 -12.23 9.19 -14.35
C ILE C 31 -13.69 8.77 -14.42
N ASP C 32 -14.31 8.79 -15.62
CA ASP C 32 -15.71 8.41 -15.70
C ASP C 32 -16.10 8.26 -17.17
N GLU C 33 -17.32 7.80 -17.39
CA GLU C 33 -17.90 7.78 -18.72
C GLU C 33 -19.32 8.32 -18.68
N VAL C 34 -19.86 8.58 -19.88
CA VAL C 34 -21.16 9.17 -20.07
C VAL C 34 -22.01 8.24 -20.92
N THR C 35 -23.23 7.94 -20.44
CA THR C 35 -24.19 7.15 -21.19
C THR C 35 -25.31 8.04 -21.73
N ILE C 36 -26.10 7.46 -22.64
CA ILE C 36 -27.27 8.12 -23.22
C ILE C 36 -28.21 8.56 -22.09
N SER C 37 -28.45 7.67 -21.14
CA SER C 37 -29.29 7.91 -19.98
C SER C 37 -28.90 9.18 -19.22
N GLN C 38 -27.58 9.38 -19.06
CA GLN C 38 -27.02 10.45 -18.26
C GLN C 38 -27.08 11.77 -19.01
N ALA C 39 -26.86 11.74 -20.33
CA ALA C 39 -26.94 12.94 -21.15
C ALA C 39 -28.38 13.46 -21.18
N ILE C 40 -29.34 12.55 -21.37
CA ILE C 40 -30.76 12.89 -21.33
C ILE C 40 -31.17 13.27 -19.91
N GLY C 41 -30.57 12.62 -18.89
CA GLY C 41 -31.08 12.69 -17.53
C GLY C 41 -30.27 13.65 -16.65
N GLY C 42 -29.87 14.80 -17.21
CA GLY C 42 -29.34 15.89 -16.41
C GLY C 42 -27.96 15.58 -15.83
N MET C 43 -27.11 14.98 -16.66
CA MET C 43 -25.74 14.61 -16.30
C MET C 43 -25.69 13.77 -15.02
N ARG C 44 -26.74 13.02 -14.70
CA ARG C 44 -26.84 12.38 -13.39
C ARG C 44 -25.63 11.50 -13.13
N GLY C 45 -24.90 11.79 -12.04
CA GLY C 45 -23.82 10.94 -11.56
C GLY C 45 -22.49 11.14 -12.28
N ILE C 46 -22.44 12.01 -13.30
CA ILE C 46 -21.21 12.20 -14.06
C ILE C 46 -20.23 13.01 -13.21
N LYS C 47 -19.02 12.45 -13.02
CA LYS C 47 -17.97 13.10 -12.26
C LYS C 47 -17.23 14.07 -13.18
N SER C 48 -17.74 15.32 -13.22
CA SER C 48 -17.33 16.31 -14.23
C SER C 48 -17.04 17.69 -13.62
N LEU C 49 -17.04 17.78 -12.29
CA LEU C 49 -16.82 19.02 -11.56
C LEU C 49 -15.79 18.77 -10.46
N VAL C 50 -14.99 19.81 -10.19
CA VAL C 50 -13.98 19.75 -9.15
C VAL C 50 -14.19 20.91 -8.17
N THR C 51 -14.31 20.56 -6.88
CA THR C 51 -14.32 21.52 -5.80
C THR C 51 -13.67 20.87 -4.58
N ASP C 52 -13.03 21.68 -3.73
CA ASP C 52 -12.48 21.19 -2.47
C ASP C 52 -13.20 21.77 -1.25
N ILE C 53 -14.21 22.62 -1.46
CA ILE C 53 -14.90 23.29 -0.36
C ILE C 53 -15.59 22.23 0.48
N SER C 54 -16.31 21.35 -0.23
CA SER C 54 -17.04 20.28 0.41
C SER C 54 -17.12 19.11 -0.58
N TYR C 55 -17.44 17.93 -0.04
CA TYR C 55 -17.56 16.72 -0.83
C TYR C 55 -18.76 15.94 -0.30
N LEU C 56 -19.67 15.59 -1.22
CA LEU C 56 -20.85 14.83 -0.85
C LEU C 56 -20.59 13.34 -1.09
N ASP C 57 -20.37 12.61 0.02
CA ASP C 57 -20.29 11.15 -0.01
C ASP C 57 -21.72 10.59 -0.02
N PRO C 58 -22.11 9.70 -0.99
CA PRO C 58 -23.46 9.10 -0.98
C PRO C 58 -23.85 8.38 0.32
N GLU C 59 -22.86 7.80 1.03
CA GLU C 59 -23.11 7.01 2.22
C GLU C 59 -22.98 7.85 3.49
N GLU C 60 -21.90 8.65 3.62
CA GLU C 60 -21.62 9.40 4.84
CA GLU C 60 -21.62 9.40 4.84
C GLU C 60 -22.26 10.80 4.81
N GLY C 61 -22.68 11.26 3.62
CA GLY C 61 -23.19 12.61 3.44
C GLY C 61 -22.07 13.63 3.31
N ILE C 62 -22.39 14.88 3.66
CA ILE C 62 -21.51 16.01 3.32
C ILE C 62 -20.34 16.08 4.30
N ARG C 63 -19.14 16.35 3.77
CA ARG C 63 -18.01 16.76 4.57
C ARG C 63 -17.56 18.15 4.11
N PHE C 64 -17.34 19.04 5.08
CA PHE C 64 -16.87 20.40 4.81
C PHE C 64 -15.37 20.44 5.07
N ARG C 65 -14.59 20.57 3.99
CA ARG C 65 -13.15 20.63 4.09
C ARG C 65 -12.62 19.42 4.87
N GLY C 66 -13.16 18.24 4.55
CA GLY C 66 -12.73 17.01 5.19
C GLY C 66 -13.49 16.67 6.48
N TYR C 67 -14.17 17.65 7.11
CA TYR C 67 -14.81 17.42 8.39
C TYR C 67 -16.28 17.04 8.27
N THR C 68 -16.74 16.18 9.17
CA THR C 68 -18.16 15.85 9.29
C THR C 68 -18.87 17.01 9.98
N ILE C 69 -20.20 16.98 9.93
CA ILE C 69 -21.01 17.99 10.58
C ILE C 69 -20.82 17.96 12.09
N PRO C 70 -20.89 16.80 12.80
CA PRO C 70 -20.59 16.77 14.24
C PRO C 70 -19.23 17.41 14.55
N GLU C 71 -18.24 17.14 13.70
CA GLU C 71 -16.89 17.68 13.87
C GLU C 71 -16.87 19.21 13.72
N VAL C 72 -17.55 19.71 12.68
CA VAL C 72 -17.61 21.14 12.44
C VAL C 72 -18.24 21.84 13.64
N LEU C 73 -19.41 21.34 14.08
CA LEU C 73 -20.15 21.98 15.16
C LEU C 73 -19.39 21.91 16.48
N GLU C 74 -18.57 20.86 16.62
CA GLU C 74 -17.77 20.63 17.82
C GLU C 74 -16.58 21.59 17.83
N LYS C 75 -15.88 21.73 16.70
CA LYS C 75 -14.58 22.39 16.70
C LYS C 75 -14.67 23.91 16.49
N LEU C 76 -15.71 24.40 15.79
CA LEU C 76 -15.77 25.82 15.47
C LEU C 76 -16.01 26.60 16.75
N PRO C 77 -15.34 27.76 16.97
CA PRO C 77 -15.61 28.57 18.17
C PRO C 77 -17.08 28.99 18.26
N LYS C 78 -17.61 28.97 19.49
CA LYS C 78 -19.01 29.21 19.78
C LYS C 78 -19.23 30.67 20.11
N VAL C 79 -20.44 31.15 19.88
CA VAL C 79 -20.78 32.51 20.28
C VAL C 79 -20.98 32.49 21.78
N PRO C 80 -20.31 33.38 22.56
CA PRO C 80 -20.52 33.47 24.01
C PRO C 80 -22.00 33.65 24.34
N GLY C 81 -22.53 32.79 25.22
CA GLY C 81 -23.92 32.89 25.65
C GLY C 81 -24.87 32.09 24.77
N ALA C 82 -24.32 31.41 23.76
CA ALA C 82 -25.12 30.68 22.80
C ALA C 82 -24.51 29.28 22.60
N GLU C 83 -25.27 28.43 21.92
CA GLU C 83 -24.96 27.03 21.73
C GLU C 83 -24.16 26.81 20.44
N MET C 84 -24.34 27.68 19.43
CA MET C 84 -23.87 27.33 18.08
C MET C 84 -22.63 28.15 17.71
N PRO C 85 -21.85 27.71 16.71
CA PRO C 85 -20.70 28.48 16.24
C PRO C 85 -21.05 29.82 15.59
N TYR C 86 -20.07 30.73 15.60
CA TYR C 86 -20.08 31.85 14.69
C TYR C 86 -20.13 31.32 13.26
N VAL C 87 -21.05 31.86 12.46
CA VAL C 87 -21.14 31.50 11.05
C VAL C 87 -19.86 31.97 10.35
N GLU C 88 -19.33 33.11 10.81
CA GLU C 88 -18.09 33.68 10.29
C GLU C 88 -16.94 32.68 10.40
N GLY C 89 -16.94 31.87 11.47
CA GLY C 89 -15.93 30.85 11.67
C GLY C 89 -16.05 29.71 10.67
N HIS C 90 -17.30 29.35 10.32
CA HIS C 90 -17.52 28.38 9.27
C HIS C 90 -17.04 28.92 7.93
N PHE C 91 -17.25 30.22 7.69
CA PHE C 91 -16.79 30.82 6.45
C PHE C 91 -15.26 30.74 6.34
N TYR C 92 -14.57 31.01 7.48
CA TYR C 92 -13.13 30.93 7.56
C TYR C 92 -12.67 29.51 7.17
N LEU C 93 -13.34 28.51 7.76
CA LEU C 93 -13.04 27.10 7.48
C LEU C 93 -13.22 26.79 6.00
N LEU C 94 -14.36 27.19 5.41
CA LEU C 94 -14.60 26.87 4.01
C LEU C 94 -13.57 27.53 3.11
N LEU C 95 -13.14 28.76 3.45
CA LEU C 95 -12.19 29.47 2.61
C LEU C 95 -10.76 28.88 2.72
N THR C 96 -10.35 28.51 3.95
CA THR C 96 -8.94 28.21 4.20
C THR C 96 -8.69 26.71 4.34
N GLY C 97 -9.68 25.93 4.77
CA GLY C 97 -9.46 24.54 5.15
C GLY C 97 -9.10 24.36 6.62
N ASP C 98 -8.84 25.47 7.34
CA ASP C 98 -8.43 25.44 8.75
C ASP C 98 -9.59 25.81 9.67
N VAL C 99 -9.69 25.11 10.80
CA VAL C 99 -10.54 25.54 11.91
C VAL C 99 -9.94 26.80 12.52
N PRO C 100 -10.68 27.93 12.59
CA PRO C 100 -10.11 29.16 13.12
C PRO C 100 -10.01 29.14 14.65
N THR C 101 -9.01 29.86 15.16
CA THR C 101 -8.97 30.21 16.57
C THR C 101 -10.02 31.28 16.85
N GLU C 102 -10.28 31.51 18.13
CA GLU C 102 -11.19 32.56 18.57
C GLU C 102 -10.72 33.90 17.99
N LYS C 103 -9.41 34.16 18.03
CA LYS C 103 -8.84 35.38 17.49
C LYS C 103 -9.15 35.49 16.00
N GLU C 104 -9.11 34.38 15.27
CA GLU C 104 -9.24 34.41 13.82
C GLU C 104 -10.69 34.64 13.41
N VAL C 105 -11.64 34.06 14.16
CA VAL C 105 -13.06 34.25 13.91
C VAL C 105 -13.43 35.70 14.20
N LYS C 106 -12.88 36.28 15.27
CA LYS C 106 -13.21 37.65 15.64
C LYS C 106 -12.80 38.59 14.53
N GLU C 107 -11.69 38.30 13.84
CA GLU C 107 -11.23 39.16 12.76
C GLU C 107 -12.22 39.13 11.60
N VAL C 108 -12.80 37.96 11.31
CA VAL C 108 -13.80 37.83 10.26
C VAL C 108 -15.08 38.55 10.69
N ALA C 109 -15.49 38.35 11.95
CA ALA C 109 -16.69 38.96 12.50
C ALA C 109 -16.58 40.49 12.43
N GLU C 110 -15.40 41.03 12.72
CA GLU C 110 -15.17 42.47 12.67
C GLU C 110 -15.24 42.99 11.24
N GLU C 111 -14.71 42.21 10.30
CA GLU C 111 -14.70 42.58 8.89
C GLU C 111 -16.13 42.57 8.34
N PHE C 112 -16.94 41.58 8.75
CA PHE C 112 -18.34 41.51 8.37
C PHE C 112 -19.13 42.70 8.93
N LYS C 113 -18.82 43.12 10.16
CA LYS C 113 -19.48 44.29 10.74
C LYS C 113 -19.21 45.52 9.88
N LYS C 114 -18.00 45.64 9.35
CA LYS C 114 -17.67 46.80 8.52
C LYS C 114 -18.36 46.74 7.16
N ARG C 115 -18.76 45.56 6.71
CA ARG C 115 -19.24 45.40 5.35
C ARG C 115 -20.75 45.12 5.30
N ARG C 116 -21.47 45.10 6.43
CA ARG C 116 -22.81 44.52 6.40
C ARG C 116 -23.91 45.51 6.01
N ALA C 117 -23.61 46.81 5.96
CA ALA C 117 -24.59 47.83 5.62
C ALA C 117 -25.04 47.66 4.17
N LEU C 118 -26.35 47.83 3.97
CA LEU C 118 -27.00 47.63 2.68
C LEU C 118 -27.03 48.94 1.92
N PRO C 119 -26.52 49.01 0.66
CA PRO C 119 -26.71 50.21 -0.16
C PRO C 119 -28.17 50.67 -0.19
N GLU C 120 -28.40 51.98 -0.06
CA GLU C 120 -29.75 52.51 -0.05
C GLU C 120 -30.50 52.18 -1.33
N TYR C 121 -29.81 52.22 -2.48
CA TYR C 121 -30.44 51.94 -3.77
C TYR C 121 -30.94 50.50 -3.86
N VAL C 122 -30.43 49.60 -3.02
CA VAL C 122 -30.98 48.25 -2.97
C VAL C 122 -32.40 48.30 -2.39
N LYS C 123 -32.58 49.06 -1.32
CA LYS C 123 -33.90 49.26 -0.75
C LYS C 123 -34.82 49.98 -1.74
N ASP C 124 -34.29 50.99 -2.44
CA ASP C 124 -35.06 51.70 -3.45
C ASP C 124 -35.56 50.72 -4.51
N THR C 125 -34.68 49.83 -4.96
CA THR C 125 -34.98 48.87 -6.01
C THR C 125 -36.06 47.88 -5.55
N LEU C 126 -35.95 47.38 -4.30
CA LEU C 126 -36.91 46.40 -3.77
C LEU C 126 -38.29 47.04 -3.56
N LYS C 127 -38.31 48.36 -3.27
CA LYS C 127 -39.57 49.07 -3.16
C LYS C 127 -40.21 49.30 -4.53
N ALA C 128 -39.39 49.46 -5.58
CA ALA C 128 -39.92 49.74 -6.90
C ALA C 128 -40.49 48.46 -7.50
N MET C 129 -39.89 47.33 -7.14
CA MET C 129 -40.44 46.02 -7.47
C MET C 129 -41.79 45.86 -6.76
N PRO C 130 -42.86 45.41 -7.45
CA PRO C 130 -44.14 45.22 -6.78
C PRO C 130 -44.00 44.39 -5.50
N ARG C 131 -44.68 44.84 -4.44
CA ARG C 131 -44.55 44.24 -3.12
C ARG C 131 -45.02 42.79 -3.14
N ASP C 132 -45.84 42.42 -4.15
CA ASP C 132 -46.36 41.06 -4.22
C ASP C 132 -45.38 40.15 -4.95
N THR C 133 -44.21 40.67 -5.33
CA THR C 133 -43.13 39.86 -5.88
C THR C 133 -42.64 38.82 -4.86
N HIS C 134 -42.40 37.59 -5.38
CA HIS C 134 -41.91 36.48 -4.57
C HIS C 134 -40.61 36.89 -3.87
N PRO C 135 -40.40 36.49 -2.60
CA PRO C 135 -39.21 36.94 -1.88
C PRO C 135 -37.89 36.50 -2.48
N MET C 136 -37.86 35.35 -3.19
CA MET C 136 -36.66 34.87 -3.85
C MET C 136 -36.35 35.72 -5.07
N THR C 137 -37.39 36.26 -5.72
CA THR C 137 -37.17 37.18 -6.83
C THR C 137 -36.57 38.49 -6.31
N MET C 138 -37.07 38.97 -5.18
CA MET C 138 -36.52 40.16 -4.55
C MET C 138 -35.08 39.93 -4.14
N PHE C 139 -34.81 38.74 -3.59
CA PHE C 139 -33.50 38.38 -3.07
C PHE C 139 -32.47 38.36 -4.20
N ALA C 140 -32.83 37.68 -5.29
CA ALA C 140 -31.95 37.62 -6.45
C ALA C 140 -31.72 39.01 -7.04
N ALA C 141 -32.74 39.86 -7.02
CA ALA C 141 -32.69 41.21 -7.60
C ALA C 141 -31.80 42.12 -6.75
N GLY C 142 -31.92 42.01 -5.44
CA GLY C 142 -31.06 42.74 -4.51
C GLY C 142 -29.57 42.46 -4.69
N ILE C 143 -29.24 41.15 -4.84
CA ILE C 143 -27.88 40.73 -5.12
C ILE C 143 -27.43 41.33 -6.45
N LEU C 144 -28.26 41.15 -7.49
CA LEU C 144 -27.92 41.61 -8.81
C LEU C 144 -27.65 43.11 -8.86
N ALA C 145 -28.49 43.91 -8.19
CA ALA C 145 -28.35 45.37 -8.21
C ALA C 145 -26.98 45.79 -7.68
N MET C 146 -26.44 45.03 -6.71
CA MET C 146 -25.18 45.37 -6.08
C MET C 146 -23.98 45.02 -6.96
N GLN C 147 -24.23 44.44 -8.15
CA GLN C 147 -23.21 44.22 -9.17
C GLN C 147 -22.50 45.53 -9.52
N ARG C 148 -23.20 46.65 -9.34
CA ARG C 148 -22.63 48.00 -9.47
C ARG C 148 -21.36 48.17 -8.64
N GLU C 149 -21.25 47.47 -7.50
CA GLU C 149 -20.12 47.66 -6.58
C GLU C 149 -19.00 46.65 -6.83
N SER C 150 -19.12 45.77 -7.84
CA SER C 150 -18.17 44.68 -8.00
C SER C 150 -16.74 45.20 -8.19
N LYS C 151 -15.85 44.76 -7.28
CA LYS C 151 -14.42 44.98 -7.38
C LYS C 151 -13.79 44.13 -8.46
N PHE C 152 -14.27 42.90 -8.60
CA PHE C 152 -13.83 42.02 -9.67
C PHE C 152 -14.13 42.63 -11.04
N ALA C 153 -15.35 43.13 -11.22
CA ALA C 153 -15.71 43.75 -12.51
C ALA C 153 -14.88 45.00 -12.77
N ALA C 154 -14.62 45.83 -11.75
CA ALA C 154 -13.83 47.06 -11.96
C ALA C 154 -12.38 46.69 -12.31
N TYR C 155 -11.85 45.69 -11.61
CA TYR C 155 -10.53 45.14 -11.90
C TYR C 155 -10.44 44.67 -13.34
N TYR C 156 -11.40 43.86 -13.78
CA TYR C 156 -11.38 43.39 -15.16
C TYR C 156 -11.46 44.58 -16.11
N ASN C 157 -12.38 45.51 -15.86
CA ASN C 157 -12.69 46.59 -16.80
C ASN C 157 -11.53 47.59 -16.87
N ALA C 158 -10.71 47.66 -15.81
CA ALA C 158 -9.54 48.52 -15.78
C ALA C 158 -8.33 47.89 -16.51
N GLY C 159 -8.49 46.68 -17.07
CA GLY C 159 -7.42 45.99 -17.79
C GLY C 159 -6.42 45.28 -16.87
N LYS C 160 -6.77 45.01 -15.61
CA LYS C 160 -5.80 44.52 -14.64
C LYS C 160 -5.84 43.00 -14.49
N PHE C 161 -6.65 42.30 -15.30
CA PHE C 161 -6.80 40.88 -15.07
C PHE C 161 -5.42 40.21 -15.13
N ASN C 162 -5.12 39.43 -14.11
CA ASN C 162 -3.94 38.59 -14.09
C ASN C 162 -4.36 37.29 -13.43
N LYS C 163 -4.03 36.16 -14.06
CA LYS C 163 -4.57 34.88 -13.60
C LYS C 163 -4.03 34.53 -12.21
N ASN C 164 -2.93 35.14 -11.76
CA ASN C 164 -2.40 34.82 -10.45
C ASN C 164 -3.10 35.60 -9.33
N THR C 165 -3.59 36.81 -9.64
CA THR C 165 -4.08 37.76 -8.65
C THR C 165 -5.61 37.92 -8.68
N ALA C 166 -6.31 37.33 -9.68
CA ALA C 166 -7.72 37.53 -9.91
C ALA C 166 -8.57 37.09 -8.72
N TRP C 167 -8.10 36.12 -7.93
CA TRP C 167 -8.84 35.67 -6.77
C TRP C 167 -9.01 36.79 -5.74
N GLU C 168 -8.14 37.79 -5.79
CA GLU C 168 -8.06 38.78 -4.71
C GLU C 168 -9.30 39.68 -4.72
N PRO C 169 -9.66 40.35 -5.85
CA PRO C 169 -10.91 41.09 -5.91
C PRO C 169 -12.15 40.20 -5.80
N MET C 170 -12.05 38.93 -6.23
CA MET C 170 -13.14 37.99 -6.05
C MET C 170 -13.38 37.76 -4.56
N PHE C 171 -12.28 37.62 -3.78
CA PHE C 171 -12.37 37.50 -2.32
C PHE C 171 -13.04 38.73 -1.70
N GLU C 172 -12.67 39.93 -2.17
CA GLU C 172 -13.22 41.15 -1.61
C GLU C 172 -14.74 41.21 -1.86
N ASP C 173 -15.18 40.86 -3.07
CA ASP C 173 -16.60 40.80 -3.41
C ASP C 173 -17.31 39.75 -2.56
N ALA C 174 -16.66 38.58 -2.36
CA ALA C 174 -17.26 37.52 -1.56
C ALA C 174 -17.49 37.99 -0.12
N MET C 175 -16.51 38.71 0.44
CA MET C 175 -16.64 39.23 1.80
C MET C 175 -17.76 40.27 1.88
N ASP C 176 -17.81 41.14 0.88
CA ASP C 176 -18.80 42.22 0.82
C ASP C 176 -20.20 41.64 0.73
N LEU C 177 -20.39 40.68 -0.20
CA LEU C 177 -21.69 40.08 -0.43
C LEU C 177 -22.12 39.24 0.77
N MET C 178 -21.21 38.37 1.24
CA MET C 178 -21.58 37.48 2.34
C MET C 178 -22.00 38.29 3.56
N ALA C 179 -21.31 39.41 3.83
CA ALA C 179 -21.61 40.22 5.00
C ALA C 179 -23.03 40.79 4.91
N LYS C 180 -23.51 41.05 3.69
CA LYS C 180 -24.75 41.78 3.46
C LYS C 180 -25.97 40.87 3.30
N LEU C 181 -25.77 39.61 2.85
CA LEU C 181 -26.89 38.77 2.46
C LEU C 181 -27.92 38.64 3.58
N PRO C 182 -27.53 38.46 4.87
CA PRO C 182 -28.52 38.35 5.94
C PRO C 182 -29.38 39.60 6.11
N SER C 183 -28.76 40.77 6.03
CA SER C 183 -29.47 42.05 6.07
C SER C 183 -30.43 42.18 4.88
N LEU C 184 -30.00 41.74 3.70
CA LEU C 184 -30.86 41.78 2.53
C LEU C 184 -32.09 40.90 2.75
N GLY C 185 -31.84 39.69 3.24
CA GLY C 185 -32.92 38.75 3.55
C GLY C 185 -33.90 39.31 4.57
N ALA C 186 -33.37 39.86 5.65
CA ALA C 186 -34.16 40.43 6.72
C ALA C 186 -34.98 41.62 6.19
N TYR C 187 -34.36 42.45 5.32
CA TYR C 187 -35.07 43.58 4.76
C TYR C 187 -36.32 43.09 4.05
N ILE C 188 -36.16 42.09 3.19
CA ILE C 188 -37.24 41.51 2.43
C ILE C 188 -38.30 40.94 3.40
N TYR C 189 -37.86 40.26 4.48
CA TYR C 189 -38.80 39.68 5.43
C TYR C 189 -39.66 40.77 6.07
N ARG C 190 -39.00 41.85 6.51
CA ARG C 190 -39.70 42.93 7.20
C ARG C 190 -40.65 43.65 6.25
N MET C 191 -40.17 43.96 5.03
CA MET C 191 -40.91 44.77 4.08
C MET C 191 -42.16 44.03 3.58
N LYS C 192 -42.07 42.70 3.44
CA LYS C 192 -43.17 41.89 2.94
C LYS C 192 -44.10 41.43 4.06
N TYR C 193 -43.56 40.98 5.21
CA TYR C 193 -44.36 40.18 6.13
C TYR C 193 -44.51 40.83 7.50
N LYS C 194 -43.78 41.88 7.83
CA LYS C 194 -43.83 42.45 9.16
C LYS C 194 -44.16 43.93 9.12
N SER C 195 -45.11 44.30 8.25
CA SER C 195 -45.67 45.66 8.21
C SER C 195 -44.64 46.71 7.80
N ASP C 196 -43.52 46.29 7.19
CA ASP C 196 -42.55 47.22 6.64
C ASP C 196 -42.02 48.13 7.73
N THR C 197 -41.87 47.60 8.96
CA THR C 197 -41.05 48.27 9.95
C THR C 197 -39.77 47.47 10.11
N HIS C 198 -38.68 48.21 10.37
CA HIS C 198 -37.33 47.66 10.28
C HIS C 198 -36.63 47.80 11.62
N ILE C 199 -35.98 46.72 12.02
CA ILE C 199 -35.17 46.71 13.23
C ILE C 199 -33.71 46.92 12.80
N PRO C 200 -33.02 47.97 13.26
CA PRO C 200 -31.66 48.22 12.82
C PRO C 200 -30.70 47.11 13.24
N SER C 201 -29.65 46.97 12.40
CA SER C 201 -28.52 46.13 12.69
C SER C 201 -27.94 46.50 14.06
N ASN C 202 -27.61 45.48 14.86
CA ASN C 202 -26.86 45.69 16.08
C ASN C 202 -25.38 45.41 15.76
N PRO C 203 -24.52 46.45 15.77
CA PRO C 203 -23.12 46.29 15.36
C PRO C 203 -22.29 45.43 16.32
N ASP C 204 -22.85 45.06 17.48
CA ASP C 204 -22.15 44.18 18.40
C ASP C 204 -22.50 42.70 18.19
N LEU C 205 -23.47 42.37 17.32
CA LEU C 205 -23.87 40.97 17.17
C LEU C 205 -23.12 40.35 16.00
N ASP C 206 -22.96 39.02 16.10
CA ASP C 206 -22.43 38.23 15.00
C ASP C 206 -23.47 38.09 13.91
N LEU C 207 -23.06 37.47 12.79
CA LEU C 207 -23.91 37.35 11.62
C LEU C 207 -25.25 36.73 11.98
N GLY C 208 -25.22 35.59 12.67
CA GLY C 208 -26.45 34.86 12.98
C GLY C 208 -27.32 35.60 14.00
N GLY C 209 -26.67 36.16 15.01
CA GLY C 209 -27.37 36.91 16.03
C GLY C 209 -28.02 38.17 15.46
N ASP C 210 -27.31 38.86 14.57
CA ASP C 210 -27.82 40.09 14.00
C ASP C 210 -28.97 39.77 13.04
N PHE C 211 -28.88 38.64 12.34
CA PHE C 211 -29.96 38.20 11.48
C PHE C 211 -31.24 38.01 12.28
N ALA C 212 -31.17 37.28 13.41
CA ALA C 212 -32.33 37.06 14.27
C ALA C 212 -32.87 38.40 14.80
N ASN C 213 -31.95 39.29 15.19
CA ASN C 213 -32.26 40.65 15.64
C ASN C 213 -33.08 41.39 14.58
N MET C 214 -32.54 41.45 13.35
CA MET C 214 -33.15 42.20 12.27
C MET C 214 -34.44 41.55 11.77
N MET C 215 -34.59 40.24 11.96
CA MET C 215 -35.82 39.53 11.62
C MET C 215 -36.90 39.84 12.65
N GLY C 216 -36.46 40.14 13.89
CA GLY C 216 -37.35 40.45 14.99
C GLY C 216 -37.75 39.21 15.79
N ILE C 217 -36.85 38.20 15.85
CA ILE C 217 -37.15 36.93 16.50
C ILE C 217 -36.16 36.69 17.66
N ASP C 218 -36.69 36.34 18.83
CA ASP C 218 -35.91 36.25 20.06
C ASP C 218 -35.09 34.95 20.11
N LYS C 219 -34.09 34.94 21.02
CA LYS C 219 -33.40 33.72 21.41
C LYS C 219 -34.43 32.61 21.62
N PRO C 220 -34.16 31.36 21.19
CA PRO C 220 -32.90 30.97 20.55
C PRO C 220 -32.87 30.93 19.02
N TYR C 221 -33.64 31.82 18.37
CA TYR C 221 -33.65 31.85 16.91
C TYR C 221 -32.26 32.21 16.39
N ASP C 222 -31.47 32.96 17.17
CA ASP C 222 -30.08 33.22 16.81
C ASP C 222 -29.33 31.92 16.54
N ASP C 223 -29.55 30.89 17.38
CA ASP C 223 -28.88 29.60 17.23
C ASP C 223 -29.54 28.79 16.12
N VAL C 224 -30.86 28.90 15.98
CA VAL C 224 -31.56 28.27 14.87
C VAL C 224 -30.89 28.68 13.55
N ALA C 225 -30.61 29.99 13.42
CA ALA C 225 -30.09 30.57 12.20
C ALA C 225 -28.64 30.17 11.99
N ARG C 226 -27.82 30.27 13.04
CA ARG C 226 -26.42 29.85 12.96
C ARG C 226 -26.33 28.40 12.47
N LEU C 227 -27.13 27.53 13.08
CA LEU C 227 -27.13 26.12 12.70
C LEU C 227 -27.63 25.99 11.27
N TYR C 228 -28.78 26.63 10.97
CA TYR C 228 -29.38 26.51 9.65
C TYR C 228 -28.37 26.90 8.58
N PHE C 229 -27.69 28.04 8.78
CA PHE C 229 -26.79 28.57 7.76
C PHE C 229 -25.59 27.65 7.56
N ILE C 230 -25.03 27.13 8.66
CA ILE C 230 -23.89 26.23 8.55
C ILE C 230 -24.29 24.93 7.85
N LEU C 231 -25.46 24.38 8.17
CA LEU C 231 -25.89 23.13 7.55
C LEU C 231 -26.11 23.29 6.06
N HIS C 232 -26.59 24.49 5.64
CA HIS C 232 -26.94 24.74 4.26
C HIS C 232 -25.79 25.38 3.50
N SER C 233 -24.62 25.47 4.13
CA SER C 233 -23.49 26.24 3.63
C SER C 233 -22.99 25.78 2.27
N ASP C 234 -22.95 24.46 2.05
CA ASP C 234 -22.41 23.89 0.82
C ASP C 234 -22.92 22.44 0.71
N HIS C 235 -23.02 21.95 -0.52
CA HIS C 235 -23.33 20.54 -0.79
C HIS C 235 -22.65 20.17 -2.11
N GLU C 236 -21.31 20.26 -2.06
CA GLU C 236 -20.40 20.28 -3.21
C GLU C 236 -20.93 21.21 -4.31
N SER C 237 -20.36 21.11 -5.51
CA SER C 237 -20.54 22.10 -6.56
C SER C 237 -21.56 21.65 -7.60
N GLY C 238 -22.09 20.44 -7.47
CA GLY C 238 -22.93 19.84 -8.51
C GLY C 238 -24.42 20.10 -8.32
N ASN C 239 -24.83 20.58 -7.14
CA ASN C 239 -26.21 21.02 -6.91
C ASN C 239 -26.51 22.23 -7.80
N VAL C 240 -27.79 22.47 -8.10
CA VAL C 240 -28.14 23.42 -9.17
C VAL C 240 -27.64 24.83 -8.84
N SER C 241 -27.85 25.27 -7.59
CA SER C 241 -27.49 26.64 -7.22
C SER C 241 -25.96 26.82 -7.26
N ALA C 242 -25.21 25.89 -6.66
CA ALA C 242 -23.76 26.02 -6.60
C ALA C 242 -23.15 25.89 -8.00
N HIS C 243 -23.71 24.98 -8.78
CA HIS C 243 -23.24 24.78 -10.14
C HIS C 243 -23.52 26.02 -11.00
N THR C 244 -24.69 26.62 -10.81
CA THR C 244 -25.06 27.80 -11.59
C THR C 244 -24.07 28.92 -11.29
N ALA C 245 -23.77 29.17 -10.00
CA ALA C 245 -22.80 30.17 -9.62
C ALA C 245 -21.45 29.89 -10.29
N HIS C 246 -21.02 28.63 -10.19
CA HIS C 246 -19.73 28.20 -10.70
C HIS C 246 -19.68 28.42 -12.22
N LEU C 247 -20.75 28.00 -12.90
CA LEU C 247 -20.86 28.12 -14.34
C LEU C 247 -20.78 29.59 -14.79
N VAL C 248 -21.60 30.43 -14.16
CA VAL C 248 -21.65 31.83 -14.53
C VAL C 248 -20.28 32.49 -14.28
N ALA C 249 -19.71 32.27 -13.08
CA ALA C 249 -18.40 32.80 -12.73
C ALA C 249 -17.27 32.31 -13.64
N SER C 250 -17.44 31.10 -14.22
CA SER C 250 -16.45 30.51 -15.11
C SER C 250 -16.23 31.36 -16.35
N ALA C 251 -17.23 32.18 -16.73
CA ALA C 251 -17.08 33.13 -17.83
C ALA C 251 -16.49 34.47 -17.34
N LEU C 252 -16.06 34.51 -16.07
CA LEU C 252 -15.44 35.66 -15.40
C LEU C 252 -16.46 36.74 -15.07
N SER C 253 -17.75 36.35 -14.99
CA SER C 253 -18.77 37.15 -14.33
C SER C 253 -18.46 37.19 -12.84
N ASP C 254 -18.68 38.38 -12.25
CA ASP C 254 -18.40 38.59 -10.85
C ASP C 254 -19.41 37.83 -9.99
N ALA C 255 -19.18 37.83 -8.68
CA ALA C 255 -19.93 37.09 -7.70
C ALA C 255 -21.38 37.56 -7.60
N TYR C 256 -21.65 38.83 -7.92
CA TYR C 256 -23.02 39.35 -7.84
C TYR C 256 -23.84 38.75 -8.98
N TYR C 257 -23.31 38.79 -10.21
CA TYR C 257 -23.95 38.09 -11.32
C TYR C 257 -24.11 36.61 -10.99
N ALA C 258 -23.04 36.00 -10.42
CA ALA C 258 -22.98 34.55 -10.29
C ALA C 258 -23.95 34.08 -9.21
N TYR C 259 -24.03 34.83 -8.10
CA TYR C 259 -24.87 34.39 -7.00
C TYR C 259 -26.33 34.77 -7.26
N SER C 260 -26.58 35.89 -7.93
CA SER C 260 -27.94 36.18 -8.40
C SER C 260 -28.48 35.02 -9.26
N ALA C 261 -27.70 34.60 -10.26
CA ALA C 261 -28.00 33.44 -11.09
C ALA C 261 -28.27 32.20 -10.25
N ALA C 262 -27.44 31.98 -9.22
CA ALA C 262 -27.60 30.85 -8.33
C ALA C 262 -28.97 30.84 -7.66
N MET C 263 -29.42 32.02 -7.20
CA MET C 263 -30.69 32.12 -6.51
C MET C 263 -31.87 31.92 -7.47
N CYS C 264 -31.70 32.24 -8.73
CA CYS C 264 -32.68 31.89 -9.76
C CYS C 264 -32.87 30.37 -9.83
N GLY C 265 -31.79 29.59 -9.71
CA GLY C 265 -31.85 28.13 -9.67
C GLY C 265 -32.41 27.60 -8.35
N LEU C 266 -31.98 28.19 -7.22
CA LEU C 266 -32.47 27.75 -5.92
C LEU C 266 -33.97 27.99 -5.78
N ALA C 267 -34.50 28.99 -6.51
CA ALA C 267 -35.92 29.28 -6.47
C ALA C 267 -36.76 28.12 -7.05
N GLY C 268 -36.11 27.23 -7.81
CA GLY C 268 -36.80 26.17 -8.53
C GLY C 268 -37.49 25.18 -7.60
N PRO C 269 -38.73 24.75 -7.91
CA PRO C 269 -39.41 23.74 -7.09
C PRO C 269 -38.62 22.47 -6.83
N LEU C 270 -37.73 22.06 -7.76
CA LEU C 270 -36.95 20.84 -7.55
C LEU C 270 -35.65 21.11 -6.80
N HIS C 271 -35.46 22.33 -6.26
CA HIS C 271 -34.22 22.64 -5.57
C HIS C 271 -34.47 23.33 -4.22
N GLY C 272 -35.28 24.38 -4.15
CA GLY C 272 -35.34 25.19 -2.94
C GLY C 272 -36.67 25.16 -2.19
N LEU C 273 -37.62 24.31 -2.60
CA LEU C 273 -38.98 24.37 -2.07
C LEU C 273 -39.30 23.20 -1.13
N ALA C 274 -38.43 22.19 -1.02
CA ALA C 274 -38.84 20.95 -0.38
C ALA C 274 -39.14 21.17 1.11
N ASN C 275 -38.44 22.12 1.75
CA ASN C 275 -38.65 22.45 3.16
C ASN C 275 -40.13 22.82 3.38
N GLN C 276 -40.62 23.81 2.63
CA GLN C 276 -41.99 24.30 2.80
C GLN C 276 -42.99 23.23 2.32
N GLU C 277 -42.61 22.37 1.37
CA GLU C 277 -43.56 21.38 0.85
C GLU C 277 -43.73 20.23 1.84
N VAL C 278 -42.62 19.80 2.46
CA VAL C 278 -42.69 18.90 3.60
C VAL C 278 -43.63 19.46 4.66
N LEU C 279 -43.38 20.69 5.10
CA LEU C 279 -44.08 21.23 6.25
C LEU C 279 -45.59 21.31 5.95
N LYS C 280 -45.94 21.79 4.76
CA LYS C 280 -47.34 21.90 4.34
C LYS C 280 -48.00 20.52 4.34
N TRP C 281 -47.27 19.52 3.82
CA TRP C 281 -47.78 18.17 3.73
C TRP C 281 -48.01 17.58 5.12
N ILE C 282 -47.09 17.83 6.06
CA ILE C 282 -47.29 17.39 7.44
C ILE C 282 -48.49 18.09 8.06
N GLN C 283 -48.64 19.39 7.84
CA GLN C 283 -49.73 20.15 8.46
C GLN C 283 -51.08 19.69 7.90
N GLU C 284 -51.11 19.35 6.61
CA GLU C 284 -52.32 18.87 5.96
C GLU C 284 -52.62 17.45 6.43
N THR C 285 -51.59 16.64 6.65
CA THR C 285 -51.73 15.29 7.15
C THR C 285 -52.31 15.32 8.58
N ILE C 286 -51.75 16.16 9.45
CA ILE C 286 -52.23 16.31 10.81
C ILE C 286 -53.72 16.67 10.80
N ASP C 287 -54.13 17.53 9.86
CA ASP C 287 -55.47 18.10 9.86
C ASP C 287 -56.47 17.13 9.22
N LYS C 288 -56.13 16.61 8.04
CA LYS C 288 -57.10 15.79 7.28
C LYS C 288 -57.03 14.28 7.55
N LYS C 289 -55.87 13.68 7.76
CA LYS C 289 -55.81 12.23 7.87
C LYS C 289 -55.72 11.74 9.32
N LEU C 290 -55.52 12.64 10.30
CA LEU C 290 -55.37 12.21 11.69
C LEU C 290 -56.22 13.07 12.61
N GLY C 291 -57.29 13.68 12.09
CA GLY C 291 -58.20 14.52 12.86
C GLY C 291 -57.49 15.46 13.83
N GLY C 292 -56.52 16.24 13.31
CA GLY C 292 -55.89 17.34 14.04
C GLY C 292 -55.07 16.91 15.26
N LYS C 293 -54.60 15.64 15.31
CA LYS C 293 -53.98 15.08 16.50
C LYS C 293 -52.72 14.30 16.12
N VAL C 294 -51.75 14.28 17.05
CA VAL C 294 -50.53 13.48 16.93
C VAL C 294 -50.89 11.99 16.94
N PRO C 295 -50.60 11.24 15.86
CA PRO C 295 -51.05 9.84 15.76
C PRO C 295 -50.18 8.86 16.54
N THR C 296 -50.56 7.57 16.49
CA THR C 296 -49.72 6.48 16.97
C THR C 296 -48.76 6.08 15.85
N LYS C 297 -47.68 5.39 16.25
CA LYS C 297 -46.74 4.80 15.31
C LYS C 297 -47.51 3.89 14.36
N GLU C 298 -48.57 3.25 14.89
CA GLU C 298 -49.41 2.33 14.13
C GLU C 298 -50.18 3.08 13.04
N GLU C 299 -50.89 4.15 13.44
CA GLU C 299 -51.77 4.89 12.55
C GLU C 299 -50.98 5.51 11.39
N LEU C 300 -49.77 5.97 11.69
CA LEU C 300 -48.94 6.66 10.71
C LEU C 300 -48.32 5.65 9.76
N LYS C 301 -47.89 4.49 10.31
CA LYS C 301 -47.27 3.42 9.54
C LYS C 301 -48.14 3.07 8.34
N LYS C 302 -49.46 3.00 8.56
CA LYS C 302 -50.40 2.60 7.52
C LYS C 302 -50.84 3.81 6.68
N PHE C 303 -50.80 5.02 7.27
CA PHE C 303 -51.06 6.24 6.50
C PHE C 303 -50.00 6.39 5.40
N VAL C 304 -48.75 6.08 5.73
CA VAL C 304 -47.64 6.17 4.80
C VAL C 304 -47.89 5.24 3.61
N GLU C 305 -48.27 3.98 3.91
CA GLU C 305 -48.44 2.93 2.92
C GLU C 305 -49.55 3.28 1.91
N GLU C 306 -50.61 3.92 2.40
CA GLU C 306 -51.73 4.37 1.58
C GLU C 306 -51.28 5.46 0.60
N THR C 307 -50.46 6.42 1.07
CA THR C 307 -49.97 7.52 0.26
C THR C 307 -49.06 6.98 -0.85
N LEU C 308 -48.21 6.00 -0.49
CA LEU C 308 -47.24 5.38 -1.41
C LEU C 308 -47.96 4.51 -2.42
N SER C 309 -48.77 3.55 -1.94
CA SER C 309 -49.42 2.60 -2.81
C SER C 309 -50.51 3.27 -3.66
N SER C 310 -50.95 4.49 -3.30
CA SER C 310 -51.82 5.30 -4.15
C SER C 310 -51.01 6.18 -5.10
N GLY C 311 -49.68 5.98 -5.15
CA GLY C 311 -48.83 6.55 -6.19
C GLY C 311 -48.35 7.99 -5.89
N GLN C 312 -47.89 8.23 -4.65
CA GLN C 312 -47.39 9.54 -4.26
C GLN C 312 -46.18 9.42 -3.35
N VAL C 313 -45.35 10.47 -3.33
CA VAL C 313 -44.07 10.47 -2.62
C VAL C 313 -44.30 10.90 -1.17
N ILE C 314 -43.41 10.44 -0.27
CA ILE C 314 -43.22 11.07 1.02
C ILE C 314 -42.21 12.21 0.85
N PRO C 315 -42.59 13.50 0.99
CA PRO C 315 -41.70 14.62 0.75
C PRO C 315 -40.56 14.65 1.79
N GLY C 316 -39.39 15.14 1.34
CA GLY C 316 -38.22 15.29 2.17
C GLY C 316 -37.44 13.99 2.35
N TYR C 317 -37.85 12.93 1.62
CA TYR C 317 -37.17 11.65 1.58
C TYR C 317 -36.68 11.41 0.15
N GLY C 318 -35.50 10.81 0.00
CA GLY C 318 -34.89 10.65 -1.31
C GLY C 318 -33.92 11.79 -1.62
N HIS C 319 -33.06 11.57 -2.63
CA HIS C 319 -32.06 12.53 -3.05
C HIS C 319 -31.37 12.02 -4.32
N ALA C 320 -30.82 12.96 -5.11
CA ALA C 320 -30.11 12.63 -6.32
C ALA C 320 -28.79 11.89 -6.03
N VAL C 321 -28.16 12.16 -4.87
CA VAL C 321 -26.80 11.72 -4.60
C VAL C 321 -26.73 10.96 -3.27
N LEU C 322 -27.35 11.49 -2.20
CA LEU C 322 -27.40 10.81 -0.92
C LEU C 322 -28.06 9.43 -1.07
N ARG C 323 -27.48 8.42 -0.39
CA ARG C 323 -28.04 7.08 -0.32
C ARG C 323 -28.29 6.65 1.13
N LYS C 324 -27.87 7.46 2.10
CA LYS C 324 -28.18 7.23 3.50
C LYS C 324 -28.81 8.47 4.12
N THR C 325 -29.12 8.37 5.42
CA THR C 325 -29.64 9.48 6.20
C THR C 325 -28.71 10.68 6.02
N ASP C 326 -29.31 11.86 5.77
CA ASP C 326 -28.59 13.12 5.65
C ASP C 326 -28.10 13.55 7.03
N PRO C 327 -26.78 13.73 7.27
CA PRO C 327 -26.30 14.21 8.57
C PRO C 327 -26.78 15.63 8.89
N ARG C 328 -27.20 16.38 7.87
CA ARG C 328 -27.79 17.71 8.07
C ARG C 328 -29.15 17.54 8.75
N TYR C 329 -29.92 16.52 8.30
CA TYR C 329 -31.18 16.14 8.95
C TYR C 329 -30.92 15.78 10.43
N VAL C 330 -29.87 15.01 10.70
CA VAL C 330 -29.56 14.54 12.04
C VAL C 330 -29.27 15.72 12.98
N ALA C 331 -28.52 16.71 12.50
CA ALA C 331 -28.18 17.88 13.30
C ALA C 331 -29.43 18.70 13.63
N GLN C 332 -30.36 18.79 12.68
CA GLN C 332 -31.64 19.47 12.90
C GLN C 332 -32.41 18.74 13.99
N ARG C 333 -32.42 17.41 13.91
CA ARG C 333 -33.12 16.54 14.85
C ARG C 333 -32.59 16.75 16.27
N GLU C 334 -31.27 16.78 16.43
CA GLU C 334 -30.67 16.97 17.74
C GLU C 334 -31.10 18.30 18.34
N PHE C 335 -31.22 19.33 17.48
CA PHE C 335 -31.66 20.64 17.93
C PHE C 335 -33.11 20.60 18.40
N ALA C 336 -33.97 19.91 17.64
CA ALA C 336 -35.38 19.84 17.94
C ALA C 336 -35.65 19.03 19.22
N LEU C 337 -34.92 17.92 19.39
CA LEU C 337 -35.04 17.09 20.59
C LEU C 337 -34.75 17.94 21.82
N LYS C 338 -33.70 18.77 21.75
CA LYS C 338 -33.33 19.65 22.85
C LYS C 338 -34.38 20.72 23.12
N HIS C 339 -34.87 21.40 22.06
CA HIS C 339 -35.49 22.71 22.25
C HIS C 339 -37.01 22.67 22.06
N MET C 340 -37.55 21.64 21.39
CA MET C 340 -38.97 21.61 21.11
C MET C 340 -39.47 20.16 21.04
N PRO C 341 -39.20 19.32 22.08
CA PRO C 341 -39.56 17.90 22.01
C PRO C 341 -41.08 17.66 21.97
N ASP C 342 -41.85 18.61 22.54
CA ASP C 342 -43.30 18.47 22.65
C ASP C 342 -44.04 19.16 21.51
N ASP C 343 -43.32 19.74 20.54
CA ASP C 343 -43.97 20.40 19.42
C ASP C 343 -44.70 19.35 18.59
N PRO C 344 -46.02 19.52 18.34
CA PRO C 344 -46.80 18.52 17.60
C PRO C 344 -46.23 18.17 16.22
N ILE C 345 -45.76 19.18 15.48
CA ILE C 345 -45.27 18.99 14.13
C ILE C 345 -43.96 18.22 14.17
N PHE C 346 -43.08 18.55 15.14
CA PHE C 346 -41.84 17.83 15.31
C PHE C 346 -42.12 16.35 15.61
N GLN C 347 -43.14 16.09 16.43
CA GLN C 347 -43.45 14.71 16.83
C GLN C 347 -43.77 13.89 15.59
N VAL C 348 -44.52 14.45 14.63
CA VAL C 348 -44.80 13.77 13.39
C VAL C 348 -43.53 13.56 12.57
N VAL C 349 -42.64 14.58 12.55
CA VAL C 349 -41.37 14.50 11.85
C VAL C 349 -40.54 13.35 12.42
N SER C 350 -40.44 13.32 13.76
CA SER C 350 -39.72 12.28 14.50
C SER C 350 -40.24 10.88 14.16
N MET C 351 -41.56 10.71 14.25
CA MET C 351 -42.19 9.43 13.99
C MET C 351 -42.02 9.00 12.53
N LEU C 352 -42.05 9.97 11.61
CA LEU C 352 -41.81 9.69 10.20
C LEU C 352 -40.39 9.13 10.01
N TYR C 353 -39.43 9.62 10.81
CA TYR C 353 -38.06 9.15 10.76
C TYR C 353 -38.01 7.64 10.99
N GLU C 354 -38.79 7.19 11.97
CA GLU C 354 -38.82 5.78 12.38
C GLU C 354 -39.50 4.91 11.32
N VAL C 355 -40.68 5.34 10.87
CA VAL C 355 -41.60 4.46 10.17
C VAL C 355 -41.33 4.47 8.66
N VAL C 356 -40.85 5.59 8.09
CA VAL C 356 -40.84 5.75 6.64
C VAL C 356 -39.68 5.00 5.98
N PRO C 357 -38.42 5.00 6.52
CA PRO C 357 -37.33 4.26 5.89
C PRO C 357 -37.58 2.75 5.74
N PRO C 358 -37.97 1.98 6.79
CA PRO C 358 -38.35 0.58 6.61
C PRO C 358 -39.31 0.32 5.45
N ILE C 359 -40.33 1.17 5.32
CA ILE C 359 -41.39 1.03 4.31
C ILE C 359 -40.87 1.32 2.91
N LEU C 360 -40.08 2.39 2.75
CA LEU C 360 -39.52 2.78 1.45
C LEU C 360 -38.49 1.75 0.99
N SER C 361 -37.81 1.11 1.95
CA SER C 361 -36.83 0.07 1.68
C SER C 361 -37.51 -1.19 1.12
N SER C 362 -38.60 -1.65 1.77
CA SER C 362 -39.43 -2.75 1.30
C SER C 362 -39.77 -2.59 -0.17
N LEU C 363 -40.42 -1.47 -0.53
CA LEU C 363 -40.85 -1.22 -1.89
C LEU C 363 -39.65 -1.12 -2.84
N GLY C 364 -38.46 -0.81 -2.28
CA GLY C 364 -37.18 -0.92 -2.97
C GLY C 364 -37.09 -0.13 -4.28
N LYS C 365 -37.81 0.99 -4.36
CA LYS C 365 -37.97 1.74 -5.61
C LYS C 365 -37.24 3.08 -5.54
N VAL C 366 -37.10 3.69 -4.34
CA VAL C 366 -36.35 4.93 -4.21
C VAL C 366 -34.91 4.57 -3.81
N LYS C 367 -33.93 5.10 -4.57
CA LYS C 367 -32.53 4.76 -4.38
C LYS C 367 -32.04 5.29 -3.02
N ASP C 368 -32.71 6.31 -2.45
CA ASP C 368 -32.39 6.85 -1.13
C ASP C 368 -33.64 6.77 -0.23
N PRO C 369 -33.86 5.63 0.48
CA PRO C 369 -35.02 5.47 1.36
C PRO C 369 -34.81 6.06 2.75
N TRP C 370 -34.47 7.36 2.78
CA TRP C 370 -34.01 8.03 3.99
C TRP C 370 -34.31 9.53 3.90
N PRO C 371 -34.35 10.27 5.03
CA PRO C 371 -34.63 11.70 5.02
C PRO C 371 -33.45 12.55 4.52
N ASN C 372 -33.75 13.71 3.93
CA ASN C 372 -32.78 14.80 3.73
C ASN C 372 -33.18 15.95 4.66
N VAL C 373 -32.36 17.03 4.71
CA VAL C 373 -32.62 18.13 5.64
C VAL C 373 -34.03 18.66 5.51
N ASP C 374 -34.54 18.69 4.27
CA ASP C 374 -35.80 19.38 3.97
C ASP C 374 -36.96 18.71 4.74
N ALA C 375 -36.76 17.46 5.16
CA ALA C 375 -37.72 16.78 6.03
C ALA C 375 -37.78 17.41 7.42
N HIS C 376 -36.74 18.16 7.84
CA HIS C 376 -36.66 18.62 9.22
C HIS C 376 -36.73 20.16 9.40
N SER C 377 -36.33 20.94 8.39
CA SER C 377 -36.02 22.36 8.61
C SER C 377 -37.27 23.15 8.97
N GLY C 378 -38.38 22.82 8.29
CA GLY C 378 -39.62 23.58 8.38
C GLY C 378 -40.27 23.57 9.77
N CYS C 379 -40.24 22.41 10.46
CA CYS C 379 -40.89 22.35 11.77
C CYS C 379 -40.16 23.28 12.75
N ILE C 380 -38.84 23.44 12.56
CA ILE C 380 -38.05 24.31 13.43
C ILE C 380 -38.39 25.79 13.12
N GLN C 381 -38.43 26.16 11.84
CA GLN C 381 -38.75 27.53 11.47
C GLN C 381 -40.16 27.88 11.97
N TRP C 382 -41.11 26.99 11.70
CA TRP C 382 -42.51 27.18 12.08
C TRP C 382 -42.64 27.35 13.59
N HIS C 383 -41.93 26.51 14.35
CA HIS C 383 -42.00 26.56 15.81
C HIS C 383 -41.70 27.96 16.31
N TYR C 384 -40.72 28.64 15.70
CA TYR C 384 -40.26 29.94 16.18
C TYR C 384 -41.02 31.09 15.50
N GLY C 385 -42.06 30.77 14.72
CA GLY C 385 -42.97 31.79 14.19
C GLY C 385 -42.60 32.31 12.80
N VAL C 386 -41.63 31.65 12.14
CA VAL C 386 -41.38 31.91 10.73
C VAL C 386 -42.37 31.03 9.95
N VAL C 387 -43.56 31.60 9.73
CA VAL C 387 -44.68 30.87 9.15
C VAL C 387 -44.74 31.16 7.65
N GLU C 388 -43.88 32.07 7.15
CA GLU C 388 -43.97 32.56 5.79
C GLU C 388 -43.16 31.64 4.87
N TYR C 389 -43.84 30.59 4.40
CA TYR C 389 -43.25 29.48 3.67
C TYR C 389 -42.30 29.91 2.54
N ASP C 390 -42.74 30.87 1.71
CA ASP C 390 -41.95 31.27 0.55
C ASP C 390 -40.57 31.79 0.95
N PHE C 391 -40.49 32.40 2.14
CA PHE C 391 -39.25 32.98 2.63
C PHE C 391 -38.22 31.90 3.01
N TYR C 392 -38.64 30.64 3.24
CA TYR C 392 -37.71 29.63 3.69
C TYR C 392 -36.52 29.50 2.73
N THR C 393 -36.81 29.63 1.43
CA THR C 393 -35.78 29.49 0.41
C THR C 393 -34.76 30.63 0.51
N VAL C 394 -35.18 31.80 0.99
CA VAL C 394 -34.24 32.90 1.17
C VAL C 394 -33.25 32.53 2.29
N LEU C 395 -33.72 31.88 3.37
CA LEU C 395 -32.82 31.39 4.42
C LEU C 395 -31.76 30.48 3.81
N PHE C 396 -32.21 29.56 2.93
CA PHE C 396 -31.33 28.64 2.23
C PHE C 396 -30.28 29.42 1.43
N GLY C 397 -30.73 30.45 0.68
CA GLY C 397 -29.87 31.27 -0.13
C GLY C 397 -28.79 32.02 0.67
N ILE C 398 -29.15 32.47 1.88
CA ILE C 398 -28.17 33.14 2.74
C ILE C 398 -27.10 32.12 3.13
N GLY C 399 -27.54 30.94 3.59
CA GLY C 399 -26.65 29.89 4.03
C GLY C 399 -25.70 29.40 2.93
N ARG C 400 -26.28 29.09 1.76
CA ARG C 400 -25.55 28.46 0.67
C ARG C 400 -24.46 29.39 0.13
N ALA C 401 -24.57 30.69 0.39
CA ALA C 401 -23.56 31.62 -0.10
C ALA C 401 -22.22 31.37 0.58
N LEU C 402 -22.22 30.84 1.82
CA LEU C 402 -20.98 30.58 2.54
C LEU C 402 -20.05 29.68 1.73
N GLY C 403 -20.58 28.55 1.26
CA GLY C 403 -19.81 27.62 0.47
C GLY C 403 -19.60 28.10 -0.96
N VAL C 404 -20.66 28.62 -1.58
CA VAL C 404 -20.57 28.99 -2.98
C VAL C 404 -19.58 30.14 -3.19
N LEU C 405 -19.61 31.17 -2.34
CA LEU C 405 -18.68 32.29 -2.52
C LEU C 405 -17.24 31.83 -2.24
N ALA C 406 -17.05 30.96 -1.24
CA ALA C 406 -15.74 30.35 -1.00
C ALA C 406 -15.28 29.62 -2.27
N ASN C 407 -16.20 28.86 -2.90
CA ASN C 407 -15.89 28.12 -4.11
C ASN C 407 -15.49 29.05 -5.26
N LEU C 408 -16.14 30.23 -5.40
CA LEU C 408 -15.82 31.11 -6.52
C LEU C 408 -14.43 31.71 -6.35
N VAL C 409 -14.06 32.01 -5.10
CA VAL C 409 -12.72 32.54 -4.83
C VAL C 409 -11.68 31.52 -5.32
N TRP C 410 -11.92 30.24 -5.01
CA TRP C 410 -11.01 29.16 -5.36
C TRP C 410 -11.02 28.86 -6.85
N ASP C 411 -12.20 28.94 -7.49
CA ASP C 411 -12.24 28.77 -8.93
C ASP C 411 -11.29 29.77 -9.59
N ARG C 412 -11.29 31.03 -9.10
CA ARG C 412 -10.42 32.04 -9.68
C ARG C 412 -8.97 31.82 -9.23
N ALA C 413 -8.76 31.36 -7.99
CA ALA C 413 -7.42 31.10 -7.48
C ALA C 413 -6.74 30.06 -8.36
N LEU C 414 -7.47 29.00 -8.73
CA LEU C 414 -6.94 27.87 -9.48
C LEU C 414 -7.11 28.06 -10.97
N GLY C 415 -7.69 29.20 -11.41
CA GLY C 415 -7.80 29.51 -12.83
C GLY C 415 -8.65 28.49 -13.59
N TYR C 416 -9.69 27.94 -12.97
CA TYR C 416 -10.57 27.01 -13.66
C TYR C 416 -11.19 27.69 -14.88
N ALA C 417 -11.21 26.93 -15.98
CA ALA C 417 -11.56 27.46 -17.28
C ALA C 417 -13.07 27.57 -17.41
N ILE C 418 -13.50 28.29 -18.45
CA ILE C 418 -14.91 28.44 -18.75
C ILE C 418 -15.52 27.04 -18.87
N GLU C 419 -16.69 26.85 -18.23
CA GLU C 419 -17.44 25.61 -18.35
C GLU C 419 -18.22 25.64 -19.66
N ARG C 420 -17.93 24.67 -20.53
CA ARG C 420 -18.49 24.62 -21.87
C ARG C 420 -18.46 23.17 -22.36
N PRO C 421 -19.40 22.32 -21.90
CA PRO C 421 -19.54 20.97 -22.45
C PRO C 421 -20.13 21.04 -23.86
N LYS C 422 -20.24 19.87 -24.49
CA LYS C 422 -20.70 19.75 -25.87
C LYS C 422 -22.12 19.16 -25.87
N SER C 423 -22.98 19.72 -26.74
CA SER C 423 -24.33 19.20 -26.95
C SER C 423 -24.33 18.13 -28.04
N VAL C 424 -25.33 17.25 -27.97
CA VAL C 424 -25.64 16.31 -29.04
C VAL C 424 -27.14 16.37 -29.29
N THR C 425 -27.57 15.97 -30.50
CA THR C 425 -28.97 15.87 -30.87
C THR C 425 -29.54 14.49 -30.54
N THR C 426 -30.88 14.40 -30.58
CA THR C 426 -31.58 13.12 -30.44
C THR C 426 -31.19 12.18 -31.58
N ASP C 427 -31.04 12.72 -32.81
CA ASP C 427 -30.59 11.95 -33.96
C ASP C 427 -29.25 11.28 -33.68
N MET C 428 -28.32 12.04 -33.09
CA MET C 428 -26.99 11.55 -32.80
C MET C 428 -27.06 10.44 -31.75
N LEU C 429 -27.96 10.56 -30.77
CA LEU C 429 -28.13 9.53 -29.75
C LEU C 429 -28.70 8.26 -30.39
N GLU C 430 -29.63 8.45 -31.33
CA GLU C 430 -30.24 7.36 -32.06
C GLU C 430 -29.19 6.64 -32.92
N LYS C 431 -28.31 7.40 -33.57
CA LYS C 431 -27.20 6.84 -34.33
C LYS C 431 -26.34 5.95 -33.42
N TRP C 432 -25.90 6.49 -32.26
CA TRP C 432 -25.06 5.72 -31.35
C TRP C 432 -25.78 4.50 -30.79
N ALA C 433 -27.11 4.58 -30.67
CA ALA C 433 -27.90 3.49 -30.13
C ALA C 433 -28.12 2.38 -31.17
N GLY C 434 -27.84 2.70 -32.45
CA GLY C 434 -28.01 1.76 -33.56
C GLY C 434 -29.42 1.75 -34.14
N ILE C 435 -30.22 2.80 -33.87
CA ILE C 435 -31.54 2.94 -34.47
C ILE C 435 -31.40 3.58 -35.84
N LYS C 436 -32.27 3.15 -36.79
CA LYS C 436 -32.05 3.36 -38.22
C LYS C 436 -32.31 4.82 -38.59
N SER D 2 -53.71 28.67 -30.74
CA SER D 2 -52.96 29.19 -31.89
C SER D 2 -52.46 28.02 -32.72
N PHE D 3 -52.26 28.28 -34.02
CA PHE D 3 -51.70 27.30 -34.94
C PHE D 3 -50.30 26.90 -34.46
N LEU D 4 -49.51 27.87 -34.00
CA LEU D 4 -48.14 27.60 -33.55
C LEU D 4 -48.17 26.62 -32.38
N LYS D 5 -49.07 26.86 -31.41
CA LYS D 5 -49.10 26.03 -30.22
C LYS D 5 -49.56 24.61 -30.56
N GLU D 6 -50.52 24.49 -31.49
CA GLU D 6 -51.03 23.19 -31.92
C GLU D 6 -49.96 22.45 -32.72
N LYS D 7 -49.21 23.18 -33.55
CA LYS D 7 -48.13 22.60 -34.33
C LYS D 7 -47.07 22.04 -33.38
N LEU D 8 -46.77 22.82 -32.34
CA LEU D 8 -45.77 22.43 -31.38
C LEU D 8 -46.24 21.21 -30.60
N ALA D 9 -47.53 21.16 -30.26
CA ALA D 9 -48.11 20.00 -29.59
C ALA D 9 -47.92 18.74 -30.43
N GLU D 10 -48.11 18.83 -31.76
CA GLU D 10 -47.93 17.69 -32.65
C GLU D 10 -46.48 17.22 -32.59
N LYS D 11 -45.54 18.17 -32.75
CA LYS D 11 -44.12 17.82 -32.78
C LYS D 11 -43.70 17.16 -31.48
N ILE D 12 -44.28 17.61 -30.35
CA ILE D 12 -43.94 17.04 -29.06
C ILE D 12 -44.47 15.60 -28.98
N ALA D 13 -45.71 15.37 -29.46
CA ALA D 13 -46.30 14.04 -29.45
C ALA D 13 -45.43 13.04 -30.23
N GLN D 14 -44.86 13.48 -31.36
CA GLN D 14 -44.01 12.65 -32.19
C GLN D 14 -42.63 12.44 -31.54
N HIS D 15 -42.12 13.45 -30.86
CA HIS D 15 -40.74 13.38 -30.38
C HIS D 15 -40.64 12.59 -29.08
N ARG D 16 -41.62 12.71 -28.18
CA ARG D 16 -41.52 12.13 -26.84
C ARG D 16 -41.19 10.64 -26.90
N PRO D 17 -41.89 9.80 -27.71
CA PRO D 17 -41.60 8.36 -27.76
C PRO D 17 -40.14 8.05 -28.07
N ARG D 18 -39.50 8.86 -28.94
CA ARG D 18 -38.08 8.71 -29.26
C ARG D 18 -37.21 8.86 -28.02
N THR D 19 -37.52 9.84 -27.18
CA THR D 19 -36.76 10.11 -25.97
C THR D 19 -36.99 8.97 -24.97
N THR D 20 -38.26 8.55 -24.83
CA THR D 20 -38.65 7.44 -23.96
C THR D 20 -37.89 6.16 -24.33
N ARG D 21 -37.80 5.88 -25.63
CA ARG D 21 -37.15 4.69 -26.14
C ARG D 21 -35.66 4.73 -25.87
N LEU D 22 -35.00 5.88 -26.08
CA LEU D 22 -33.57 5.97 -25.80
C LEU D 22 -33.28 5.66 -24.32
N LEU D 23 -34.16 6.10 -23.42
CA LEU D 23 -33.98 5.86 -22.00
C LEU D 23 -34.33 4.41 -21.66
N LYS D 24 -35.40 3.87 -22.25
CA LYS D 24 -35.90 2.57 -21.86
C LYS D 24 -34.98 1.46 -22.38
N GLU D 25 -34.59 1.52 -23.65
CA GLU D 25 -33.87 0.45 -24.33
C GLU D 25 -32.36 0.70 -24.33
N PHE D 26 -31.90 1.96 -24.43
CA PHE D 26 -30.50 2.25 -24.78
C PHE D 26 -29.83 3.16 -23.75
N GLY D 27 -30.37 3.19 -22.52
CA GLY D 27 -29.89 4.05 -21.46
C GLY D 27 -28.40 3.89 -21.18
N ASN D 28 -27.87 2.66 -21.33
CA ASN D 28 -26.53 2.34 -20.86
C ASN D 28 -25.51 2.41 -21.98
N VAL D 29 -25.93 2.79 -23.19
CA VAL D 29 -25.00 2.96 -24.29
C VAL D 29 -24.06 4.14 -23.98
N LYS D 30 -22.76 3.88 -24.07
CA LYS D 30 -21.73 4.87 -23.77
C LYS D 30 -21.59 5.81 -24.97
N ILE D 31 -21.56 7.13 -24.69
CA ILE D 31 -21.38 8.11 -25.76
C ILE D 31 -20.10 8.91 -25.56
N ASP D 32 -19.50 8.88 -24.35
CA ASP D 32 -18.25 9.60 -24.17
C ASP D 32 -17.57 9.14 -22.89
N GLU D 33 -16.39 9.68 -22.62
CA GLU D 33 -15.78 9.54 -21.32
C GLU D 33 -15.28 10.88 -20.80
N VAL D 34 -14.91 10.89 -19.52
CA VAL D 34 -14.44 12.08 -18.82
C VAL D 34 -13.02 11.83 -18.29
N THR D 35 -12.11 12.75 -18.61
CA THR D 35 -10.74 12.70 -18.10
C THR D 35 -10.54 13.76 -17.01
N ILE D 36 -9.41 13.64 -16.30
CA ILE D 36 -9.02 14.59 -15.26
C ILE D 36 -8.94 16.00 -15.86
N SER D 37 -8.32 16.09 -17.04
CA SER D 37 -8.18 17.33 -17.79
C SER D 37 -9.50 18.06 -17.97
N GLN D 38 -10.54 17.29 -18.31
CA GLN D 38 -11.84 17.80 -18.68
C GLN D 38 -12.63 18.23 -17.44
N ALA D 39 -12.49 17.49 -16.34
CA ALA D 39 -13.15 17.82 -15.09
C ALA D 39 -12.58 19.13 -14.53
N ILE D 40 -11.24 19.25 -14.55
CA ILE D 40 -10.58 20.49 -14.15
C ILE D 40 -10.87 21.60 -15.17
N GLY D 41 -10.98 21.25 -16.46
CA GLY D 41 -10.99 22.25 -17.53
C GLY D 41 -12.39 22.56 -18.06
N GLY D 42 -13.37 22.63 -17.16
CA GLY D 42 -14.68 23.19 -17.50
C GLY D 42 -15.48 22.26 -18.42
N MET D 43 -15.43 20.96 -18.13
CA MET D 43 -16.13 19.93 -18.89
C MET D 43 -15.81 19.99 -20.38
N ARG D 44 -14.64 20.50 -20.76
CA ARG D 44 -14.35 20.79 -22.16
C ARG D 44 -14.56 19.54 -23.02
N GLY D 45 -15.45 19.63 -24.00
CA GLY D 45 -15.63 18.59 -25.01
C GLY D 45 -16.51 17.42 -24.56
N ILE D 46 -16.96 17.41 -23.30
CA ILE D 46 -17.77 16.30 -22.79
C ILE D 46 -19.17 16.38 -23.38
N LYS D 47 -19.60 15.30 -24.04
CA LYS D 47 -20.93 15.22 -24.64
C LYS D 47 -21.91 14.79 -23.56
N SER D 48 -22.49 15.80 -22.87
CA SER D 48 -23.27 15.58 -21.66
C SER D 48 -24.58 16.39 -21.67
N LEU D 49 -24.91 17.01 -22.83
CA LEU D 49 -26.13 17.80 -22.97
C LEU D 49 -26.83 17.41 -24.25
N VAL D 50 -28.17 17.48 -24.22
CA VAL D 50 -29.01 17.14 -25.35
C VAL D 50 -29.93 18.31 -25.69
N THR D 51 -29.88 18.76 -26.94
CA THR D 51 -30.79 19.75 -27.48
C THR D 51 -31.01 19.45 -28.95
N ASP D 52 -32.18 19.80 -29.50
CA ASP D 52 -32.44 19.69 -30.93
C ASP D 52 -32.63 21.05 -31.60
N ILE D 53 -32.53 22.15 -30.83
CA ILE D 53 -32.81 23.48 -31.37
C ILE D 53 -31.74 23.79 -32.40
N SER D 54 -30.50 23.54 -32.01
CA SER D 54 -29.37 23.77 -32.87
C SER D 54 -28.26 22.80 -32.50
N TYR D 55 -27.30 22.66 -33.40
CA TYR D 55 -26.16 21.76 -33.22
C TYR D 55 -24.92 22.45 -33.75
N LEU D 56 -23.89 22.54 -32.90
CA LEU D 56 -22.64 23.16 -33.29
C LEU D 56 -21.66 22.09 -33.78
N ASP D 57 -21.47 22.03 -35.10
CA ASP D 57 -20.43 21.20 -35.70
C ASP D 57 -19.10 21.97 -35.62
N PRO D 58 -18.00 21.39 -35.07
CA PRO D 58 -16.70 22.08 -35.05
C PRO D 58 -16.18 22.57 -36.41
N GLU D 59 -16.52 21.85 -37.49
CA GLU D 59 -16.00 22.15 -38.83
C GLU D 59 -16.96 23.04 -39.61
N GLU D 60 -18.27 22.71 -39.62
CA GLU D 60 -19.26 23.41 -40.43
CA GLU D 60 -19.26 23.41 -40.43
C GLU D 60 -19.88 24.59 -39.66
N GLY D 61 -19.70 24.60 -38.33
CA GLY D 61 -20.35 25.61 -37.49
C GLY D 61 -21.80 25.26 -37.17
N ILE D 62 -22.59 26.29 -36.88
CA ILE D 62 -23.91 26.10 -36.30
C ILE D 62 -24.91 25.71 -37.38
N ARG D 63 -25.78 24.74 -37.06
CA ARG D 63 -26.99 24.47 -37.81
C ARG D 63 -28.20 24.68 -36.92
N PHE D 64 -29.19 25.41 -37.42
CA PHE D 64 -30.45 25.65 -36.71
C PHE D 64 -31.51 24.69 -37.23
N ARG D 65 -31.88 23.70 -36.41
CA ARG D 65 -32.89 22.72 -36.79
C ARG D 65 -32.48 22.04 -38.09
N GLY D 66 -31.21 21.69 -38.22
CA GLY D 66 -30.70 21.00 -39.41
C GLY D 66 -30.22 21.96 -40.49
N TYR D 67 -30.63 23.24 -40.48
CA TYR D 67 -30.32 24.16 -41.56
C TYR D 67 -29.05 24.98 -41.30
N THR D 68 -28.30 25.27 -42.36
CA THR D 68 -27.18 26.18 -42.29
C THR D 68 -27.71 27.62 -42.24
N ILE D 69 -26.82 28.56 -41.93
CA ILE D 69 -27.18 29.96 -41.88
C ILE D 69 -27.58 30.46 -43.28
N PRO D 70 -26.81 30.21 -44.37
CA PRO D 70 -27.27 30.61 -45.71
C PRO D 70 -28.67 30.06 -46.02
N GLU D 71 -28.94 28.83 -45.60
CA GLU D 71 -30.25 28.20 -45.82
C GLU D 71 -31.36 28.92 -45.04
N VAL D 72 -31.10 29.23 -43.78
CA VAL D 72 -32.06 29.93 -42.94
C VAL D 72 -32.40 31.29 -43.56
N LEU D 73 -31.36 32.06 -43.92
CA LEU D 73 -31.56 33.41 -44.45
C LEU D 73 -32.27 33.36 -45.80
N GLU D 74 -32.06 32.27 -46.55
CA GLU D 74 -32.64 32.06 -47.86
C GLU D 74 -34.12 31.70 -47.72
N LYS D 75 -34.46 30.78 -46.80
CA LYS D 75 -35.78 30.16 -46.79
C LYS D 75 -36.81 30.93 -45.95
N LEU D 76 -36.37 31.67 -44.92
CA LEU D 76 -37.32 32.30 -44.01
C LEU D 76 -38.01 33.43 -44.76
N PRO D 77 -39.34 33.65 -44.60
CA PRO D 77 -40.00 34.80 -45.22
C PRO D 77 -39.36 36.13 -44.81
N LYS D 78 -39.23 37.04 -45.79
CA LYS D 78 -38.55 38.32 -45.63
C LYS D 78 -39.56 39.40 -45.27
N VAL D 79 -39.07 40.45 -44.60
CA VAL D 79 -39.93 41.58 -44.32
C VAL D 79 -40.10 42.35 -45.62
N PRO D 80 -41.35 42.67 -46.05
CA PRO D 80 -41.56 43.49 -47.24
C PRO D 80 -40.81 44.82 -47.15
N GLY D 81 -40.02 45.12 -48.19
CA GLY D 81 -39.28 46.38 -48.23
C GLY D 81 -37.90 46.28 -47.60
N ALA D 82 -37.54 45.09 -47.11
CA ALA D 82 -36.29 44.89 -46.40
C ALA D 82 -35.62 43.61 -46.93
N GLU D 83 -34.37 43.42 -46.53
CA GLU D 83 -33.50 42.37 -47.02
C GLU D 83 -33.60 41.12 -46.15
N MET D 84 -33.92 41.27 -44.85
CA MET D 84 -33.71 40.17 -43.91
C MET D 84 -35.02 39.53 -43.49
N PRO D 85 -35.00 38.28 -42.97
CA PRO D 85 -36.21 37.63 -42.49
C PRO D 85 -36.87 38.32 -41.28
N TYR D 86 -38.16 38.09 -41.11
CA TYR D 86 -38.81 38.27 -39.83
C TYR D 86 -38.08 37.40 -38.79
N VAL D 87 -37.73 38.01 -37.66
CA VAL D 87 -37.10 37.29 -36.57
C VAL D 87 -38.14 36.30 -36.02
N GLU D 88 -39.42 36.71 -36.05
CA GLU D 88 -40.52 35.88 -35.60
C GLU D 88 -40.56 34.55 -36.36
N GLY D 89 -40.19 34.59 -37.65
CA GLY D 89 -40.14 33.40 -38.48
C GLY D 89 -39.02 32.45 -38.06
N HIS D 90 -37.88 33.03 -37.65
CA HIS D 90 -36.80 32.22 -37.10
C HIS D 90 -37.23 31.59 -35.78
N PHE D 91 -38.00 32.32 -34.96
CA PHE D 91 -38.48 31.76 -33.71
C PHE D 91 -39.40 30.56 -33.97
N TYR D 92 -40.28 30.70 -34.99
CA TYR D 92 -41.17 29.63 -35.39
C TYR D 92 -40.35 28.39 -35.75
N LEU D 93 -39.30 28.59 -36.56
CA LEU D 93 -38.41 27.52 -36.98
C LEU D 93 -37.76 26.84 -35.78
N LEU D 94 -37.19 27.63 -34.85
CA LEU D 94 -36.52 27.03 -33.71
C LEU D 94 -37.51 26.24 -32.86
N LEU D 95 -38.75 26.73 -32.71
CA LEU D 95 -39.74 26.05 -31.89
C LEU D 95 -40.25 24.75 -32.53
N THR D 96 -40.49 24.77 -33.85
CA THR D 96 -41.23 23.69 -34.51
C THR D 96 -40.32 22.77 -35.32
N GLY D 97 -39.19 23.27 -35.82
CA GLY D 97 -38.38 22.56 -36.80
C GLY D 97 -38.80 22.83 -38.25
N ASP D 98 -39.93 23.53 -38.46
CA ASP D 98 -40.46 23.82 -39.79
C ASP D 98 -40.18 25.27 -40.20
N VAL D 99 -39.84 25.45 -41.48
CA VAL D 99 -39.82 26.77 -42.09
C VAL D 99 -41.26 27.27 -42.20
N PRO D 100 -41.61 28.44 -41.63
CA PRO D 100 -42.99 28.90 -41.66
C PRO D 100 -43.36 29.47 -43.03
N THR D 101 -44.65 29.33 -43.37
CA THR D 101 -45.24 30.10 -44.46
C THR D 101 -45.38 31.55 -44.03
N GLU D 102 -45.64 32.43 -45.00
CA GLU D 102 -45.91 33.82 -44.74
C GLU D 102 -47.07 33.93 -43.74
N LYS D 103 -48.12 33.13 -43.94
CA LYS D 103 -49.27 33.12 -43.05
C LYS D 103 -48.84 32.76 -41.63
N GLU D 104 -47.90 31.83 -41.48
CA GLU D 104 -47.53 31.31 -40.17
C GLU D 104 -46.66 32.33 -39.41
N VAL D 105 -45.78 33.03 -40.12
CA VAL D 105 -44.95 34.08 -39.54
C VAL D 105 -45.83 35.22 -39.07
N LYS D 106 -46.83 35.59 -39.88
CA LYS D 106 -47.71 36.71 -39.55
C LYS D 106 -48.44 36.42 -38.25
N GLU D 107 -48.79 35.17 -38.01
CA GLU D 107 -49.50 34.79 -36.79
C GLU D 107 -48.60 35.01 -35.57
N VAL D 108 -47.30 34.71 -35.71
CA VAL D 108 -46.35 34.92 -34.62
C VAL D 108 -46.14 36.42 -34.43
N ALA D 109 -46.00 37.16 -35.53
CA ALA D 109 -45.79 38.60 -35.50
C ALA D 109 -46.97 39.29 -34.81
N GLU D 110 -48.20 38.82 -35.06
CA GLU D 110 -49.40 39.39 -34.46
C GLU D 110 -49.43 39.10 -32.97
N GLU D 111 -49.00 37.90 -32.58
CA GLU D 111 -49.00 37.49 -31.19
C GLU D 111 -47.95 38.29 -30.41
N PHE D 112 -46.79 38.54 -31.03
CA PHE D 112 -45.74 39.37 -30.44
C PHE D 112 -46.21 40.80 -30.26
N LYS D 113 -46.98 41.34 -31.21
CA LYS D 113 -47.54 42.67 -31.10
C LYS D 113 -48.42 42.76 -29.86
N LYS D 114 -49.18 41.70 -29.58
CA LYS D 114 -50.08 41.72 -28.43
C LYS D 114 -49.31 41.61 -27.12
N ARG D 115 -48.09 41.08 -27.15
CA ARG D 115 -47.39 40.75 -25.91
C ARG D 115 -46.20 41.67 -25.67
N ARG D 116 -45.94 42.68 -26.52
CA ARG D 116 -44.66 43.37 -26.46
C ARG D 116 -44.59 44.51 -25.43
N ALA D 117 -45.73 44.95 -24.87
CA ALA D 117 -45.71 46.09 -23.94
C ALA D 117 -44.98 45.74 -22.65
N LEU D 118 -44.18 46.68 -22.16
CA LEU D 118 -43.34 46.54 -20.98
C LEU D 118 -44.12 46.93 -19.72
N PRO D 119 -44.22 46.06 -18.68
CA PRO D 119 -44.80 46.48 -17.41
C PRO D 119 -44.15 47.76 -16.89
N GLU D 120 -44.96 48.71 -16.39
CA GLU D 120 -44.45 49.98 -15.90
C GLU D 120 -43.50 49.75 -14.72
N TYR D 121 -43.76 48.77 -13.85
CA TYR D 121 -42.90 48.51 -12.70
C TYR D 121 -41.50 48.06 -13.14
N VAL D 122 -41.35 47.58 -14.38
CA VAL D 122 -40.01 47.28 -14.88
C VAL D 122 -39.22 48.60 -15.05
N LYS D 123 -39.86 49.61 -15.62
CA LYS D 123 -39.27 50.92 -15.75
C LYS D 123 -39.00 51.52 -14.38
N ASP D 124 -39.93 51.38 -13.43
CA ASP D 124 -39.74 51.88 -12.07
C ASP D 124 -38.50 51.24 -11.46
N THR D 125 -38.34 49.93 -11.64
CA THR D 125 -37.22 49.19 -11.07
C THR D 125 -35.89 49.65 -11.68
N LEU D 126 -35.85 49.85 -12.99
CA LEU D 126 -34.63 50.27 -13.70
C LEU D 126 -34.26 51.71 -13.34
N LYS D 127 -35.26 52.54 -12.99
CA LYS D 127 -34.98 53.89 -12.53
C LYS D 127 -34.46 53.89 -11.10
N ALA D 128 -34.88 52.93 -10.28
CA ALA D 128 -34.45 52.89 -8.89
C ALA D 128 -33.03 52.35 -8.80
N MET D 129 -32.68 51.46 -9.75
CA MET D 129 -31.29 51.05 -9.91
C MET D 129 -30.47 52.25 -10.35
N PRO D 130 -29.28 52.50 -9.75
CA PRO D 130 -28.47 53.64 -10.16
C PRO D 130 -28.25 53.67 -11.67
N ARG D 131 -28.37 54.87 -12.25
CA ARG D 131 -28.28 55.04 -13.69
C ARG D 131 -26.91 54.62 -14.21
N ASP D 132 -25.90 54.57 -13.34
CA ASP D 132 -24.56 54.20 -13.76
C ASP D 132 -24.39 52.68 -13.72
N THR D 133 -25.45 51.94 -13.40
CA THR D 133 -25.46 50.49 -13.50
C THR D 133 -25.25 50.03 -14.95
N HIS D 134 -24.40 48.99 -15.08
CA HIS D 134 -24.09 48.40 -16.37
C HIS D 134 -25.38 47.97 -17.07
N PRO D 135 -25.51 48.16 -18.39
CA PRO D 135 -26.76 47.84 -19.07
C PRO D 135 -27.16 46.36 -19.00
N MET D 136 -26.20 45.44 -18.89
CA MET D 136 -26.48 44.01 -18.75
C MET D 136 -27.03 43.70 -17.38
N THR D 137 -26.63 44.48 -16.37
CA THR D 137 -27.20 44.32 -15.04
C THR D 137 -28.66 44.79 -15.05
N MET D 138 -28.92 45.91 -15.72
CA MET D 138 -30.27 46.39 -15.88
C MET D 138 -31.14 45.37 -16.64
N PHE D 139 -30.55 44.78 -17.69
CA PHE D 139 -31.25 43.86 -18.57
C PHE D 139 -31.67 42.62 -17.79
N ALA D 140 -30.71 42.02 -17.06
CA ALA D 140 -31.00 40.86 -16.25
C ALA D 140 -32.04 41.17 -15.17
N ALA D 141 -32.00 42.39 -14.61
CA ALA D 141 -32.88 42.81 -13.53
C ALA D 141 -34.31 42.97 -14.05
N GLY D 142 -34.43 43.60 -15.22
CA GLY D 142 -35.72 43.76 -15.89
C GLY D 142 -36.43 42.43 -16.18
N ILE D 143 -35.68 41.45 -16.68
CA ILE D 143 -36.18 40.12 -16.93
C ILE D 143 -36.66 39.51 -15.61
N LEU D 144 -35.77 39.57 -14.60
CA LEU D 144 -36.05 38.97 -13.31
C LEU D 144 -37.32 39.55 -12.68
N ALA D 145 -37.49 40.87 -12.73
CA ALA D 145 -38.64 41.52 -12.10
C ALA D 145 -39.94 41.00 -12.67
N MET D 146 -39.95 40.65 -13.98
CA MET D 146 -41.15 40.19 -14.65
C MET D 146 -41.49 38.73 -14.29
N GLN D 147 -40.66 38.08 -13.45
CA GLN D 147 -40.98 36.77 -12.87
C GLN D 147 -42.32 36.80 -12.14
N ARG D 148 -42.71 37.98 -11.66
CA ARG D 148 -44.03 38.23 -11.10
C ARG D 148 -45.16 37.77 -12.03
N GLU D 149 -44.96 37.83 -13.35
CA GLU D 149 -46.00 37.51 -14.31
C GLU D 149 -45.95 36.03 -14.76
N SER D 150 -45.01 35.22 -14.23
CA SER D 150 -44.80 33.87 -14.75
C SER D 150 -46.07 33.02 -14.66
N LYS D 151 -46.53 32.54 -15.82
CA LYS D 151 -47.60 31.57 -15.95
C LYS D 151 -47.16 30.18 -15.48
N PHE D 152 -45.92 29.83 -15.80
CA PHE D 152 -45.35 28.57 -15.35
C PHE D 152 -45.31 28.52 -13.81
N ALA D 153 -44.84 29.60 -13.18
CA ALA D 153 -44.78 29.63 -11.73
C ALA D 153 -46.18 29.57 -11.13
N ALA D 154 -47.17 30.27 -11.71
CA ALA D 154 -48.52 30.26 -11.15
C ALA D 154 -49.14 28.87 -11.28
N TYR D 155 -48.91 28.25 -12.44
CA TYR D 155 -49.30 26.86 -12.70
C TYR D 155 -48.73 25.92 -11.66
N TYR D 156 -47.41 26.00 -11.44
CA TYR D 156 -46.81 25.15 -10.44
C TYR D 156 -47.40 25.43 -9.06
N ASN D 157 -47.53 26.70 -8.68
CA ASN D 157 -47.93 27.09 -7.33
C ASN D 157 -49.38 26.71 -7.07
N ALA D 158 -50.20 26.62 -8.13
CA ALA D 158 -51.60 26.23 -8.02
C ALA D 158 -51.79 24.71 -7.92
N GLY D 159 -50.68 23.94 -7.93
CA GLY D 159 -50.73 22.48 -7.80
C GLY D 159 -51.05 21.77 -9.13
N LYS D 160 -50.88 22.45 -10.28
CA LYS D 160 -51.36 21.91 -11.55
C LYS D 160 -50.27 21.20 -12.33
N PHE D 161 -49.06 21.07 -11.77
CA PHE D 161 -47.98 20.50 -12.53
C PHE D 161 -48.39 19.12 -13.04
N ASN D 162 -48.24 18.92 -14.35
CA ASN D 162 -48.41 17.62 -14.97
C ASN D 162 -47.31 17.50 -16.01
N LYS D 163 -46.57 16.38 -15.99
CA LYS D 163 -45.38 16.27 -16.82
C LYS D 163 -45.75 16.30 -18.30
N ASN D 164 -47.01 16.02 -18.67
CA ASN D 164 -47.38 16.03 -20.08
C ASN D 164 -47.70 17.44 -20.58
N THR D 165 -48.21 18.32 -19.68
CA THR D 165 -48.78 19.61 -20.05
C THR D 165 -47.88 20.79 -19.65
N ALA D 166 -46.79 20.54 -18.88
CA ALA D 166 -45.96 21.60 -18.30
C ALA D 166 -45.33 22.50 -19.38
N TRP D 167 -45.07 21.97 -20.57
CA TRP D 167 -44.51 22.78 -21.65
C TRP D 167 -45.44 23.94 -22.03
N GLU D 168 -46.73 23.82 -21.74
CA GLU D 168 -47.73 24.74 -22.26
C GLU D 168 -47.57 26.12 -21.61
N PRO D 169 -47.60 26.25 -20.27
CA PRO D 169 -47.31 27.54 -19.62
C PRO D 169 -45.87 28.02 -19.85
N MET D 170 -44.93 27.09 -20.05
CA MET D 170 -43.57 27.47 -20.40
C MET D 170 -43.57 28.16 -21.75
N PHE D 171 -44.33 27.62 -22.72
CA PHE D 171 -44.47 28.25 -24.03
C PHE D 171 -45.08 29.66 -23.90
N GLU D 172 -46.08 29.82 -23.05
CA GLU D 172 -46.73 31.12 -22.89
C GLU D 172 -45.74 32.15 -22.34
N ASP D 173 -44.96 31.77 -21.33
CA ASP D 173 -43.92 32.62 -20.77
C ASP D 173 -42.85 32.96 -21.83
N ALA D 174 -42.47 31.95 -22.63
CA ALA D 174 -41.47 32.17 -23.68
C ALA D 174 -41.97 33.22 -24.69
N MET D 175 -43.24 33.12 -25.07
CA MET D 175 -43.82 34.07 -26.04
C MET D 175 -43.87 35.47 -25.41
N ASP D 176 -44.28 35.54 -24.14
CA ASP D 176 -44.42 36.80 -23.43
C ASP D 176 -43.06 37.48 -23.31
N LEU D 177 -42.05 36.72 -22.86
CA LEU D 177 -40.73 37.27 -22.64
C LEU D 177 -40.07 37.63 -23.97
N MET D 178 -40.11 36.74 -24.95
CA MET D 178 -39.46 37.01 -26.22
C MET D 178 -40.03 38.29 -26.86
N ALA D 179 -41.34 38.47 -26.76
CA ALA D 179 -41.98 39.64 -27.35
C ALA D 179 -41.48 40.94 -26.70
N LYS D 180 -41.10 40.89 -25.40
CA LYS D 180 -40.78 42.08 -24.63
C LYS D 180 -39.29 42.40 -24.61
N LEU D 181 -38.41 41.41 -24.82
CA LEU D 181 -36.98 41.61 -24.61
C LEU D 181 -36.46 42.78 -25.44
N PRO D 182 -36.85 42.96 -26.72
CA PRO D 182 -36.35 44.09 -27.50
C PRO D 182 -36.74 45.44 -26.94
N SER D 183 -37.99 45.56 -26.47
CA SER D 183 -38.48 46.77 -25.82
C SER D 183 -37.70 47.04 -24.53
N LEU D 184 -37.39 45.99 -23.77
CA LEU D 184 -36.62 46.15 -22.54
C LEU D 184 -35.24 46.68 -22.89
N GLY D 185 -34.60 46.07 -23.89
CA GLY D 185 -33.30 46.50 -24.37
C GLY D 185 -33.29 47.96 -24.82
N ALA D 186 -34.28 48.32 -25.64
CA ALA D 186 -34.41 49.68 -26.15
C ALA D 186 -34.62 50.66 -25.00
N TYR D 187 -35.44 50.28 -24.02
CA TYR D 187 -35.68 51.13 -22.87
C TYR D 187 -34.35 51.48 -22.20
N ILE D 188 -33.56 50.45 -21.93
CA ILE D 188 -32.25 50.61 -21.30
C ILE D 188 -31.35 51.51 -22.16
N TYR D 189 -31.39 51.31 -23.49
CA TYR D 189 -30.53 52.11 -24.37
C TYR D 189 -30.91 53.57 -24.27
N ARG D 190 -32.22 53.86 -24.34
CA ARG D 190 -32.70 55.23 -24.33
C ARG D 190 -32.41 55.89 -22.96
N MET D 191 -32.70 55.18 -21.88
CA MET D 191 -32.61 55.73 -20.53
C MET D 191 -31.16 56.03 -20.16
N LYS D 192 -30.21 55.23 -20.63
CA LYS D 192 -28.81 55.38 -20.31
C LYS D 192 -28.11 56.33 -21.29
N TYR D 193 -28.36 56.18 -22.59
CA TYR D 193 -27.44 56.74 -23.58
C TYR D 193 -28.09 57.78 -24.49
N LYS D 194 -29.42 57.92 -24.46
CA LYS D 194 -30.08 58.83 -25.38
C LYS D 194 -30.92 59.85 -24.64
N SER D 195 -30.38 60.36 -23.51
CA SER D 195 -30.99 61.45 -22.78
C SER D 195 -32.34 61.09 -22.16
N ASP D 196 -32.63 59.78 -22.05
CA ASP D 196 -33.83 59.33 -21.36
C ASP D 196 -35.07 59.90 -22.06
N THR D 197 -35.02 60.04 -23.39
CA THR D 197 -36.25 60.24 -24.15
C THR D 197 -36.55 58.96 -24.90
N HIS D 198 -37.84 58.66 -25.06
CA HIS D 198 -38.30 57.34 -25.48
C HIS D 198 -39.17 57.45 -26.73
N ILE D 199 -38.90 56.57 -27.69
CA ILE D 199 -39.67 56.50 -28.92
C ILE D 199 -40.67 55.36 -28.75
N PRO D 200 -41.99 55.60 -28.86
CA PRO D 200 -42.97 54.55 -28.65
C PRO D 200 -42.85 53.43 -29.70
N SER D 201 -43.25 52.24 -29.25
CA SER D 201 -43.44 51.08 -30.10
C SER D 201 -44.35 51.45 -31.26
N ASN D 202 -43.99 51.02 -32.47
CA ASN D 202 -44.87 51.10 -33.61
C ASN D 202 -45.56 49.76 -33.78
N PRO D 203 -46.89 49.68 -33.51
CA PRO D 203 -47.59 48.38 -33.50
C PRO D 203 -47.71 47.75 -34.89
N ASP D 204 -47.33 48.46 -35.95
CA ASP D 204 -47.30 47.89 -37.28
C ASP D 204 -45.96 47.28 -37.66
N LEU D 205 -44.90 47.43 -36.84
CA LEU D 205 -43.59 46.93 -37.24
C LEU D 205 -43.39 45.53 -36.65
N ASP D 206 -42.52 44.77 -37.35
CA ASP D 206 -42.06 43.49 -36.86
C ASP D 206 -41.05 43.69 -35.72
N LEU D 207 -40.63 42.59 -35.11
CA LEU D 207 -39.75 42.62 -33.95
C LEU D 207 -38.51 43.45 -34.24
N GLY D 208 -37.82 43.12 -35.34
CA GLY D 208 -36.56 43.79 -35.66
C GLY D 208 -36.76 45.25 -36.05
N GLY D 209 -37.80 45.51 -36.83
CA GLY D 209 -38.10 46.87 -37.26
C GLY D 209 -38.49 47.74 -36.07
N ASP D 210 -39.28 47.20 -35.14
CA ASP D 210 -39.72 47.96 -34.00
C ASP D 210 -38.56 48.22 -33.05
N PHE D 211 -37.64 47.25 -32.95
CA PHE D 211 -36.44 47.45 -32.16
C PHE D 211 -35.64 48.65 -32.68
N ALA D 212 -35.38 48.69 -34.00
CA ALA D 212 -34.65 49.81 -34.60
C ALA D 212 -35.39 51.12 -34.38
N ASN D 213 -36.71 51.10 -34.54
CA ASN D 213 -37.60 52.24 -34.27
C ASN D 213 -37.39 52.76 -32.84
N MET D 214 -37.52 51.87 -31.85
CA MET D 214 -37.46 52.24 -30.44
C MET D 214 -36.05 52.62 -30.02
N MET D 215 -35.03 52.12 -30.73
CA MET D 215 -33.65 52.52 -30.48
C MET D 215 -33.38 53.92 -31.05
N GLY D 216 -34.15 54.29 -32.07
CA GLY D 216 -34.04 55.59 -32.72
C GLY D 216 -33.05 55.58 -33.88
N ILE D 217 -32.90 54.42 -34.57
CA ILE D 217 -31.92 54.27 -35.63
C ILE D 217 -32.64 53.92 -36.94
N ASP D 218 -32.27 54.63 -38.01
CA ASP D 218 -32.93 54.52 -39.30
C ASP D 218 -32.52 53.26 -40.07
N LYS D 219 -33.32 52.92 -41.09
CA LYS D 219 -32.94 51.94 -42.09
C LYS D 219 -31.50 52.19 -42.52
N PRO D 220 -30.66 51.16 -42.73
CA PRO D 220 -31.06 49.75 -42.61
C PRO D 220 -30.75 49.05 -41.28
N TYR D 221 -30.80 49.80 -40.16
CA TYR D 221 -30.52 49.20 -38.87
C TYR D 221 -31.56 48.13 -38.55
N ASP D 222 -32.78 48.27 -39.09
CA ASP D 222 -33.80 47.25 -38.96
C ASP D 222 -33.27 45.89 -39.44
N ASP D 223 -32.54 45.87 -40.57
CA ASP D 223 -31.98 44.65 -41.12
C ASP D 223 -30.73 44.23 -40.35
N VAL D 224 -29.94 45.20 -39.90
CA VAL D 224 -28.80 44.90 -39.04
C VAL D 224 -29.27 44.06 -37.85
N ALA D 225 -30.38 44.48 -37.25
CA ALA D 225 -30.92 43.87 -36.04
C ALA D 225 -31.52 42.50 -36.34
N ARG D 226 -32.32 42.40 -37.40
CA ARG D 226 -32.90 41.13 -37.82
C ARG D 226 -31.79 40.10 -38.02
N LEU D 227 -30.75 40.49 -38.76
CA LEU D 227 -29.63 39.58 -39.03
C LEU D 227 -28.92 39.26 -37.72
N TYR D 228 -28.60 40.30 -36.94
CA TYR D 228 -27.84 40.12 -35.71
C TYR D 228 -28.56 39.12 -34.81
N PHE D 229 -29.88 39.29 -34.64
CA PHE D 229 -30.65 38.49 -33.70
C PHE D 229 -30.70 37.03 -34.17
N ILE D 230 -30.90 36.81 -35.47
CA ILE D 230 -30.96 35.47 -36.01
C ILE D 230 -29.61 34.78 -35.86
N LEU D 231 -28.51 35.49 -36.14
CA LEU D 231 -27.19 34.88 -36.04
C LEU D 231 -26.86 34.48 -34.61
N HIS D 232 -27.34 35.29 -33.64
CA HIS D 232 -27.00 35.07 -32.23
C HIS D 232 -28.06 34.23 -31.54
N SER D 233 -29.03 33.70 -32.31
CA SER D 233 -30.22 33.06 -31.77
C SER D 233 -29.92 31.86 -30.88
N ASP D 234 -28.92 31.03 -31.26
CA ASP D 234 -28.61 29.81 -30.53
C ASP D 234 -27.22 29.37 -30.96
N HIS D 235 -26.53 28.65 -30.05
CA HIS D 235 -25.25 28.03 -30.37
C HIS D 235 -25.14 26.75 -29.53
N GLU D 236 -26.09 25.85 -29.80
CA GLU D 236 -26.44 24.69 -29.00
C GLU D 236 -26.57 25.09 -27.53
N SER D 237 -26.64 24.10 -26.62
CA SER D 237 -27.03 24.32 -25.24
C SER D 237 -25.82 24.38 -24.30
N GLY D 238 -24.60 24.18 -24.83
CA GLY D 238 -23.42 24.01 -24.00
C GLY D 238 -22.66 25.32 -23.74
N ASN D 239 -22.99 26.39 -24.49
CA ASN D 239 -22.46 27.72 -24.21
C ASN D 239 -22.97 28.20 -22.84
N VAL D 240 -22.26 29.13 -22.22
CA VAL D 240 -22.51 29.43 -20.81
C VAL D 240 -23.94 29.95 -20.60
N SER D 241 -24.39 30.87 -21.45
CA SER D 241 -25.70 31.48 -21.26
C SER D 241 -26.82 30.45 -21.48
N ALA D 242 -26.75 29.67 -22.55
CA ALA D 242 -27.79 28.69 -22.85
C ALA D 242 -27.80 27.59 -21.80
N HIS D 243 -26.62 27.18 -21.38
CA HIS D 243 -26.48 26.13 -20.37
C HIS D 243 -27.03 26.62 -19.04
N THR D 244 -26.75 27.88 -18.70
CA THR D 244 -27.22 28.43 -17.43
C THR D 244 -28.75 28.42 -17.42
N ALA D 245 -29.38 28.89 -18.51
CA ALA D 245 -30.83 28.86 -18.61
C ALA D 245 -31.35 27.44 -18.43
N HIS D 246 -30.72 26.51 -19.16
CA HIS D 246 -31.14 25.10 -19.15
C HIS D 246 -31.03 24.54 -17.74
N LEU D 247 -29.89 24.81 -17.08
CA LEU D 247 -29.61 24.33 -15.75
C LEU D 247 -30.65 24.83 -14.75
N VAL D 248 -30.88 26.16 -14.78
CA VAL D 248 -31.79 26.77 -13.82
C VAL D 248 -33.21 26.23 -14.05
N ALA D 249 -33.66 26.20 -15.32
CA ALA D 249 -34.98 25.69 -15.68
C ALA D 249 -35.15 24.21 -15.33
N SER D 250 -34.05 23.44 -15.30
CA SER D 250 -34.09 22.02 -15.00
C SER D 250 -34.60 21.76 -13.58
N ALA D 251 -34.47 22.77 -12.69
CA ALA D 251 -35.06 22.67 -11.35
C ALA D 251 -36.50 23.17 -11.33
N LEU D 252 -37.08 23.42 -12.53
CA LEU D 252 -38.45 23.88 -12.75
C LEU D 252 -38.65 25.33 -12.36
N SER D 253 -37.55 26.11 -12.33
CA SER D 253 -37.61 27.55 -12.34
C SER D 253 -38.15 28.00 -13.70
N ASP D 254 -38.99 29.03 -13.66
CA ASP D 254 -39.62 29.57 -14.86
C ASP D 254 -38.57 30.27 -15.71
N ALA D 255 -38.98 30.66 -16.93
CA ALA D 255 -38.13 31.25 -17.94
C ALA D 255 -37.56 32.59 -17.51
N TYR D 256 -38.26 33.33 -16.63
CA TYR D 256 -37.77 34.64 -16.19
C TYR D 256 -36.57 34.43 -15.26
N TYR D 257 -36.70 33.53 -14.28
CA TYR D 257 -35.54 33.14 -13.48
C TYR D 257 -34.42 32.63 -14.38
N ALA D 258 -34.78 31.76 -15.35
CA ALA D 258 -33.77 31.03 -16.11
C ALA D 258 -33.03 31.96 -17.05
N TYR D 259 -33.75 32.88 -17.69
CA TYR D 259 -33.11 33.74 -18.67
C TYR D 259 -32.39 34.90 -17.98
N SER D 260 -32.91 35.39 -16.86
CA SER D 260 -32.15 36.34 -16.04
C SER D 260 -30.78 35.75 -15.68
N ALA D 261 -30.77 34.54 -15.13
CA ALA D 261 -29.55 33.79 -14.82
C ALA D 261 -28.64 33.68 -16.05
N ALA D 262 -29.23 33.40 -17.22
CA ALA D 262 -28.47 33.30 -18.45
C ALA D 262 -27.72 34.59 -18.77
N MET D 263 -28.38 35.73 -18.57
CA MET D 263 -27.77 37.02 -18.87
C MET D 263 -26.67 37.36 -17.86
N CYS D 264 -26.76 36.86 -16.64
CA CYS D 264 -25.65 36.96 -15.69
C CYS D 264 -24.40 36.26 -16.25
N GLY D 265 -24.56 35.10 -16.91
CA GLY D 265 -23.45 34.42 -17.56
C GLY D 265 -22.98 35.13 -18.83
N LEU D 266 -23.91 35.61 -19.65
CA LEU D 266 -23.54 36.30 -20.88
C LEU D 266 -22.80 37.59 -20.58
N ALA D 267 -23.04 38.18 -19.41
CA ALA D 267 -22.34 39.40 -19.03
C ALA D 267 -20.84 39.16 -18.82
N GLY D 268 -20.43 37.89 -18.67
CA GLY D 268 -19.06 37.53 -18.35
C GLY D 268 -18.08 37.92 -19.46
N PRO D 269 -16.90 38.47 -19.11
CA PRO D 269 -15.88 38.79 -20.12
C PRO D 269 -15.52 37.66 -21.07
N LEU D 270 -15.61 36.39 -20.62
CA LEU D 270 -15.25 35.28 -21.48
C LEU D 270 -16.44 34.79 -22.31
N HIS D 271 -17.57 35.51 -22.28
CA HIS D 271 -18.74 35.07 -23.03
C HIS D 271 -19.36 36.20 -23.87
N GLY D 272 -19.64 37.37 -23.29
CA GLY D 272 -20.46 38.35 -23.99
C GLY D 272 -19.73 39.65 -24.37
N LEU D 273 -18.41 39.74 -24.16
CA LEU D 273 -17.69 41.00 -24.30
C LEU D 273 -16.80 41.04 -25.54
N ALA D 274 -16.64 39.92 -26.26
CA ALA D 274 -15.59 39.85 -27.28
C ALA D 274 -15.88 40.85 -28.41
N ASN D 275 -17.16 41.11 -28.71
CA ASN D 275 -17.56 42.04 -29.76
C ASN D 275 -16.93 43.41 -29.49
N GLN D 276 -17.18 43.97 -28.30
CA GLN D 276 -16.70 45.29 -27.94
C GLN D 276 -15.18 45.27 -27.75
N GLU D 277 -14.58 44.12 -27.38
CA GLU D 277 -13.14 44.07 -27.13
C GLU D 277 -12.40 44.04 -28.46
N VAL D 278 -12.90 43.29 -29.44
CA VAL D 278 -12.44 43.37 -30.81
C VAL D 278 -12.46 44.82 -31.29
N LEU D 279 -13.62 45.48 -31.18
CA LEU D 279 -13.79 46.77 -31.81
C LEU D 279 -12.84 47.79 -31.19
N LYS D 280 -12.74 47.78 -29.85
CA LYS D 280 -11.84 48.68 -29.13
C LYS D 280 -10.39 48.46 -29.56
N TRP D 281 -10.01 47.19 -29.71
CA TRP D 281 -8.66 46.81 -30.07
C TRP D 281 -8.36 47.28 -31.50
N ILE D 282 -9.31 47.14 -32.43
CA ILE D 282 -9.14 47.65 -33.77
C ILE D 282 -9.01 49.18 -33.76
N GLN D 283 -9.84 49.87 -32.96
CA GLN D 283 -9.83 51.33 -32.95
C GLN D 283 -8.54 51.86 -32.35
N GLU D 284 -8.00 51.14 -31.35
CA GLU D 284 -6.75 51.51 -30.72
C GLU D 284 -5.58 51.22 -31.66
N THR D 285 -5.69 50.13 -32.43
CA THR D 285 -4.68 49.76 -33.41
C THR D 285 -4.62 50.81 -34.51
N ILE D 286 -5.79 51.20 -35.06
CA ILE D 286 -5.86 52.23 -36.08
C ILE D 286 -5.19 53.51 -35.59
N ASP D 287 -5.38 53.84 -34.32
CA ASP D 287 -4.96 55.13 -33.79
C ASP D 287 -3.47 55.10 -33.42
N LYS D 288 -3.05 54.09 -32.65
CA LYS D 288 -1.65 54.04 -32.13
C LYS D 288 -0.64 53.34 -33.04
N LYS D 289 -0.98 52.24 -33.72
CA LYS D 289 0.04 51.50 -34.45
C LYS D 289 0.06 51.82 -35.95
N LEU D 290 -0.93 52.56 -36.47
CA LEU D 290 -0.99 52.82 -37.91
C LEU D 290 -1.28 54.29 -38.18
N GLY D 291 -0.95 55.18 -37.22
CA GLY D 291 -1.15 56.61 -37.37
C GLY D 291 -2.51 56.99 -37.97
N GLY D 292 -3.59 56.45 -37.39
CA GLY D 292 -4.96 56.86 -37.70
C GLY D 292 -5.41 56.54 -39.12
N LYS D 293 -4.79 55.56 -39.80
CA LYS D 293 -5.03 55.30 -41.21
C LYS D 293 -5.17 53.80 -41.47
N VAL D 294 -5.97 53.46 -42.50
CA VAL D 294 -6.12 52.09 -43.00
C VAL D 294 -4.78 51.59 -43.56
N PRO D 295 -4.19 50.52 -42.98
CA PRO D 295 -2.84 50.09 -43.37
C PRO D 295 -2.82 49.27 -44.66
N THR D 296 -1.60 48.84 -45.06
CA THR D 296 -1.42 47.85 -46.12
C THR D 296 -1.54 46.45 -45.51
N LYS D 297 -1.79 45.48 -46.36
CA LYS D 297 -1.78 44.07 -45.96
C LYS D 297 -0.43 43.75 -45.32
N GLU D 298 0.62 44.41 -45.84
CA GLU D 298 1.99 44.24 -45.37
C GLU D 298 2.13 44.73 -43.93
N GLU D 299 1.71 45.98 -43.68
CA GLU D 299 1.90 46.64 -42.39
C GLU D 299 1.15 45.90 -41.28
N LEU D 300 -0.03 45.37 -41.63
CA LEU D 300 -0.88 44.70 -40.65
C LEU D 300 -0.34 43.31 -40.37
N LYS D 301 0.14 42.61 -41.42
CA LYS D 301 0.69 41.27 -41.32
C LYS D 301 1.75 41.20 -40.22
N LYS D 302 2.59 42.25 -40.16
CA LYS D 302 3.69 42.29 -39.20
C LYS D 302 3.23 42.88 -37.86
N PHE D 303 2.19 43.74 -37.89
CA PHE D 303 1.61 44.22 -36.64
C PHE D 303 1.03 43.07 -35.84
N VAL D 304 0.39 42.12 -36.54
CA VAL D 304 -0.22 40.95 -35.91
C VAL D 304 0.87 40.15 -35.19
N GLU D 305 2.00 39.91 -35.87
CA GLU D 305 3.08 39.06 -35.38
C GLU D 305 3.72 39.64 -34.13
N GLU D 306 3.81 40.97 -34.06
CA GLU D 306 4.35 41.68 -32.90
C GLU D 306 3.45 41.50 -31.68
N THR D 307 2.13 41.59 -31.88
CA THR D 307 1.15 41.44 -30.81
C THR D 307 1.18 40.01 -30.25
N LEU D 308 1.30 39.03 -31.17
CA LEU D 308 1.33 37.61 -30.82
C LEU D 308 2.64 37.25 -30.13
N SER D 309 3.77 37.57 -30.78
CA SER D 309 5.07 37.19 -30.27
C SER D 309 5.42 37.97 -28.99
N SER D 310 4.71 39.08 -28.72
CA SER D 310 4.82 39.77 -27.43
C SER D 310 3.83 39.22 -26.40
N GLY D 311 3.14 38.11 -26.74
CA GLY D 311 2.40 37.31 -25.78
C GLY D 311 0.96 37.81 -25.57
N GLN D 312 0.25 38.13 -26.65
CA GLN D 312 -1.12 38.62 -26.56
C GLN D 312 -1.99 38.06 -27.69
N VAL D 313 -3.31 38.01 -27.42
CA VAL D 313 -4.27 37.36 -28.29
C VAL D 313 -4.75 38.33 -29.37
N ILE D 314 -5.13 37.78 -30.53
CA ILE D 314 -5.94 38.50 -31.50
C ILE D 314 -7.40 38.30 -31.12
N PRO D 315 -8.13 39.36 -30.66
CA PRO D 315 -9.50 39.16 -30.18
C PRO D 315 -10.44 38.78 -31.34
N GLY D 316 -11.47 37.99 -31.00
CA GLY D 316 -12.49 37.56 -31.95
C GLY D 316 -12.05 36.39 -32.82
N TYR D 317 -10.86 35.82 -32.52
CA TYR D 317 -10.33 34.63 -33.17
C TYR D 317 -10.21 33.52 -32.12
N GLY D 318 -10.50 32.28 -32.51
CA GLY D 318 -10.50 31.16 -31.57
C GLY D 318 -11.89 30.89 -31.03
N HIS D 319 -12.06 29.71 -30.43
CA HIS D 319 -13.33 29.25 -29.87
C HIS D 319 -13.11 27.93 -29.13
N ALA D 320 -13.99 27.65 -28.17
CA ALA D 320 -13.95 26.42 -27.40
C ALA D 320 -14.30 25.20 -28.27
N VAL D 321 -15.14 25.38 -29.30
CA VAL D 321 -15.73 24.26 -30.04
C VAL D 321 -15.48 24.40 -31.54
N LEU D 322 -15.72 25.59 -32.10
CA LEU D 322 -15.44 25.85 -33.51
C LEU D 322 -13.96 25.56 -33.83
N ARG D 323 -13.72 24.91 -34.97
CA ARG D 323 -12.37 24.68 -35.48
C ARG D 323 -12.18 25.26 -36.89
N LYS D 324 -13.25 25.79 -37.49
CA LYS D 324 -13.15 26.52 -38.75
C LYS D 324 -13.79 27.89 -38.62
N THR D 325 -13.78 28.64 -39.73
CA THR D 325 -14.42 29.93 -39.83
C THR D 325 -15.87 29.79 -39.38
N ASP D 326 -16.31 30.74 -38.54
CA ASP D 326 -17.68 30.81 -38.05
C ASP D 326 -18.58 31.28 -39.18
N PRO D 327 -19.61 30.50 -39.59
CA PRO D 327 -20.54 30.97 -40.63
C PRO D 327 -21.35 32.20 -40.22
N ARG D 328 -21.43 32.46 -38.91
CA ARG D 328 -22.06 33.67 -38.40
C ARG D 328 -21.19 34.87 -38.78
N TYR D 329 -19.87 34.73 -38.65
CA TYR D 329 -18.90 35.71 -39.12
C TYR D 329 -19.10 36.00 -40.61
N VAL D 330 -19.26 34.93 -41.41
CA VAL D 330 -19.37 35.04 -42.86
C VAL D 330 -20.61 35.84 -43.23
N ALA D 331 -21.74 35.60 -42.54
CA ALA D 331 -22.99 36.31 -42.84
C ALA D 331 -22.85 37.80 -42.52
N GLN D 332 -22.12 38.13 -41.44
CA GLN D 332 -21.87 39.51 -41.08
C GLN D 332 -21.04 40.18 -42.18
N ARG D 333 -20.03 39.45 -42.67
CA ARG D 333 -19.13 39.92 -43.71
C ARG D 333 -19.90 40.26 -44.99
N GLU D 334 -20.81 39.36 -45.39
CA GLU D 334 -21.59 39.58 -46.59
C GLU D 334 -22.42 40.85 -46.46
N PHE D 335 -22.93 41.11 -45.25
CA PHE D 335 -23.72 42.31 -45.00
C PHE D 335 -22.84 43.57 -45.12
N ALA D 336 -21.64 43.50 -44.56
CA ALA D 336 -20.72 44.64 -44.55
C ALA D 336 -20.21 44.95 -45.96
N LEU D 337 -19.89 43.91 -46.74
CA LEU D 337 -19.45 44.09 -48.12
C LEU D 337 -20.52 44.86 -48.91
N LYS D 338 -21.78 44.47 -48.72
CA LYS D 338 -22.89 45.15 -49.37
C LYS D 338 -23.07 46.59 -48.92
N HIS D 339 -23.04 46.85 -47.61
CA HIS D 339 -23.64 48.08 -47.08
C HIS D 339 -22.58 49.09 -46.61
N MET D 340 -21.34 48.65 -46.35
CA MET D 340 -20.34 49.55 -45.82
C MET D 340 -18.94 49.12 -46.28
N PRO D 341 -18.70 48.94 -47.60
CA PRO D 341 -17.41 48.43 -48.08
C PRO D 341 -16.25 49.40 -47.82
N ASP D 342 -16.56 50.70 -47.72
CA ASP D 342 -15.56 51.75 -47.61
C ASP D 342 -15.34 52.16 -46.15
N ASP D 343 -16.03 51.50 -45.20
CA ASP D 343 -15.89 51.88 -43.79
C ASP D 343 -14.49 51.52 -43.34
N PRO D 344 -13.73 52.48 -42.78
CA PRO D 344 -12.34 52.22 -42.34
C PRO D 344 -12.18 51.02 -41.41
N ILE D 345 -13.10 50.88 -40.44
CA ILE D 345 -13.01 49.84 -39.43
C ILE D 345 -13.27 48.48 -40.07
N PHE D 346 -14.27 48.43 -40.98
CA PHE D 346 -14.56 47.20 -41.69
C PHE D 346 -13.34 46.77 -42.51
N GLN D 347 -12.66 47.74 -43.13
CA GLN D 347 -11.51 47.42 -43.98
C GLN D 347 -10.45 46.69 -43.17
N VAL D 348 -10.20 47.13 -41.93
CA VAL D 348 -9.26 46.45 -41.06
C VAL D 348 -9.78 45.05 -40.70
N VAL D 349 -11.09 44.92 -40.44
CA VAL D 349 -11.71 43.62 -40.13
C VAL D 349 -11.51 42.66 -41.31
N SER D 350 -11.80 43.15 -42.52
CA SER D 350 -11.64 42.40 -43.76
C SER D 350 -10.20 41.91 -43.93
N MET D 351 -9.24 42.82 -43.80
CA MET D 351 -7.83 42.52 -43.97
C MET D 351 -7.35 41.54 -42.90
N LEU D 352 -7.87 41.66 -41.68
CA LEU D 352 -7.55 40.74 -40.59
C LEU D 352 -8.00 39.31 -40.96
N TYR D 353 -9.14 39.21 -41.68
CA TYR D 353 -9.66 37.92 -42.13
C TYR D 353 -8.62 37.21 -42.97
N GLU D 354 -7.95 37.97 -43.85
CA GLU D 354 -6.97 37.43 -44.79
C GLU D 354 -5.68 37.02 -44.07
N VAL D 355 -5.16 37.92 -43.23
CA VAL D 355 -3.79 37.85 -42.77
C VAL D 355 -3.68 36.99 -41.50
N VAL D 356 -4.71 36.98 -40.65
CA VAL D 356 -4.58 36.44 -39.29
C VAL D 356 -4.64 34.91 -39.28
N PRO D 357 -5.53 34.22 -40.04
CA PRO D 357 -5.55 32.74 -40.02
C PRO D 357 -4.23 32.08 -40.42
N PRO D 358 -3.60 32.41 -41.59
CA PRO D 358 -2.26 31.89 -41.92
C PRO D 358 -1.25 31.97 -40.77
N ILE D 359 -1.22 33.12 -40.08
CA ILE D 359 -0.26 33.41 -39.03
C ILE D 359 -0.55 32.59 -37.77
N LEU D 360 -1.82 32.50 -37.37
CA LEU D 360 -2.22 31.76 -36.18
C LEU D 360 -2.02 30.27 -36.39
N SER D 361 -2.15 29.83 -37.65
CA SER D 361 -1.96 28.43 -38.01
C SER D 361 -0.48 28.03 -37.86
N SER D 362 0.44 28.86 -38.41
CA SER D 362 1.88 28.70 -38.24
C SER D 362 2.24 28.44 -36.78
N LEU D 363 1.89 29.38 -35.90
CA LEU D 363 2.23 29.30 -34.48
C LEU D 363 1.56 28.08 -33.84
N GLY D 364 0.46 27.59 -34.46
CA GLY D 364 -0.16 26.33 -34.11
C GLY D 364 -0.60 26.22 -32.64
N LYS D 365 -0.95 27.36 -32.02
CA LYS D 365 -1.18 27.43 -30.58
C LYS D 365 -2.66 27.64 -30.26
N VAL D 366 -3.44 28.29 -31.14
CA VAL D 366 -4.89 28.37 -30.96
C VAL D 366 -5.52 27.22 -31.75
N LYS D 367 -6.37 26.42 -31.09
CA LYS D 367 -6.97 25.25 -31.70
C LYS D 367 -7.94 25.65 -32.83
N ASP D 368 -8.44 26.90 -32.81
CA ASP D 368 -9.29 27.46 -33.85
C ASP D 368 -8.64 28.73 -34.42
N PRO D 369 -7.75 28.61 -35.45
CA PRO D 369 -7.07 29.76 -36.04
C PRO D 369 -7.91 30.50 -37.07
N TRP D 370 -9.10 30.93 -36.65
CA TRP D 370 -10.12 31.46 -37.53
C TRP D 370 -11.03 32.41 -36.75
N PRO D 371 -11.77 33.32 -37.45
CA PRO D 371 -12.66 34.26 -36.77
C PRO D 371 -13.94 33.62 -36.24
N ASN D 372 -14.49 34.20 -35.16
CA ASN D 372 -15.87 33.96 -34.74
C ASN D 372 -16.65 35.25 -34.99
N VAL D 373 -17.99 35.24 -34.77
CA VAL D 373 -18.82 36.41 -35.05
C VAL D 373 -18.27 37.67 -34.42
N ASP D 374 -17.74 37.54 -33.19
CA ASP D 374 -17.36 38.68 -32.38
C ASP D 374 -16.27 39.51 -33.07
N ALA D 375 -15.57 38.90 -34.04
CA ALA D 375 -14.61 39.60 -34.87
C ALA D 375 -15.30 40.60 -35.81
N HIS D 376 -16.61 40.41 -36.08
CA HIS D 376 -17.27 41.20 -37.13
C HIS D 376 -18.40 42.11 -36.63
N SER D 377 -19.03 41.81 -35.49
CA SER D 377 -20.32 42.41 -35.16
C SER D 377 -20.18 43.91 -34.87
N GLY D 378 -19.09 44.27 -34.18
CA GLY D 378 -18.89 45.61 -33.66
C GLY D 378 -18.71 46.67 -34.75
N CYS D 379 -18.02 46.35 -35.84
CA CYS D 379 -17.81 47.35 -36.88
C CYS D 379 -19.15 47.72 -37.50
N ILE D 380 -20.09 46.77 -37.57
CA ILE D 380 -21.41 47.02 -38.13
C ILE D 380 -22.23 47.90 -37.16
N GLN D 381 -22.22 47.56 -35.86
CA GLN D 381 -22.94 48.36 -34.88
C GLN D 381 -22.40 49.79 -34.88
N TRP D 382 -21.06 49.91 -34.79
CA TRP D 382 -20.39 51.20 -34.75
C TRP D 382 -20.74 52.04 -35.99
N HIS D 383 -20.72 51.41 -37.17
CA HIS D 383 -21.00 52.11 -38.41
C HIS D 383 -22.33 52.85 -38.32
N TYR D 384 -23.34 52.24 -37.70
CA TYR D 384 -24.68 52.80 -37.68
C TYR D 384 -24.91 53.67 -36.44
N GLY D 385 -23.85 53.92 -35.66
CA GLY D 385 -23.90 54.89 -34.57
C GLY D 385 -24.24 54.27 -33.21
N VAL D 386 -24.25 52.94 -33.11
CA VAL D 386 -24.31 52.28 -31.82
C VAL D 386 -22.87 52.20 -31.31
N VAL D 387 -22.46 53.28 -30.62
CA VAL D 387 -21.09 53.47 -30.17
C VAL D 387 -20.94 53.00 -28.73
N GLU D 388 -22.06 52.63 -28.08
CA GLU D 388 -22.08 52.35 -26.65
C GLU D 388 -21.76 50.88 -26.42
N TYR D 389 -20.45 50.61 -26.35
CA TYR D 389 -19.85 49.29 -26.28
C TYR D 389 -20.56 48.34 -25.30
N ASP D 390 -20.83 48.80 -24.09
CA ASP D 390 -21.37 47.93 -23.05
C ASP D 390 -22.72 47.34 -23.48
N PHE D 391 -23.48 48.11 -24.28
CA PHE D 391 -24.81 47.72 -24.72
C PHE D 391 -24.75 46.57 -25.73
N TYR D 392 -23.60 46.32 -26.37
CA TYR D 392 -23.54 45.28 -27.39
C TYR D 392 -24.01 43.94 -26.85
N THR D 393 -23.67 43.65 -25.60
CA THR D 393 -24.01 42.38 -24.98
C THR D 393 -25.52 42.27 -24.79
N VAL D 394 -26.21 43.42 -24.63
CA VAL D 394 -27.66 43.38 -24.51
C VAL D 394 -28.27 42.93 -25.85
N LEU D 395 -27.71 43.41 -26.98
CA LEU D 395 -28.15 42.94 -28.30
C LEU D 395 -28.03 41.42 -28.37
N PHE D 396 -26.89 40.89 -27.90
CA PHE D 396 -26.63 39.46 -27.86
C PHE D 396 -27.72 38.76 -27.05
N GLY D 397 -28.02 39.30 -25.85
CA GLY D 397 -29.03 38.74 -24.98
C GLY D 397 -30.43 38.69 -25.59
N ILE D 398 -30.79 39.70 -26.37
CA ILE D 398 -32.08 39.72 -27.04
C ILE D 398 -32.12 38.57 -28.05
N GLY D 399 -31.07 38.49 -28.86
CA GLY D 399 -30.96 37.46 -29.89
C GLY D 399 -30.97 36.04 -29.34
N ARG D 400 -30.13 35.80 -28.31
CA ARG D 400 -29.91 34.46 -27.79
C ARG D 400 -31.18 33.91 -27.15
N ALA D 401 -32.12 34.80 -26.80
CA ALA D 401 -33.37 34.33 -26.18
C ALA D 401 -34.18 33.51 -27.17
N LEU D 402 -34.04 33.77 -28.49
CA LEU D 402 -34.80 33.04 -29.49
C LEU D 402 -34.59 31.52 -29.36
N GLY D 403 -33.32 31.12 -29.31
CA GLY D 403 -32.97 29.71 -29.19
C GLY D 403 -33.17 29.19 -27.77
N VAL D 404 -32.73 29.98 -26.78
CA VAL D 404 -32.77 29.49 -25.41
C VAL D 404 -34.22 29.29 -24.95
N LEU D 405 -35.11 30.23 -25.24
CA LEU D 405 -36.50 30.05 -24.80
C LEU D 405 -37.16 28.88 -25.54
N ALA D 406 -36.86 28.72 -26.84
CA ALA D 406 -37.31 27.54 -27.58
C ALA D 406 -36.80 26.26 -26.88
N ASN D 407 -35.53 26.27 -26.46
CA ASN D 407 -34.94 25.13 -25.79
C ASN D 407 -35.65 24.82 -24.46
N LEU D 408 -36.05 25.85 -23.70
CA LEU D 408 -36.67 25.60 -22.40
C LEU D 408 -38.06 24.97 -22.58
N VAL D 409 -38.78 25.40 -23.64
CA VAL D 409 -40.08 24.82 -23.93
C VAL D 409 -39.91 23.31 -24.14
N TRP D 410 -38.89 22.95 -24.93
CA TRP D 410 -38.62 21.55 -25.27
C TRP D 410 -38.08 20.76 -24.08
N ASP D 411 -37.25 21.40 -23.24
CA ASP D 411 -36.79 20.71 -22.04
C ASP D 411 -38.00 20.26 -21.23
N ARG D 412 -39.01 21.13 -21.11
CA ARG D 412 -40.20 20.78 -20.35
C ARG D 412 -41.07 19.80 -21.13
N ALA D 413 -41.13 19.93 -22.47
CA ALA D 413 -41.93 19.03 -23.28
C ALA D 413 -41.43 17.60 -23.09
N LEU D 414 -40.10 17.43 -23.08
CA LEU D 414 -39.46 16.12 -23.04
C LEU D 414 -39.16 15.69 -21.60
N GLY D 415 -39.53 16.53 -20.61
CA GLY D 415 -39.37 16.16 -19.21
C GLY D 415 -37.93 15.91 -18.80
N TYR D 416 -36.97 16.65 -19.40
CA TYR D 416 -35.57 16.49 -19.01
C TYR D 416 -35.40 16.78 -17.52
N ALA D 417 -34.62 15.94 -16.86
CA ALA D 417 -34.53 15.92 -15.40
C ALA D 417 -33.59 17.02 -14.94
N ILE D 418 -33.65 17.28 -13.63
CA ILE D 418 -32.78 18.24 -12.98
C ILE D 418 -31.33 17.91 -13.34
N GLU D 419 -30.57 18.94 -13.73
CA GLU D 419 -29.15 18.79 -13.99
C GLU D 419 -28.38 18.79 -12.67
N ARG D 420 -27.69 17.69 -12.39
CA ARG D 420 -27.03 17.48 -11.11
C ARG D 420 -25.85 16.52 -11.32
N PRO D 421 -24.72 17.00 -11.86
CA PRO D 421 -23.51 16.18 -11.95
C PRO D 421 -22.91 16.00 -10.56
N LYS D 422 -21.85 15.17 -10.51
CA LYS D 422 -21.19 14.83 -9.26
C LYS D 422 -19.83 15.53 -9.23
N SER D 423 -19.51 16.13 -8.06
CA SER D 423 -18.23 16.77 -7.81
C SER D 423 -17.25 15.75 -7.25
N VAL D 424 -15.96 16.03 -7.47
CA VAL D 424 -14.86 15.29 -6.88
C VAL D 424 -13.87 16.33 -6.35
N THR D 425 -13.06 15.92 -5.37
CA THR D 425 -11.99 16.76 -4.81
C THR D 425 -10.68 16.58 -5.59
N THR D 426 -9.73 17.48 -5.34
CA THR D 426 -8.37 17.39 -5.85
C THR D 426 -7.71 16.11 -5.33
N ASP D 427 -7.93 15.76 -4.06
CA ASP D 427 -7.42 14.53 -3.46
C ASP D 427 -7.88 13.32 -4.26
N MET D 428 -9.17 13.30 -4.62
CA MET D 428 -9.74 12.18 -5.34
C MET D 428 -9.11 12.08 -6.74
N LEU D 429 -8.82 13.22 -7.37
CA LEU D 429 -8.19 13.21 -8.68
C LEU D 429 -6.75 12.69 -8.57
N GLU D 430 -6.08 13.08 -7.47
CA GLU D 430 -4.72 12.64 -7.19
C GLU D 430 -4.70 11.12 -6.96
N LYS D 431 -5.70 10.61 -6.22
CA LYS D 431 -5.85 9.17 -6.01
C LYS D 431 -5.97 8.46 -7.36
N TRP D 432 -6.89 8.91 -8.23
CA TRP D 432 -7.08 8.27 -9.52
C TRP D 432 -5.86 8.38 -10.41
N ALA D 433 -5.06 9.44 -10.24
CA ALA D 433 -3.88 9.65 -11.05
C ALA D 433 -2.72 8.78 -10.58
N GLY D 434 -2.84 8.21 -9.36
CA GLY D 434 -1.82 7.37 -8.76
C GLY D 434 -0.76 8.15 -7.99
N ILE D 435 -1.02 9.42 -7.68
CA ILE D 435 -0.10 10.25 -6.92
C ILE D 435 -0.29 10.01 -5.42
N LYS D 436 -1.56 9.84 -5.01
CA LYS D 436 -1.90 9.29 -3.70
C LYS D 436 -2.09 7.80 -3.95
N SER E 2 -30.03 -32.48 12.87
CA SER E 2 -31.22 -31.68 12.52
C SER E 2 -30.77 -30.36 11.90
N PHE E 3 -31.65 -29.79 11.06
CA PHE E 3 -31.42 -28.50 10.46
C PHE E 3 -31.28 -27.44 11.54
N LEU E 4 -32.11 -27.51 12.58
CA LEU E 4 -32.07 -26.55 13.68
C LEU E 4 -30.70 -26.57 14.35
N LYS E 5 -30.19 -27.77 14.63
CA LYS E 5 -28.93 -27.89 15.35
C LYS E 5 -27.77 -27.38 14.47
N GLU E 6 -27.83 -27.66 13.17
CA GLU E 6 -26.80 -27.22 12.24
C GLU E 6 -26.86 -25.70 12.06
N LYS E 7 -28.07 -25.13 12.03
CA LYS E 7 -28.26 -23.71 11.93
C LYS E 7 -27.66 -23.03 13.16
N LEU E 8 -27.93 -23.62 14.32
CA LEU E 8 -27.44 -23.09 15.57
C LEU E 8 -25.90 -23.16 15.61
N ALA E 9 -25.34 -24.26 15.11
CA ALA E 9 -23.89 -24.39 15.02
C ALA E 9 -23.27 -23.27 14.19
N GLU E 10 -23.91 -22.91 13.06
CA GLU E 10 -23.43 -21.81 12.22
C GLU E 10 -23.43 -20.50 13.00
N LYS E 11 -24.57 -20.20 13.65
CA LYS E 11 -24.72 -18.94 14.38
C LYS E 11 -23.68 -18.85 15.49
N ILE E 12 -23.37 -19.97 16.13
CA ILE E 12 -22.40 -19.99 17.20
C ILE E 12 -20.99 -19.71 16.62
N ALA E 13 -20.66 -20.33 15.49
CA ALA E 13 -19.37 -20.11 14.82
C ALA E 13 -19.17 -18.62 14.48
N GLN E 14 -20.24 -17.93 14.04
CA GLN E 14 -20.19 -16.51 13.71
C GLN E 14 -20.10 -15.65 14.97
N HIS E 15 -20.75 -16.06 16.06
CA HIS E 15 -20.85 -15.18 17.22
C HIS E 15 -19.60 -15.25 18.09
N ARG E 16 -19.00 -16.43 18.23
CA ARG E 16 -17.91 -16.63 19.18
C ARG E 16 -16.79 -15.61 18.97
N PRO E 17 -16.28 -15.38 17.73
CA PRO E 17 -15.19 -14.41 17.52
C PRO E 17 -15.49 -13.02 18.07
N ARG E 18 -16.75 -12.57 17.98
CA ARG E 18 -17.18 -11.28 18.51
C ARG E 18 -16.98 -11.21 20.02
N THR E 19 -17.32 -12.30 20.72
CA THR E 19 -17.19 -12.37 22.17
C THR E 19 -15.70 -12.40 22.53
N THR E 20 -14.91 -13.20 21.79
CA THR E 20 -13.47 -13.30 21.97
C THR E 20 -12.80 -11.93 21.83
N ARG E 21 -13.22 -11.17 20.81
CA ARG E 21 -12.65 -9.86 20.53
C ARG E 21 -12.98 -8.87 21.63
N LEU E 22 -14.22 -8.88 22.14
CA LEU E 22 -14.58 -7.95 23.21
C LEU E 22 -13.70 -8.21 24.44
N LEU E 23 -13.40 -9.48 24.73
CA LEU E 23 -12.58 -9.82 25.88
C LEU E 23 -11.10 -9.51 25.60
N LYS E 24 -10.63 -9.80 24.38
CA LYS E 24 -9.21 -9.71 24.08
C LYS E 24 -8.78 -8.25 23.97
N GLU E 25 -9.54 -7.44 23.22
CA GLU E 25 -9.16 -6.08 22.89
C GLU E 25 -9.77 -5.06 23.84
N PHE E 26 -11.02 -5.28 24.32
CA PHE E 26 -11.82 -4.22 24.95
C PHE E 26 -12.31 -4.59 26.35
N GLY E 27 -11.62 -5.55 26.98
CA GLY E 27 -12.00 -6.08 28.27
C GLY E 27 -12.21 -5.02 29.34
N ASN E 28 -11.38 -3.96 29.30
CA ASN E 28 -11.31 -3.01 30.40
C ASN E 28 -12.14 -1.77 30.15
N VAL E 29 -12.89 -1.75 29.05
CA VAL E 29 -13.83 -0.67 28.80
C VAL E 29 -14.92 -0.67 29.86
N LYS E 30 -15.12 0.49 30.50
CA LYS E 30 -16.12 0.67 31.55
C LYS E 30 -17.50 0.82 30.91
N ILE E 31 -18.50 0.09 31.44
CA ILE E 31 -19.86 0.18 30.93
C ILE E 31 -20.82 0.66 32.01
N ASP E 32 -20.41 0.66 33.29
CA ASP E 32 -21.31 1.11 34.33
C ASP E 32 -20.52 1.28 35.62
N GLU E 33 -21.20 1.80 36.65
CA GLU E 33 -20.63 1.80 37.99
C GLU E 33 -21.68 1.34 39.01
N VAL E 34 -21.19 1.08 40.23
CA VAL E 34 -21.99 0.52 41.31
C VAL E 34 -21.93 1.47 42.51
N THR E 35 -23.12 1.83 43.03
CA THR E 35 -23.22 2.63 44.24
C THR E 35 -23.64 1.78 45.44
N ILE E 36 -23.52 2.39 46.63
CA ILE E 36 -23.95 1.78 47.88
C ILE E 36 -25.43 1.38 47.77
N SER E 37 -26.24 2.30 47.25
CA SER E 37 -27.67 2.11 47.06
C SER E 37 -27.97 0.82 46.29
N GLN E 38 -27.20 0.57 45.24
CA GLN E 38 -27.43 -0.52 44.31
C GLN E 38 -26.97 -1.85 44.91
N ALA E 39 -25.87 -1.84 45.67
CA ALA E 39 -25.38 -3.04 46.33
C ALA E 39 -26.38 -3.50 47.40
N ILE E 40 -26.87 -2.54 48.20
CA ILE E 40 -27.91 -2.82 49.18
C ILE E 40 -29.23 -3.17 48.49
N GLY E 41 -29.52 -2.53 47.34
CA GLY E 41 -30.85 -2.58 46.75
C GLY E 41 -30.96 -3.55 45.57
N GLY E 42 -30.31 -4.73 45.71
CA GLY E 42 -30.57 -5.82 44.80
C GLY E 42 -30.01 -5.58 43.39
N MET E 43 -28.79 -5.02 43.35
CA MET E 43 -28.09 -4.72 42.11
C MET E 43 -28.93 -3.87 41.15
N ARG E 44 -29.88 -3.09 41.66
CA ARG E 44 -30.85 -2.43 40.81
C ARG E 44 -30.15 -1.59 39.73
N GLY E 45 -30.41 -1.90 38.45
CA GLY E 45 -29.97 -1.07 37.34
C GLY E 45 -28.52 -1.34 36.91
N ILE E 46 -27.78 -2.20 37.61
CA ILE E 46 -26.40 -2.46 37.26
C ILE E 46 -26.33 -3.33 36.00
N LYS E 47 -25.62 -2.83 34.97
CA LYS E 47 -25.52 -3.54 33.70
C LYS E 47 -24.37 -4.54 33.82
N SER E 48 -24.71 -5.76 34.26
CA SER E 48 -23.72 -6.75 34.67
C SER E 48 -24.00 -8.14 34.09
N LEU E 49 -24.97 -8.23 33.16
CA LEU E 49 -25.36 -9.48 32.52
C LEU E 49 -25.44 -9.27 31.02
N VAL E 50 -25.07 -10.31 30.29
CA VAL E 50 -25.10 -10.30 28.84
C VAL E 50 -25.95 -11.46 28.33
N THR E 51 -26.94 -11.12 27.51
CA THR E 51 -27.74 -12.08 26.76
C THR E 51 -28.13 -11.44 25.43
N ASP E 52 -28.32 -12.27 24.40
CA ASP E 52 -28.81 -11.82 23.10
C ASP E 52 -30.19 -12.41 22.77
N ILE E 53 -30.77 -13.21 23.68
CA ILE E 53 -32.05 -13.85 23.42
C ILE E 53 -33.11 -12.76 23.32
N SER E 54 -33.08 -11.87 24.30
CA SER E 54 -34.03 -10.77 24.34
C SER E 54 -33.37 -9.60 25.06
N TYR E 55 -33.96 -8.41 24.88
CA TYR E 55 -33.44 -7.19 25.48
C TYR E 55 -34.64 -6.36 25.95
N LEU E 56 -34.62 -5.98 27.23
CA LEU E 56 -35.69 -5.19 27.80
C LEU E 56 -35.32 -3.70 27.75
N ASP E 57 -35.95 -2.99 26.80
CA ASP E 57 -35.85 -1.53 26.74
C ASP E 57 -36.84 -0.95 27.74
N PRO E 58 -36.42 -0.05 28.68
CA PRO E 58 -37.37 0.57 29.62
C PRO E 58 -38.56 1.29 28.98
N GLU E 59 -38.37 1.85 27.77
CA GLU E 59 -39.40 2.64 27.09
C GLU E 59 -40.23 1.77 26.14
N GLU E 60 -39.58 0.96 25.29
CA GLU E 60 -40.26 0.20 24.24
CA GLU E 60 -40.26 0.20 24.24
C GLU E 60 -40.69 -1.19 24.75
N GLY E 61 -40.12 -1.62 25.90
CA GLY E 61 -40.37 -2.95 26.42
C GLY E 61 -39.50 -4.01 25.74
N ILE E 62 -40.00 -5.25 25.74
CA ILE E 62 -39.18 -6.39 25.37
C ILE E 62 -39.06 -6.51 23.86
N ARG E 63 -37.84 -6.80 23.39
CA ARG E 63 -37.62 -7.26 22.02
C ARG E 63 -37.01 -8.67 22.07
N PHE E 64 -37.56 -9.57 21.26
CA PHE E 64 -37.07 -10.94 21.15
C PHE E 64 -36.20 -11.03 19.89
N ARG E 65 -34.89 -11.19 20.10
CA ARG E 65 -33.93 -11.27 19.01
C ARG E 65 -34.10 -10.07 18.08
N GLY E 66 -34.25 -8.88 18.65
CA GLY E 66 -34.36 -7.66 17.86
C GLY E 66 -35.80 -7.31 17.48
N TYR E 67 -36.74 -8.28 17.55
CA TYR E 67 -38.10 -8.05 17.09
C TYR E 67 -39.04 -7.62 18.21
N THR E 68 -40.00 -6.74 17.90
CA THR E 68 -41.06 -6.39 18.81
C THR E 68 -42.07 -7.52 18.86
N ILE E 69 -42.97 -7.46 19.85
CA ILE E 69 -44.01 -8.45 19.99
C ILE E 69 -44.94 -8.43 18.78
N PRO E 70 -45.48 -7.26 18.32
CA PRO E 70 -46.31 -7.26 17.10
C PRO E 70 -45.57 -7.90 15.92
N GLU E 71 -44.27 -7.67 15.82
CA GLU E 71 -43.46 -8.23 14.73
C GLU E 71 -43.36 -9.76 14.85
N VAL E 72 -43.10 -10.25 16.07
CA VAL E 72 -43.02 -11.69 16.30
C VAL E 72 -44.34 -12.36 15.93
N LEU E 73 -45.46 -11.82 16.42
CA LEU E 73 -46.77 -12.42 16.19
C LEU E 73 -47.16 -12.36 14.72
N GLU E 74 -46.65 -11.35 14.02
CA GLU E 74 -46.93 -11.12 12.62
C GLU E 74 -46.11 -12.12 11.78
N LYS E 75 -44.82 -12.28 12.08
CA LYS E 75 -43.91 -12.97 11.17
C LYS E 75 -43.84 -14.48 11.42
N LEU E 76 -44.10 -14.95 12.64
CA LEU E 76 -43.95 -16.38 12.94
C LEU E 76 -45.04 -17.14 12.20
N PRO E 77 -44.75 -18.31 11.59
CA PRO E 77 -45.81 -19.12 10.97
C PRO E 77 -46.91 -19.49 11.96
N LYS E 78 -48.15 -19.46 11.46
CA LYS E 78 -49.34 -19.69 12.27
C LYS E 78 -49.74 -21.15 12.21
N VAL E 79 -50.43 -21.61 13.26
CA VAL E 79 -50.95 -22.96 13.25
C VAL E 79 -52.16 -22.96 12.31
N PRO E 80 -52.24 -23.89 11.33
CA PRO E 80 -53.43 -24.06 10.50
C PRO E 80 -54.71 -24.18 11.34
N GLY E 81 -55.70 -23.34 11.05
CA GLY E 81 -56.98 -23.38 11.74
C GLY E 81 -57.01 -22.51 12.99
N ALA E 82 -55.90 -21.81 13.27
CA ALA E 82 -55.78 -21.04 14.49
C ALA E 82 -55.22 -19.66 14.17
N GLU E 83 -55.28 -18.79 15.17
CA GLU E 83 -54.89 -17.40 15.06
C GLU E 83 -53.41 -17.18 15.41
N MET E 84 -52.82 -18.05 16.27
CA MET E 84 -51.54 -17.72 16.88
C MET E 84 -50.41 -18.56 16.28
N PRO E 85 -49.14 -18.11 16.43
CA PRO E 85 -48.00 -18.91 15.94
C PRO E 85 -47.81 -20.23 16.68
N TYR E 86 -47.14 -21.17 16.00
CA TYR E 86 -46.52 -22.28 16.68
C TYR E 86 -45.54 -21.75 17.74
N VAL E 87 -45.64 -22.27 18.96
CA VAL E 87 -44.71 -21.91 20.01
C VAL E 87 -43.32 -22.42 19.61
N GLU E 88 -43.30 -23.57 18.92
CA GLU E 88 -42.08 -24.17 18.41
C GLU E 88 -41.32 -23.20 17.50
N GLY E 89 -42.06 -22.40 16.73
CA GLY E 89 -41.49 -21.41 15.84
C GLY E 89 -40.83 -20.26 16.62
N HIS E 90 -41.46 -19.87 17.73
CA HIS E 90 -40.85 -18.88 18.61
C HIS E 90 -39.56 -19.45 19.24
N PHE E 91 -39.57 -20.73 19.58
CA PHE E 91 -38.37 -21.34 20.15
C PHE E 91 -37.22 -21.33 19.12
N TYR E 92 -37.55 -21.61 17.86
CA TYR E 92 -36.59 -21.58 16.77
C TYR E 92 -35.97 -20.18 16.68
N LEU E 93 -36.82 -19.15 16.73
CA LEU E 93 -36.39 -17.77 16.69
C LEU E 93 -35.45 -17.45 17.84
N LEU E 94 -35.85 -17.80 19.07
CA LEU E 94 -35.02 -17.48 20.22
C LEU E 94 -33.67 -18.19 20.14
N LEU E 95 -33.64 -19.43 19.63
CA LEU E 95 -32.39 -20.18 19.56
C LEU E 95 -31.47 -19.65 18.46
N THR E 96 -32.03 -19.29 17.30
CA THR E 96 -31.21 -19.02 16.12
C THR E 96 -31.08 -17.54 15.81
N GLY E 97 -32.08 -16.72 16.19
CA GLY E 97 -32.14 -15.33 15.74
C GLY E 97 -32.92 -15.16 14.43
N ASP E 98 -33.27 -16.27 13.75
CA ASP E 98 -33.99 -16.25 12.48
C ASP E 98 -35.46 -16.58 12.67
N VAL E 99 -36.32 -15.89 11.93
CA VAL E 99 -37.71 -16.28 11.79
C VAL E 99 -37.75 -17.55 10.94
N PRO E 100 -38.35 -18.67 11.42
CA PRO E 100 -38.35 -19.91 10.66
C PRO E 100 -39.35 -19.86 9.51
N THR E 101 -39.02 -20.61 8.45
CA THR E 101 -39.99 -20.95 7.42
C THR E 101 -40.97 -21.98 7.97
N GLU E 102 -42.07 -22.17 7.25
CA GLU E 102 -43.04 -23.18 7.63
C GLU E 102 -42.35 -24.54 7.69
N LYS E 103 -41.47 -24.83 6.73
CA LYS E 103 -40.71 -26.08 6.71
C LYS E 103 -39.89 -26.21 8.00
N GLU E 104 -39.31 -25.11 8.47
CA GLU E 104 -38.38 -25.16 9.60
C GLU E 104 -39.12 -25.38 10.91
N VAL E 105 -40.29 -24.75 11.06
CA VAL E 105 -41.14 -24.91 12.23
C VAL E 105 -41.64 -26.35 12.32
N LYS E 106 -42.04 -26.93 11.18
CA LYS E 106 -42.58 -28.28 11.16
C LYS E 106 -41.54 -29.26 11.69
N GLU E 107 -40.27 -29.02 11.38
CA GLU E 107 -39.20 -29.89 11.83
C GLU E 107 -39.07 -29.83 13.36
N VAL E 108 -39.24 -28.64 13.94
CA VAL E 108 -39.18 -28.48 15.39
C VAL E 108 -40.40 -29.13 16.03
N ALA E 109 -41.57 -28.92 15.41
CA ALA E 109 -42.81 -29.50 15.92
C ALA E 109 -42.73 -31.03 15.94
N GLU E 110 -42.10 -31.62 14.91
CA GLU E 110 -41.95 -33.07 14.82
C GLU E 110 -40.99 -33.57 15.91
N GLU E 111 -39.94 -32.80 16.18
CA GLU E 111 -38.93 -33.17 17.18
C GLU E 111 -39.56 -33.10 18.58
N PHE E 112 -40.39 -32.08 18.82
CA PHE E 112 -41.11 -31.95 20.09
C PHE E 112 -42.09 -33.11 20.30
N LYS E 113 -42.76 -33.55 19.23
CA LYS E 113 -43.64 -34.70 19.31
C LYS E 113 -42.86 -35.93 19.80
N LYS E 114 -41.63 -36.10 19.31
CA LYS E 114 -40.84 -37.26 19.69
C LYS E 114 -40.34 -37.17 21.13
N ARG E 115 -40.28 -35.96 21.70
CA ARG E 115 -39.65 -35.78 23.00
C ARG E 115 -40.66 -35.44 24.08
N ARG E 116 -41.97 -35.43 23.81
CA ARG E 116 -42.88 -34.81 24.77
C ARG E 116 -43.39 -35.77 25.87
N ALA E 117 -43.14 -37.07 25.75
CA ALA E 117 -43.67 -38.03 26.73
C ALA E 117 -43.01 -37.82 28.10
N LEU E 118 -43.82 -37.89 29.16
CA LEU E 118 -43.39 -37.71 30.52
C LEU E 118 -42.90 -39.03 31.13
N PRO E 119 -41.66 -39.11 31.68
CA PRO E 119 -41.25 -40.29 32.43
C PRO E 119 -42.27 -40.67 33.49
N GLU E 120 -42.57 -41.97 33.62
CA GLU E 120 -43.51 -42.46 34.62
C GLU E 120 -43.06 -42.08 36.02
N TYR E 121 -41.75 -42.14 36.31
CA TYR E 121 -41.24 -41.84 37.64
C TYR E 121 -41.49 -40.37 38.03
N VAL E 122 -41.74 -39.50 37.04
CA VAL E 122 -42.12 -38.13 37.37
C VAL E 122 -43.51 -38.13 38.02
N LYS E 123 -44.44 -38.89 37.43
CA LYS E 123 -45.77 -39.05 38.00
C LYS E 123 -45.68 -39.73 39.36
N ASP E 124 -44.82 -40.74 39.51
CA ASP E 124 -44.65 -41.43 40.77
C ASP E 124 -44.22 -40.43 41.84
N THR E 125 -43.27 -39.57 41.49
CA THR E 125 -42.71 -38.59 42.41
C THR E 125 -43.78 -37.56 42.84
N LEU E 126 -44.58 -37.09 41.89
CA LEU E 126 -45.63 -36.10 42.16
C LEU E 126 -46.76 -36.70 42.99
N LYS E 127 -47.00 -38.02 42.87
CA LYS E 127 -47.96 -38.69 43.71
C LYS E 127 -47.43 -38.89 45.12
N ALA E 128 -46.12 -39.07 45.29
CA ALA E 128 -45.56 -39.30 46.62
C ALA E 128 -45.51 -37.98 47.38
N MET E 129 -45.35 -36.88 46.66
CA MET E 129 -45.49 -35.55 47.24
C MET E 129 -46.95 -35.37 47.68
N PRO E 130 -47.21 -34.87 48.91
CA PRO E 130 -48.60 -34.66 49.34
C PRO E 130 -49.40 -33.88 48.30
N ARG E 131 -50.64 -34.33 48.07
CA ARG E 131 -51.47 -33.74 47.01
C ARG E 131 -51.76 -32.26 47.29
N ASP E 132 -51.62 -31.84 48.56
CA ASP E 132 -51.89 -30.47 48.93
C ASP E 132 -50.66 -29.59 48.72
N THR E 133 -49.57 -30.16 48.19
CA THR E 133 -48.41 -29.39 47.77
C THR E 133 -48.77 -28.37 46.67
N HIS E 134 -48.21 -27.16 46.81
CA HIS E 134 -48.40 -26.09 45.86
C HIS E 134 -47.98 -26.56 44.46
N PRO E 135 -48.73 -26.19 43.40
CA PRO E 135 -48.42 -26.69 42.07
C PRO E 135 -47.03 -26.30 41.54
N MET E 136 -46.51 -25.15 41.96
CA MET E 136 -45.16 -24.70 41.58
C MET E 136 -44.10 -25.54 42.26
N THR E 137 -44.39 -26.04 43.46
CA THR E 137 -43.45 -26.95 44.11
C THR E 137 -43.41 -28.28 43.37
N MET E 138 -44.58 -28.77 42.96
CA MET E 138 -44.66 -29.98 42.16
C MET E 138 -43.93 -29.79 40.82
N PHE E 139 -44.11 -28.63 40.21
CA PHE E 139 -43.55 -28.32 38.90
C PHE E 139 -42.03 -28.32 38.96
N ALA E 140 -41.48 -27.61 39.95
CA ALA E 140 -40.04 -27.57 40.15
C ALA E 140 -39.49 -28.98 40.43
N ALA E 141 -40.23 -29.79 41.17
CA ALA E 141 -39.80 -31.12 41.59
C ALA E 141 -39.79 -32.07 40.40
N GLY E 142 -40.82 -31.98 39.56
CA GLY E 142 -40.89 -32.74 38.32
C GLY E 142 -39.70 -32.50 37.39
N ILE E 143 -39.34 -31.21 37.20
CA ILE E 143 -38.19 -30.83 36.41
C ILE E 143 -36.93 -31.43 37.03
N LEU E 144 -36.79 -31.22 38.37
CA LEU E 144 -35.60 -31.68 39.08
C LEU E 144 -35.40 -33.19 38.95
N ALA E 145 -36.48 -33.96 39.10
CA ALA E 145 -36.37 -35.41 39.06
C ALA E 145 -35.81 -35.89 37.71
N MET E 146 -36.12 -35.16 36.63
CA MET E 146 -35.69 -35.53 35.30
C MET E 146 -34.22 -35.20 35.05
N GLN E 147 -33.53 -34.61 36.04
CA GLN E 147 -32.09 -34.44 36.02
C GLN E 147 -31.36 -35.77 35.80
N ARG E 148 -32.02 -36.86 36.20
CA ARG E 148 -31.55 -38.22 35.92
C ARG E 148 -31.26 -38.44 34.42
N GLU E 149 -31.98 -37.75 33.52
CA GLU E 149 -31.85 -37.98 32.09
C GLU E 149 -30.84 -37.01 31.45
N SER E 150 -30.19 -36.13 32.22
CA SER E 150 -29.38 -35.06 31.64
C SER E 150 -28.25 -35.62 30.77
N LYS E 151 -28.26 -35.22 29.51
CA LYS E 151 -27.19 -35.49 28.55
C LYS E 151 -25.96 -34.65 28.85
N PHE E 152 -26.18 -33.39 29.27
CA PHE E 152 -25.10 -32.51 29.67
C PHE E 152 -24.35 -33.12 30.86
N ALA E 153 -25.08 -33.59 31.88
CA ALA E 153 -24.44 -34.18 33.05
C ALA E 153 -23.67 -35.45 32.66
N ALA E 154 -24.22 -36.31 31.79
CA ALA E 154 -23.55 -37.54 31.41
C ALA E 154 -22.27 -37.22 30.61
N TYR E 155 -22.37 -36.24 29.72
CA TYR E 155 -21.24 -35.70 28.97
C TYR E 155 -20.14 -35.23 29.92
N TYR E 156 -20.50 -34.40 30.89
CA TYR E 156 -19.51 -33.91 31.83
C TYR E 156 -18.90 -35.07 32.60
N ASN E 157 -19.73 -35.99 33.10
CA ASN E 157 -19.29 -37.03 34.01
C ASN E 157 -18.42 -38.05 33.25
N ALA E 158 -18.60 -38.17 31.93
CA ALA E 158 -17.79 -39.06 31.10
C ALA E 158 -16.43 -38.43 30.74
N GLY E 159 -16.14 -37.22 31.22
CA GLY E 159 -14.86 -36.56 30.99
C GLY E 159 -14.78 -35.86 29.63
N LYS E 160 -15.91 -35.57 28.99
CA LYS E 160 -15.91 -35.07 27.63
C LYS E 160 -16.03 -33.55 27.56
N PHE E 161 -16.01 -32.86 28.69
CA PHE E 161 -16.21 -31.42 28.62
C PHE E 161 -15.19 -30.79 27.65
N ASN E 162 -15.70 -30.01 26.69
CA ASN E 162 -14.87 -29.22 25.80
C ASN E 162 -15.62 -27.94 25.52
N LYS E 163 -14.94 -26.80 25.64
CA LYS E 163 -15.57 -25.49 25.47
C LYS E 163 -16.19 -25.32 24.10
N ASN E 164 -15.76 -26.09 23.07
CA ASN E 164 -16.32 -25.91 21.75
C ASN E 164 -17.64 -26.66 21.58
N THR E 165 -17.77 -27.80 22.28
CA THR E 165 -18.86 -28.75 22.06
C THR E 165 -19.93 -28.75 23.17
N ALA E 166 -19.69 -28.04 24.28
CA ALA E 166 -20.53 -28.12 25.47
C ALA E 166 -21.98 -27.71 25.20
N TRP E 167 -22.18 -26.80 24.25
CA TRP E 167 -23.52 -26.35 23.92
C TRP E 167 -24.40 -27.48 23.38
N GLU E 168 -23.76 -28.53 22.84
CA GLU E 168 -24.48 -29.52 22.05
C GLU E 168 -25.38 -30.35 22.96
N PRO E 169 -24.86 -31.00 24.03
CA PRO E 169 -25.72 -31.70 24.98
C PRO E 169 -26.64 -30.76 25.76
N MET E 170 -26.23 -29.49 25.95
CA MET E 170 -27.12 -28.51 26.56
C MET E 170 -28.34 -28.30 25.66
N PHE E 171 -28.11 -28.20 24.33
CA PHE E 171 -29.21 -28.09 23.38
C PHE E 171 -30.15 -29.30 23.45
N GLU E 172 -29.58 -30.51 23.56
CA GLU E 172 -30.38 -31.72 23.58
C GLU E 172 -31.28 -31.73 24.82
N ASP E 173 -30.72 -31.37 25.99
CA ASP E 173 -31.48 -31.25 27.23
C ASP E 173 -32.57 -30.19 27.10
N ALA E 174 -32.24 -29.04 26.47
CA ALA E 174 -33.20 -27.97 26.29
C ALA E 174 -34.40 -28.43 25.45
N MET E 175 -34.12 -29.20 24.38
CA MET E 175 -35.18 -29.71 23.53
C MET E 175 -36.05 -30.72 24.29
N ASP E 176 -35.38 -31.59 25.06
CA ASP E 176 -36.06 -32.64 25.82
C ASP E 176 -36.98 -32.01 26.87
N LEU E 177 -36.44 -31.05 27.62
CA LEU E 177 -37.18 -30.42 28.70
C LEU E 177 -38.30 -29.56 28.14
N MET E 178 -37.99 -28.71 27.14
CA MET E 178 -39.01 -27.82 26.62
C MET E 178 -40.20 -28.62 26.08
N ALA E 179 -39.92 -29.76 25.43
CA ALA E 179 -40.99 -30.54 24.84
C ALA E 179 -41.92 -31.10 25.92
N LYS E 180 -41.40 -31.34 27.14
CA LYS E 180 -42.11 -32.03 28.19
C LYS E 180 -42.83 -31.09 29.16
N LEU E 181 -42.36 -29.84 29.31
CA LEU E 181 -42.85 -28.97 30.36
C LEU E 181 -44.37 -28.81 30.28
N PRO E 182 -44.99 -28.64 29.10
CA PRO E 182 -46.45 -28.51 29.03
C PRO E 182 -47.21 -29.73 29.55
N SER E 183 -46.72 -30.93 29.21
CA SER E 183 -47.27 -32.19 29.71
C SER E 183 -47.12 -32.27 31.23
N LEU E 184 -45.98 -31.82 31.76
CA LEU E 184 -45.75 -31.82 33.20
C LEU E 184 -46.79 -30.91 33.86
N GLY E 185 -46.94 -29.70 33.30
CA GLY E 185 -47.91 -28.74 33.82
C GLY E 185 -49.33 -29.29 33.82
N ALA E 186 -49.72 -29.88 32.68
CA ALA E 186 -51.05 -30.44 32.53
C ALA E 186 -51.26 -31.58 33.52
N TYR E 187 -50.24 -32.41 33.72
CA TYR E 187 -50.34 -33.51 34.66
C TYR E 187 -50.71 -32.96 36.03
N ILE E 188 -49.97 -31.96 36.48
CA ILE E 188 -50.19 -31.33 37.77
C ILE E 188 -51.60 -30.75 37.83
N TYR E 189 -52.06 -30.12 36.73
CA TYR E 189 -53.38 -29.51 36.71
C TYR E 189 -54.45 -30.58 36.90
N ARG E 190 -54.33 -31.69 36.17
CA ARG E 190 -55.33 -32.74 36.20
C ARG E 190 -55.34 -33.43 37.58
N MET E 191 -54.14 -33.75 38.10
CA MET E 191 -54.00 -34.50 39.32
C MET E 191 -54.50 -33.72 40.53
N LYS E 192 -54.34 -32.39 40.53
CA LYS E 192 -54.72 -31.54 41.64
C LYS E 192 -56.18 -31.07 41.50
N TYR E 193 -56.59 -30.64 40.30
CA TYR E 193 -57.79 -29.83 40.19
C TYR E 193 -58.88 -30.46 39.32
N LYS E 194 -58.61 -31.55 38.60
CA LYS E 194 -59.62 -32.12 37.71
C LYS E 194 -59.87 -33.58 38.04
N SER E 195 -59.93 -33.89 39.34
CA SER E 195 -60.33 -35.21 39.82
C SER E 195 -59.34 -36.30 39.43
N ASP E 196 -58.10 -35.92 39.05
CA ASP E 196 -57.07 -36.90 38.78
C ASP E 196 -57.49 -37.84 37.66
N THR E 197 -58.23 -37.32 36.67
CA THR E 197 -58.38 -38.04 35.41
C THR E 197 -57.57 -37.29 34.35
N HIS E 198 -57.02 -38.04 33.40
CA HIS E 198 -55.99 -37.54 32.50
C HIS E 198 -56.40 -37.72 31.04
N ILE E 199 -56.18 -36.68 30.25
CA ILE E 199 -56.48 -36.71 28.82
C ILE E 199 -55.15 -36.97 28.10
N PRO E 200 -55.03 -38.04 27.30
CA PRO E 200 -53.76 -38.35 26.64
C PRO E 200 -53.36 -37.27 25.63
N SER E 201 -52.04 -37.16 25.46
CA SER E 201 -51.42 -36.35 24.42
C SER E 201 -52.00 -36.75 23.08
N ASN E 202 -52.30 -35.74 22.25
CA ASN E 202 -52.64 -35.96 20.86
C ASN E 202 -51.39 -35.74 20.03
N PRO E 203 -50.81 -36.81 19.45
CA PRO E 203 -49.52 -36.70 18.75
C PRO E 203 -49.57 -35.87 17.48
N ASP E 204 -50.78 -35.47 17.03
CA ASP E 204 -50.92 -34.63 15.86
C ASP E 204 -51.00 -33.15 16.21
N LEU E 205 -51.05 -32.78 17.50
CA LEU E 205 -51.18 -31.36 17.83
C LEU E 205 -49.81 -30.75 18.09
N ASP E 206 -49.73 -29.44 17.88
CA ASP E 206 -48.57 -28.65 18.26
C ASP E 206 -48.51 -28.47 19.78
N LEU E 207 -47.43 -27.85 20.26
CA LEU E 207 -47.19 -27.72 21.69
C LEU E 207 -48.38 -27.05 22.37
N GLY E 208 -48.82 -25.91 21.84
CA GLY E 208 -49.90 -25.15 22.47
C GLY E 208 -51.25 -25.87 22.38
N GLY E 209 -51.52 -26.45 21.21
CA GLY E 209 -52.74 -27.18 21.01
C GLY E 209 -52.82 -28.40 21.93
N ASP E 210 -51.71 -29.12 22.07
CA ASP E 210 -51.69 -30.34 22.87
C ASP E 210 -51.80 -29.97 24.36
N PHE E 211 -51.23 -28.84 24.75
CA PHE E 211 -51.37 -28.37 26.12
C PHE E 211 -52.85 -28.13 26.45
N ALA E 212 -53.58 -27.42 25.58
CA ALA E 212 -55.00 -27.17 25.79
C ALA E 212 -55.77 -28.49 25.83
N ASN E 213 -55.44 -29.41 24.92
CA ASN E 213 -56.01 -30.76 24.87
C ASN E 213 -55.84 -31.46 26.24
N MET E 214 -54.60 -31.53 26.71
CA MET E 214 -54.27 -32.26 27.93
C MET E 214 -54.81 -31.57 29.18
N MET E 215 -55.01 -30.25 29.11
CA MET E 215 -55.64 -29.50 30.20
C MET E 215 -57.15 -29.78 30.24
N GLY E 216 -57.71 -30.11 29.08
CA GLY E 216 -59.12 -30.40 28.92
C GLY E 216 -59.94 -29.15 28.59
N ILE E 217 -59.34 -28.18 27.88
CA ILE E 217 -59.98 -26.91 27.60
C ILE E 217 -60.08 -26.72 26.08
N ASP E 218 -61.27 -26.34 25.61
CA ASP E 218 -61.60 -26.29 24.18
C ASP E 218 -61.01 -25.03 23.53
N LYS E 219 -60.98 -25.05 22.19
CA LYS E 219 -60.73 -23.84 21.40
C LYS E 219 -61.57 -22.70 21.96
N PRO E 220 -61.05 -21.45 22.04
CA PRO E 220 -59.70 -21.10 21.58
C PRO E 220 -58.59 -21.08 22.65
N TYR E 221 -58.69 -21.93 23.67
CA TYR E 221 -57.67 -21.95 24.72
C TYR E 221 -56.31 -22.34 24.12
N ASP E 222 -56.31 -23.11 23.02
CA ASP E 222 -55.09 -23.42 22.30
C ASP E 222 -54.35 -22.12 21.93
N ASP E 223 -55.09 -21.10 21.47
CA ASP E 223 -54.50 -19.83 21.08
C ASP E 223 -54.16 -18.99 22.31
N VAL E 224 -55.00 -19.07 23.35
CA VAL E 224 -54.70 -18.41 24.61
C VAL E 224 -53.30 -18.83 25.08
N ALA E 225 -53.04 -20.15 25.00
CA ALA E 225 -51.81 -20.74 25.50
C ALA E 225 -50.62 -20.38 24.61
N ARG E 226 -50.80 -20.48 23.28
CA ARG E 226 -49.74 -20.11 22.35
C ARG E 226 -49.31 -18.67 22.60
N LEU E 227 -50.28 -17.76 22.71
CA LEU E 227 -50.00 -16.36 22.96
C LEU E 227 -49.34 -16.20 24.33
N TYR E 228 -49.95 -16.81 25.35
CA TYR E 228 -49.44 -16.67 26.71
C TYR E 228 -47.97 -17.08 26.77
N PHE E 229 -47.65 -18.24 26.17
CA PHE E 229 -46.30 -18.79 26.27
C PHE E 229 -45.29 -17.90 25.54
N ILE E 230 -45.67 -17.40 24.36
CA ILE E 230 -44.79 -16.53 23.59
C ILE E 230 -44.53 -15.23 24.36
N LEU E 231 -45.57 -14.64 24.94
CA LEU E 231 -45.42 -13.38 25.66
C LEU E 231 -44.51 -13.53 26.87
N HIS E 232 -44.58 -14.71 27.53
CA HIS E 232 -43.86 -14.93 28.77
C HIS E 232 -42.50 -15.59 28.50
N SER E 233 -42.13 -15.72 27.22
CA SER E 233 -40.99 -16.53 26.79
C SER E 233 -39.66 -16.07 27.40
N ASP E 234 -39.45 -14.75 27.50
CA ASP E 234 -38.18 -14.21 27.98
C ASP E 234 -38.42 -12.75 28.36
N HIS E 235 -37.61 -12.25 29.30
CA HIS E 235 -37.60 -10.85 29.67
C HIS E 235 -36.17 -10.48 30.10
N GLU E 236 -35.27 -10.62 29.13
CA GLU E 236 -33.82 -10.65 29.27
C GLU E 236 -33.42 -11.57 30.44
N SER E 237 -32.17 -11.48 30.88
CA SER E 237 -31.57 -12.46 31.76
C SER E 237 -31.55 -11.97 33.22
N GLY E 238 -31.99 -10.74 33.47
CA GLY E 238 -31.83 -10.11 34.77
C GLY E 238 -33.02 -10.32 35.72
N ASN E 239 -34.16 -10.78 35.18
CA ASN E 239 -35.29 -11.18 36.02
C ASN E 239 -34.89 -12.38 36.89
N VAL E 240 -35.59 -12.58 38.02
CA VAL E 240 -35.10 -13.51 39.04
C VAL E 240 -35.02 -14.94 38.49
N SER E 241 -36.06 -15.38 37.77
CA SER E 241 -36.10 -16.75 37.29
C SER E 241 -35.00 -17.00 36.23
N ALA E 242 -34.87 -16.09 35.25
CA ALA E 242 -33.89 -16.27 34.19
C ALA E 242 -32.48 -16.16 34.74
N HIS E 243 -32.29 -15.23 35.68
CA HIS E 243 -30.99 -15.04 36.29
C HIS E 243 -30.61 -16.25 37.12
N THR E 244 -31.58 -16.82 37.84
CA THR E 244 -31.31 -17.99 38.66
C THR E 244 -30.85 -19.14 37.77
N ALA E 245 -31.56 -19.40 36.68
CA ALA E 245 -31.15 -20.44 35.74
C ALA E 245 -29.73 -20.18 35.24
N HIS E 246 -29.47 -18.93 34.83
CA HIS E 246 -28.19 -18.54 34.28
C HIS E 246 -27.08 -18.76 35.31
N LEU E 247 -27.35 -18.32 36.55
CA LEU E 247 -26.40 -18.43 37.64
C LEU E 247 -26.06 -19.89 37.93
N VAL E 248 -27.10 -20.72 38.08
CA VAL E 248 -26.90 -22.11 38.42
C VAL E 248 -26.13 -22.80 37.30
N ALA E 249 -26.57 -22.60 36.03
CA ALA E 249 -25.91 -23.19 34.87
C ALA E 249 -24.45 -22.73 34.70
N SER E 250 -24.13 -21.52 35.19
CA SER E 250 -22.79 -20.96 35.10
C SER E 250 -21.77 -21.82 35.86
N ALA E 251 -22.24 -22.61 36.84
CA ALA E 251 -21.37 -23.57 37.53
C ALA E 251 -21.34 -24.91 36.80
N LEU E 252 -21.93 -24.96 35.60
CA LEU E 252 -22.00 -26.12 34.71
C LEU E 252 -22.98 -27.19 35.24
N SER E 253 -23.94 -26.74 36.07
CA SER E 253 -25.14 -27.50 36.35
C SER E 253 -25.98 -27.55 35.08
N ASP E 254 -26.57 -28.74 34.84
CA ASP E 254 -27.40 -28.96 33.67
C ASP E 254 -28.70 -28.15 33.77
N ALA E 255 -29.45 -28.15 32.66
CA ALA E 255 -30.67 -27.39 32.50
C ALA E 255 -31.77 -27.83 33.47
N TYR E 256 -31.76 -29.09 33.92
CA TYR E 256 -32.79 -29.56 34.84
C TYR E 256 -32.57 -28.94 36.22
N TYR E 257 -31.33 -29.00 36.71
CA TYR E 257 -30.98 -28.28 37.93
C TYR E 257 -31.30 -26.79 37.75
N ALA E 258 -30.92 -26.21 36.61
CA ALA E 258 -30.95 -24.76 36.42
C ALA E 258 -32.40 -24.28 36.34
N TYR E 259 -33.25 -25.02 35.62
CA TYR E 259 -34.61 -24.57 35.43
C TYR E 259 -35.47 -24.90 36.66
N SER E 260 -35.19 -26.01 37.34
CA SER E 260 -35.83 -26.24 38.63
C SER E 260 -35.58 -25.07 39.60
N ALA E 261 -34.31 -24.69 39.75
CA ALA E 261 -33.89 -23.51 40.53
C ALA E 261 -34.64 -22.25 40.09
N ALA E 262 -34.79 -22.08 38.77
CA ALA E 262 -35.50 -20.92 38.23
C ALA E 262 -36.96 -20.88 38.72
N MET E 263 -37.61 -22.04 38.75
CA MET E 263 -39.00 -22.10 39.17
C MET E 263 -39.14 -21.87 40.68
N CYS E 264 -38.12 -22.18 41.46
CA CYS E 264 -38.06 -21.79 42.87
C CYS E 264 -38.12 -20.27 43.01
N GLY E 265 -37.43 -19.53 42.11
CA GLY E 265 -37.49 -18.08 42.09
C GLY E 265 -38.82 -17.55 41.58
N LEU E 266 -39.35 -18.15 40.50
CA LEU E 266 -40.60 -17.71 39.92
C LEU E 266 -41.76 -17.93 40.89
N ALA E 267 -41.63 -18.90 41.80
CA ALA E 267 -42.65 -19.15 42.80
C ALA E 267 -42.80 -17.97 43.77
N GLY E 268 -41.80 -17.09 43.83
CA GLY E 268 -41.76 -15.99 44.80
C GLY E 268 -42.89 -14.99 44.60
N PRO E 269 -43.53 -14.52 45.69
CA PRO E 269 -44.57 -13.48 45.57
C PRO E 269 -44.17 -12.23 44.80
N LEU E 270 -42.89 -11.87 44.79
CA LEU E 270 -42.47 -10.66 44.07
C LEU E 270 -42.11 -10.97 42.62
N HIS E 271 -42.36 -12.21 42.15
CA HIS E 271 -41.98 -12.57 40.79
C HIS E 271 -43.11 -13.26 40.02
N GLY E 272 -43.75 -14.28 40.58
CA GLY E 272 -44.67 -15.10 39.78
C GLY E 272 -46.15 -15.03 40.18
N LEU E 273 -46.51 -14.17 41.13
CA LEU E 273 -47.85 -14.19 41.73
C LEU E 273 -48.73 -13.04 41.28
N ALA E 274 -48.19 -12.05 40.55
CA ALA E 274 -48.92 -10.81 40.35
C ALA E 274 -50.20 -11.05 39.54
N ASN E 275 -50.17 -12.03 38.63
CA ASN E 275 -51.32 -12.37 37.80
C ASN E 275 -52.53 -12.69 38.70
N GLN E 276 -52.36 -13.66 39.60
CA GLN E 276 -53.44 -14.10 40.48
C GLN E 276 -53.78 -13.00 41.49
N GLU E 277 -52.83 -12.14 41.86
CA GLU E 277 -53.10 -11.11 42.87
C GLU E 277 -53.93 -9.98 42.26
N VAL E 278 -53.60 -9.58 41.03
CA VAL E 278 -54.43 -8.71 40.23
C VAL E 278 -55.87 -9.25 40.17
N LEU E 279 -56.01 -10.50 39.73
CA LEU E 279 -57.33 -11.02 39.44
C LEU E 279 -58.17 -11.06 40.71
N LYS E 280 -57.58 -11.53 41.82
CA LYS E 280 -58.26 -11.60 43.10
C LYS E 280 -58.72 -10.21 43.55
N TRP E 281 -57.84 -9.23 43.37
CA TRP E 281 -58.11 -7.87 43.77
C TRP E 281 -59.24 -7.28 42.93
N ILE E 282 -59.27 -7.55 41.62
CA ILE E 282 -60.38 -7.11 40.78
C ILE E 282 -61.69 -7.79 41.21
N GLN E 283 -61.65 -9.10 41.52
CA GLN E 283 -62.86 -9.83 41.86
C GLN E 283 -63.41 -9.37 43.21
N GLU E 284 -62.51 -9.01 44.13
CA GLU E 284 -62.89 -8.51 45.44
C GLU E 284 -63.45 -7.09 45.30
N THR E 285 -62.86 -6.31 44.39
CA THR E 285 -63.31 -4.95 44.11
C THR E 285 -64.72 -4.98 43.53
N ILE E 286 -64.95 -5.84 42.52
CA ILE E 286 -66.25 -6.00 41.90
C ILE E 286 -67.29 -6.33 42.96
N ASP E 287 -66.94 -7.18 43.93
CA ASP E 287 -67.89 -7.73 44.88
C ASP E 287 -68.14 -6.74 46.02
N LYS E 288 -67.09 -6.17 46.59
CA LYS E 288 -67.31 -5.32 47.78
C LYS E 288 -67.47 -3.84 47.45
N LYS E 289 -66.66 -3.28 46.57
CA LYS E 289 -66.68 -1.83 46.40
C LYS E 289 -67.64 -1.36 45.31
N LEU E 290 -68.20 -2.27 44.49
CA LEU E 290 -69.07 -1.86 43.40
C LEU E 290 -70.34 -2.72 43.35
N GLY E 291 -70.72 -3.31 44.49
CA GLY E 291 -71.92 -4.13 44.59
C GLY E 291 -72.11 -5.10 43.42
N GLY E 292 -71.06 -5.88 43.13
CA GLY E 292 -71.12 -7.00 42.19
C GLY E 292 -71.39 -6.59 40.73
N LYS E 293 -71.09 -5.34 40.35
CA LYS E 293 -71.50 -4.82 39.04
C LYS E 293 -70.37 -3.99 38.40
N VAL E 294 -70.34 -3.98 37.05
CA VAL E 294 -69.36 -3.23 36.28
C VAL E 294 -69.57 -1.74 36.49
N PRO E 295 -68.59 -1.00 37.05
CA PRO E 295 -68.78 0.41 37.42
C PRO E 295 -68.67 1.38 36.24
N THR E 296 -68.86 2.68 36.54
CA THR E 296 -68.55 3.74 35.60
C THR E 296 -67.07 4.10 35.73
N LYS E 297 -66.57 4.76 34.68
CA LYS E 297 -65.22 5.29 34.69
C LYS E 297 -65.06 6.22 35.90
N GLU E 298 -66.16 6.90 36.25
CA GLU E 298 -66.21 7.82 37.37
C GLU E 298 -66.02 7.09 38.70
N GLU E 299 -66.82 6.04 38.92
CA GLU E 299 -66.84 5.31 40.19
C GLU E 299 -65.49 4.66 40.47
N LEU E 300 -64.84 4.17 39.40
CA LEU E 300 -63.58 3.46 39.53
C LEU E 300 -62.44 4.45 39.75
N LYS E 301 -62.50 5.60 39.05
CA LYS E 301 -61.49 6.66 39.13
C LYS E 301 -61.26 7.04 40.60
N LYS E 302 -62.36 7.13 41.37
CA LYS E 302 -62.27 7.55 42.77
C LYS E 302 -62.02 6.34 43.68
N PHE E 303 -62.42 5.14 43.26
CA PHE E 303 -62.09 3.94 44.00
C PHE E 303 -60.56 3.75 44.04
N VAL E 304 -59.90 4.03 42.91
CA VAL E 304 -58.46 3.91 42.79
C VAL E 304 -57.78 4.84 43.80
N GLU E 305 -58.25 6.10 43.86
CA GLU E 305 -57.64 7.15 44.67
C GLU E 305 -57.72 6.81 46.16
N GLU E 306 -58.83 6.20 46.58
CA GLU E 306 -59.06 5.76 47.95
C GLU E 306 -58.06 4.66 48.34
N THR E 307 -57.83 3.69 47.43
CA THR E 307 -56.91 2.59 47.68
C THR E 307 -55.48 3.10 47.81
N LEU E 308 -55.12 4.07 46.94
CA LEU E 308 -53.79 4.66 46.90
C LEU E 308 -53.57 5.56 48.12
N SER E 309 -54.47 6.51 48.35
CA SER E 309 -54.30 7.49 49.43
C SER E 309 -54.46 6.82 50.79
N SER E 310 -55.05 5.62 50.85
CA SER E 310 -55.06 4.82 52.07
C SER E 310 -53.83 3.92 52.18
N GLY E 311 -52.85 4.09 51.27
CA GLY E 311 -51.53 3.51 51.41
C GLY E 311 -51.42 2.09 50.87
N GLN E 312 -51.97 1.84 49.67
CA GLN E 312 -51.92 0.52 49.06
C GLN E 312 -51.71 0.62 47.55
N VAL E 313 -51.16 -0.47 46.97
CA VAL E 313 -50.74 -0.49 45.58
C VAL E 313 -51.92 -0.89 44.70
N ILE E 314 -51.89 -0.43 43.43
CA ILE E 314 -52.69 -1.03 42.37
C ILE E 314 -51.89 -2.19 41.79
N PRO E 315 -52.33 -3.47 41.96
CA PRO E 315 -51.52 -4.61 41.51
C PRO E 315 -51.45 -4.65 39.97
N GLY E 316 -50.32 -5.17 39.47
CA GLY E 316 -50.09 -5.33 38.05
C GLY E 316 -49.64 -4.04 37.36
N TYR E 317 -49.39 -2.98 38.15
CA TYR E 317 -48.86 -1.70 37.67
C TYR E 317 -47.48 -1.49 38.30
N GLY E 318 -46.54 -0.93 37.53
CA GLY E 318 -45.18 -0.77 38.02
C GLY E 318 -44.28 -1.92 37.58
N HIS E 319 -42.96 -1.69 37.69
CA HIS E 319 -41.94 -2.65 37.28
C HIS E 319 -40.56 -2.13 37.69
N ALA E 320 -39.62 -3.05 37.86
CA ALA E 320 -38.24 -2.73 38.21
C ALA E 320 -37.53 -2.02 37.05
N VAL E 321 -37.90 -2.31 35.79
CA VAL E 321 -37.13 -1.88 34.63
C VAL E 321 -38.01 -1.14 33.63
N LEU E 322 -39.21 -1.66 33.32
CA LEU E 322 -40.16 -1.01 32.44
C LEU E 322 -40.51 0.39 32.99
N ARG E 323 -40.57 1.38 32.09
CA ARG E 323 -41.02 2.72 32.42
C ARG E 323 -42.22 3.15 31.58
N LYS E 324 -42.62 2.32 30.61
CA LYS E 324 -43.85 2.56 29.85
C LYS E 324 -44.74 1.32 29.89
N THR E 325 -45.88 1.44 29.20
CA THR E 325 -46.83 0.33 29.02
C THR E 325 -46.05 -0.88 28.51
N ASP E 326 -46.33 -2.03 29.12
CA ASP E 326 -45.75 -3.31 28.72
C ASP E 326 -46.41 -3.75 27.41
N PRO E 327 -45.64 -3.97 26.32
CA PRO E 327 -46.24 -4.46 25.07
C PRO E 327 -46.82 -5.88 25.20
N ARG E 328 -46.41 -6.62 26.24
CA ARG E 328 -46.99 -7.93 26.54
C ARG E 328 -48.43 -7.72 27.02
N TYR E 329 -48.63 -6.69 27.86
CA TYR E 329 -49.98 -6.28 28.28
C TYR E 329 -50.84 -5.94 27.07
N VAL E 330 -50.28 -5.20 26.12
CA VAL E 330 -51.01 -4.73 24.94
C VAL E 330 -51.47 -5.92 24.10
N ALA E 331 -50.62 -6.92 23.91
CA ALA E 331 -50.98 -8.09 23.12
C ALA E 331 -52.10 -8.88 23.79
N GLN E 332 -52.08 -8.96 25.13
CA GLN E 332 -53.15 -9.62 25.88
C GLN E 332 -54.47 -8.87 25.65
N ARG E 333 -54.39 -7.53 25.69
CA ARG E 333 -55.53 -6.64 25.51
C ARG E 333 -56.17 -6.86 24.15
N GLU E 334 -55.35 -6.93 23.10
CA GLU E 334 -55.86 -7.11 21.74
C GLU E 334 -56.61 -8.43 21.65
N PHE E 335 -56.11 -9.47 22.36
CA PHE E 335 -56.76 -10.77 22.36
C PHE E 335 -58.12 -10.70 23.05
N ALA E 336 -58.17 -9.99 24.19
CA ALA E 336 -59.38 -9.88 24.98
C ALA E 336 -60.46 -9.07 24.25
N LEU E 337 -60.05 -7.96 23.60
CA LEU E 337 -60.96 -7.14 22.82
C LEU E 337 -61.64 -7.98 21.75
N LYS E 338 -60.86 -8.83 21.07
CA LYS E 338 -61.40 -9.72 20.05
C LYS E 338 -62.34 -10.78 20.61
N HIS E 339 -61.95 -11.45 21.72
CA HIS E 339 -62.55 -12.73 22.04
C HIS E 339 -63.49 -12.66 23.24
N MET E 340 -63.38 -11.63 24.08
CA MET E 340 -64.19 -11.56 25.29
C MET E 340 -64.45 -10.11 25.67
N PRO E 341 -64.98 -9.27 24.73
CA PRO E 341 -65.18 -7.84 25.01
C PRO E 341 -66.22 -7.58 26.11
N ASP E 342 -67.16 -8.52 26.29
CA ASP E 342 -68.27 -8.37 27.20
C ASP E 342 -68.01 -9.02 28.56
N ASP E 343 -66.80 -9.59 28.76
CA ASP E 343 -66.49 -10.24 30.01
C ASP E 343 -66.40 -9.18 31.11
N PRO E 344 -67.17 -9.33 32.21
CA PRO E 344 -67.18 -8.33 33.29
C PRO E 344 -65.80 -7.98 33.84
N ILE E 345 -64.95 -9.00 34.02
CA ILE E 345 -63.64 -8.81 34.65
C ILE E 345 -62.73 -8.06 33.68
N PHE E 346 -62.80 -8.42 32.39
CA PHE E 346 -62.03 -7.72 31.37
C PHE E 346 -62.41 -6.24 31.34
N GLN E 347 -63.72 -5.95 31.47
CA GLN E 347 -64.19 -4.58 31.39
C GLN E 347 -63.52 -3.73 32.47
N VAL E 348 -63.40 -4.28 33.69
CA VAL E 348 -62.71 -3.58 34.76
C VAL E 348 -61.22 -3.41 34.43
N VAL E 349 -60.60 -4.45 33.83
CA VAL E 349 -59.19 -4.40 33.44
C VAL E 349 -58.98 -3.28 32.42
N SER E 350 -59.86 -3.24 31.41
CA SER E 350 -59.86 -2.22 30.37
C SER E 350 -59.96 -0.81 30.95
N MET E 351 -60.94 -0.60 31.81
CA MET E 351 -61.19 0.70 32.42
C MET E 351 -60.02 1.11 33.33
N LEU E 352 -59.41 0.14 34.01
CA LEU E 352 -58.22 0.41 34.83
C LEU E 352 -57.08 0.93 33.96
N TYR E 353 -56.98 0.42 32.72
CA TYR E 353 -55.97 0.85 31.78
C TYR E 353 -56.06 2.37 31.57
N GLU E 354 -57.30 2.86 31.42
CA GLU E 354 -57.58 4.26 31.14
C GLU E 354 -57.28 5.14 32.36
N VAL E 355 -57.81 4.73 33.51
CA VAL E 355 -57.96 5.62 34.66
C VAL E 355 -56.69 5.60 35.53
N VAL E 356 -55.96 4.47 35.59
CA VAL E 356 -54.93 4.28 36.61
C VAL E 356 -53.63 5.01 36.25
N PRO E 357 -53.13 4.98 34.98
CA PRO E 357 -51.90 5.71 34.65
C PRO E 357 -51.93 7.21 34.94
N PRO E 358 -52.94 8.00 34.47
CA PRO E 358 -53.05 9.42 34.86
C PRO E 358 -52.89 9.67 36.36
N ILE E 359 -53.56 8.83 37.18
CA ILE E 359 -53.61 8.99 38.62
C ILE E 359 -52.25 8.67 39.26
N LEU E 360 -51.61 7.57 38.82
CA LEU E 360 -50.31 7.15 39.37
C LEU E 360 -49.22 8.14 38.97
N SER E 361 -49.40 8.78 37.81
CA SER E 361 -48.46 9.78 37.32
C SER E 361 -48.50 11.04 38.20
N SER E 362 -49.72 11.54 38.48
CA SER E 362 -49.95 12.66 39.40
C SER E 362 -49.16 12.47 40.70
N LEU E 363 -49.44 11.37 41.41
CA LEU E 363 -48.84 11.09 42.70
C LEU E 363 -47.32 10.91 42.55
N GLY E 364 -46.86 10.58 41.32
CA GLY E 364 -45.46 10.59 40.95
C GLY E 364 -44.57 9.71 41.83
N LYS E 365 -45.13 8.61 42.39
CA LYS E 365 -44.43 7.80 43.38
C LYS E 365 -43.98 6.44 42.82
N VAL E 366 -44.70 5.89 41.83
CA VAL E 366 -44.23 4.68 41.16
C VAL E 366 -43.46 5.09 39.90
N LYS E 367 -42.22 4.57 39.76
CA LYS E 367 -41.34 4.96 38.66
C LYS E 367 -41.92 4.48 37.31
N ASP E 368 -42.81 3.47 37.31
CA ASP E 368 -43.50 2.97 36.12
C ASP E 368 -45.01 3.06 36.36
N PRO E 369 -45.66 4.22 36.04
CA PRO E 369 -47.10 4.40 36.23
C PRO E 369 -47.95 3.82 35.10
N TRP E 370 -47.75 2.53 34.83
CA TRP E 370 -48.29 1.86 33.66
C TRP E 370 -48.46 0.36 33.96
N PRO E 371 -49.32 -0.35 33.20
CA PRO E 371 -49.52 -1.79 33.43
C PRO E 371 -48.37 -2.66 32.95
N ASN E 372 -48.18 -3.82 33.61
CA ASN E 372 -47.37 -4.93 33.08
C ASN E 372 -48.33 -6.06 32.72
N VAL E 373 -47.81 -7.16 32.12
CA VAL E 373 -48.67 -8.25 31.67
C VAL E 373 -49.60 -8.74 32.75
N ASP E 374 -49.08 -8.79 33.99
CA ASP E 374 -49.79 -9.43 35.10
C ASP E 374 -51.13 -8.73 35.38
N ALA E 375 -51.26 -7.48 34.90
CA ALA E 375 -52.53 -6.76 34.96
C ALA E 375 -53.58 -7.40 34.05
N HIS E 376 -53.16 -8.18 33.04
CA HIS E 376 -54.10 -8.64 32.01
C HIS E 376 -54.31 -10.15 31.95
N SER E 377 -53.34 -10.95 32.39
CA SER E 377 -53.31 -12.37 32.06
C SER E 377 -54.47 -13.12 32.72
N GLY E 378 -54.77 -12.76 33.98
CA GLY E 378 -55.71 -13.48 34.80
C GLY E 378 -57.15 -13.47 34.28
N CYS E 379 -57.61 -12.32 33.75
CA CYS E 379 -58.99 -12.25 33.28
C CYS E 379 -59.17 -13.19 32.10
N ILE E 380 -58.11 -13.39 31.29
CA ILE E 380 -58.18 -14.29 30.14
C ILE E 380 -58.24 -15.75 30.62
N GLN E 381 -57.37 -16.11 31.56
CA GLN E 381 -57.35 -17.47 32.09
C GLN E 381 -58.71 -17.79 32.72
N TRP E 382 -59.18 -16.87 33.59
CA TRP E 382 -60.44 -17.03 34.30
C TRP E 382 -61.60 -17.21 33.32
N HIS E 383 -61.63 -16.39 32.27
CA HIS E 383 -62.71 -16.43 31.29
C HIS E 383 -62.88 -17.85 30.75
N TYR E 384 -61.77 -18.56 30.51
CA TYR E 384 -61.82 -19.86 29.87
C TYR E 384 -61.89 -21.00 30.90
N GLY E 385 -62.06 -20.66 32.18
CA GLY E 385 -62.37 -21.63 33.22
C GLY E 385 -61.12 -22.13 33.98
N VAL E 386 -59.97 -21.50 33.74
CA VAL E 386 -58.80 -21.76 34.57
C VAL E 386 -58.93 -20.84 35.79
N VAL E 387 -59.63 -21.36 36.80
CA VAL E 387 -59.99 -20.60 37.99
C VAL E 387 -58.96 -20.86 39.10
N GLU E 388 -58.02 -21.79 38.87
CA GLU E 388 -57.12 -22.27 39.89
C GLU E 388 -55.88 -21.37 39.95
N TYR E 389 -56.01 -20.30 40.73
CA TYR E 389 -55.06 -19.19 40.83
C TYR E 389 -53.60 -19.64 40.95
N ASP E 390 -53.34 -20.61 41.85
CA ASP E 390 -51.97 -21.01 42.14
C ASP E 390 -51.29 -21.56 40.88
N PHE E 391 -52.09 -22.17 39.99
CA PHE E 391 -51.56 -22.78 38.78
C PHE E 391 -51.08 -21.74 37.76
N TYR E 392 -51.51 -20.48 37.87
CA TYR E 392 -51.14 -19.48 36.87
C TYR E 392 -49.63 -19.38 36.71
N THR E 393 -48.91 -19.51 37.84
CA THR E 393 -47.46 -19.39 37.83
C THR E 393 -46.84 -20.55 37.05
N VAL E 394 -47.50 -21.71 37.04
CA VAL E 394 -47.00 -22.85 36.28
C VAL E 394 -47.07 -22.53 34.77
N LEU E 395 -48.14 -21.86 34.33
CA LEU E 395 -48.24 -21.41 32.95
C LEU E 395 -47.04 -20.53 32.61
N PHE E 396 -46.71 -19.60 33.51
CA PHE E 396 -45.57 -18.69 33.37
C PHE E 396 -44.29 -19.52 33.22
N GLY E 397 -44.09 -20.52 34.09
CA GLY E 397 -42.92 -21.37 34.07
C GLY E 397 -42.76 -22.14 32.76
N ILE E 398 -43.87 -22.59 32.17
CA ILE E 398 -43.82 -23.28 30.89
C ILE E 398 -43.31 -22.31 29.83
N GLY E 399 -43.92 -21.12 29.79
CA GLY E 399 -43.57 -20.08 28.82
C GLY E 399 -42.13 -19.62 28.93
N ARG E 400 -41.69 -19.30 30.15
CA ARG E 400 -40.40 -18.68 30.39
C ARG E 400 -39.26 -19.64 30.03
N ALA E 401 -39.56 -20.95 29.94
CA ALA E 401 -38.52 -21.89 29.60
C ALA E 401 -38.05 -21.68 28.15
N LEU E 402 -38.93 -21.16 27.27
CA LEU E 402 -38.57 -20.94 25.88
C LEU E 402 -37.30 -20.07 25.76
N GLY E 403 -37.32 -18.92 26.45
CA GLY E 403 -36.19 -18.00 26.43
C GLY E 403 -35.03 -18.48 27.32
N VAL E 404 -35.35 -18.98 28.51
CA VAL E 404 -34.30 -19.35 29.45
C VAL E 404 -33.49 -20.52 28.92
N LEU E 405 -34.14 -21.55 28.37
CA LEU E 405 -33.39 -22.69 27.86
C LEU E 405 -32.55 -22.27 26.65
N ALA E 406 -33.12 -21.42 25.77
CA ALA E 406 -32.35 -20.87 24.67
C ALA E 406 -31.12 -20.13 25.21
N ASN E 407 -31.29 -19.34 26.27
CA ASN E 407 -30.20 -18.62 26.90
C ASN E 407 -29.12 -19.55 27.44
N LEU E 408 -29.50 -20.70 28.03
CA LEU E 408 -28.49 -21.59 28.61
C LEU E 408 -27.66 -22.23 27.51
N VAL E 409 -28.29 -22.54 26.38
CA VAL E 409 -27.56 -23.12 25.25
C VAL E 409 -26.47 -22.14 24.82
N TRP E 410 -26.82 -20.86 24.73
CA TRP E 410 -25.91 -19.80 24.31
C TRP E 410 -24.85 -19.51 25.35
N ASP E 411 -25.22 -19.54 26.64
CA ASP E 411 -24.23 -19.36 27.68
C ASP E 411 -23.13 -20.39 27.49
N ARG E 412 -23.50 -21.65 27.20
CA ARG E 412 -22.51 -22.70 27.00
C ARG E 412 -21.81 -22.53 25.65
N ALA E 413 -22.52 -22.08 24.62
CA ALA E 413 -21.93 -21.89 23.31
C ALA E 413 -20.79 -20.87 23.40
N LEU E 414 -21.01 -19.79 24.15
CA LEU E 414 -20.08 -18.68 24.27
C LEU E 414 -19.14 -18.87 25.46
N GLY E 415 -19.28 -19.97 26.20
CA GLY E 415 -18.34 -20.26 27.29
C GLY E 415 -18.39 -19.23 28.42
N TYR E 416 -19.56 -18.61 28.68
CA TYR E 416 -19.67 -17.65 29.78
C TYR E 416 -19.27 -18.29 31.10
N ALA E 417 -18.49 -17.53 31.88
CA ALA E 417 -17.80 -18.04 33.04
C ALA E 417 -18.78 -18.11 34.22
N ILE E 418 -18.34 -18.82 35.26
CA ILE E 418 -19.09 -18.91 36.51
C ILE E 418 -19.41 -17.50 36.99
N GLU E 419 -20.67 -17.28 37.38
CA GLU E 419 -21.10 -16.01 37.94
C GLU E 419 -20.68 -15.96 39.41
N ARG E 420 -19.83 -14.96 39.73
CA ARG E 420 -19.21 -14.86 41.03
C ARG E 420 -18.90 -13.40 41.34
N PRO E 421 -19.91 -12.59 41.70
CA PRO E 421 -19.66 -11.22 42.16
C PRO E 421 -19.04 -11.27 43.56
N LYS E 422 -18.68 -10.07 44.05
CA LYS E 422 -18.01 -9.94 45.35
C LYS E 422 -19.01 -9.37 46.36
N SER E 423 -19.04 -9.98 47.55
CA SER E 423 -19.84 -9.46 48.66
C SER E 423 -18.99 -8.49 49.47
N VAL E 424 -19.69 -7.53 50.10
CA VAL E 424 -19.08 -6.62 51.06
C VAL E 424 -19.96 -6.60 52.29
N THR E 425 -19.37 -6.25 53.44
CA THR E 425 -20.09 -6.09 54.70
C THR E 425 -20.64 -4.67 54.86
N THR E 426 -21.54 -4.50 55.83
CA THR E 426 -22.06 -3.20 56.21
C THR E 426 -20.93 -2.30 56.72
N ASP E 427 -19.98 -2.89 57.48
CA ASP E 427 -18.80 -2.18 57.97
C ASP E 427 -18.02 -1.58 56.79
N MET E 428 -17.82 -2.39 55.74
CA MET E 428 -17.06 -1.96 54.58
C MET E 428 -17.78 -0.82 53.86
N LEU E 429 -19.12 -0.86 53.81
CA LEU E 429 -19.89 0.21 53.18
C LEU E 429 -19.76 1.48 54.01
N GLU E 430 -19.78 1.33 55.33
CA GLU E 430 -19.64 2.43 56.26
C GLU E 430 -18.25 3.06 56.11
N LYS E 431 -17.21 2.24 55.97
CA LYS E 431 -15.85 2.72 55.71
C LYS E 431 -15.85 3.58 54.44
N TRP E 432 -16.37 3.05 53.33
CA TRP E 432 -16.37 3.79 52.06
C TRP E 432 -17.20 5.05 52.14
N ALA E 433 -18.24 5.05 52.98
CA ALA E 433 -19.13 6.21 53.11
C ALA E 433 -18.50 7.29 53.98
N GLY E 434 -17.42 6.94 54.71
CA GLY E 434 -16.72 7.86 55.58
C GLY E 434 -17.31 7.92 57.00
N ILE E 435 -18.15 6.97 57.37
CA ILE E 435 -18.76 6.92 58.69
C ILE E 435 -17.81 6.22 59.67
N LYS E 436 -17.05 5.23 59.16
CA LYS E 436 -16.27 4.36 60.01
C LYS E 436 -14.80 4.79 59.90
N ALA E 437 -14.23 5.19 61.04
CA ALA E 437 -13.01 5.98 61.07
C ALA E 437 -12.09 5.44 62.17
N SER F 2 -37.97 -17.79 72.25
CA SER F 2 -36.63 -18.35 72.58
C SER F 2 -35.66 -17.19 72.83
N PHE F 3 -34.63 -17.46 73.63
CA PHE F 3 -33.58 -16.50 73.90
C PHE F 3 -32.89 -16.12 72.59
N LEU F 4 -32.64 -17.11 71.72
CA LEU F 4 -31.99 -16.89 70.44
C LEU F 4 -32.81 -15.90 69.61
N LYS F 5 -34.11 -16.10 69.54
CA LYS F 5 -34.95 -15.27 68.68
C LYS F 5 -35.01 -13.84 69.23
N GLU F 6 -35.06 -13.70 70.57
CA GLU F 6 -35.10 -12.40 71.21
C GLU F 6 -33.75 -11.69 71.03
N LYS F 7 -32.66 -12.43 71.11
CA LYS F 7 -31.32 -11.89 70.89
C LYS F 7 -31.21 -11.36 69.46
N LEU F 8 -31.73 -12.15 68.53
CA LEU F 8 -31.71 -11.79 67.12
C LEU F 8 -32.56 -10.55 66.89
N ALA F 9 -33.72 -10.45 67.55
CA ALA F 9 -34.57 -9.27 67.46
C ALA F 9 -33.80 -8.02 67.90
N GLU F 10 -33.00 -8.11 68.97
CA GLU F 10 -32.20 -6.99 69.45
C GLU F 10 -31.20 -6.57 68.38
N LYS F 11 -30.46 -7.55 67.84
CA LYS F 11 -29.43 -7.28 66.85
C LYS F 11 -30.02 -6.62 65.62
N ILE F 12 -31.24 -7.03 65.25
CA ILE F 12 -31.90 -6.47 64.10
C ILE F 12 -32.27 -5.01 64.38
N ALA F 13 -32.80 -4.73 65.58
CA ALA F 13 -33.15 -3.37 65.97
C ALA F 13 -31.93 -2.42 65.89
N GLN F 14 -30.75 -2.91 66.30
CA GLN F 14 -29.52 -2.12 66.27
C GLN F 14 -29.01 -1.95 64.83
N HIS F 15 -29.18 -2.99 63.98
CA HIS F 15 -28.55 -2.96 62.68
C HIS F 15 -29.36 -2.14 61.68
N ARG F 16 -30.70 -2.20 61.74
CA ARG F 16 -31.54 -1.60 60.72
C ARG F 16 -31.18 -0.12 60.51
N PRO F 17 -31.06 0.73 61.56
CA PRO F 17 -30.71 2.14 61.38
C PRO F 17 -29.45 2.37 60.55
N ARG F 18 -28.44 1.50 60.70
CA ARG F 18 -27.21 1.59 59.93
C ARG F 18 -27.48 1.44 58.44
N THR F 19 -28.34 0.49 58.09
CA THR F 19 -28.70 0.22 56.70
C THR F 19 -29.52 1.39 56.16
N THR F 20 -30.47 1.89 56.96
CA THR F 20 -31.29 3.04 56.61
C THR F 20 -30.43 4.27 56.30
N ARG F 21 -29.42 4.51 57.15
CA ARG F 21 -28.53 5.64 57.02
C ARG F 21 -27.69 5.53 55.75
N LEU F 22 -27.16 4.34 55.44
CA LEU F 22 -26.36 4.18 54.23
C LEU F 22 -27.19 4.50 52.99
N LEU F 23 -28.47 4.13 53.00
CA LEU F 23 -29.35 4.41 51.87
C LEU F 23 -29.76 5.89 51.85
N LYS F 24 -30.04 6.46 53.03
CA LYS F 24 -30.59 7.81 53.08
C LYS F 24 -29.51 8.85 52.75
N GLU F 25 -28.33 8.73 53.36
CA GLU F 25 -27.29 9.74 53.28
C GLU F 25 -26.26 9.41 52.20
N PHE F 26 -25.94 8.12 51.98
CA PHE F 26 -24.75 7.74 51.21
C PHE F 26 -25.09 6.81 50.03
N GLY F 27 -26.34 6.84 49.59
CA GLY F 27 -26.84 5.96 48.53
C GLY F 27 -26.03 6.09 47.24
N ASN F 28 -25.53 7.30 46.95
CA ASN F 28 -24.98 7.60 45.64
C ASN F 28 -23.46 7.47 45.63
N VAL F 29 -22.86 7.11 46.77
CA VAL F 29 -21.43 6.90 46.83
C VAL F 29 -21.07 5.69 45.96
N LYS F 30 -20.10 5.91 45.05
CA LYS F 30 -19.62 4.88 44.15
C LYS F 30 -18.69 3.92 44.90
N ILE F 31 -18.92 2.61 44.72
CA ILE F 31 -18.07 1.62 45.37
C ILE F 31 -17.36 0.73 44.35
N ASP F 32 -17.79 0.76 43.09
CA ASP F 32 -17.10 -0.04 42.08
C ASP F 32 -17.55 0.39 40.70
N GLU F 33 -16.92 -0.19 39.69
CA GLU F 33 -17.38 -0.03 38.31
C GLU F 33 -17.42 -1.40 37.63
N VAL F 34 -18.03 -1.40 36.45
CA VAL F 34 -18.24 -2.60 35.66
C VAL F 34 -17.60 -2.42 34.29
N THR F 35 -16.76 -3.39 33.90
CA THR F 35 -16.17 -3.40 32.58
C THR F 35 -16.85 -4.46 31.70
N ILE F 36 -16.57 -4.39 30.39
CA ILE F 36 -17.05 -5.35 29.42
C ILE F 36 -16.63 -6.77 29.83
N SER F 37 -15.37 -6.90 30.23
CA SER F 37 -14.78 -8.15 30.67
C SER F 37 -15.59 -8.81 31.79
N GLN F 38 -16.04 -7.98 32.75
CA GLN F 38 -16.73 -8.44 33.94
C GLN F 38 -18.18 -8.81 33.64
N ALA F 39 -18.84 -8.08 32.74
CA ALA F 39 -20.20 -8.38 32.33
C ALA F 39 -20.24 -9.71 31.58
N ILE F 40 -19.30 -9.90 30.66
CA ILE F 40 -19.16 -11.16 29.94
C ILE F 40 -18.67 -12.26 30.88
N GLY F 41 -17.83 -11.91 31.86
CA GLY F 41 -17.12 -12.90 32.65
C GLY F 41 -17.75 -13.13 34.03
N GLY F 42 -19.07 -13.16 34.09
CA GLY F 42 -19.76 -13.65 35.27
C GLY F 42 -19.65 -12.69 36.46
N MET F 43 -19.80 -11.41 36.18
CA MET F 43 -19.72 -10.33 37.17
C MET F 43 -18.43 -10.41 38.00
N ARG F 44 -17.35 -10.97 37.45
CA ARG F 44 -16.16 -11.28 38.23
C ARG F 44 -15.67 -10.06 39.01
N GLY F 45 -15.64 -10.15 40.34
CA GLY F 45 -15.02 -9.15 41.19
C GLY F 45 -15.90 -7.91 41.46
N ILE F 46 -17.10 -7.85 40.87
CA ILE F 46 -17.97 -6.69 41.05
C ILE F 46 -18.55 -6.70 42.46
N LYS F 47 -18.34 -5.59 43.19
CA LYS F 47 -18.85 -5.42 44.54
C LYS F 47 -20.31 -4.96 44.47
N SER F 48 -21.23 -5.96 44.44
CA SER F 48 -22.63 -5.72 44.14
C SER F 48 -23.57 -6.49 45.09
N LEU F 49 -23.00 -7.09 46.15
CA LEU F 49 -23.76 -7.87 47.14
C LEU F 49 -23.36 -7.45 48.53
N VAL F 50 -24.31 -7.50 49.47
CA VAL F 50 -24.05 -7.18 50.86
C VAL F 50 -24.47 -8.35 51.77
N THR F 51 -23.53 -8.79 52.61
CA THR F 51 -23.80 -9.71 53.70
C THR F 51 -22.90 -9.38 54.89
N ASP F 52 -23.37 -9.69 56.11
CA ASP F 52 -22.53 -9.56 57.30
C ASP F 52 -22.22 -10.90 57.97
N ILE F 53 -22.72 -12.01 57.40
CA ILE F 53 -22.57 -13.31 58.05
C ILE F 53 -21.08 -13.66 58.05
N SER F 54 -20.46 -13.45 56.89
CA SER F 54 -19.05 -13.72 56.73
C SER F 54 -18.50 -12.77 55.67
N TYR F 55 -17.17 -12.64 55.69
CA TYR F 55 -16.48 -11.81 54.70
C TYR F 55 -15.23 -12.54 54.26
N LEU F 56 -15.09 -12.68 52.93
CA LEU F 56 -13.92 -13.34 52.38
C LEU F 56 -12.86 -12.30 52.02
N ASP F 57 -11.81 -12.24 52.84
CA ASP F 57 -10.63 -11.43 52.54
C ASP F 57 -9.74 -12.23 51.58
N PRO F 58 -9.33 -11.67 50.40
CA PRO F 58 -8.43 -12.39 49.50
C PRO F 58 -7.11 -12.89 50.12
N GLU F 59 -6.60 -12.15 51.12
CA GLU F 59 -5.30 -12.45 51.74
C GLU F 59 -5.47 -13.31 53.00
N GLU F 60 -6.40 -12.94 53.90
CA GLU F 60 -6.55 -13.60 55.19
CA GLU F 60 -6.54 -13.62 55.19
C GLU F 60 -7.55 -14.77 55.12
N GLY F 61 -8.34 -14.83 54.04
CA GLY F 61 -9.40 -15.83 53.90
C GLY F 61 -10.66 -15.44 54.67
N ILE F 62 -11.45 -16.44 55.04
CA ILE F 62 -12.80 -16.20 55.52
C ILE F 62 -12.77 -15.78 57.00
N ARG F 63 -13.59 -14.78 57.34
CA ARG F 63 -13.92 -14.49 58.72
C ARG F 63 -15.45 -14.67 58.91
N PHE F 64 -15.82 -15.35 59.99
CA PHE F 64 -17.21 -15.56 60.34
C PHE F 64 -17.60 -14.56 61.43
N ARG F 65 -18.42 -13.58 61.06
CA ARG F 65 -18.85 -12.55 61.99
C ARG F 65 -17.63 -11.89 62.64
N GLY F 66 -16.60 -11.59 61.83
CA GLY F 66 -15.41 -10.92 62.29
C GLY F 66 -14.33 -11.88 62.82
N TYR F 67 -14.68 -13.15 63.14
CA TYR F 67 -13.74 -14.07 63.75
C TYR F 67 -13.03 -14.93 62.70
N THR F 68 -11.76 -15.24 62.99
CA THR F 68 -11.01 -16.20 62.19
C THR F 68 -11.47 -17.60 62.57
N ILE F 69 -11.07 -18.57 61.74
CA ILE F 69 -11.41 -19.96 61.99
C ILE F 69 -10.77 -20.46 63.29
N PRO F 70 -9.45 -20.24 63.56
CA PRO F 70 -8.89 -20.63 64.85
C PRO F 70 -9.68 -20.03 66.02
N GLU F 71 -10.13 -18.79 65.88
CA GLU F 71 -10.91 -18.12 66.92
C GLU F 71 -12.26 -18.79 67.13
N VAL F 72 -12.96 -19.09 66.02
CA VAL F 72 -14.25 -19.75 66.11
C VAL F 72 -14.11 -21.10 66.82
N LEU F 73 -13.14 -21.92 66.39
CA LEU F 73 -12.98 -23.26 66.93
C LEU F 73 -12.54 -23.21 68.39
N GLU F 74 -11.85 -22.13 68.77
CA GLU F 74 -11.34 -21.93 70.12
C GLU F 74 -12.50 -21.51 71.03
N LYS F 75 -13.33 -20.56 70.58
CA LYS F 75 -14.28 -19.91 71.47
C LYS F 75 -15.62 -20.62 71.59
N LEU F 76 -16.05 -21.36 70.55
CA LEU F 76 -17.37 -21.97 70.58
C LEU F 76 -17.37 -23.09 71.62
N PRO F 77 -18.44 -23.24 72.45
CA PRO F 77 -18.52 -24.35 73.39
C PRO F 77 -18.42 -25.71 72.70
N LYS F 78 -17.70 -26.63 73.35
CA LYS F 78 -17.37 -27.95 72.81
C LYS F 78 -18.41 -28.95 73.26
N VAL F 79 -18.59 -30.01 72.47
CA VAL F 79 -19.49 -31.07 72.86
C VAL F 79 -18.78 -31.87 73.95
N PRO F 80 -19.42 -32.15 75.11
CA PRO F 80 -18.83 -33.02 76.13
C PRO F 80 -18.40 -34.37 75.55
N GLY F 81 -17.13 -34.74 75.77
CA GLY F 81 -16.62 -36.02 75.30
C GLY F 81 -16.02 -35.94 73.90
N ALA F 82 -16.01 -34.73 73.32
CA ALA F 82 -15.55 -34.56 71.95
C ALA F 82 -14.64 -33.34 71.87
N GLU F 83 -13.95 -33.22 70.74
CA GLU F 83 -12.94 -32.21 70.49
C GLU F 83 -13.55 -30.95 69.86
N MET F 84 -14.65 -31.06 69.13
CA MET F 84 -15.10 -29.96 68.27
C MET F 84 -16.33 -29.27 68.85
N PRO F 85 -16.64 -28.02 68.42
CA PRO F 85 -17.83 -27.31 68.89
C PRO F 85 -19.15 -27.95 68.46
N TYR F 86 -20.21 -27.66 69.22
CA TYR F 86 -21.57 -27.82 68.73
C TYR F 86 -21.73 -26.99 67.47
N VAL F 87 -22.28 -27.63 66.41
CA VAL F 87 -22.57 -26.91 65.18
C VAL F 87 -23.66 -25.89 65.48
N GLU F 88 -24.58 -26.24 66.39
CA GLU F 88 -25.64 -25.36 66.85
C GLU F 88 -25.10 -24.03 67.38
N GLY F 89 -23.94 -24.10 68.05
CA GLY F 89 -23.27 -22.91 68.57
C GLY F 89 -22.74 -22.02 67.46
N HIS F 90 -22.23 -22.64 66.38
CA HIS F 90 -21.80 -21.88 65.23
C HIS F 90 -23.01 -21.22 64.56
N PHE F 91 -24.14 -21.91 64.54
CA PHE F 91 -25.36 -21.33 63.96
C PHE F 91 -25.79 -20.09 64.76
N TYR F 92 -25.71 -20.19 66.10
CA TYR F 92 -26.01 -19.08 66.99
C TYR F 92 -25.12 -17.89 66.64
N LEU F 93 -23.82 -18.15 66.48
CA LEU F 93 -22.83 -17.11 66.13
C LEU F 93 -23.19 -16.46 64.79
N LEU F 94 -23.46 -17.28 63.76
CA LEU F 94 -23.75 -16.69 62.46
C LEU F 94 -25.03 -15.86 62.50
N LEU F 95 -26.03 -16.29 63.28
CA LEU F 95 -27.28 -15.55 63.36
C LEU F 95 -27.14 -14.24 64.13
N THR F 96 -26.39 -14.25 65.25
CA THR F 96 -26.42 -13.15 66.19
C THR F 96 -25.17 -12.28 66.11
N GLY F 97 -24.03 -12.84 65.69
CA GLY F 97 -22.75 -12.15 65.80
C GLY F 97 -22.03 -12.41 67.12
N ASP F 98 -22.70 -13.06 68.09
CA ASP F 98 -22.15 -13.32 69.41
C ASP F 98 -21.74 -14.78 69.55
N VAL F 99 -20.60 -15.00 70.24
CA VAL F 99 -20.24 -16.32 70.71
C VAL F 99 -21.22 -16.73 71.82
N PRO F 100 -21.91 -17.88 71.70
CA PRO F 100 -22.85 -18.30 72.73
C PRO F 100 -22.13 -18.85 73.97
N THR F 101 -22.77 -18.67 75.13
CA THR F 101 -22.39 -19.40 76.33
C THR F 101 -22.85 -20.85 76.18
N GLU F 102 -22.35 -21.71 77.07
CA GLU F 102 -22.78 -23.10 77.09
C GLU F 102 -24.29 -23.16 77.30
N LYS F 103 -24.83 -22.31 78.17
CA LYS F 103 -26.27 -22.25 78.39
C LYS F 103 -27.00 -21.94 77.07
N GLU F 104 -26.43 -21.04 76.26
CA GLU F 104 -27.12 -20.55 75.08
C GLU F 104 -27.11 -21.60 73.98
N VAL F 105 -25.99 -22.33 73.84
CA VAL F 105 -25.85 -23.40 72.88
C VAL F 105 -26.82 -24.53 73.22
N LYS F 106 -26.94 -24.86 74.50
CA LYS F 106 -27.79 -25.97 74.92
C LYS F 106 -29.24 -25.69 74.52
N GLU F 107 -29.65 -24.42 74.59
CA GLU F 107 -31.00 -24.06 74.23
C GLU F 107 -31.24 -24.30 72.73
N VAL F 108 -30.24 -24.00 71.90
CA VAL F 108 -30.34 -24.22 70.47
C VAL F 108 -30.33 -25.72 70.18
N ALA F 109 -29.46 -26.47 70.87
CA ALA F 109 -29.34 -27.91 70.70
C ALA F 109 -30.66 -28.60 71.03
N GLU F 110 -31.35 -28.10 72.08
CA GLU F 110 -32.63 -28.65 72.49
C GLU F 110 -33.71 -28.34 71.44
N GLU F 111 -33.65 -27.16 70.85
CA GLU F 111 -34.62 -26.72 69.85
C GLU F 111 -34.42 -27.56 68.57
N PHE F 112 -33.15 -27.84 68.20
CA PHE F 112 -32.85 -28.67 67.04
C PHE F 112 -33.34 -30.10 67.25
N LYS F 113 -33.24 -30.62 68.48
CA LYS F 113 -33.76 -31.93 68.79
C LYS F 113 -35.26 -31.97 68.52
N LYS F 114 -35.98 -30.90 68.86
CA LYS F 114 -37.42 -30.87 68.65
C LYS F 114 -37.78 -30.75 67.16
N ARG F 115 -36.85 -30.27 66.32
CA ARG F 115 -37.20 -29.96 64.95
C ARG F 115 -36.54 -30.91 63.95
N ARG F 116 -35.81 -31.95 64.40
CA ARG F 116 -34.96 -32.66 63.45
C ARG F 116 -35.67 -33.81 62.72
N ALA F 117 -36.89 -34.20 63.13
CA ALA F 117 -37.56 -35.34 62.51
C ALA F 117 -37.95 -34.99 61.05
N LEU F 118 -37.74 -35.96 60.16
CA LEU F 118 -37.99 -35.82 58.73
C LEU F 118 -39.44 -36.20 58.41
N PRO F 119 -40.25 -35.35 57.75
CA PRO F 119 -41.57 -35.75 57.27
C PRO F 119 -41.53 -37.06 56.50
N GLU F 120 -42.49 -37.96 56.76
CA GLU F 120 -42.53 -39.26 56.09
C GLU F 120 -42.64 -39.10 54.57
N TYR F 121 -43.40 -38.10 54.11
CA TYR F 121 -43.57 -37.90 52.67
C TYR F 121 -42.26 -37.51 51.98
N VAL F 122 -41.27 -37.05 52.74
CA VAL F 122 -39.95 -36.81 52.15
C VAL F 122 -39.31 -38.15 51.76
N LYS F 123 -39.41 -39.14 52.68
CA LYS F 123 -38.92 -40.47 52.37
C LYS F 123 -39.71 -41.08 51.22
N ASP F 124 -41.03 -40.89 51.21
CA ASP F 124 -41.87 -41.41 50.13
C ASP F 124 -41.39 -40.84 48.79
N THR F 125 -41.11 -39.54 48.77
CA THR F 125 -40.72 -38.83 47.56
C THR F 125 -39.35 -39.35 47.06
N LEU F 126 -38.39 -39.55 47.98
CA LEU F 126 -37.06 -40.02 47.61
C LEU F 126 -37.08 -41.47 47.12
N LYS F 127 -38.04 -42.26 47.63
CA LYS F 127 -38.22 -43.62 47.13
C LYS F 127 -38.86 -43.63 45.75
N ALA F 128 -39.72 -42.66 45.44
CA ALA F 128 -40.41 -42.65 44.15
C ALA F 128 -39.43 -42.19 43.06
N MET F 129 -38.50 -41.30 43.45
CA MET F 129 -37.41 -40.93 42.57
C MET F 129 -36.53 -42.16 42.31
N PRO F 130 -36.14 -42.42 41.05
CA PRO F 130 -35.30 -43.58 40.77
C PRO F 130 -34.06 -43.60 41.67
N ARG F 131 -33.74 -44.80 42.20
CA ARG F 131 -32.67 -44.94 43.17
C ARG F 131 -31.32 -44.54 42.55
N ASP F 132 -31.23 -44.57 41.21
CA ASP F 132 -29.98 -44.26 40.53
C ASP F 132 -29.83 -42.75 40.33
N THR F 133 -30.78 -41.96 40.84
CA THR F 133 -30.67 -40.51 40.86
C THR F 133 -29.48 -40.05 41.70
N HIS F 134 -28.78 -39.03 41.18
CA HIS F 134 -27.63 -38.43 41.87
C HIS F 134 -28.03 -37.97 43.27
N PRO F 135 -27.18 -38.15 44.29
CA PRO F 135 -27.57 -37.79 45.65
C PRO F 135 -27.88 -36.30 45.86
N MET F 136 -27.26 -35.41 45.08
CA MET F 136 -27.54 -33.98 45.16
C MET F 136 -28.90 -33.65 44.58
N THR F 137 -29.35 -34.44 43.59
CA THR F 137 -30.68 -34.25 43.07
C THR F 137 -31.71 -34.69 44.12
N MET F 138 -31.46 -35.79 44.80
CA MET F 138 -32.32 -36.24 45.88
C MET F 138 -32.35 -35.22 47.00
N PHE F 139 -31.18 -34.65 47.32
CA PHE F 139 -31.02 -33.70 48.42
C PHE F 139 -31.85 -32.44 48.14
N ALA F 140 -31.69 -31.90 46.94
CA ALA F 140 -32.43 -30.71 46.53
C ALA F 140 -33.95 -31.00 46.52
N ALA F 141 -34.34 -32.21 46.12
CA ALA F 141 -35.74 -32.60 45.99
C ALA F 141 -36.38 -32.73 47.38
N GLY F 142 -35.64 -33.34 48.31
CA GLY F 142 -36.08 -33.45 49.70
C GLY F 142 -36.37 -32.10 50.35
N ILE F 143 -35.47 -31.14 50.16
CA ILE F 143 -35.63 -29.79 50.65
C ILE F 143 -36.88 -29.18 50.01
N LEU F 144 -36.98 -29.28 48.67
CA LEU F 144 -38.08 -28.68 47.93
C LEU F 144 -39.44 -29.24 48.40
N ALA F 145 -39.53 -30.55 48.60
CA ALA F 145 -40.78 -31.17 49.00
C ALA F 145 -41.30 -30.59 50.32
N MET F 146 -40.38 -30.22 51.22
CA MET F 146 -40.74 -29.69 52.52
C MET F 146 -41.22 -28.24 52.47
N GLN F 147 -41.22 -27.63 51.26
CA GLN F 147 -41.79 -26.32 51.03
C GLN F 147 -43.27 -26.29 51.48
N ARG F 148 -43.92 -27.45 51.45
CA ARG F 148 -45.27 -27.64 51.98
C ARG F 148 -45.39 -27.10 53.43
N GLU F 149 -44.31 -27.17 54.22
CA GLU F 149 -44.36 -26.80 55.63
C GLU F 149 -43.95 -25.35 55.87
N SER F 150 -43.65 -24.57 54.82
CA SER F 150 -43.12 -23.23 54.99
C SER F 150 -44.06 -22.33 55.79
N LYS F 151 -43.53 -21.82 56.91
CA LYS F 151 -44.18 -20.81 57.73
C LYS F 151 -44.15 -19.44 57.06
N PHE F 152 -43.04 -19.14 56.38
CA PHE F 152 -42.94 -17.91 55.62
C PHE F 152 -44.00 -17.86 54.51
N ALA F 153 -44.15 -18.96 53.77
CA ALA F 153 -45.15 -19.01 52.72
C ALA F 153 -46.57 -18.88 53.28
N ALA F 154 -46.86 -19.53 54.42
CA ALA F 154 -48.20 -19.48 55.00
C ALA F 154 -48.50 -18.05 55.50
N TYR F 155 -47.49 -17.44 56.12
CA TYR F 155 -47.54 -16.05 56.55
C TYR F 155 -47.86 -15.13 55.39
N TYR F 156 -47.11 -15.26 54.29
CA TYR F 156 -47.38 -14.42 53.14
C TYR F 156 -48.79 -14.67 52.63
N ASN F 157 -49.18 -15.94 52.48
CA ASN F 157 -50.43 -16.30 51.82
C ASN F 157 -51.63 -15.89 52.68
N ALA F 158 -51.43 -15.77 54.00
CA ALA F 158 -52.48 -15.34 54.91
C ALA F 158 -52.65 -13.81 54.93
N GLY F 159 -51.84 -13.07 54.13
CA GLY F 159 -51.91 -11.62 54.06
C GLY F 159 -51.21 -10.90 55.20
N LYS F 160 -50.28 -11.58 55.90
CA LYS F 160 -49.69 -11.01 57.10
C LYS F 160 -48.35 -10.32 56.85
N PHE F 161 -47.92 -10.25 55.58
CA PHE F 161 -46.58 -9.74 55.33
C PHE F 161 -46.45 -8.34 55.95
N ASN F 162 -45.40 -8.16 56.74
CA ASN F 162 -45.02 -6.85 57.25
C ASN F 162 -43.51 -6.80 57.19
N LYS F 163 -42.95 -5.73 56.63
CA LYS F 163 -41.52 -5.67 56.37
C LYS F 163 -40.72 -5.71 57.67
N ASN F 164 -41.34 -5.36 58.81
CA ASN F 164 -40.61 -5.34 60.08
C ASN F 164 -40.54 -6.72 60.71
N THR F 165 -41.56 -7.57 60.47
CA THR F 165 -41.75 -8.84 61.16
C THR F 165 -41.45 -10.06 60.27
N ALA F 166 -41.22 -9.87 58.97
CA ALA F 166 -41.06 -10.94 57.99
C ALA F 166 -39.88 -11.86 58.33
N TRP F 167 -38.85 -11.34 59.00
CA TRP F 167 -37.72 -12.17 59.39
C TRP F 167 -38.13 -13.30 60.33
N GLU F 168 -39.26 -13.13 61.03
CA GLU F 168 -39.62 -14.02 62.12
C GLU F 168 -39.99 -15.41 61.58
N PRO F 169 -40.97 -15.53 60.66
CA PRO F 169 -41.24 -16.82 60.03
C PRO F 169 -40.08 -17.34 59.19
N MET F 170 -39.24 -16.44 58.64
CA MET F 170 -38.05 -16.87 57.92
C MET F 170 -37.11 -17.58 58.90
N PHE F 171 -36.95 -17.02 60.11
CA PHE F 171 -36.14 -17.63 61.16
C PHE F 171 -36.70 -19.01 61.52
N GLU F 172 -38.02 -19.14 61.64
CA GLU F 172 -38.62 -20.41 62.04
C GLU F 172 -38.35 -21.47 60.99
N ASP F 173 -38.52 -21.12 59.70
CA ASP F 173 -38.19 -22.01 58.59
C ASP F 173 -36.71 -22.38 58.59
N ALA F 174 -35.83 -21.40 58.86
CA ALA F 174 -34.39 -21.65 58.88
C ALA F 174 -34.05 -22.66 59.98
N MET F 175 -34.67 -22.53 61.15
CA MET F 175 -34.41 -23.45 62.27
C MET F 175 -34.92 -24.85 61.91
N ASP F 176 -36.12 -24.90 61.31
CA ASP F 176 -36.76 -26.16 60.95
C ASP F 176 -35.90 -26.88 59.90
N LEU F 177 -35.48 -26.16 58.86
CA LEU F 177 -34.72 -26.76 57.78
C LEU F 177 -33.32 -27.15 58.26
N MET F 178 -32.64 -26.25 58.96
CA MET F 178 -31.28 -26.55 59.40
C MET F 178 -31.27 -27.78 60.29
N ALA F 179 -32.28 -27.93 61.17
CA ALA F 179 -32.33 -29.07 62.07
C ALA F 179 -32.45 -30.38 61.30
N LYS F 180 -33.10 -30.35 60.12
CA LYS F 180 -33.45 -31.54 59.36
C LYS F 180 -32.42 -31.92 58.30
N LEU F 181 -31.62 -30.96 57.81
CA LEU F 181 -30.76 -31.22 56.66
C LEU F 181 -29.83 -32.41 56.91
N PRO F 182 -29.20 -32.55 58.10
CA PRO F 182 -28.33 -33.70 58.34
C PRO F 182 -29.05 -35.05 58.25
N SER F 183 -30.26 -35.12 58.80
CA SER F 183 -31.11 -36.31 58.71
C SER F 183 -31.45 -36.62 57.26
N LEU F 184 -31.75 -35.57 56.48
CA LEU F 184 -32.06 -35.75 55.06
C LEU F 184 -30.85 -36.34 54.34
N GLY F 185 -29.69 -35.75 54.60
CA GLY F 185 -28.45 -36.23 54.00
C GLY F 185 -28.16 -37.68 54.34
N ALA F 186 -28.28 -38.00 55.63
CA ALA F 186 -28.04 -39.35 56.12
C ALA F 186 -29.02 -40.33 55.49
N TYR F 187 -30.29 -39.92 55.36
CA TYR F 187 -31.28 -40.78 54.75
C TYR F 187 -30.82 -41.18 53.35
N ILE F 188 -30.44 -40.18 52.56
CA ILE F 188 -29.97 -40.39 51.20
C ILE F 188 -28.73 -41.29 51.20
N TYR F 189 -27.81 -41.09 52.16
CA TYR F 189 -26.59 -41.90 52.22
C TYR F 189 -26.95 -43.36 52.44
N ARG F 190 -27.85 -43.61 53.42
CA ARG F 190 -28.24 -44.95 53.78
C ARG F 190 -28.98 -45.62 52.62
N MET F 191 -29.96 -44.91 52.05
CA MET F 191 -30.84 -45.46 51.03
C MET F 191 -30.08 -45.81 49.74
N LYS F 192 -29.06 -45.03 49.40
CA LYS F 192 -28.29 -45.23 48.18
C LYS F 192 -27.13 -46.17 48.40
N TYR F 193 -26.38 -46.03 49.50
CA TYR F 193 -25.05 -46.61 49.58
C TYR F 193 -24.88 -47.64 50.69
N LYS F 194 -25.84 -47.75 51.62
CA LYS F 194 -25.67 -48.63 52.76
C LYS F 194 -26.82 -49.62 52.87
N SER F 195 -27.24 -50.16 51.72
CA SER F 195 -28.22 -51.23 51.67
C SER F 195 -29.59 -50.82 52.16
N ASP F 196 -29.85 -49.52 52.26
CA ASP F 196 -31.18 -49.02 52.62
C ASP F 196 -31.58 -49.56 53.99
N THR F 197 -30.61 -49.70 54.90
CA THR F 197 -30.95 -49.86 56.30
C THR F 197 -30.62 -48.56 57.02
N HIS F 198 -31.44 -48.24 58.03
CA HIS F 198 -31.45 -46.92 58.63
C HIS F 198 -31.20 -47.02 60.13
N ILE F 199 -30.33 -46.13 60.60
CA ILE F 199 -30.03 -46.02 62.01
C ILE F 199 -30.85 -44.84 62.55
N PRO F 200 -31.74 -45.06 63.54
CA PRO F 200 -32.59 -43.98 64.03
C PRO F 200 -31.77 -42.86 64.68
N SER F 201 -32.34 -41.66 64.61
CA SER F 201 -31.86 -40.49 65.32
C SER F 201 -31.73 -40.83 66.81
N ASN F 202 -30.61 -40.42 67.41
CA ASN F 202 -30.43 -40.49 68.84
C ASN F 202 -30.78 -39.13 69.42
N PRO F 203 -31.90 -39.01 70.17
CA PRO F 203 -32.38 -37.71 70.64
C PRO F 203 -31.47 -37.07 71.70
N ASP F 204 -30.46 -37.80 72.18
CA ASP F 204 -29.49 -37.23 73.11
C ASP F 204 -28.26 -36.66 72.43
N LEU F 205 -28.10 -36.84 71.10
CA LEU F 205 -26.89 -36.35 70.44
C LEU F 205 -27.15 -34.97 69.85
N ASP F 206 -26.07 -34.20 69.71
CA ASP F 206 -26.06 -32.93 69.02
C ASP F 206 -26.14 -33.18 67.50
N LEU F 207 -26.24 -32.08 66.73
CA LEU F 207 -26.42 -32.15 65.29
C LEU F 207 -25.33 -33.02 64.66
N GLY F 208 -24.06 -32.72 64.97
CA GLY F 208 -22.95 -33.41 64.33
C GLY F 208 -22.84 -34.86 64.79
N GLY F 209 -23.05 -35.09 66.09
CA GLY F 209 -23.00 -36.43 66.62
C GLY F 209 -24.10 -37.30 66.04
N ASP F 210 -25.31 -36.73 65.92
CA ASP F 210 -26.44 -37.49 65.42
C ASP F 210 -26.27 -37.77 63.93
N PHE F 211 -25.67 -36.84 63.21
CA PHE F 211 -25.34 -37.06 61.80
C PHE F 211 -24.42 -38.29 61.65
N ALA F 212 -23.33 -38.34 62.43
CA ALA F 212 -22.41 -39.47 62.36
C ALA F 212 -23.12 -40.77 62.76
N ASN F 213 -23.96 -40.71 63.78
CA ASN F 213 -24.80 -41.81 64.24
C ASN F 213 -25.66 -42.35 63.09
N MET F 214 -26.42 -41.45 62.46
CA MET F 214 -27.36 -41.81 61.40
C MET F 214 -26.65 -42.25 60.12
N MET F 215 -25.42 -41.75 59.90
CA MET F 215 -24.61 -42.19 58.78
C MET F 215 -24.05 -43.59 59.01
N GLY F 216 -23.89 -43.95 60.30
CA GLY F 216 -23.39 -45.24 60.71
C GLY F 216 -21.86 -45.27 60.80
N ILE F 217 -21.26 -44.12 61.18
CA ILE F 217 -19.81 -44.00 61.25
C ILE F 217 -19.42 -43.64 62.69
N ASP F 218 -18.45 -44.38 63.24
CA ASP F 218 -18.08 -44.24 64.66
C ASP F 218 -17.19 -43.03 64.89
N LYS F 219 -17.08 -42.67 66.18
CA LYS F 219 -16.10 -41.70 66.64
C LYS F 219 -14.76 -42.00 65.98
N PRO F 220 -13.98 -41.00 65.52
CA PRO F 220 -14.31 -39.58 65.69
C PRO F 220 -14.99 -38.88 64.50
N TYR F 221 -15.81 -39.62 63.72
CA TYR F 221 -16.47 -39.03 62.56
C TYR F 221 -17.42 -37.92 63.03
N ASP F 222 -17.93 -38.03 64.26
CA ASP F 222 -18.75 -36.97 64.87
C ASP F 222 -18.01 -35.63 64.81
N ASP F 223 -16.69 -35.66 65.13
CA ASP F 223 -15.87 -34.45 65.12
C ASP F 223 -15.49 -34.05 63.71
N VAL F 224 -15.24 -35.06 62.85
CA VAL F 224 -14.99 -34.79 61.43
C VAL F 224 -16.13 -33.93 60.88
N ALA F 225 -17.37 -34.31 61.21
CA ALA F 225 -18.56 -33.69 60.67
C ALA F 225 -18.77 -32.30 61.26
N ARG F 226 -18.62 -32.17 62.58
CA ARG F 226 -18.72 -30.88 63.25
C ARG F 226 -17.76 -29.88 62.62
N LEU F 227 -16.50 -30.31 62.45
CA LEU F 227 -15.49 -29.47 61.85
C LEU F 227 -15.84 -29.17 60.40
N TYR F 228 -16.18 -30.22 59.64
CA TYR F 228 -16.47 -30.05 58.22
C TYR F 228 -17.58 -29.02 58.04
N PHE F 229 -18.66 -29.14 58.83
CA PHE F 229 -19.83 -28.31 58.65
C PHE F 229 -19.51 -26.85 58.99
N ILE F 230 -18.76 -26.63 60.08
CA ILE F 230 -18.38 -25.28 60.48
C ILE F 230 -17.49 -24.64 59.42
N LEU F 231 -16.52 -25.39 58.89
CA LEU F 231 -15.61 -24.84 57.89
C LEU F 231 -16.35 -24.45 56.60
N HIS F 232 -17.39 -25.22 56.26
CA HIS F 232 -18.12 -25.01 54.99
C HIS F 232 -19.33 -24.13 55.18
N SER F 233 -19.48 -23.56 56.40
CA SER F 233 -20.70 -22.89 56.82
C SER F 233 -21.07 -21.70 55.93
N ASP F 234 -20.08 -20.92 55.49
CA ASP F 234 -20.31 -19.72 54.70
C ASP F 234 -19.01 -19.33 54.01
N HIS F 235 -19.14 -18.66 52.86
CA HIS F 235 -17.99 -18.08 52.16
C HIS F 235 -18.45 -16.82 51.44
N GLU F 236 -18.90 -15.87 52.27
CA GLU F 236 -19.71 -14.71 51.90
C GLU F 236 -20.83 -15.10 50.92
N SER F 237 -21.46 -14.10 50.28
CA SER F 237 -22.74 -14.32 49.60
C SER F 237 -22.58 -14.44 48.09
N GLY F 238 -21.35 -14.30 47.60
CA GLY F 238 -21.11 -14.19 46.15
C GLY F 238 -20.82 -15.53 45.47
N ASN F 239 -20.54 -16.57 46.26
CA ASN F 239 -20.43 -17.93 45.74
C ASN F 239 -21.79 -18.37 45.18
N VAL F 240 -21.78 -19.33 44.25
CA VAL F 240 -22.97 -19.60 43.43
C VAL F 240 -24.12 -20.09 44.31
N SER F 241 -23.86 -20.99 45.26
CA SER F 241 -24.92 -21.55 46.09
C SER F 241 -25.52 -20.48 47.00
N ALA F 242 -24.68 -19.68 47.68
CA ALA F 242 -25.17 -18.66 48.60
C ALA F 242 -25.92 -17.56 47.84
N HIS F 243 -25.35 -17.20 46.70
CA HIS F 243 -25.97 -16.17 45.86
C HIS F 243 -27.31 -16.65 45.32
N THR F 244 -27.37 -17.92 44.93
CA THR F 244 -28.62 -18.47 44.37
C THR F 244 -29.71 -18.41 45.43
N ALA F 245 -29.39 -18.84 46.66
CA ALA F 245 -30.35 -18.76 47.76
C ALA F 245 -30.82 -17.31 47.94
N HIS F 246 -29.85 -16.40 47.98
CA HIS F 246 -30.12 -14.99 48.23
C HIS F 246 -31.03 -14.44 47.12
N LEU F 247 -30.69 -14.76 45.88
CA LEU F 247 -31.43 -14.30 44.72
C LEU F 247 -32.88 -14.78 44.77
N VAL F 248 -33.05 -16.09 44.98
CA VAL F 248 -34.38 -16.67 44.98
C VAL F 248 -35.21 -16.09 46.12
N ALA F 249 -34.63 -16.02 47.33
CA ALA F 249 -35.29 -15.45 48.50
C ALA F 249 -35.64 -13.97 48.32
N SER F 250 -34.87 -13.24 47.49
CA SER F 250 -35.09 -11.83 47.25
C SER F 250 -36.45 -11.57 46.58
N ALA F 251 -37.02 -12.60 45.91
CA ALA F 251 -38.37 -12.50 45.37
C ALA F 251 -39.41 -12.93 46.42
N LEU F 252 -38.98 -13.14 47.67
CA LEU F 252 -39.79 -13.53 48.82
C LEU F 252 -40.24 -14.99 48.73
N SER F 253 -39.50 -15.80 47.96
CA SER F 253 -39.56 -17.24 48.04
C SER F 253 -38.98 -17.67 49.38
N ASP F 254 -39.64 -18.67 49.99
CA ASP F 254 -39.24 -19.17 51.30
C ASP F 254 -37.92 -19.91 51.19
N ALA F 255 -37.36 -20.27 52.35
CA ALA F 255 -36.06 -20.89 52.49
C ALA F 255 -36.00 -22.26 51.83
N TYR F 256 -37.14 -22.97 51.71
CA TYR F 256 -37.14 -24.28 51.09
C TYR F 256 -36.92 -24.14 49.58
N TYR F 257 -37.67 -23.24 48.94
CA TYR F 257 -37.41 -22.90 47.56
C TYR F 257 -35.98 -22.41 47.39
N ALA F 258 -35.53 -21.53 48.30
CA ALA F 258 -34.26 -20.83 48.11
C ALA F 258 -33.09 -21.78 48.28
N TYR F 259 -33.19 -22.68 49.27
CA TYR F 259 -32.06 -23.56 49.53
C TYR F 259 -32.07 -24.74 48.56
N SER F 260 -33.25 -25.20 48.13
CA SER F 260 -33.31 -26.18 47.04
C SER F 260 -32.58 -25.65 45.79
N ALA F 261 -32.92 -24.43 45.38
CA ALA F 261 -32.26 -23.71 44.29
C ALA F 261 -30.74 -23.65 44.50
N ALA F 262 -30.33 -23.35 45.74
CA ALA F 262 -28.92 -23.25 46.07
C ALA F 262 -28.21 -24.57 45.81
N MET F 263 -28.84 -25.70 46.17
CA MET F 263 -28.22 -27.00 45.99
C MET F 263 -28.14 -27.38 44.50
N CYS F 264 -29.08 -26.89 43.68
CA CYS F 264 -28.94 -27.02 42.23
C CYS F 264 -27.65 -26.36 41.74
N GLY F 265 -27.29 -25.19 42.30
CA GLY F 265 -26.03 -24.53 41.98
C GLY F 265 -24.80 -25.23 42.55
N LEU F 266 -24.90 -25.70 43.81
CA LEU F 266 -23.78 -26.37 44.46
C LEU F 266 -23.46 -27.67 43.73
N ALA F 267 -24.47 -28.29 43.09
CA ALA F 267 -24.27 -29.53 42.36
C ALA F 267 -23.33 -29.33 41.16
N GLY F 268 -23.15 -28.06 40.72
CA GLY F 268 -22.40 -27.75 39.52
C GLY F 268 -20.93 -28.15 39.61
N PRO F 269 -20.36 -28.75 38.55
CA PRO F 269 -18.94 -29.13 38.56
C PRO F 269 -17.98 -27.98 38.91
N LEU F 270 -18.33 -26.72 38.61
CA LEU F 270 -17.45 -25.61 38.93
C LEU F 270 -17.68 -25.07 40.36
N HIS F 271 -18.51 -25.76 41.16
CA HIS F 271 -18.80 -25.25 42.50
C HIS F 271 -18.69 -26.33 43.58
N GLY F 272 -19.30 -27.51 43.40
CA GLY F 272 -19.39 -28.46 44.50
C GLY F 272 -18.59 -29.74 44.34
N LEU F 273 -17.76 -29.85 43.29
CA LEU F 273 -17.12 -31.12 42.95
C LEU F 273 -15.62 -31.14 43.28
N ALA F 274 -15.02 -30.03 43.70
CA ALA F 274 -13.56 -29.97 43.70
C ALA F 274 -12.96 -30.96 44.71
N ASN F 275 -13.67 -31.19 45.82
CA ASN F 275 -13.24 -32.12 46.86
C ASN F 275 -13.00 -33.51 46.25
N GLN F 276 -14.02 -34.05 45.58
CA GLN F 276 -13.94 -35.38 45.01
C GLN F 276 -12.94 -35.39 43.82
N GLU F 277 -12.76 -34.27 43.12
CA GLU F 277 -11.89 -34.26 41.95
C GLU F 277 -10.41 -34.25 42.39
N VAL F 278 -10.11 -33.47 43.43
CA VAL F 278 -8.82 -33.55 44.09
C VAL F 278 -8.53 -34.99 44.49
N LEU F 279 -9.44 -35.60 45.24
CA LEU F 279 -9.16 -36.90 45.84
C LEU F 279 -8.92 -37.93 44.75
N LYS F 280 -9.75 -37.94 43.71
CA LYS F 280 -9.60 -38.86 42.58
C LYS F 280 -8.24 -38.68 41.90
N TRP F 281 -7.84 -37.42 41.72
CA TRP F 281 -6.60 -37.09 41.07
C TRP F 281 -5.40 -37.56 41.92
N ILE F 282 -5.47 -37.38 43.25
CA ILE F 282 -4.44 -37.89 44.14
C ILE F 282 -4.38 -39.41 44.08
N GLN F 283 -5.54 -40.09 44.07
CA GLN F 283 -5.58 -41.55 44.10
C GLN F 283 -5.03 -42.11 42.79
N GLU F 284 -5.29 -41.41 41.67
CA GLU F 284 -4.80 -41.82 40.37
C GLU F 284 -3.30 -41.56 40.27
N THR F 285 -2.84 -40.46 40.89
CA THR F 285 -1.43 -40.13 40.93
C THR F 285 -0.67 -41.19 41.73
N ILE F 286 -1.16 -41.53 42.92
CA ILE F 286 -0.55 -42.56 43.76
C ILE F 286 -0.41 -43.86 42.97
N ASP F 287 -1.42 -44.19 42.17
CA ASP F 287 -1.50 -45.49 41.53
C ASP F 287 -0.67 -45.52 40.26
N LYS F 288 -0.80 -44.49 39.42
CA LYS F 288 -0.14 -44.56 38.10
C LYS F 288 1.25 -43.92 38.08
N LYS F 289 1.43 -42.76 38.71
CA LYS F 289 2.68 -42.05 38.54
C LYS F 289 3.71 -42.34 39.64
N LEU F 290 3.33 -43.05 40.71
CA LEU F 290 4.25 -43.31 41.80
C LEU F 290 4.19 -44.78 42.25
N GLY F 291 3.77 -45.66 41.33
CA GLY F 291 3.68 -47.10 41.60
C GLY F 291 3.09 -47.43 42.97
N GLY F 292 1.92 -46.85 43.28
CA GLY F 292 1.12 -47.21 44.43
C GLY F 292 1.76 -46.89 45.79
N LYS F 293 2.71 -45.94 45.83
CA LYS F 293 3.53 -45.73 47.03
C LYS F 293 3.68 -44.22 47.29
N VAL F 294 3.86 -43.88 48.58
CA VAL F 294 4.13 -42.50 49.01
C VAL F 294 5.50 -42.07 48.49
N PRO F 295 5.58 -41.03 47.63
CA PRO F 295 6.83 -40.66 46.97
C PRO F 295 7.79 -39.85 47.85
N THR F 296 8.94 -39.47 47.29
CA THR F 296 9.84 -38.49 47.91
C THR F 296 9.38 -37.09 47.50
N LYS F 297 9.83 -36.10 48.28
CA LYS F 297 9.62 -34.70 47.93
C LYS F 297 10.16 -34.44 46.54
N GLU F 298 11.26 -35.14 46.21
CA GLU F 298 11.93 -35.03 44.92
C GLU F 298 11.03 -35.52 43.79
N GLU F 299 10.50 -36.74 43.94
CA GLU F 299 9.74 -37.40 42.89
C GLU F 299 8.47 -36.62 42.57
N LEU F 300 7.85 -36.04 43.61
CA LEU F 300 6.60 -35.35 43.47
C LEU F 300 6.83 -33.97 42.86
N LYS F 301 7.93 -33.31 43.28
CA LYS F 301 8.30 -31.98 42.81
C LYS F 301 8.32 -31.95 41.28
N LYS F 302 8.86 -33.02 40.67
CA LYS F 302 9.01 -33.10 39.23
C LYS F 302 7.74 -33.66 38.59
N PHE F 303 6.97 -34.48 39.31
CA PHE F 303 5.67 -34.93 38.82
C PHE F 303 4.74 -33.74 38.59
N VAL F 304 4.78 -32.77 39.53
CA VAL F 304 3.96 -31.58 39.45
C VAL F 304 4.29 -30.81 38.17
N GLU F 305 5.59 -30.62 37.91
CA GLU F 305 6.08 -29.80 36.80
C GLU F 305 5.68 -30.39 35.45
N GLU F 306 5.66 -31.73 35.36
CA GLU F 306 5.25 -32.45 34.16
C GLU F 306 3.77 -32.23 33.87
N THR F 307 2.92 -32.27 34.93
CA THR F 307 1.48 -32.08 34.78
C THR F 307 1.17 -30.66 34.33
N LEU F 308 1.91 -29.68 34.90
CA LEU F 308 1.74 -28.26 34.61
C LEU F 308 2.25 -27.94 33.20
N SER F 309 3.50 -28.30 32.92
CA SER F 309 4.13 -27.96 31.65
C SER F 309 3.50 -28.74 30.49
N SER F 310 2.76 -29.82 30.78
CA SER F 310 1.96 -30.50 29.77
C SER F 310 0.55 -29.92 29.68
N GLY F 311 0.30 -28.79 30.36
CA GLY F 311 -0.89 -27.98 30.15
C GLY F 311 -2.10 -28.43 30.97
N GLN F 312 -1.90 -28.73 32.26
CA GLN F 312 -2.99 -29.18 33.13
C GLN F 312 -2.86 -28.59 34.53
N VAL F 313 -4.01 -28.46 35.21
CA VAL F 313 -4.10 -27.79 36.50
C VAL F 313 -3.81 -28.78 37.62
N ILE F 314 -3.29 -28.25 38.75
CA ILE F 314 -3.28 -28.98 40.01
C ILE F 314 -4.61 -28.72 40.72
N PRO F 315 -5.49 -29.73 40.89
CA PRO F 315 -6.81 -29.50 41.49
C PRO F 315 -6.70 -29.13 42.97
N GLY F 316 -7.64 -28.30 43.43
CA GLY F 316 -7.73 -27.89 44.83
C GLY F 316 -6.78 -26.73 45.16
N TYR F 317 -6.10 -26.22 44.12
CA TYR F 317 -5.24 -25.05 44.20
C TYR F 317 -5.85 -23.98 43.28
N GLY F 318 -5.81 -22.72 43.69
CA GLY F 318 -6.47 -21.67 42.94
C GLY F 318 -7.87 -21.38 43.50
N HIS F 319 -8.39 -20.19 43.15
CA HIS F 319 -9.70 -19.73 43.61
C HIS F 319 -10.06 -18.43 42.89
N ALA F 320 -11.37 -18.15 42.80
CA ALA F 320 -11.86 -16.92 42.19
C ALA F 320 -11.48 -15.67 43.02
N VAL F 321 -11.37 -15.82 44.36
CA VAL F 321 -11.28 -14.68 45.26
C VAL F 321 -10.05 -14.81 46.18
N LEU F 322 -9.85 -15.99 46.78
CA LEU F 322 -8.67 -16.24 47.61
C LEU F 322 -7.38 -15.99 46.82
N ARG F 323 -6.41 -15.34 47.48
CA ARG F 323 -5.08 -15.14 46.91
C ARG F 323 -3.98 -15.72 47.82
N LYS F 324 -4.36 -16.20 49.02
CA LYS F 324 -3.43 -16.91 49.88
C LYS F 324 -4.00 -18.27 50.31
N THR F 325 -3.21 -18.98 51.14
CA THR F 325 -3.61 -20.24 51.74
C THR F 325 -4.98 -20.05 52.41
N ASP F 326 -5.86 -21.01 52.15
CA ASP F 326 -7.19 -21.05 52.75
C ASP F 326 -7.07 -21.49 54.20
N PRO F 327 -7.51 -20.69 55.20
CA PRO F 327 -7.48 -21.12 56.60
C PRO F 327 -8.40 -22.32 56.89
N ARG F 328 -9.36 -22.57 55.99
CA ARG F 328 -10.22 -23.74 56.07
C ARG F 328 -9.37 -24.99 55.79
N TYR F 329 -8.47 -24.88 54.78
CA TYR F 329 -7.50 -25.92 54.47
C TYR F 329 -6.62 -26.20 55.71
N VAL F 330 -6.16 -25.15 56.37
CA VAL F 330 -5.25 -25.26 57.51
C VAL F 330 -5.92 -26.02 58.66
N ALA F 331 -7.19 -25.73 58.93
CA ALA F 331 -7.91 -26.39 60.01
C ALA F 331 -8.08 -27.89 59.70
N GLN F 332 -8.32 -28.23 58.44
CA GLN F 332 -8.43 -29.62 58.01
C GLN F 332 -7.09 -30.33 58.27
N ARG F 333 -6.00 -29.64 57.92
CA ARG F 333 -4.64 -30.15 58.07
C ARG F 333 -4.34 -30.48 59.53
N GLU F 334 -4.70 -29.56 60.43
CA GLU F 334 -4.43 -29.76 61.85
C GLU F 334 -5.15 -30.99 62.36
N PHE F 335 -6.37 -31.21 61.83
CA PHE F 335 -7.17 -32.37 62.22
C PHE F 335 -6.50 -33.66 61.74
N ALA F 336 -6.01 -33.65 60.49
CA ALA F 336 -5.39 -34.82 59.87
C ALA F 336 -4.07 -35.18 60.57
N LEU F 337 -3.27 -34.16 60.89
CA LEU F 337 -2.00 -34.36 61.60
C LEU F 337 -2.26 -35.09 62.92
N LYS F 338 -3.31 -34.67 63.64
CA LYS F 338 -3.68 -35.31 64.89
C LYS F 338 -4.18 -36.74 64.71
N HIS F 339 -5.07 -36.98 63.75
CA HIS F 339 -5.92 -38.17 63.78
C HIS F 339 -5.53 -39.21 62.75
N MET F 340 -4.79 -38.83 61.70
CA MET F 340 -4.46 -39.78 60.63
C MET F 340 -3.12 -39.42 60.00
N PRO F 341 -2.04 -39.25 60.80
CA PRO F 341 -0.74 -38.81 60.26
C PRO F 341 -0.11 -39.83 59.30
N ASP F 342 -0.47 -41.12 59.46
CA ASP F 342 0.13 -42.20 58.69
C ASP F 342 -0.71 -42.58 57.48
N ASP F 343 -1.83 -41.89 57.24
CA ASP F 343 -2.68 -42.22 56.12
C ASP F 343 -1.94 -41.88 54.82
N PRO F 344 -1.80 -42.86 53.90
CA PRO F 344 -1.05 -42.64 52.65
C PRO F 344 -1.53 -41.44 51.83
N ILE F 345 -2.85 -41.25 51.75
CA ILE F 345 -3.42 -40.19 50.92
C ILE F 345 -3.13 -38.84 51.56
N PHE F 346 -3.26 -38.77 52.89
CA PHE F 346 -2.94 -37.54 53.62
C PHE F 346 -1.48 -37.15 53.38
N GLN F 347 -0.58 -38.15 53.38
CA GLN F 347 0.84 -37.88 53.25
C GLN F 347 1.10 -37.16 51.92
N VAL F 348 0.44 -37.62 50.85
CA VAL F 348 0.56 -36.96 49.56
C VAL F 348 -0.01 -35.54 49.60
N VAL F 349 -1.15 -35.36 50.31
CA VAL F 349 -1.78 -34.05 50.47
C VAL F 349 -0.82 -33.10 51.17
N SER F 350 -0.22 -33.58 52.27
CA SER F 350 0.76 -32.84 53.05
C SER F 350 1.95 -32.39 52.18
N MET F 351 2.54 -33.35 51.46
CA MET F 351 3.69 -33.07 50.63
C MET F 351 3.35 -32.10 49.49
N LEU F 352 2.14 -32.22 48.94
CA LEU F 352 1.66 -31.30 47.91
C LEU F 352 1.61 -29.86 48.45
N TYR F 353 1.27 -29.72 49.74
CA TYR F 353 1.22 -28.42 50.40
C TYR F 353 2.57 -27.73 50.29
N GLU F 354 3.65 -28.51 50.51
CA GLU F 354 5.01 -27.99 50.51
C GLU F 354 5.48 -27.61 49.10
N VAL F 355 5.28 -28.54 48.15
CA VAL F 355 5.98 -28.50 46.89
C VAL F 355 5.23 -27.66 45.85
N VAL F 356 3.88 -27.61 45.92
CA VAL F 356 3.08 -27.07 44.82
C VAL F 356 3.08 -25.53 44.81
N PRO F 357 2.93 -24.82 45.97
CA PRO F 357 2.94 -23.35 45.94
C PRO F 357 4.20 -22.72 45.35
N PRO F 358 5.45 -23.08 45.79
CA PRO F 358 6.67 -22.60 45.14
C PRO F 358 6.65 -22.68 43.62
N ILE F 359 6.20 -23.83 43.10
CA ILE F 359 6.20 -24.13 41.67
C ILE F 359 5.17 -23.31 40.92
N LEU F 360 3.94 -23.19 41.47
CA LEU F 360 2.86 -22.44 40.83
C LEU F 360 3.18 -20.93 40.85
N SER F 361 3.94 -20.50 41.86
CA SER F 361 4.35 -19.11 42.00
C SER F 361 5.34 -18.73 40.91
N SER F 362 6.38 -19.58 40.71
CA SER F 362 7.36 -19.43 39.63
C SER F 362 6.67 -19.17 38.30
N LEU F 363 5.80 -20.09 37.88
CA LEU F 363 5.11 -20.00 36.59
C LEU F 363 4.20 -18.76 36.55
N GLY F 364 3.81 -18.26 37.75
CA GLY F 364 3.15 -16.98 37.91
C GLY F 364 1.86 -16.82 37.08
N LYS F 365 1.15 -17.93 36.84
CA LYS F 365 0.02 -17.95 35.92
C LYS F 365 -1.31 -18.11 36.65
N VAL F 366 -1.35 -18.79 37.81
CA VAL F 366 -2.55 -18.87 38.61
C VAL F 366 -2.51 -17.74 39.65
N LYS F 367 -3.59 -16.95 39.72
CA LYS F 367 -3.64 -15.78 40.58
C LYS F 367 -3.62 -16.19 42.05
N ASP F 368 -4.00 -17.45 42.37
CA ASP F 368 -3.96 -18.00 43.74
C ASP F 368 -3.09 -19.28 43.73
N PRO F 369 -1.74 -19.15 43.91
CA PRO F 369 -0.84 -20.32 43.91
C PRO F 369 -0.77 -21.04 45.26
N TRP F 370 -1.94 -21.43 45.77
CA TRP F 370 -2.09 -21.92 47.13
C TRP F 370 -3.30 -22.86 47.23
N PRO F 371 -3.38 -23.73 48.26
CA PRO F 371 -4.51 -24.64 48.41
C PRO F 371 -5.79 -23.95 48.90
N ASN F 372 -6.95 -24.49 48.49
CA ASN F 372 -8.24 -24.21 49.13
C ASN F 372 -8.66 -25.48 49.88
N VAL F 373 -9.79 -25.42 50.63
CA VAL F 373 -10.23 -26.55 51.45
C VAL F 373 -10.31 -27.83 50.64
N ASP F 374 -10.75 -27.70 49.37
CA ASP F 374 -11.09 -28.85 48.55
C ASP F 374 -9.84 -29.72 48.34
N ALA F 375 -8.65 -29.14 48.53
CA ALA F 375 -7.41 -29.91 48.49
C ALA F 375 -7.31 -30.87 49.67
N HIS F 376 -8.05 -30.64 50.77
CA HIS F 376 -7.85 -31.40 52.01
C HIS F 376 -9.04 -32.28 52.44
N SER F 377 -10.26 -31.94 52.04
CA SER F 377 -11.46 -32.48 52.69
C SER F 377 -11.62 -33.98 52.41
N GLY F 378 -11.31 -34.36 51.17
CA GLY F 378 -11.55 -35.70 50.68
C GLY F 378 -10.71 -36.77 51.37
N CYS F 379 -9.44 -36.49 51.69
CA CYS F 379 -8.61 -37.52 52.32
C CYS F 379 -9.18 -37.85 53.70
N ILE F 380 -9.79 -36.85 54.37
CA ILE F 380 -10.39 -37.08 55.69
C ILE F 380 -11.66 -37.92 55.56
N GLN F 381 -12.53 -37.57 54.60
CA GLN F 381 -13.76 -38.34 54.38
C GLN F 381 -13.41 -39.78 54.02
N TRP F 382 -12.49 -39.94 53.05
CA TRP F 382 -12.06 -41.25 52.57
C TRP F 382 -11.51 -42.09 53.71
N HIS F 383 -10.66 -41.48 54.56
CA HIS F 383 -10.04 -42.20 55.66
C HIS F 383 -11.10 -42.90 56.51
N TYR F 384 -12.24 -42.24 56.74
CA TYR F 384 -13.24 -42.76 57.66
C TYR F 384 -14.30 -43.59 56.91
N GLY F 385 -14.05 -43.87 55.62
CA GLY F 385 -14.86 -44.83 54.86
C GLY F 385 -16.01 -44.18 54.10
N VAL F 386 -16.06 -42.84 54.03
CA VAL F 386 -16.96 -42.17 53.11
C VAL F 386 -16.27 -42.13 51.75
N VAL F 387 -16.48 -43.21 50.98
CA VAL F 387 -15.79 -43.42 49.72
C VAL F 387 -16.68 -42.98 48.55
N GLU F 388 -17.92 -42.58 48.85
CA GLU F 388 -18.94 -42.33 47.83
C GLU F 388 -18.82 -40.87 47.39
N TYR F 389 -17.96 -40.66 46.40
CA TYR F 389 -17.54 -39.32 45.94
C TYR F 389 -18.71 -38.35 45.72
N ASP F 390 -19.76 -38.81 45.03
CA ASP F 390 -20.87 -37.93 44.68
C ASP F 390 -21.53 -37.33 45.93
N PHE F 391 -21.51 -38.10 47.04
CA PHE F 391 -22.13 -37.68 48.28
C PHE F 391 -21.37 -36.52 48.95
N TYR F 392 -20.10 -36.30 48.60
CA TYR F 392 -19.32 -35.26 49.30
C TYR F 392 -20.01 -33.91 49.19
N THR F 393 -20.64 -33.64 48.04
CA THR F 393 -21.31 -32.38 47.81
C THR F 393 -22.52 -32.23 48.74
N VAL F 394 -23.13 -33.35 49.14
CA VAL F 394 -24.24 -33.29 50.09
C VAL F 394 -23.72 -32.83 51.46
N LEU F 395 -22.55 -33.31 51.87
CA LEU F 395 -21.90 -32.83 53.10
C LEU F 395 -21.74 -31.31 53.05
N PHE F 396 -21.26 -30.82 51.91
CA PHE F 396 -21.06 -29.40 51.66
C PHE F 396 -22.40 -28.67 51.83
N GLY F 397 -23.47 -29.20 51.20
CA GLY F 397 -24.80 -28.61 51.26
C GLY F 397 -25.36 -28.52 52.68
N ILE F 398 -25.08 -29.52 53.51
CA ILE F 398 -25.52 -29.48 54.91
C ILE F 398 -24.80 -28.33 55.62
N GLY F 399 -23.48 -28.28 55.45
CA GLY F 399 -22.65 -27.25 56.07
C GLY F 399 -23.00 -25.83 55.66
N ARG F 400 -23.12 -25.62 54.35
CA ARG F 400 -23.31 -24.30 53.78
C ARG F 400 -24.65 -23.71 54.19
N ALA F 401 -25.60 -24.55 54.61
CA ALA F 401 -26.90 -24.05 55.04
C ALA F 401 -26.76 -23.20 56.30
N LEU F 402 -25.75 -23.46 57.14
CA LEU F 402 -25.57 -22.71 58.38
C LEU F 402 -25.46 -21.22 58.10
N GLY F 403 -24.58 -20.85 57.16
CA GLY F 403 -24.39 -19.46 56.78
C GLY F 403 -25.50 -18.93 55.89
N VAL F 404 -25.91 -19.73 54.90
CA VAL F 404 -26.89 -19.27 53.94
C VAL F 404 -28.24 -19.02 54.62
N LEU F 405 -28.70 -19.93 55.49
CA LEU F 405 -30.00 -19.70 56.13
C LEU F 405 -29.92 -18.51 57.09
N ALA F 406 -28.79 -18.35 57.80
CA ALA F 406 -28.57 -17.17 58.61
C ALA F 406 -28.66 -15.92 57.74
N ASN F 407 -28.05 -15.96 56.55
CA ASN F 407 -28.08 -14.84 55.62
C ASN F 407 -29.51 -14.52 55.17
N LEU F 408 -30.36 -15.54 54.93
CA LEU F 408 -31.71 -15.26 54.45
C LEU F 408 -32.55 -14.58 55.54
N VAL F 409 -32.34 -14.98 56.78
CA VAL F 409 -33.04 -14.36 57.90
C VAL F 409 -32.71 -12.86 57.90
N TRP F 410 -31.44 -12.53 57.72
CA TRP F 410 -30.96 -11.15 57.73
C TRP F 410 -31.40 -10.38 56.50
N ASP F 411 -31.43 -11.03 55.32
CA ASP F 411 -31.94 -10.37 54.14
C ASP F 411 -33.36 -9.89 54.42
N ARG F 412 -34.18 -10.71 55.07
CA ARG F 412 -35.55 -10.32 55.38
C ARG F 412 -35.59 -9.32 56.52
N ALA F 413 -34.68 -9.46 57.50
CA ALA F 413 -34.63 -8.53 58.64
C ALA F 413 -34.37 -7.11 58.11
N LEU F 414 -33.45 -6.98 57.15
CA LEU F 414 -33.02 -5.68 56.63
C LEU F 414 -33.85 -5.28 55.40
N GLY F 415 -34.81 -6.11 54.99
CA GLY F 415 -35.70 -5.76 53.89
C GLY F 415 -34.98 -5.57 52.55
N TYR F 416 -33.90 -6.32 52.30
CA TYR F 416 -33.19 -6.20 51.04
C TYR F 416 -34.15 -6.50 49.88
N ALA F 417 -34.05 -5.68 48.83
CA ALA F 417 -35.01 -5.68 47.74
C ALA F 417 -34.69 -6.82 46.77
N ILE F 418 -35.65 -7.09 45.89
CA ILE F 418 -35.49 -8.08 44.85
C ILE F 418 -34.20 -7.81 44.07
N GLU F 419 -33.40 -8.86 43.85
CA GLU F 419 -32.22 -8.77 43.02
C GLU F 419 -32.63 -8.82 41.54
N ARG F 420 -32.34 -7.73 40.82
CA ARG F 420 -32.78 -7.56 39.45
C ARG F 420 -31.81 -6.61 38.73
N PRO F 421 -30.61 -7.09 38.34
CA PRO F 421 -29.71 -6.29 37.51
C PRO F 421 -30.25 -6.18 36.08
N LYS F 422 -29.52 -5.43 35.23
CA LYS F 422 -29.92 -5.12 33.88
C LYS F 422 -29.03 -5.89 32.91
N SER F 423 -29.66 -6.46 31.86
CA SER F 423 -28.95 -7.14 30.79
C SER F 423 -28.58 -6.15 29.69
N VAL F 424 -27.51 -6.47 28.96
CA VAL F 424 -27.14 -5.79 27.73
C VAL F 424 -26.85 -6.85 26.68
N THR F 425 -26.96 -6.49 25.40
CA THR F 425 -26.65 -7.36 24.27
C THR F 425 -25.18 -7.24 23.88
N THR F 426 -24.72 -8.20 23.04
CA THR F 426 -23.40 -8.16 22.44
C THR F 426 -23.24 -6.91 21.57
N ASP F 427 -24.31 -6.53 20.83
CA ASP F 427 -24.33 -5.34 20.01
C ASP F 427 -24.04 -4.11 20.86
N MET F 428 -24.67 -4.02 22.03
CA MET F 428 -24.52 -2.88 22.91
C MET F 428 -23.09 -2.82 23.44
N LEU F 429 -22.48 -3.98 23.72
CA LEU F 429 -21.10 -4.00 24.18
C LEU F 429 -20.16 -3.53 23.07
N GLU F 430 -20.47 -3.96 21.84
CA GLU F 430 -19.71 -3.58 20.66
C GLU F 430 -19.81 -2.08 20.43
N LYS F 431 -21.02 -1.51 20.59
CA LYS F 431 -21.23 -0.07 20.50
C LYS F 431 -20.31 0.65 21.50
N TRP F 432 -20.36 0.25 22.78
CA TRP F 432 -19.56 0.90 23.81
C TRP F 432 -18.06 0.72 23.56
N ALA F 433 -17.67 -0.38 22.92
CA ALA F 433 -16.27 -0.67 22.63
C ALA F 433 -15.76 0.15 21.45
N GLY F 434 -16.68 0.74 20.67
CA GLY F 434 -16.35 1.53 19.49
C GLY F 434 -16.19 0.68 18.23
N ILE F 435 -16.70 -0.55 18.22
CA ILE F 435 -16.69 -1.40 17.03
C ILE F 435 -17.87 -1.02 16.14
N LYS F 436 -17.67 -1.05 14.81
CA LYS F 436 -18.41 -0.18 13.90
C LYS F 436 -19.86 -0.66 13.71
N SER G 2 47.56 -4.17 -53.17
CA SER G 2 46.28 -3.45 -53.38
C SER G 2 46.57 -2.13 -54.09
N PHE G 3 45.55 -1.64 -54.82
CA PHE G 3 45.64 -0.36 -55.48
C PHE G 3 45.88 0.75 -54.44
N LEU G 4 45.19 0.67 -53.30
CA LEU G 4 45.32 1.66 -52.25
C LEU G 4 46.78 1.73 -51.76
N LYS G 5 47.38 0.56 -51.53
CA LYS G 5 48.72 0.52 -50.99
C LYS G 5 49.74 1.05 -52.01
N GLU G 6 49.53 0.73 -53.29
CA GLU G 6 50.40 1.19 -54.36
C GLU G 6 50.25 2.69 -54.56
N LYS G 7 49.01 3.20 -54.44
CA LYS G 7 48.74 4.62 -54.56
C LYS G 7 49.47 5.36 -53.44
N LEU G 8 49.39 4.78 -52.23
CA LEU G 8 50.02 5.37 -51.07
C LEU G 8 51.55 5.36 -51.26
N ALA G 9 52.10 4.27 -51.81
CA ALA G 9 53.53 4.19 -52.08
C ALA G 9 53.96 5.32 -53.02
N GLU G 10 53.16 5.65 -54.04
CA GLU G 10 53.47 6.75 -54.95
C GLU G 10 53.51 8.07 -54.19
N LYS G 11 52.47 8.33 -53.39
CA LYS G 11 52.36 9.58 -52.64
C LYS G 11 53.55 9.73 -51.69
N ILE G 12 53.99 8.61 -51.11
CA ILE G 12 55.13 8.63 -50.21
C ILE G 12 56.41 8.99 -50.98
N ALA G 13 56.59 8.39 -52.17
CA ALA G 13 57.76 8.67 -53.00
C ALA G 13 57.84 10.15 -53.36
N GLN G 14 56.69 10.80 -53.63
CA GLN G 14 56.63 12.22 -53.96
C GLN G 14 56.87 13.08 -52.73
N HIS G 15 56.40 12.65 -51.55
CA HIS G 15 56.42 13.52 -50.39
C HIS G 15 57.78 13.51 -49.71
N ARG G 16 58.44 12.33 -49.66
CA ARG G 16 59.65 12.19 -48.84
C ARG G 16 60.69 13.25 -49.22
N PRO G 17 61.02 13.48 -50.52
CA PRO G 17 62.02 14.48 -50.88
C PRO G 17 61.77 15.86 -50.30
N ARG G 18 60.49 16.27 -50.21
CA ARG G 18 60.10 17.54 -49.61
C ARG G 18 60.54 17.62 -48.15
N THR G 19 60.33 16.52 -47.40
CA THR G 19 60.69 16.46 -46.00
C THR G 19 62.21 16.48 -45.85
N THR G 20 62.90 15.70 -46.71
CA THR G 20 64.36 15.64 -46.74
C THR G 20 64.97 17.04 -46.97
N ARG G 21 64.39 17.77 -47.92
CA ARG G 21 64.89 19.09 -48.30
C ARG G 21 64.68 20.08 -47.16
N LEU G 22 63.52 20.05 -46.50
CA LEU G 22 63.27 20.97 -45.38
C LEU G 22 64.30 20.75 -44.27
N LEU G 23 64.70 19.49 -44.02
CA LEU G 23 65.66 19.19 -42.99
C LEU G 23 67.08 19.54 -43.47
N LYS G 24 67.39 19.26 -44.73
CA LYS G 24 68.76 19.42 -45.21
C LYS G 24 69.11 20.90 -45.38
N GLU G 25 68.23 21.67 -46.02
CA GLU G 25 68.51 23.04 -46.40
C GLU G 25 67.95 24.06 -45.39
N PHE G 26 66.79 23.78 -44.76
CA PHE G 26 66.03 24.80 -44.04
C PHE G 26 65.76 24.41 -42.58
N GLY G 27 66.58 23.50 -42.03
CA GLY G 27 66.41 22.96 -40.69
C GLY G 27 66.29 24.04 -39.62
N ASN G 28 67.04 25.13 -39.81
CA ASN G 28 67.24 26.11 -38.75
C ASN G 28 66.32 27.29 -38.88
N VAL G 29 65.42 27.28 -39.88
CA VAL G 29 64.42 28.32 -40.02
C VAL G 29 63.47 28.27 -38.83
N LYS G 30 63.31 29.42 -38.16
CA LYS G 30 62.47 29.56 -36.98
C LYS G 30 61.01 29.65 -37.42
N ILE G 31 60.13 28.89 -36.76
CA ILE G 31 58.70 28.94 -37.09
C ILE G 31 57.88 29.39 -35.89
N ASP G 32 58.46 29.44 -34.69
CA ASP G 32 57.70 29.89 -33.54
C ASP G 32 58.66 30.13 -32.37
N GLU G 33 58.11 30.64 -31.27
CA GLU G 33 58.86 30.68 -30.03
C GLU G 33 57.99 30.16 -28.88
N VAL G 34 58.63 29.93 -27.74
CA VAL G 34 58.02 29.38 -26.54
C VAL G 34 58.19 30.35 -25.38
N THR G 35 57.08 30.67 -24.70
CA THR G 35 57.11 31.49 -23.51
C THR G 35 56.89 30.64 -22.25
N ILE G 36 57.14 31.25 -21.09
CA ILE G 36 56.92 30.62 -19.80
C ILE G 36 55.46 30.19 -19.69
N SER G 37 54.55 31.09 -20.10
CA SER G 37 53.12 30.86 -20.09
C SER G 37 52.74 29.55 -20.81
N GLN G 38 53.38 29.31 -21.96
CA GLN G 38 53.06 28.21 -22.84
C GLN G 38 53.63 26.90 -22.31
N ALA G 39 54.81 26.94 -21.70
CA ALA G 39 55.43 25.77 -21.11
C ALA G 39 54.60 25.28 -19.91
N ILE G 40 54.19 26.24 -19.06
CA ILE G 40 53.31 25.94 -17.94
C ILE G 40 51.91 25.56 -18.44
N GLY G 41 51.45 26.18 -19.54
CA GLY G 41 50.07 26.09 -19.96
C GLY G 41 49.83 25.07 -21.10
N GLY G 42 50.53 23.94 -21.05
CA GLY G 42 50.18 22.81 -21.91
C GLY G 42 50.55 23.05 -23.37
N MET G 43 51.72 23.65 -23.58
CA MET G 43 52.23 23.96 -24.91
C MET G 43 51.25 24.78 -25.74
N ARG G 44 50.36 25.55 -25.11
CA ARG G 44 49.26 26.19 -25.81
C ARG G 44 49.78 27.04 -26.97
N GLY G 45 49.35 26.72 -28.19
CA GLY G 45 49.62 27.53 -29.38
C GLY G 45 50.99 27.29 -30.01
N ILE G 46 51.84 26.44 -29.39
CA ILE G 46 53.18 26.20 -29.93
C ILE G 46 53.10 25.34 -31.18
N LYS G 47 53.66 25.85 -32.28
CA LYS G 47 53.64 25.15 -33.56
C LYS G 47 54.80 24.18 -33.59
N SER G 48 54.58 22.95 -33.10
CA SER G 48 55.64 22.01 -32.80
C SER G 48 55.36 20.60 -33.35
N LEU G 49 54.28 20.47 -34.14
CA LEU G 49 53.85 19.18 -34.69
C LEU G 49 53.56 19.36 -36.18
N VAL G 50 53.86 18.32 -36.95
CA VAL G 50 53.66 18.32 -38.39
C VAL G 50 52.79 17.12 -38.78
N THR G 51 51.71 17.43 -39.47
CA THR G 51 50.82 16.44 -40.08
C THR G 51 50.23 17.06 -41.35
N ASP G 52 49.97 16.21 -42.35
CA ASP G 52 49.31 16.62 -43.57
C ASP G 52 47.92 16.00 -43.73
N ILE G 53 47.47 15.18 -42.76
CA ILE G 53 46.18 14.50 -42.85
C ILE G 53 45.09 15.57 -42.81
N SER G 54 45.23 16.45 -41.82
CA SER G 54 44.27 17.52 -41.65
C SER G 54 44.97 18.72 -41.03
N TYR G 55 44.34 19.89 -41.17
CA TYR G 55 44.88 21.13 -40.62
C TYR G 55 43.71 21.92 -40.02
N LEU G 56 43.87 22.31 -38.77
CA LEU G 56 42.86 23.09 -38.07
C LEU G 56 43.19 24.58 -38.18
N ASP G 57 42.42 25.27 -39.03
CA ASP G 57 42.47 26.73 -39.10
C ASP G 57 41.60 27.30 -37.98
N PRO G 58 42.12 28.22 -37.12
CA PRO G 58 41.28 28.83 -36.07
C PRO G 58 39.99 29.51 -36.56
N GLU G 59 40.02 30.06 -37.79
CA GLU G 59 38.92 30.83 -38.34
C GLU G 59 37.99 29.95 -39.20
N GLU G 60 38.55 29.13 -40.11
CA GLU G 60 37.77 28.36 -41.05
CA GLU G 60 37.77 28.34 -41.05
C GLU G 60 37.44 26.96 -40.48
N GLY G 61 38.14 26.55 -39.41
CA GLY G 61 38.00 25.21 -38.86
C GLY G 61 38.80 24.17 -39.64
N ILE G 62 38.35 22.90 -39.56
CA ILE G 62 39.16 21.78 -40.02
C ILE G 62 39.09 21.67 -41.55
N ARG G 63 40.24 21.39 -42.16
CA ARG G 63 40.31 20.93 -43.55
C ARG G 63 40.96 19.55 -43.59
N PHE G 64 40.34 18.62 -44.33
CA PHE G 64 40.85 17.28 -44.52
C PHE G 64 41.55 17.21 -45.86
N ARG G 65 42.89 17.10 -45.82
CA ARG G 65 43.69 17.02 -47.03
C ARG G 65 43.35 18.20 -47.96
N GLY G 66 43.26 19.40 -47.38
CA GLY G 66 42.99 20.60 -48.17
C GLY G 66 41.49 20.91 -48.30
N TYR G 67 40.59 19.92 -48.12
CA TYR G 67 39.19 20.11 -48.39
C TYR G 67 38.39 20.53 -47.15
N THR G 68 37.37 21.37 -47.37
CA THR G 68 36.43 21.70 -46.33
C THR G 68 35.47 20.53 -46.14
N ILE G 69 34.70 20.58 -45.06
CA ILE G 69 33.71 19.55 -44.77
C ILE G 69 32.61 19.55 -45.85
N PRO G 70 32.00 20.69 -46.25
CA PRO G 70 31.03 20.66 -47.35
C PRO G 70 31.62 20.02 -48.60
N GLU G 71 32.90 20.30 -48.89
CA GLU G 71 33.57 19.74 -50.06
C GLU G 71 33.73 18.22 -49.94
N VAL G 72 34.15 17.75 -48.78
CA VAL G 72 34.32 16.32 -48.54
C VAL G 72 32.98 15.60 -48.74
N LEU G 73 31.93 16.11 -48.10
CA LEU G 73 30.62 15.47 -48.15
C LEU G 73 30.03 15.49 -49.56
N GLU G 74 30.41 16.51 -50.33
CA GLU G 74 29.94 16.72 -51.69
C GLU G 74 30.67 15.74 -52.62
N LYS G 75 31.99 15.62 -52.48
CA LYS G 75 32.80 14.95 -53.50
C LYS G 75 32.95 13.44 -53.27
N LEU G 76 32.87 12.98 -52.00
CA LEU G 76 33.15 11.57 -51.72
C LEU G 76 32.02 10.73 -52.32
N PRO G 77 32.30 9.57 -52.93
CA PRO G 77 31.21 8.69 -53.41
C PRO G 77 30.26 8.29 -52.29
N LYS G 78 28.97 8.26 -52.63
CA LYS G 78 27.89 8.00 -51.69
C LYS G 78 27.58 6.50 -51.68
N VAL G 79 27.04 6.03 -50.56
CA VAL G 79 26.61 4.65 -50.50
C VAL G 79 25.31 4.58 -51.29
N PRO G 80 25.16 3.62 -52.23
CA PRO G 80 23.89 3.42 -52.94
C PRO G 80 22.72 3.28 -51.97
N GLY G 81 21.68 4.10 -52.15
CA GLY G 81 20.48 4.01 -51.32
C GLY G 81 20.56 4.90 -50.08
N ALA G 82 21.67 5.62 -49.91
CA ALA G 82 21.89 6.41 -48.71
C ALA G 82 22.38 7.80 -49.09
N GLU G 83 22.35 8.70 -48.10
CA GLU G 83 22.63 10.12 -48.26
C GLU G 83 24.13 10.41 -48.09
N MET G 84 24.85 9.60 -47.29
CA MET G 84 26.18 9.99 -46.85
C MET G 84 27.25 9.19 -47.58
N PRO G 85 28.51 9.69 -47.61
CA PRO G 85 29.61 8.93 -48.20
C PRO G 85 29.95 7.61 -47.49
N TYR G 86 30.58 6.70 -48.23
CA TYR G 86 31.30 5.61 -47.60
C TYR G 86 32.37 6.19 -46.67
N VAL G 87 32.43 5.68 -45.45
CA VAL G 87 33.49 6.07 -44.52
C VAL G 87 34.83 5.64 -45.10
N GLU G 88 34.82 4.47 -45.76
CA GLU G 88 35.98 3.90 -46.43
C GLU G 88 36.58 4.88 -47.43
N GLY G 89 35.71 5.65 -48.12
CA GLY G 89 36.14 6.65 -49.08
C GLY G 89 36.85 7.82 -48.42
N HIS G 90 36.37 8.21 -47.24
CA HIS G 90 37.05 9.22 -46.46
C HIS G 90 38.41 8.70 -45.99
N PHE G 91 38.50 7.42 -45.63
CA PHE G 91 39.77 6.85 -45.22
C PHE G 91 40.77 6.90 -46.38
N TYR G 92 40.30 6.59 -47.59
CA TYR G 92 41.11 6.64 -48.79
C TYR G 92 41.66 8.05 -48.97
N LEU G 93 40.79 9.06 -48.81
CA LEU G 93 41.17 10.46 -48.93
C LEU G 93 42.23 10.82 -47.90
N LEU G 94 42.01 10.47 -46.63
CA LEU G 94 42.98 10.83 -45.61
C LEU G 94 44.32 10.15 -45.86
N LEU G 95 44.32 8.91 -46.37
CA LEU G 95 45.58 8.20 -46.63
C LEU G 95 46.34 8.77 -47.82
N THR G 96 45.61 9.10 -48.91
CA THR G 96 46.25 9.38 -50.20
C THR G 96 46.26 10.86 -50.53
N GLY G 97 45.29 11.63 -50.02
CA GLY G 97 45.10 13.01 -50.48
C GLY G 97 44.15 13.13 -51.67
N ASP G 98 43.75 12.00 -52.27
CA ASP G 98 42.87 11.97 -53.44
C ASP G 98 41.44 11.58 -53.05
N VAL G 99 40.46 12.22 -53.68
CA VAL G 99 39.08 11.75 -53.68
C VAL G 99 39.00 10.47 -54.50
N PRO G 100 38.51 9.35 -53.93
CA PRO G 100 38.48 8.08 -54.66
C PRO G 100 37.34 8.04 -55.67
N THR G 101 37.56 7.29 -56.76
CA THR G 101 36.49 6.89 -57.66
C THR G 101 35.63 5.83 -56.97
N GLU G 102 34.47 5.57 -57.56
CA GLU G 102 33.58 4.52 -57.09
C GLU G 102 34.37 3.20 -57.04
N LYS G 103 35.14 2.91 -58.09
CA LYS G 103 35.93 1.70 -58.17
C LYS G 103 36.90 1.63 -56.97
N GLU G 104 37.48 2.77 -56.61
CA GLU G 104 38.56 2.79 -55.62
C GLU G 104 37.98 2.59 -54.21
N VAL G 105 36.82 3.18 -53.95
CA VAL G 105 36.15 3.04 -52.67
C VAL G 105 35.69 1.60 -52.46
N LYS G 106 35.17 0.98 -53.53
CA LYS G 106 34.65 -0.38 -53.43
C LYS G 106 35.78 -1.32 -53.03
N GLU G 107 37.00 -1.05 -53.51
CA GLU G 107 38.14 -1.90 -53.18
C GLU G 107 38.46 -1.80 -51.69
N VAL G 108 38.34 -0.59 -51.11
CA VAL G 108 38.59 -0.41 -49.69
C VAL G 108 37.48 -1.09 -48.89
N ALA G 109 36.22 -0.93 -49.34
CA ALA G 109 35.07 -1.52 -48.69
C ALA G 109 35.20 -3.05 -48.64
N GLU G 110 35.69 -3.64 -49.74
CA GLU G 110 35.85 -5.09 -49.84
C GLU G 110 36.97 -5.55 -48.90
N GLU G 111 38.04 -4.76 -48.78
CA GLU G 111 39.16 -5.11 -47.93
C GLU G 111 38.74 -5.03 -46.45
N PHE G 112 37.92 -4.02 -46.10
CA PHE G 112 37.38 -3.91 -44.75
C PHE G 112 36.47 -5.09 -44.41
N LYS G 113 35.68 -5.56 -45.38
CA LYS G 113 34.84 -6.73 -45.18
C LYS G 113 35.69 -7.94 -44.80
N LYS G 114 36.86 -8.09 -45.44
CA LYS G 114 37.72 -9.22 -45.17
C LYS G 114 38.39 -9.12 -43.79
N ARG G 115 38.49 -7.92 -43.23
CA ARG G 115 39.29 -7.71 -42.04
C ARG G 115 38.42 -7.39 -40.81
N ARG G 116 37.10 -7.39 -40.91
CA ARG G 116 36.30 -6.80 -39.84
C ARG G 116 35.97 -7.75 -38.69
N ALA G 117 36.22 -9.06 -38.83
CA ALA G 117 35.88 -10.02 -37.77
C ALA G 117 36.76 -9.80 -36.52
N LEU G 118 36.13 -9.88 -35.36
CA LEU G 118 36.75 -9.63 -34.07
C LEU G 118 37.34 -10.92 -33.50
N PRO G 119 38.63 -10.97 -33.12
CA PRO G 119 39.17 -12.13 -32.40
C PRO G 119 38.30 -12.52 -31.20
N GLU G 120 38.03 -13.82 -31.02
CA GLU G 120 37.21 -14.31 -29.91
C GLU G 120 37.80 -13.91 -28.56
N TYR G 121 39.13 -13.95 -28.42
CA TYR G 121 39.76 -13.59 -27.15
C TYR G 121 39.53 -12.13 -26.77
N VAL G 122 39.15 -11.28 -27.75
CA VAL G 122 38.76 -9.91 -27.40
C VAL G 122 37.46 -9.93 -26.58
N LYS G 123 36.50 -10.72 -27.06
CA LYS G 123 35.25 -10.91 -26.35
C LYS G 123 35.50 -11.55 -24.98
N ASP G 124 36.37 -12.55 -24.93
CA ASP G 124 36.71 -13.20 -23.67
C ASP G 124 37.24 -12.17 -22.67
N THR G 125 38.14 -11.30 -23.15
CA THR G 125 38.79 -10.31 -22.30
C THR G 125 37.77 -9.29 -21.77
N LEU G 126 36.84 -8.84 -22.63
CA LEU G 126 35.83 -7.86 -22.24
C LEU G 126 34.81 -8.47 -21.27
N LYS G 127 34.58 -9.78 -21.35
CA LYS G 127 33.72 -10.46 -20.40
C LYS G 127 34.41 -10.63 -19.05
N ALA G 128 35.74 -10.78 -19.05
CA ALA G 128 36.45 -11.00 -17.79
C ALA G 128 36.56 -9.66 -17.05
N MET G 129 36.64 -8.56 -17.80
CA MET G 129 36.52 -7.23 -17.23
C MET G 129 35.13 -7.06 -16.63
N PRO G 130 35.00 -6.55 -15.40
CA PRO G 130 33.67 -6.36 -14.80
C PRO G 130 32.76 -5.60 -15.74
N ARG G 131 31.50 -6.06 -15.84
CA ARG G 131 30.53 -5.51 -16.77
C ARG G 131 30.25 -4.05 -16.44
N ASP G 132 30.54 -3.62 -15.21
CA ASP G 132 30.27 -2.25 -14.81
C ASP G 132 31.44 -1.34 -15.20
N THR G 133 32.46 -1.88 -15.86
CA THR G 133 33.55 -1.08 -16.42
C THR G 133 33.03 -0.10 -17.47
N HIS G 134 33.56 1.13 -17.41
CA HIS G 134 33.23 2.17 -18.37
C HIS G 134 33.49 1.69 -19.79
N PRO G 135 32.60 2.00 -20.75
CA PRO G 135 32.76 1.48 -22.12
C PRO G 135 34.05 1.92 -22.81
N MET G 136 34.60 3.10 -22.46
CA MET G 136 35.86 3.58 -23.03
C MET G 136 37.05 2.78 -22.49
N THR G 137 36.92 2.29 -21.24
CA THR G 137 37.93 1.41 -20.70
C THR G 137 37.92 0.07 -21.43
N MET G 138 36.72 -0.45 -21.69
CA MET G 138 36.58 -1.68 -22.44
C MET G 138 37.14 -1.50 -23.85
N PHE G 139 36.85 -0.35 -24.46
CA PHE G 139 37.23 -0.07 -25.84
C PHE G 139 38.75 -0.02 -25.95
N ALA G 140 39.40 0.72 -25.05
CA ALA G 140 40.85 0.79 -25.04
C ALA G 140 41.46 -0.59 -24.80
N ALA G 141 40.83 -1.41 -23.96
CA ALA G 141 41.35 -2.72 -23.58
C ALA G 141 41.23 -3.69 -24.75
N GLY G 142 40.11 -3.63 -25.46
CA GLY G 142 39.91 -4.43 -26.66
C GLY G 142 40.96 -4.18 -27.74
N ILE G 143 41.26 -2.89 -27.98
CA ILE G 143 42.29 -2.48 -28.91
C ILE G 143 43.62 -3.05 -28.45
N LEU G 144 43.95 -2.81 -27.17
CA LEU G 144 45.23 -3.23 -26.61
C LEU G 144 45.43 -4.74 -26.73
N ALA G 145 44.39 -5.54 -26.42
CA ALA G 145 44.53 -6.99 -26.46
C ALA G 145 44.92 -7.47 -27.85
N MET G 146 44.45 -6.77 -28.91
CA MET G 146 44.73 -7.17 -30.29
C MET G 146 46.16 -6.82 -30.72
N GLN G 147 46.94 -6.19 -29.82
CA GLN G 147 48.38 -5.97 -30.02
C GLN G 147 49.09 -7.29 -30.32
N ARG G 148 48.53 -8.40 -29.82
CA ARG G 148 48.99 -9.75 -30.11
C ARG G 148 49.10 -10.00 -31.63
N GLU G 149 48.26 -9.36 -32.44
CA GLU G 149 48.23 -9.60 -33.87
C GLU G 149 49.12 -8.64 -34.66
N SER G 150 49.83 -7.70 -34.00
CA SER G 150 50.49 -6.62 -34.71
C SER G 150 51.54 -7.15 -35.70
N LYS G 151 51.34 -6.77 -36.97
CA LYS G 151 52.30 -7.03 -38.05
C LYS G 151 53.55 -6.15 -37.92
N PHE G 152 53.33 -4.89 -37.52
CA PHE G 152 54.43 -3.98 -37.27
C PHE G 152 55.34 -4.51 -36.16
N ALA G 153 54.74 -4.98 -35.05
CA ALA G 153 55.54 -5.51 -33.95
C ALA G 153 56.31 -6.77 -34.37
N ALA G 154 55.68 -7.66 -35.15
CA ALA G 154 56.35 -8.90 -35.57
C ALA G 154 57.50 -8.56 -36.53
N TYR G 155 57.25 -7.62 -37.43
CA TYR G 155 58.26 -7.08 -38.34
C TYR G 155 59.45 -6.55 -37.57
N TYR G 156 59.20 -5.69 -36.59
CA TYR G 156 60.28 -5.14 -35.81
C TYR G 156 61.02 -6.25 -35.08
N ASN G 157 60.29 -7.17 -34.44
CA ASN G 157 60.88 -8.16 -33.54
C ASN G 157 61.66 -9.19 -34.37
N ALA G 158 61.33 -9.36 -35.66
CA ALA G 158 62.04 -10.28 -36.54
C ALA G 158 63.32 -9.64 -37.10
N GLY G 159 63.64 -8.39 -36.74
CA GLY G 159 64.83 -7.69 -37.20
C GLY G 159 64.70 -7.08 -38.60
N LYS G 160 63.47 -6.87 -39.10
CA LYS G 160 63.26 -6.48 -40.49
C LYS G 160 63.10 -4.97 -40.66
N PHE G 161 63.22 -4.20 -39.57
CA PHE G 161 62.94 -2.78 -39.67
C PHE G 161 63.82 -2.17 -40.76
N ASN G 162 63.18 -1.45 -41.68
CA ASN G 162 63.88 -0.66 -42.68
C ASN G 162 63.11 0.64 -42.80
N LYS G 163 63.82 1.75 -42.71
CA LYS G 163 63.22 3.07 -42.63
C LYS G 163 62.41 3.37 -43.88
N ASN G 164 62.69 2.71 -45.02
CA ASN G 164 61.94 3.01 -46.23
C ASN G 164 60.62 2.24 -46.28
N THR G 165 60.56 1.04 -45.69
CA THR G 165 59.48 0.08 -45.87
C THR G 165 58.59 -0.07 -44.62
N ALA G 166 58.97 0.55 -43.49
CA ALA G 166 58.31 0.39 -42.20
C ALA G 166 56.83 0.80 -42.25
N TRP G 167 56.48 1.75 -43.13
CA TRP G 167 55.11 2.17 -43.27
C TRP G 167 54.20 1.02 -43.71
N GLU G 168 54.76 0.00 -44.34
CA GLU G 168 53.98 -1.03 -45.00
C GLU G 168 53.25 -1.90 -43.97
N PRO G 169 53.94 -2.52 -42.99
CA PRO G 169 53.23 -3.23 -41.91
C PRO G 169 52.39 -2.30 -41.02
N MET G 170 52.78 -1.02 -40.90
CA MET G 170 51.98 -0.07 -40.19
C MET G 170 50.64 0.12 -40.91
N PHE G 171 50.68 0.22 -42.26
CA PHE G 171 49.47 0.29 -43.06
C PHE G 171 48.60 -0.94 -42.86
N GLU G 172 49.20 -2.14 -42.83
CA GLU G 172 48.43 -3.36 -42.68
C GLU G 172 47.71 -3.39 -41.33
N ASP G 173 48.41 -2.99 -40.25
CA ASP G 173 47.80 -2.89 -38.93
C ASP G 173 46.70 -1.84 -38.93
N ALA G 174 46.92 -0.70 -39.60
CA ALA G 174 45.91 0.35 -39.66
C ALA G 174 44.64 -0.16 -40.35
N MET G 175 44.79 -0.92 -41.42
CA MET G 175 43.65 -1.48 -42.15
C MET G 175 42.92 -2.50 -41.27
N ASP G 176 43.70 -3.34 -40.57
CA ASP G 176 43.16 -4.38 -39.72
C ASP G 176 42.37 -3.78 -38.58
N LEU G 177 42.97 -2.79 -37.90
CA LEU G 177 42.35 -2.17 -36.75
C LEU G 177 41.14 -1.35 -37.18
N MET G 178 41.30 -0.52 -38.21
CA MET G 178 40.19 0.34 -38.63
C MET G 178 38.98 -0.51 -39.00
N ALA G 179 39.20 -1.63 -39.68
CA ALA G 179 38.10 -2.48 -40.11
C ALA G 179 37.33 -3.04 -38.91
N LYS G 180 38.02 -3.24 -37.77
CA LYS G 180 37.45 -3.93 -36.62
C LYS G 180 36.84 -2.98 -35.59
N LEU G 181 37.28 -1.71 -35.53
CA LEU G 181 36.91 -0.84 -34.43
C LEU G 181 35.39 -0.70 -34.34
N PRO G 182 34.62 -0.57 -35.43
CA PRO G 182 33.17 -0.46 -35.30
C PRO G 182 32.51 -1.70 -34.70
N SER G 183 32.99 -2.90 -35.09
CA SER G 183 32.53 -4.15 -34.50
C SER G 183 32.88 -4.22 -33.01
N LEU G 184 34.05 -3.73 -32.63
CA LEU G 184 34.46 -3.71 -31.23
C LEU G 184 33.51 -2.80 -30.45
N GLY G 185 33.24 -1.61 -31.01
CA GLY G 185 32.33 -0.66 -30.40
C GLY G 185 30.94 -1.24 -30.21
N ALA G 186 30.42 -1.84 -31.27
CA ALA G 186 29.09 -2.45 -31.27
C ALA G 186 29.03 -3.57 -30.23
N TYR G 187 30.09 -4.39 -30.16
CA TYR G 187 30.13 -5.47 -29.19
C TYR G 187 29.92 -4.90 -27.79
N ILE G 188 30.70 -3.87 -27.45
CA ILE G 188 30.62 -3.22 -26.15
C ILE G 188 29.21 -2.65 -25.93
N TYR G 189 28.60 -2.07 -26.97
CA TYR G 189 27.27 -1.49 -26.82
C TYR G 189 26.27 -2.59 -26.48
N ARG G 190 26.33 -3.70 -27.22
CA ARG G 190 25.36 -4.77 -27.05
C ARG G 190 25.56 -5.43 -25.66
N MET G 191 26.82 -5.71 -25.31
CA MET G 191 27.13 -6.45 -24.09
C MET G 191 26.76 -5.66 -22.83
N LYS G 192 26.90 -4.32 -22.88
CA LYS G 192 26.62 -3.47 -21.74
C LYS G 192 25.15 -3.05 -21.70
N TYR G 193 24.57 -2.65 -22.84
CA TYR G 193 23.34 -1.88 -22.81
C TYR G 193 22.17 -2.55 -23.50
N LYS G 194 22.37 -3.63 -24.24
CA LYS G 194 21.29 -4.24 -25.00
C LYS G 194 21.14 -5.71 -24.66
N SER G 195 21.24 -6.01 -23.36
CA SER G 195 20.95 -7.33 -22.83
C SER G 195 21.91 -8.41 -23.34
N ASP G 196 23.06 -7.99 -23.87
CA ASP G 196 24.11 -8.92 -24.26
C ASP G 196 23.57 -9.88 -25.31
N THR G 197 22.68 -9.40 -26.20
CA THR G 197 22.40 -10.13 -27.42
C THR G 197 23.05 -9.40 -28.59
N HIS G 198 23.52 -10.16 -29.56
CA HIS G 198 24.42 -9.65 -30.59
C HIS G 198 23.85 -9.87 -31.99
N ILE G 199 23.94 -8.84 -32.82
CA ILE G 199 23.48 -8.90 -34.20
C ILE G 199 24.72 -9.13 -35.07
N PRO G 200 24.80 -10.21 -35.86
CA PRO G 200 26.00 -10.49 -36.64
C PRO G 200 26.26 -9.40 -37.69
N SER G 201 27.55 -9.24 -38.00
CA SER G 201 28.01 -8.44 -39.11
C SER G 201 27.30 -8.88 -40.40
N ASN G 202 26.84 -7.91 -41.18
CA ASN G 202 26.32 -8.18 -42.51
C ASN G 202 27.44 -7.93 -43.52
N PRO G 203 27.97 -8.97 -44.17
CA PRO G 203 29.13 -8.82 -45.06
C PRO G 203 28.82 -8.05 -46.33
N ASP G 204 27.55 -7.71 -46.58
CA ASP G 204 27.20 -6.88 -47.72
C ASP G 204 27.14 -5.40 -47.39
N LEU G 205 27.26 -5.01 -46.12
CA LEU G 205 27.12 -3.60 -45.77
C LEU G 205 28.49 -2.95 -45.69
N ASP G 206 28.51 -1.63 -45.94
CA ASP G 206 29.70 -0.81 -45.74
C ASP G 206 29.93 -0.60 -44.24
N LEU G 207 31.04 0.07 -43.91
CA LEU G 207 31.46 0.24 -42.51
C LEU G 207 30.33 0.88 -41.71
N GLY G 208 29.78 1.99 -42.19
CA GLY G 208 28.77 2.73 -41.44
C GLY G 208 27.45 1.96 -41.36
N GLY G 209 27.06 1.34 -42.48
CA GLY G 209 25.84 0.56 -42.52
C GLY G 209 25.92 -0.64 -41.58
N ASP G 210 27.08 -1.32 -41.56
CA ASP G 210 27.24 -2.49 -40.74
C ASP G 210 27.31 -2.11 -39.26
N PHE G 211 27.89 -0.94 -38.96
CA PHE G 211 27.89 -0.43 -37.61
C PHE G 211 26.46 -0.26 -37.10
N ALA G 212 25.60 0.41 -37.87
CA ALA G 212 24.20 0.60 -37.49
C ALA G 212 23.49 -0.74 -37.34
N ASN G 213 23.75 -1.67 -38.26
CA ASN G 213 23.25 -3.04 -38.21
C ASN G 213 23.60 -3.70 -36.87
N MET G 214 24.90 -3.72 -36.55
CA MET G 214 25.40 -4.40 -35.37
C MET G 214 24.99 -3.70 -34.07
N MET G 215 24.73 -2.40 -34.14
CA MET G 215 24.21 -1.65 -33.01
C MET G 215 22.72 -1.97 -32.77
N GLY G 216 22.04 -2.34 -33.86
CA GLY G 216 20.63 -2.70 -33.81
C GLY G 216 19.72 -1.51 -34.08
N ILE G 217 20.19 -0.52 -34.87
CA ILE G 217 19.46 0.72 -35.09
C ILE G 217 19.16 0.88 -36.59
N ASP G 218 17.90 1.22 -36.89
CA ASP G 218 17.39 1.27 -38.26
C ASP G 218 17.86 2.53 -38.99
N LYS G 219 17.74 2.49 -40.33
CA LYS G 219 17.85 3.69 -41.16
C LYS G 219 17.05 4.82 -40.51
N PRO G 220 17.52 6.08 -40.50
CA PRO G 220 18.80 6.47 -41.13
C PRO G 220 20.02 6.54 -40.21
N TYR G 221 20.09 5.69 -39.17
CA TYR G 221 21.23 5.71 -38.26
C TYR G 221 22.50 5.35 -39.01
N ASP G 222 22.39 4.57 -40.09
CA ASP G 222 23.52 4.27 -40.97
C ASP G 222 24.18 5.57 -41.44
N ASP G 223 23.36 6.57 -41.82
CA ASP G 223 23.86 7.85 -42.30
C ASP G 223 24.32 8.73 -41.14
N VAL G 224 23.62 8.65 -40.01
CA VAL G 224 24.07 9.33 -38.79
C VAL G 224 25.52 8.94 -38.50
N ALA G 225 25.82 7.64 -38.61
CA ALA G 225 27.11 7.09 -38.24
C ALA G 225 28.17 7.47 -39.27
N ARG G 226 27.82 7.34 -40.57
CA ARG G 226 28.74 7.73 -41.63
C ARG G 226 29.17 9.18 -41.45
N LEU G 227 28.19 10.06 -41.22
CA LEU G 227 28.46 11.46 -41.04
C LEU G 227 29.28 11.66 -39.76
N TYR G 228 28.84 11.06 -38.66
CA TYR G 228 29.49 11.22 -37.37
C TYR G 228 30.97 10.85 -37.50
N PHE G 229 31.24 9.70 -38.11
CA PHE G 229 32.61 9.19 -38.18
C PHE G 229 33.49 10.09 -39.04
N ILE G 230 32.97 10.56 -40.17
CA ILE G 230 33.74 11.44 -41.05
C ILE G 230 34.03 12.77 -40.33
N LEU G 231 33.05 13.33 -39.62
CA LEU G 231 33.25 14.61 -38.95
C LEU G 231 34.31 14.50 -37.84
N HIS G 232 34.34 13.33 -37.17
CA HIS G 232 35.22 13.13 -36.04
C HIS G 232 36.55 12.51 -36.46
N SER G 233 36.77 12.38 -37.77
CA SER G 233 37.87 11.60 -38.33
C SER G 233 39.25 12.10 -37.90
N ASP G 234 39.42 13.43 -37.84
CA ASP G 234 40.72 14.03 -37.52
C ASP G 234 40.47 15.48 -37.12
N HIS G 235 41.39 16.01 -36.28
CA HIS G 235 41.39 17.43 -35.94
C HIS G 235 42.84 17.85 -35.69
N GLU G 236 43.61 17.71 -36.77
CA GLU G 236 45.07 17.72 -36.79
C GLU G 236 45.63 16.82 -35.68
N SER G 237 46.94 16.95 -35.42
CA SER G 237 47.66 16.00 -34.60
C SER G 237 47.87 16.49 -33.17
N GLY G 238 47.42 17.73 -32.88
CA GLY G 238 47.73 18.38 -31.61
C GLY G 238 46.69 18.15 -30.51
N ASN G 239 45.51 17.65 -30.89
CA ASN G 239 44.50 17.23 -29.91
C ASN G 239 45.04 16.06 -29.09
N VAL G 240 44.51 15.86 -27.89
CA VAL G 240 45.16 14.95 -26.93
C VAL G 240 45.20 13.52 -27.46
N SER G 241 44.09 13.05 -28.03
CA SER G 241 44.03 11.67 -28.49
C SER G 241 44.98 11.43 -29.67
N ALA G 242 44.96 12.32 -30.67
CA ALA G 242 45.79 12.16 -31.86
C ALA G 242 47.27 12.31 -31.50
N HIS G 243 47.56 13.25 -30.61
CA HIS G 243 48.91 13.49 -30.17
C HIS G 243 49.44 12.29 -29.40
N THR G 244 48.59 11.72 -28.55
CA THR G 244 48.99 10.56 -27.74
C THR G 244 49.37 9.41 -28.67
N ALA G 245 48.52 9.13 -29.67
CA ALA G 245 48.82 8.09 -30.65
C ALA G 245 50.17 8.36 -31.33
N HIS G 246 50.33 9.61 -31.78
CA HIS G 246 51.52 10.03 -32.50
C HIS G 246 52.77 9.85 -31.63
N LEU G 247 52.66 10.30 -30.38
CA LEU G 247 53.75 10.24 -29.42
C LEU G 247 54.16 8.80 -29.16
N VAL G 248 53.17 7.94 -28.86
CA VAL G 248 53.46 6.56 -28.56
C VAL G 248 54.08 5.87 -29.76
N ALA G 249 53.48 6.06 -30.95
CA ALA G 249 54.00 5.48 -32.18
C ALA G 249 55.41 5.97 -32.54
N SER G 250 55.75 7.19 -32.11
CA SER G 250 57.05 7.78 -32.38
C SER G 250 58.19 6.96 -31.75
N ALA G 251 57.88 6.18 -30.67
CA ALA G 251 58.85 5.27 -30.11
C ALA G 251 58.83 3.90 -30.81
N LEU G 252 58.09 3.80 -31.93
CA LEU G 252 57.93 2.62 -32.77
C LEU G 252 57.06 1.55 -32.11
N SER G 253 56.21 1.97 -31.16
CA SER G 253 55.09 1.17 -30.71
C SER G 253 54.09 1.07 -31.85
N ASP G 254 53.52 -0.13 -32.00
CA ASP G 254 52.57 -0.40 -33.07
C ASP G 254 51.26 0.37 -32.81
N ALA G 255 50.37 0.32 -33.82
CA ALA G 255 49.12 1.06 -33.82
C ALA G 255 48.18 0.63 -32.71
N TYR G 256 48.28 -0.63 -32.26
CA TYR G 256 47.39 -1.12 -31.19
C TYR G 256 47.78 -0.46 -29.88
N TYR G 257 49.08 -0.49 -29.54
CA TYR G 257 49.55 0.26 -28.39
C TYR G 257 49.18 1.74 -28.54
N ALA G 258 49.39 2.31 -29.75
CA ALA G 258 49.28 3.75 -29.92
C ALA G 258 47.84 4.20 -29.82
N TYR G 259 46.92 3.43 -30.42
CA TYR G 259 45.53 3.84 -30.42
C TYR G 259 44.85 3.51 -29.08
N SER G 260 45.24 2.42 -28.43
CA SER G 260 44.80 2.19 -27.05
C SER G 260 45.13 3.38 -26.16
N ALA G 261 46.41 3.81 -26.18
CA ALA G 261 46.88 4.99 -25.47
C ALA G 261 46.03 6.23 -25.82
N ALA G 262 45.71 6.38 -27.12
CA ALA G 262 44.90 7.50 -27.57
C ALA G 262 43.53 7.52 -26.89
N MET G 263 42.91 6.35 -26.77
CA MET G 263 41.58 6.25 -26.18
C MET G 263 41.62 6.51 -24.66
N CYS G 264 42.75 6.21 -24.01
CA CYS G 264 42.96 6.65 -22.62
C CYS G 264 42.89 8.18 -22.50
N GLY G 265 43.45 8.91 -23.48
CA GLY G 265 43.36 10.35 -23.53
C GLY G 265 41.96 10.86 -23.88
N LEU G 266 41.32 10.21 -24.89
CA LEU G 266 39.99 10.63 -25.32
C LEU G 266 38.96 10.42 -24.20
N ALA G 267 39.24 9.46 -23.29
CA ALA G 267 38.34 9.20 -22.17
C ALA G 267 38.29 10.39 -21.20
N GLY G 268 39.28 11.30 -21.29
CA GLY G 268 39.42 12.40 -20.36
C GLY G 268 38.24 13.37 -20.39
N PRO G 269 37.73 13.82 -19.23
CA PRO G 269 36.67 14.82 -19.21
C PRO G 269 36.92 16.08 -20.03
N LEU G 270 38.17 16.50 -20.21
CA LEU G 270 38.47 17.69 -20.98
C LEU G 270 38.65 17.37 -22.46
N HIS G 271 38.36 16.13 -22.90
CA HIS G 271 38.55 15.77 -24.29
C HIS G 271 37.35 15.05 -24.89
N GLY G 272 36.82 13.99 -24.25
CA GLY G 272 35.85 13.14 -24.92
C GLY G 272 34.43 13.15 -24.33
N LEU G 273 34.16 14.01 -23.34
CA LEU G 273 32.91 13.95 -22.58
C LEU G 273 31.93 15.08 -22.93
N ALA G 274 32.35 16.06 -23.74
CA ALA G 274 31.57 17.28 -23.87
C ALA G 274 30.21 16.98 -24.51
N ASN G 275 30.15 16.00 -25.42
CA ASN G 275 28.91 15.62 -26.09
C ASN G 275 27.85 15.28 -25.05
N GLN G 276 28.15 14.33 -24.17
CA GLN G 276 27.21 13.86 -23.16
C GLN G 276 26.95 14.96 -22.12
N GLU G 277 27.91 15.86 -21.87
CA GLU G 277 27.73 16.88 -20.85
C GLU G 277 26.81 17.98 -21.37
N VAL G 278 26.98 18.38 -22.62
CA VAL G 278 26.02 19.22 -23.31
C VAL G 278 24.61 18.64 -23.19
N LEU G 279 24.45 17.38 -23.59
CA LEU G 279 23.12 16.81 -23.72
C LEU G 279 22.44 16.75 -22.34
N LYS G 280 23.18 16.31 -21.32
CA LYS G 280 22.66 16.26 -19.96
C LYS G 280 22.22 17.64 -19.48
N TRP G 281 23.05 18.64 -19.78
CA TRP G 281 22.78 20.01 -19.35
C TRP G 281 21.54 20.55 -20.06
N ILE G 282 21.36 20.26 -21.35
CA ILE G 282 20.15 20.65 -22.07
C ILE G 282 18.93 19.95 -21.46
N GLN G 283 19.04 18.65 -21.16
CA GLN G 283 17.90 17.89 -20.67
C GLN G 283 17.50 18.36 -19.27
N GLU G 284 18.50 18.75 -18.47
CA GLU G 284 18.25 19.26 -17.13
C GLU G 284 17.64 20.65 -17.21
N THR G 285 18.09 21.44 -18.18
CA THR G 285 17.57 22.78 -18.42
C THR G 285 16.10 22.70 -18.83
N ILE G 286 15.78 21.84 -19.80
CA ILE G 286 14.40 21.64 -20.26
C ILE G 286 13.50 21.30 -19.08
N ASP G 287 14.00 20.47 -18.16
CA ASP G 287 13.18 19.91 -17.10
C ASP G 287 13.05 20.91 -15.94
N LYS G 288 14.17 21.48 -15.49
CA LYS G 288 14.10 22.33 -14.27
C LYS G 288 13.93 23.83 -14.54
N LYS G 289 14.53 24.40 -15.58
CA LYS G 289 14.46 25.84 -15.74
C LYS G 289 13.38 26.29 -16.73
N LEU G 290 12.73 25.36 -17.46
CA LEU G 290 11.73 25.75 -18.44
C LEU G 290 10.47 24.87 -18.33
N GLY G 291 10.25 24.30 -17.14
CA GLY G 291 9.08 23.47 -16.87
C GLY G 291 8.76 22.48 -18.00
N GLY G 292 9.78 21.70 -18.42
CA GLY G 292 9.62 20.57 -19.32
C GLY G 292 9.14 20.95 -20.73
N LYS G 293 9.36 22.20 -21.18
CA LYS G 293 8.78 22.71 -22.41
C LYS G 293 9.83 23.49 -23.20
N VAL G 294 9.69 23.48 -24.55
CA VAL G 294 10.53 24.24 -25.47
C VAL G 294 10.30 25.73 -25.23
N PRO G 295 11.33 26.51 -24.82
CA PRO G 295 11.13 27.90 -24.42
C PRO G 295 11.04 28.87 -25.60
N THR G 296 10.86 30.17 -25.29
CA THR G 296 10.99 31.23 -26.26
C THR G 296 12.46 31.64 -26.34
N LYS G 297 12.81 32.30 -27.45
CA LYS G 297 14.12 32.90 -27.63
C LYS G 297 14.41 33.82 -26.45
N GLU G 298 13.34 34.48 -25.96
CA GLU G 298 13.40 35.41 -24.85
C GLU G 298 13.79 34.71 -23.55
N GLU G 299 13.06 33.64 -23.22
CA GLU G 299 13.23 32.92 -21.96
C GLU G 299 14.62 32.31 -21.86
N LEU G 300 15.14 31.84 -22.98
CA LEU G 300 16.43 31.16 -23.02
C LEU G 300 17.55 32.19 -22.95
N LYS G 301 17.37 33.33 -23.64
CA LYS G 301 18.35 34.42 -23.69
C LYS G 301 18.75 34.81 -22.28
N LYS G 302 17.77 34.87 -21.36
CA LYS G 302 18.01 35.31 -20.00
C LYS G 302 18.42 34.13 -19.12
N PHE G 303 17.99 32.90 -19.47
CA PHE G 303 18.47 31.72 -18.77
C PHE G 303 19.98 31.58 -18.92
N VAL G 304 20.48 31.87 -20.13
CA VAL G 304 21.90 31.77 -20.44
C VAL G 304 22.67 32.73 -19.52
N GLU G 305 22.19 33.99 -19.42
CA GLU G 305 22.85 35.07 -18.70
C GLU G 305 22.97 34.75 -17.21
N GLU G 306 21.94 34.10 -16.65
CA GLU G 306 21.91 33.69 -15.25
C GLU G 306 22.97 32.62 -14.98
N THR G 307 23.11 31.65 -15.90
CA THR G 307 24.09 30.56 -15.75
C THR G 307 25.51 31.12 -15.80
N LEU G 308 25.73 32.07 -16.72
CA LEU G 308 27.03 32.70 -16.94
C LEU G 308 27.38 33.62 -15.77
N SER G 309 26.49 34.57 -15.45
CA SER G 309 26.75 35.56 -14.42
C SER G 309 26.78 34.93 -13.03
N SER G 310 26.24 33.70 -12.88
CA SER G 310 26.40 32.93 -11.65
C SER G 310 27.66 32.06 -11.68
N GLY G 311 28.50 32.25 -12.70
CA GLY G 311 29.86 31.72 -12.72
C GLY G 311 29.96 30.29 -13.26
N GLN G 312 29.27 30.00 -14.37
CA GLN G 312 29.29 28.67 -14.97
C GLN G 312 29.31 28.74 -16.50
N VAL G 313 29.84 27.68 -17.12
CA VAL G 313 30.09 27.63 -18.55
C VAL G 313 28.84 27.17 -19.30
N ILE G 314 28.70 27.62 -20.56
CA ILE G 314 27.78 26.99 -21.50
C ILE G 314 28.54 25.84 -22.16
N PRO G 315 28.17 24.56 -21.93
CA PRO G 315 28.94 23.43 -22.47
C PRO G 315 28.81 23.36 -23.99
N GLY G 316 29.88 22.87 -24.64
CA GLY G 316 29.92 22.69 -26.09
C GLY G 316 30.23 23.98 -26.85
N TYR G 317 30.54 25.06 -26.11
CA TYR G 317 30.98 26.33 -26.65
C TYR G 317 32.40 26.61 -26.17
N GLY G 318 33.23 27.19 -27.06
CA GLY G 318 34.64 27.37 -26.74
C GLY G 318 35.51 26.26 -27.28
N HIS G 319 36.83 26.52 -27.35
CA HIS G 319 37.80 25.57 -27.86
C HIS G 319 39.21 26.12 -27.64
N ALA G 320 40.20 25.21 -27.59
CA ALA G 320 41.59 25.59 -27.41
C ALA G 320 42.13 26.30 -28.66
N VAL G 321 41.61 25.98 -29.85
CA VAL G 321 42.22 26.40 -31.12
C VAL G 321 41.19 27.13 -32.00
N LEU G 322 39.98 26.57 -32.14
CA LEU G 322 38.92 27.21 -32.91
C LEU G 322 38.61 28.58 -32.33
N ARG G 323 38.40 29.57 -33.23
CA ARG G 323 37.97 30.91 -32.85
C ARG G 323 36.67 31.30 -33.54
N LYS G 324 36.16 30.45 -34.45
CA LYS G 324 34.86 30.65 -35.06
C LYS G 324 34.00 29.39 -34.89
N THR G 325 32.78 29.46 -35.44
CA THR G 325 31.87 28.33 -35.48
C THR G 325 32.59 27.13 -36.08
N ASP G 326 32.44 25.97 -35.42
CA ASP G 326 32.99 24.71 -35.90
C ASP G 326 32.19 24.23 -37.10
N PRO G 327 32.81 24.02 -38.29
CA PRO G 327 32.07 23.51 -39.45
C PRO G 327 31.55 22.08 -39.24
N ARG G 328 32.12 21.36 -38.25
CA ARG G 328 31.61 20.05 -37.89
C ARG G 328 30.25 20.21 -37.22
N TYR G 329 30.11 21.24 -36.37
CA TYR G 329 28.83 21.62 -35.78
C TYR G 329 27.80 21.92 -36.88
N VAL G 330 28.22 22.68 -37.89
CA VAL G 330 27.34 23.11 -38.97
C VAL G 330 26.80 21.90 -39.73
N ALA G 331 27.65 20.92 -40.03
CA ALA G 331 27.24 19.72 -40.76
C ALA G 331 26.23 18.91 -39.95
N GLN G 332 26.42 18.85 -38.62
CA GLN G 332 25.48 18.17 -37.74
C GLN G 332 24.12 18.87 -37.80
N ARG G 333 24.17 20.21 -37.78
CA ARG G 333 22.98 21.07 -37.83
C ARG G 333 22.18 20.81 -39.11
N GLU G 334 22.87 20.76 -40.24
CA GLU G 334 22.20 20.54 -41.51
C GLU G 334 21.48 19.20 -41.51
N PHE G 335 22.10 18.19 -40.87
CA PHE G 335 21.51 16.87 -40.77
C PHE G 335 20.25 16.90 -39.90
N ALA G 336 20.31 17.62 -38.78
CA ALA G 336 19.21 17.69 -37.84
C ALA G 336 18.03 18.47 -38.45
N LEU G 337 18.31 19.58 -39.16
CA LEU G 337 17.28 20.36 -39.83
C LEU G 337 16.50 19.47 -40.80
N LYS G 338 17.22 18.64 -41.56
CA LYS G 338 16.60 17.71 -42.49
C LYS G 338 15.76 16.64 -41.79
N HIS G 339 16.30 16.00 -40.76
CA HIS G 339 15.79 14.70 -40.33
C HIS G 339 15.00 14.78 -39.03
N MET G 340 15.18 15.83 -38.22
CA MET G 340 14.53 15.89 -36.92
C MET G 340 14.26 17.35 -36.54
N PRO G 341 13.61 18.16 -37.41
CA PRO G 341 13.41 19.59 -37.13
C PRO G 341 12.51 19.86 -35.92
N ASP G 342 11.61 18.89 -35.62
CA ASP G 342 10.62 19.05 -34.56
C ASP G 342 11.06 18.41 -33.25
N ASP G 343 12.28 17.85 -33.20
CA ASP G 343 12.77 17.22 -31.98
C ASP G 343 12.97 18.31 -30.93
N PRO G 344 12.34 18.18 -29.73
CA PRO G 344 12.43 19.20 -28.69
C PRO G 344 13.86 19.58 -28.29
N ILE G 345 14.74 18.57 -28.18
CA ILE G 345 16.11 18.80 -27.74
C ILE G 345 16.89 19.56 -28.83
N PHE G 346 16.68 19.18 -30.10
CA PHE G 346 17.29 19.88 -31.20
C PHE G 346 16.87 21.36 -31.20
N GLN G 347 15.57 21.61 -30.91
CA GLN G 347 15.07 22.97 -30.95
C GLN G 347 15.83 23.84 -29.97
N VAL G 348 16.12 23.31 -28.77
CA VAL G 348 16.92 24.03 -27.79
C VAL G 348 18.35 24.25 -28.30
N VAL G 349 18.92 23.22 -28.96
CA VAL G 349 20.27 23.30 -29.54
C VAL G 349 20.32 24.43 -30.58
N SER G 350 19.31 24.43 -31.47
CA SER G 350 19.15 25.42 -32.53
C SER G 350 19.09 26.84 -31.95
N MET G 351 18.20 27.04 -30.97
CA MET G 351 18.01 28.34 -30.33
C MET G 351 19.26 28.79 -29.60
N LEU G 352 19.98 27.84 -28.98
CA LEU G 352 21.24 28.15 -28.31
C LEU G 352 22.26 28.70 -29.31
N TYR G 353 22.22 28.18 -30.55
CA TYR G 353 23.11 28.62 -31.61
C TYR G 353 22.94 30.13 -31.83
N GLU G 354 21.68 30.59 -31.82
CA GLU G 354 21.34 31.98 -32.09
C GLU G 354 21.75 32.88 -30.92
N VAL G 355 21.37 32.48 -29.70
CA VAL G 355 21.35 33.37 -28.56
C VAL G 355 22.71 33.40 -27.85
N VAL G 356 23.46 32.28 -27.85
CA VAL G 356 24.63 32.13 -26.97
C VAL G 356 25.84 32.89 -27.50
N PRO G 357 26.19 32.86 -28.82
CA PRO G 357 27.36 33.61 -29.30
C PRO G 357 27.33 35.11 -29.01
N PRO G 358 26.25 35.88 -29.37
CA PRO G 358 26.16 37.29 -28.98
C PRO G 358 26.48 37.57 -27.51
N ILE G 359 25.94 36.72 -26.61
CA ILE G 359 26.06 36.89 -25.17
C ILE G 359 27.49 36.60 -24.69
N LEU G 360 28.11 35.52 -25.20
CA LEU G 360 29.47 35.13 -24.81
C LEU G 360 30.48 36.15 -25.34
N SER G 361 30.15 36.79 -26.48
CA SER G 361 30.99 37.80 -27.09
C SER G 361 31.03 39.07 -26.22
N SER G 362 29.83 39.54 -25.79
CA SER G 362 29.68 40.65 -24.85
C SER G 362 30.62 40.50 -23.65
N LEU G 363 30.47 39.39 -22.92
CA LEU G 363 31.24 39.14 -21.71
C LEU G 363 32.73 39.01 -22.04
N GLY G 364 33.04 38.68 -23.30
CA GLY G 364 34.39 38.74 -23.85
C GLY G 364 35.42 37.88 -23.08
N LYS G 365 34.96 36.78 -22.48
CA LYS G 365 35.80 35.99 -21.57
C LYS G 365 36.22 34.64 -22.19
N VAL G 366 35.42 34.06 -23.08
CA VAL G 366 35.83 32.86 -23.79
C VAL G 366 36.44 33.30 -25.14
N LYS G 367 37.65 32.81 -25.45
CA LYS G 367 38.36 33.21 -26.65
C LYS G 367 37.63 32.71 -27.91
N ASP G 368 36.79 31.66 -27.78
CA ASP G 368 35.96 31.13 -28.87
C ASP G 368 34.48 31.19 -28.45
N PRO G 369 33.77 32.32 -28.68
CA PRO G 369 32.35 32.46 -28.31
C PRO G 369 31.40 31.84 -29.33
N TRP G 370 31.59 30.55 -29.61
CA TRP G 370 30.93 29.86 -30.70
C TRP G 370 30.85 28.37 -30.38
N PRO G 371 29.93 27.61 -31.03
CA PRO G 371 29.79 26.17 -30.76
C PRO G 371 30.91 25.32 -31.38
N ASN G 372 31.21 24.18 -30.74
CA ASN G 372 31.97 23.10 -31.35
C ASN G 372 31.01 21.93 -31.58
N VAL G 373 31.47 20.84 -32.24
CA VAL G 373 30.60 19.72 -32.58
C VAL G 373 29.84 19.21 -31.36
N ASP G 374 30.50 19.21 -30.20
CA ASP G 374 29.97 18.56 -29.02
C ASP G 374 28.65 19.22 -28.57
N ALA G 375 28.42 20.45 -29.04
CA ALA G 375 27.15 21.13 -28.81
C ALA G 375 26.02 20.47 -29.60
N HIS G 376 26.33 19.69 -30.64
CA HIS G 376 25.29 19.20 -31.56
C HIS G 376 25.13 17.67 -31.59
N SER G 377 26.18 16.90 -31.26
CA SER G 377 26.20 15.48 -31.59
C SER G 377 25.17 14.70 -30.79
N GLY G 378 25.01 15.06 -29.51
CA GLY G 378 24.19 14.29 -28.57
C GLY G 378 22.71 14.30 -28.89
N CYS G 379 22.16 15.43 -29.36
CA CYS G 379 20.73 15.46 -29.65
C CYS G 379 20.41 14.51 -30.80
N ILE G 380 21.37 14.33 -31.74
CA ILE G 380 21.18 13.43 -32.85
C ILE G 380 21.23 11.97 -32.37
N GLN G 381 22.24 11.63 -31.54
CA GLN G 381 22.35 10.28 -31.02
C GLN G 381 21.10 9.94 -30.21
N TRP G 382 20.72 10.85 -29.30
CA TRP G 382 19.56 10.67 -28.42
C TRP G 382 18.30 10.44 -29.23
N HIS G 383 18.11 11.26 -30.29
CA HIS G 383 16.92 11.16 -31.12
C HIS G 383 16.71 9.73 -31.61
N TYR G 384 17.81 9.05 -31.98
CA TYR G 384 17.71 7.73 -32.61
C TYR G 384 17.81 6.61 -31.55
N GLY G 385 17.79 6.98 -30.27
CA GLY G 385 17.66 6.00 -29.19
C GLY G 385 19.00 5.55 -28.60
N VAL G 386 20.11 6.20 -28.99
CA VAL G 386 21.37 6.00 -28.31
C VAL G 386 21.38 6.94 -27.11
N VAL G 387 20.82 6.43 -25.99
CA VAL G 387 20.59 7.19 -24.78
C VAL G 387 21.75 6.99 -23.81
N GLU G 388 22.69 6.08 -24.14
CA GLU G 388 23.72 5.63 -23.21
C GLU G 388 24.92 6.55 -23.33
N TYR G 389 24.86 7.64 -22.54
CA TYR G 389 25.79 8.76 -22.58
C TYR G 389 27.28 8.34 -22.64
N ASP G 390 27.68 7.41 -21.78
CA ASP G 390 29.09 7.04 -21.68
C ASP G 390 29.61 6.49 -23.01
N PHE G 391 28.73 5.84 -23.77
CA PHE G 391 29.11 5.23 -25.04
C PHE G 391 29.42 6.28 -26.12
N TYR G 392 28.97 7.53 -25.97
CA TYR G 392 29.18 8.53 -27.02
C TYR G 392 30.67 8.68 -27.34
N THR G 393 31.53 8.59 -26.31
CA THR G 393 32.95 8.73 -26.51
C THR G 393 33.51 7.57 -27.35
N VAL G 394 32.88 6.39 -27.27
CA VAL G 394 33.31 5.27 -28.07
C VAL G 394 33.04 5.56 -29.55
N LEU G 395 31.88 6.19 -29.86
CA LEU G 395 31.60 6.61 -31.23
C LEU G 395 32.72 7.51 -31.73
N PHE G 396 33.13 8.48 -30.88
CA PHE G 396 34.21 9.40 -31.18
C PHE G 396 35.49 8.63 -31.49
N GLY G 397 35.83 7.65 -30.64
CA GLY G 397 37.03 6.83 -30.79
C GLY G 397 37.05 6.03 -32.10
N ILE G 398 35.89 5.54 -32.54
CA ILE G 398 35.80 4.83 -33.80
C ILE G 398 36.14 5.78 -34.94
N GLY G 399 35.50 6.97 -34.92
CA GLY G 399 35.68 7.98 -35.95
C GLY G 399 37.10 8.51 -36.04
N ARG G 400 37.68 8.86 -34.88
CA ARG G 400 38.96 9.51 -34.81
C ARG G 400 40.07 8.58 -35.30
N ALA G 401 39.82 7.26 -35.33
CA ALA G 401 40.82 6.34 -35.79
C ALA G 401 41.10 6.54 -37.28
N LEU G 402 40.12 7.03 -38.05
CA LEU G 402 40.30 7.23 -39.48
C LEU G 402 41.49 8.16 -39.76
N GLY G 403 41.53 9.30 -39.09
CA GLY G 403 42.63 10.25 -39.25
C GLY G 403 43.89 9.82 -38.52
N VAL G 404 43.73 9.33 -37.28
CA VAL G 404 44.92 9.00 -36.49
C VAL G 404 45.68 7.85 -37.12
N LEU G 405 44.99 6.79 -37.56
CA LEU G 405 45.73 5.66 -38.15
C LEU G 405 46.36 6.08 -39.49
N ALA G 406 45.67 6.90 -40.28
CA ALA G 406 46.26 7.48 -41.48
C ALA G 406 47.54 8.25 -41.12
N ASN G 407 47.47 9.04 -40.04
CA ASN G 407 48.62 9.81 -39.58
C ASN G 407 49.78 8.91 -39.15
N LEU G 408 49.52 7.76 -38.52
CA LEU G 408 50.62 6.90 -38.06
C LEU G 408 51.33 6.26 -39.25
N VAL G 409 50.56 5.92 -40.28
CA VAL G 409 51.15 5.35 -41.49
C VAL G 409 52.15 6.37 -42.06
N TRP G 410 51.74 7.63 -42.12
CA TRP G 410 52.56 8.71 -42.67
C TRP G 410 53.73 9.07 -41.76
N ASP G 411 53.53 9.04 -40.44
CA ASP G 411 54.64 9.24 -39.53
C ASP G 411 55.75 8.24 -39.85
N ARG G 412 55.38 6.98 -40.09
CA ARG G 412 56.38 5.96 -40.40
C ARG G 412 56.90 6.14 -41.83
N ALA G 413 56.03 6.57 -42.77
CA ALA G 413 56.45 6.75 -44.14
C ALA G 413 57.55 7.81 -44.20
N LEU G 414 57.39 8.90 -43.43
CA LEU G 414 58.30 10.03 -43.43
C LEU G 414 59.40 9.88 -42.38
N GLY G 415 59.38 8.79 -41.61
CA GLY G 415 60.45 8.51 -40.66
C GLY G 415 60.53 9.55 -39.54
N TYR G 416 59.39 10.12 -39.12
CA TYR G 416 59.39 11.09 -38.05
C TYR G 416 60.00 10.48 -36.79
N ALA G 417 60.85 11.29 -36.14
CA ALA G 417 61.69 10.81 -35.06
C ALA G 417 60.88 10.73 -33.77
N ILE G 418 61.45 10.04 -32.79
CA ILE G 418 60.86 9.94 -31.47
C ILE G 418 60.55 11.35 -30.97
N GLU G 419 59.33 11.53 -30.42
CA GLU G 419 58.94 12.79 -29.81
C GLU G 419 59.52 12.85 -28.40
N ARG G 420 60.36 13.87 -28.19
CA ARG G 420 61.16 13.98 -26.98
C ARG G 420 61.48 15.46 -26.75
N PRO G 421 60.52 16.26 -26.25
CA PRO G 421 60.83 17.63 -25.83
C PRO G 421 61.64 17.60 -24.54
N LYS G 422 62.05 18.80 -24.10
CA LYS G 422 62.88 18.98 -22.92
C LYS G 422 61.99 19.56 -21.82
N SER G 423 62.11 19.00 -20.62
CA SER G 423 61.43 19.52 -19.43
C SER G 423 62.37 20.52 -18.73
N VAL G 424 61.75 21.47 -18.02
CA VAL G 424 62.47 22.42 -17.19
C VAL G 424 61.76 22.48 -15.84
N THR G 425 62.47 22.89 -14.79
CA THR G 425 61.93 23.05 -13.45
C THR G 425 61.37 24.46 -13.25
N THR G 426 60.61 24.64 -12.17
CA THR G 426 60.12 25.93 -11.73
C THR G 426 61.30 26.87 -11.41
N ASP G 427 62.37 26.34 -10.79
CA ASP G 427 63.58 27.10 -10.51
C ASP G 427 64.15 27.69 -11.79
N MET G 428 64.22 26.87 -12.84
CA MET G 428 64.78 27.28 -14.10
C MET G 428 63.92 28.38 -14.73
N LEU G 429 62.59 28.29 -14.58
CA LEU G 429 61.71 29.31 -15.12
C LEU G 429 61.89 30.62 -14.35
N GLU G 430 62.09 30.50 -13.03
CA GLU G 430 62.32 31.64 -12.17
C GLU G 430 63.63 32.34 -12.56
N LYS G 431 64.67 31.54 -12.82
CA LYS G 431 65.95 32.07 -13.29
C LYS G 431 65.73 32.87 -14.58
N TRP G 432 65.08 32.28 -15.58
CA TRP G 432 64.84 32.94 -16.86
C TRP G 432 63.95 34.16 -16.72
N ALA G 433 63.07 34.18 -15.71
CA ALA G 433 62.18 35.31 -15.50
C ALA G 433 62.92 36.47 -14.80
N GLY G 434 64.12 36.18 -14.27
CA GLY G 434 64.99 37.18 -13.67
C GLY G 434 64.76 37.32 -12.19
N ILE G 435 63.97 36.46 -11.55
CA ILE G 435 63.71 36.62 -10.09
C ILE G 435 64.84 35.92 -9.34
N LYS G 436 65.94 35.58 -10.03
CA LYS G 436 67.17 35.02 -9.45
C LYS G 436 66.91 33.54 -9.10
N SER H 2 46.99 11.06 6.58
CA SER H 2 48.36 10.53 6.70
C SER H 2 49.35 11.70 6.79
N PHE H 3 50.48 11.43 7.45
CA PHE H 3 51.54 12.41 7.56
C PHE H 3 52.05 12.79 6.15
N LEU H 4 52.17 11.79 5.27
CA LEU H 4 52.63 12.03 3.91
C LEU H 4 51.69 12.99 3.19
N LYS H 5 50.39 12.77 3.31
CA LYS H 5 49.42 13.57 2.57
C LYS H 5 49.41 15.00 3.11
N GLU H 6 49.56 15.15 4.43
CA GLU H 6 49.58 16.47 5.06
C GLU H 6 50.87 17.20 4.68
N LYS H 7 51.98 16.47 4.61
CA LYS H 7 53.25 17.04 4.19
C LYS H 7 53.16 17.54 2.76
N LEU H 8 52.52 16.74 1.92
CA LEU H 8 52.33 17.07 0.52
C LEU H 8 51.43 18.31 0.39
N ALA H 9 50.38 18.38 1.22
CA ALA H 9 49.51 19.55 1.21
C ALA H 9 50.31 20.83 1.55
N GLU H 10 51.26 20.76 2.51
CA GLU H 10 52.11 21.89 2.85
C GLU H 10 52.93 22.32 1.65
N LYS H 11 53.58 21.35 1.01
CA LYS H 11 54.47 21.63 -0.11
C LYS H 11 53.70 22.26 -1.25
N ILE H 12 52.45 21.82 -1.45
CA ILE H 12 51.62 22.36 -2.51
C ILE H 12 51.28 23.83 -2.19
N ALA H 13 50.93 24.11 -0.92
CA ALA H 13 50.59 25.47 -0.50
C ALA H 13 51.76 26.42 -0.75
N GLN H 14 53.00 25.98 -0.50
CA GLN H 14 54.20 26.78 -0.72
C GLN H 14 54.51 26.94 -2.20
N HIS H 15 54.24 25.91 -3.02
CA HIS H 15 54.69 25.95 -4.40
C HIS H 15 53.72 26.74 -5.27
N ARG H 16 52.40 26.65 -5.02
CA ARG H 16 51.41 27.24 -5.91
C ARG H 16 51.71 28.71 -6.16
N PRO H 17 51.97 29.57 -5.15
CA PRO H 17 52.26 31.00 -5.38
C PRO H 17 53.36 31.26 -6.39
N ARG H 18 54.40 30.40 -6.41
CA ARG H 18 55.50 30.52 -7.36
C ARG H 18 54.99 30.36 -8.80
N THR H 19 54.10 29.37 -9.00
CA THR H 19 53.55 29.10 -10.31
C THR H 19 52.62 30.25 -10.72
N THR H 20 51.80 30.73 -9.78
CA THR H 20 50.89 31.86 -9.99
C THR H 20 51.65 33.11 -10.44
N ARG H 21 52.78 33.37 -9.77
CA ARG H 21 53.60 34.54 -10.06
C ARG H 21 54.23 34.44 -11.44
N LEU H 22 54.74 33.26 -11.81
CA LEU H 22 55.33 33.11 -13.13
C LEU H 22 54.31 33.39 -14.23
N LEU H 23 53.05 32.99 -14.01
CA LEU H 23 52.01 33.22 -15.01
C LEU H 23 51.55 34.68 -14.97
N LYS H 24 51.44 35.27 -13.77
CA LYS H 24 50.87 36.60 -13.65
C LYS H 24 51.84 37.67 -14.16
N GLU H 25 53.11 37.58 -13.74
CA GLU H 25 54.09 38.62 -14.00
C GLU H 25 54.96 38.30 -15.22
N PHE H 26 55.28 37.03 -15.48
CA PHE H 26 56.36 36.66 -16.39
C PHE H 26 55.89 35.70 -17.50
N GLY H 27 54.59 35.68 -17.76
CA GLY H 27 53.98 34.77 -18.71
C GLY H 27 54.59 34.89 -20.11
N ASN H 28 55.01 36.10 -20.50
CA ASN H 28 55.39 36.37 -21.87
C ASN H 28 56.90 36.30 -22.08
N VAL H 29 57.64 35.93 -21.03
CA VAL H 29 59.09 35.76 -21.15
C VAL H 29 59.37 34.59 -22.08
N LYS H 30 60.20 34.83 -23.10
CA LYS H 30 60.59 33.83 -24.08
C LYS H 30 61.67 32.93 -23.46
N ILE H 31 61.49 31.60 -23.58
CA ILE H 31 62.47 30.67 -23.03
C ILE H 31 63.06 29.79 -24.13
N ASP H 32 62.46 29.78 -25.33
CA ASP H 32 63.04 28.98 -26.39
C ASP H 32 62.39 29.37 -27.72
N GLU H 33 62.89 28.74 -28.79
CA GLU H 33 62.22 28.86 -30.08
C GLU H 33 62.09 27.47 -30.72
N VAL H 34 61.32 27.44 -31.83
CA VAL H 34 61.06 26.22 -32.58
C VAL H 34 61.51 26.43 -34.01
N THR H 35 62.32 25.50 -34.53
CA THR H 35 62.74 25.50 -35.92
C THR H 35 62.01 24.40 -36.70
N ILE H 36 62.14 24.46 -38.03
CA ILE H 36 61.57 23.46 -38.92
C ILE H 36 62.08 22.07 -38.54
N SER H 37 63.39 21.98 -38.31
CA SER H 37 64.06 20.76 -37.92
C SER H 37 63.40 20.09 -36.70
N GLN H 38 63.04 20.92 -35.71
CA GLN H 38 62.53 20.46 -34.43
C GLN H 38 61.08 20.03 -34.55
N ALA H 39 60.29 20.74 -35.38
CA ALA H 39 58.89 20.40 -35.59
C ALA H 39 58.80 19.05 -36.31
N ILE H 40 59.62 18.87 -37.36
CA ILE H 40 59.71 17.60 -38.06
C ILE H 40 60.34 16.53 -37.17
N GLY H 41 61.30 16.92 -36.31
CA GLY H 41 62.13 15.95 -35.60
C GLY H 41 61.69 15.72 -34.15
N GLY H 42 60.37 15.64 -33.93
CA GLY H 42 59.86 15.16 -32.65
C GLY H 42 60.08 16.15 -31.51
N MET H 43 59.87 17.44 -31.78
CA MET H 43 60.04 18.53 -30.82
C MET H 43 61.42 18.49 -30.15
N ARG H 44 62.45 17.96 -30.83
CA ARG H 44 63.72 17.69 -30.20
C ARG H 44 64.28 18.96 -29.54
N GLY H 45 64.51 18.91 -28.23
CA GLY H 45 65.19 19.97 -27.51
C GLY H 45 64.31 21.14 -27.12
N ILE H 46 63.03 21.16 -27.55
CA ILE H 46 62.15 22.28 -27.26
C ILE H 46 61.75 22.26 -25.78
N LYS H 47 62.02 23.37 -25.09
CA LYS H 47 61.72 23.50 -23.67
C LYS H 47 60.26 23.92 -23.51
N SER H 48 59.37 22.89 -23.43
CA SER H 48 57.93 23.10 -23.54
C SER H 48 57.15 22.34 -22.47
N LEU H 49 57.86 21.78 -21.47
CA LEU H 49 57.26 20.99 -20.39
C LEU H 49 57.89 21.42 -19.08
N VAL H 50 57.09 21.36 -17.99
CA VAL H 50 57.54 21.74 -16.67
C VAL H 50 57.29 20.60 -15.69
N THR H 51 58.33 20.18 -14.97
CA THR H 51 58.23 19.25 -13.87
C THR H 51 59.30 19.59 -12.82
N ASP H 52 59.02 19.31 -11.55
CA ASP H 52 60.00 19.49 -10.49
C ASP H 52 60.42 18.15 -9.85
N ILE H 53 59.84 17.03 -10.32
CA ILE H 53 60.11 15.73 -9.69
C ILE H 53 61.58 15.41 -9.88
N SER H 54 62.04 15.61 -11.12
CA SER H 54 63.43 15.36 -11.44
C SER H 54 63.83 16.30 -12.58
N TYR H 55 65.16 16.42 -12.75
CA TYR H 55 65.70 17.25 -13.81
C TYR H 55 66.90 16.53 -14.40
N LEU H 56 66.86 16.37 -15.74
CA LEU H 56 67.96 15.72 -16.44
C LEU H 56 68.93 16.77 -16.95
N ASP H 57 70.08 16.86 -16.26
CA ASP H 57 71.19 17.67 -16.74
C ASP H 57 71.95 16.86 -17.80
N PRO H 58 72.20 17.40 -19.02
CA PRO H 58 73.00 16.67 -20.02
C PRO H 58 74.40 16.23 -19.56
N GLU H 59 75.02 17.00 -18.65
CA GLU H 59 76.38 16.74 -18.19
C GLU H 59 76.40 15.90 -16.91
N GLU H 60 75.59 16.26 -15.90
CA GLU H 60 75.63 15.61 -14.59
CA GLU H 60 75.67 15.58 -14.61
C GLU H 60 74.65 14.44 -14.52
N GLY H 61 73.72 14.34 -15.49
CA GLY H 61 72.69 13.32 -15.47
C GLY H 61 71.52 13.72 -14.56
N ILE H 62 70.80 12.69 -14.07
CA ILE H 62 69.51 12.92 -13.43
C ILE H 62 69.73 13.36 -11.98
N ARG H 63 68.94 14.34 -11.55
CA ARG H 63 68.78 14.65 -10.12
C ARG H 63 67.31 14.47 -9.74
N PHE H 64 67.09 13.81 -8.60
CA PHE H 64 65.75 13.58 -8.07
C PHE H 64 65.50 14.57 -6.95
N ARG H 65 64.61 15.53 -7.22
CA ARG H 65 64.30 16.56 -6.25
C ARG H 65 65.58 17.25 -5.77
N GLY H 66 66.48 17.55 -6.73
CA GLY H 66 67.72 18.25 -6.40
C GLY H 66 68.86 17.32 -6.03
N TYR H 67 68.60 16.06 -5.66
CA TYR H 67 69.65 15.17 -5.19
C TYR H 67 70.23 14.30 -6.31
N THR H 68 71.53 14.03 -6.20
CA THR H 68 72.20 13.09 -7.08
C THR H 68 71.82 11.68 -6.64
N ILE H 69 72.15 10.71 -7.49
CA ILE H 69 71.88 9.31 -7.18
C ILE H 69 72.69 8.85 -5.98
N PRO H 70 74.02 9.10 -5.89
CA PRO H 70 74.76 8.73 -4.68
C PRO H 70 74.11 9.32 -3.42
N GLU H 71 73.62 10.57 -3.52
CA GLU H 71 72.97 11.24 -2.39
C GLU H 71 71.68 10.53 -2.00
N VAL H 72 70.85 10.20 -2.98
CA VAL H 72 69.59 9.51 -2.73
C VAL H 72 69.86 8.18 -2.02
N LEU H 73 70.78 7.38 -2.57
CA LEU H 73 71.05 6.05 -2.05
C LEU H 73 71.68 6.12 -0.65
N GLU H 74 72.39 7.22 -0.38
CA GLU H 74 73.07 7.46 0.88
C GLU H 74 72.04 7.87 1.93
N LYS H 75 71.14 8.80 1.59
CA LYS H 75 70.33 9.46 2.59
C LYS H 75 69.03 8.73 2.90
N LEU H 76 68.46 7.99 1.92
CA LEU H 76 67.15 7.37 2.14
C LEU H 76 67.29 6.27 3.17
N PRO H 77 66.36 6.11 4.14
CA PRO H 77 66.42 5.01 5.09
C PRO H 77 66.41 3.65 4.39
N LYS H 78 67.24 2.75 4.93
CA LYS H 78 67.49 1.43 4.38
C LYS H 78 66.50 0.44 5.00
N VAL H 79 66.23 -0.63 4.27
CA VAL H 79 65.42 -1.70 4.81
C VAL H 79 66.28 -2.45 5.81
N PRO H 80 65.78 -2.71 7.05
CA PRO H 80 66.53 -3.50 8.04
C PRO H 80 67.00 -4.84 7.46
N GLY H 81 68.31 -5.11 7.55
CA GLY H 81 68.86 -6.36 7.07
C GLY H 81 69.28 -6.32 5.60
N ALA H 82 69.11 -5.16 4.95
CA ALA H 82 69.36 -5.04 3.53
C ALA H 82 70.20 -3.79 3.26
N GLU H 83 70.74 -3.72 2.04
CA GLU H 83 71.70 -2.72 1.62
C GLU H 83 70.99 -1.50 1.03
N MET H 84 69.79 -1.65 0.47
CA MET H 84 69.20 -0.60 -0.37
C MET H 84 68.04 0.07 0.37
N PRO H 85 67.66 1.30 -0.04
CA PRO H 85 66.52 1.98 0.58
C PRO H 85 65.17 1.31 0.36
N TYR H 86 64.22 1.60 1.24
CA TYR H 86 62.82 1.38 0.94
C TYR H 86 62.46 2.18 -0.32
N VAL H 87 61.80 1.52 -1.27
CA VAL H 87 61.32 2.20 -2.46
C VAL H 87 60.26 3.23 -2.04
N GLU H 88 59.49 2.87 -1.00
CA GLU H 88 58.48 3.74 -0.41
C GLU H 88 59.08 5.08 0.02
N GLY H 89 60.31 5.05 0.53
CA GLY H 89 61.01 6.26 0.95
C GLY H 89 61.41 7.13 -0.24
N HIS H 90 61.77 6.50 -1.35
CA HIS H 90 62.02 7.26 -2.56
C HIS H 90 60.73 7.89 -3.07
N PHE H 91 59.60 7.18 -2.93
CA PHE H 91 58.33 7.74 -3.35
C PHE H 91 57.98 8.98 -2.52
N TYR H 92 58.25 8.90 -1.19
CA TYR H 92 58.05 10.01 -0.27
C TYR H 92 58.86 11.22 -0.77
N LEU H 93 60.14 10.98 -1.10
CA LEU H 93 61.04 12.01 -1.59
C LEU H 93 60.49 12.64 -2.87
N LEU H 94 60.10 11.82 -3.85
CA LEU H 94 59.61 12.37 -5.11
C LEU H 94 58.35 13.18 -4.90
N LEU H 95 57.48 12.76 -3.98
CA LEU H 95 56.23 13.48 -3.76
C LEU H 95 56.46 14.80 -3.01
N THR H 96 57.34 14.80 -2.00
CA THR H 96 57.43 15.93 -1.07
C THR H 96 58.65 16.81 -1.34
N GLY H 97 59.74 16.26 -1.89
CA GLY H 97 61.01 16.96 -1.96
C GLY H 97 61.90 16.73 -0.71
N ASP H 98 61.37 16.10 0.34
CA ASP H 98 62.09 15.84 1.58
C ASP H 98 62.57 14.40 1.65
N VAL H 99 63.79 14.20 2.15
CA VAL H 99 64.24 12.88 2.57
C VAL H 99 63.45 12.48 3.83
N PRO H 100 62.77 11.31 3.82
CA PRO H 100 62.00 10.90 4.98
C PRO H 100 62.91 10.38 6.11
N THR H 101 62.45 10.53 7.34
CA THR H 101 63.02 9.83 8.48
C THR H 101 62.58 8.36 8.42
N GLU H 102 63.23 7.53 9.24
CA GLU H 102 62.86 6.14 9.37
C GLU H 102 61.37 6.04 9.75
N LYS H 103 60.95 6.87 10.69
CA LYS H 103 59.56 6.90 11.13
C LYS H 103 58.64 7.18 9.94
N GLU H 104 59.06 8.09 9.03
CA GLU H 104 58.19 8.56 7.97
C GLU H 104 58.03 7.48 6.90
N VAL H 105 59.12 6.80 6.59
CA VAL H 105 59.14 5.72 5.61
C VAL H 105 58.26 4.57 6.09
N LYS H 106 58.36 4.22 7.38
CA LYS H 106 57.61 3.10 7.93
C LYS H 106 56.11 3.33 7.74
N GLU H 107 55.68 4.60 7.89
CA GLU H 107 54.28 4.93 7.73
C GLU H 107 53.83 4.68 6.28
N VAL H 108 54.70 5.00 5.31
CA VAL H 108 54.38 4.78 3.90
C VAL H 108 54.36 3.28 3.62
N ALA H 109 55.35 2.56 4.16
CA ALA H 109 55.44 1.12 3.98
C ALA H 109 54.18 0.42 4.50
N GLU H 110 53.65 0.89 5.63
CA GLU H 110 52.43 0.32 6.20
C GLU H 110 51.21 0.61 5.31
N GLU H 111 51.17 1.81 4.72
CA GLU H 111 50.07 2.20 3.85
C GLU H 111 50.10 1.34 2.55
N PHE H 112 51.32 1.11 2.01
CA PHE H 112 51.47 0.28 0.83
C PHE H 112 51.05 -1.17 1.09
N LYS H 113 51.33 -1.68 2.31
CA LYS H 113 50.88 -3.01 2.69
C LYS H 113 49.36 -3.09 2.61
N LYS H 114 48.66 -2.04 3.03
CA LYS H 114 47.21 -2.05 3.03
C LYS H 114 46.66 -1.94 1.61
N ARG H 115 47.45 -1.46 0.64
CA ARG H 115 46.90 -1.17 -0.68
C ARG H 115 47.45 -2.13 -1.74
N ARG H 116 48.25 -3.14 -1.39
CA ARG H 116 48.98 -3.85 -2.42
C ARG H 116 48.19 -5.04 -3.03
N ALA H 117 47.05 -5.44 -2.44
CA ALA H 117 46.30 -6.58 -2.96
C ALA H 117 45.71 -6.27 -4.34
N LEU H 118 45.78 -7.26 -5.23
CA LEU H 118 45.38 -7.13 -6.62
C LEU H 118 43.91 -7.53 -6.78
N PRO H 119 43.03 -6.69 -7.36
CA PRO H 119 41.66 -7.13 -7.67
C PRO H 119 41.62 -8.45 -8.43
N GLU H 120 40.72 -9.37 -8.04
CA GLU H 120 40.62 -10.68 -8.67
C GLU H 120 40.34 -10.56 -10.17
N TYR H 121 39.51 -9.61 -10.56
CA TYR H 121 39.15 -9.43 -11.96
C TYR H 121 40.34 -9.03 -12.81
N VAL H 122 41.42 -8.51 -12.18
CA VAL H 122 42.64 -8.26 -12.94
C VAL H 122 43.26 -9.57 -13.38
N LYS H 123 43.31 -10.54 -12.47
CA LYS H 123 43.79 -11.87 -12.79
C LYS H 123 42.89 -12.53 -13.83
N ASP H 124 41.57 -12.38 -13.68
CA ASP H 124 40.63 -12.95 -14.63
C ASP H 124 40.92 -12.40 -16.03
N THR H 125 41.14 -11.08 -16.11
CA THR H 125 41.37 -10.39 -17.37
C THR H 125 42.67 -10.88 -18.03
N LEU H 126 43.75 -11.02 -17.24
CA LEU H 126 45.03 -11.46 -17.76
C LEU H 126 44.98 -12.93 -18.21
N LYS H 127 44.11 -13.73 -17.58
CA LYS H 127 43.91 -15.10 -18.04
C LYS H 127 43.13 -15.16 -19.33
N ALA H 128 42.20 -14.23 -19.54
CA ALA H 128 41.36 -14.25 -20.74
C ALA H 128 42.18 -13.78 -21.94
N MET H 129 43.12 -12.87 -21.70
CA MET H 129 44.10 -12.48 -22.69
C MET H 129 44.97 -13.70 -23.04
N PRO H 130 45.21 -13.97 -24.35
CA PRO H 130 46.03 -15.11 -24.72
C PRO H 130 47.37 -15.11 -23.98
N ARG H 131 47.78 -16.29 -23.49
CA ARG H 131 48.97 -16.41 -22.67
C ARG H 131 50.22 -16.01 -23.46
N ASP H 132 50.13 -16.04 -24.80
CA ASP H 132 51.29 -15.71 -25.62
C ASP H 132 51.35 -14.20 -25.85
N THR H 133 50.45 -13.43 -25.24
CA THR H 133 50.53 -11.98 -25.25
C THR H 133 51.82 -11.46 -24.57
N HIS H 134 52.44 -10.47 -25.21
CA HIS H 134 53.64 -9.83 -24.70
C HIS H 134 53.39 -9.32 -23.27
N PRO H 135 54.37 -9.45 -22.35
CA PRO H 135 54.15 -9.06 -20.96
C PRO H 135 53.81 -7.59 -20.75
N MET H 136 54.32 -6.70 -21.63
CA MET H 136 54.02 -5.27 -21.53
C MET H 136 52.59 -4.99 -21.95
N THR H 137 52.04 -5.81 -22.85
CA THR H 137 50.63 -5.69 -23.22
C THR H 137 49.75 -6.12 -22.04
N MET H 138 50.12 -7.20 -21.37
CA MET H 138 49.42 -7.64 -20.19
C MET H 138 49.51 -6.59 -19.09
N PHE H 139 50.69 -6.00 -18.93
CA PHE H 139 50.96 -5.03 -17.87
C PHE H 139 50.09 -3.80 -18.06
N ALA H 140 50.08 -3.27 -19.29
CA ALA H 140 49.26 -2.11 -19.61
C ALA H 140 47.78 -2.43 -19.40
N ALA H 141 47.36 -3.65 -19.75
CA ALA H 141 45.95 -4.08 -19.68
C ALA H 141 45.51 -4.21 -18.22
N GLY H 142 46.38 -4.79 -17.38
CA GLY H 142 46.13 -4.87 -15.95
C GLY H 142 45.88 -3.52 -15.29
N ILE H 143 46.73 -2.54 -15.62
CA ILE H 143 46.60 -1.18 -15.13
C ILE H 143 45.25 -0.62 -15.61
N LEU H 144 44.99 -0.75 -16.92
CA LEU H 144 43.80 -0.19 -17.52
C LEU H 144 42.52 -0.76 -16.89
N ALA H 145 42.48 -2.08 -16.64
CA ALA H 145 41.30 -2.71 -16.08
C ALA H 145 40.95 -2.11 -14.73
N MET H 146 41.98 -1.69 -13.96
CA MET H 146 41.78 -1.16 -12.62
C MET H 146 41.27 0.29 -12.64
N GLN H 147 41.10 0.88 -13.84
CA GLN H 147 40.45 2.17 -14.01
C GLN H 147 39.06 2.17 -13.37
N ARG H 148 38.44 0.99 -13.31
CA ARG H 148 37.18 0.78 -12.61
C ARG H 148 37.22 1.32 -11.17
N GLU H 149 38.39 1.28 -10.52
CA GLU H 149 38.50 1.68 -9.11
C GLU H 149 38.89 3.15 -8.93
N SER H 150 39.05 3.92 -10.02
CA SER H 150 39.59 5.27 -9.92
C SER H 150 38.75 6.17 -9.01
N LYS H 151 39.41 6.70 -7.96
CA LYS H 151 38.84 7.70 -7.08
C LYS H 151 38.76 9.07 -7.76
N PHE H 152 39.76 9.39 -8.57
CA PHE H 152 39.76 10.61 -9.35
C PHE H 152 38.57 10.62 -10.32
N ALA H 153 38.35 9.51 -11.03
CA ALA H 153 37.22 9.42 -11.95
C ALA H 153 35.89 9.55 -11.21
N ALA H 154 35.74 8.91 -10.03
CA ALA H 154 34.48 8.97 -9.30
C ALA H 154 34.23 10.40 -8.79
N TYR H 155 35.30 11.03 -8.30
CA TYR H 155 35.29 12.42 -7.89
C TYR H 155 34.82 13.32 -9.01
N TYR H 156 35.43 13.18 -10.18
CA TYR H 156 35.02 14.01 -11.31
C TYR H 156 33.57 13.73 -11.66
N ASN H 157 33.17 12.45 -11.74
CA ASN H 157 31.86 12.07 -12.25
C ASN H 157 30.77 12.48 -11.25
N ALA H 158 31.12 12.63 -9.96
CA ALA H 158 30.18 13.07 -8.94
C ALA H 158 30.00 14.60 -8.93
N GLY H 159 30.70 15.33 -9.83
CA GLY H 159 30.61 16.78 -9.90
C GLY H 159 31.44 17.52 -8.85
N LYS H 160 32.45 16.86 -8.25
CA LYS H 160 33.17 17.44 -7.13
C LYS H 160 34.46 18.13 -7.56
N PHE H 161 34.75 18.19 -8.86
CA PHE H 161 36.02 18.74 -9.28
C PHE H 161 36.18 20.15 -8.69
N ASN H 162 37.32 20.37 -8.04
CA ASN H 162 37.72 21.69 -7.58
C ASN H 162 39.22 21.77 -7.81
N LYS H 163 39.67 22.85 -8.46
CA LYS H 163 41.06 22.92 -8.90
C LYS H 163 42.02 22.92 -7.70
N ASN H 164 41.54 23.28 -6.49
CA ASN H 164 42.43 23.33 -5.34
C ASN H 164 42.62 21.95 -4.71
N THR H 165 41.59 21.08 -4.81
CA THR H 165 41.50 19.82 -4.09
C THR H 165 41.72 18.59 -5.00
N ALA H 166 41.78 18.78 -6.34
CA ALA H 166 41.80 17.70 -7.32
C ALA H 166 43.02 16.79 -7.14
N TRP H 167 44.13 17.33 -6.61
CA TRP H 167 45.31 16.52 -6.36
C TRP H 167 45.03 15.40 -5.36
N GLU H 168 44.00 15.56 -4.52
CA GLU H 168 43.82 14.68 -3.38
C GLU H 168 43.39 13.29 -3.84
N PRO H 169 42.30 13.14 -4.64
CA PRO H 169 41.97 11.84 -5.22
C PRO H 169 43.02 11.30 -6.19
N MET H 170 43.76 12.21 -6.85
CA MET H 170 44.86 11.79 -7.71
C MET H 170 45.92 11.13 -6.85
N PHE H 171 46.24 11.71 -5.68
CA PHE H 171 47.18 11.12 -4.73
C PHE H 171 46.71 9.73 -4.28
N GLU H 172 45.42 9.58 -4.00
CA GLU H 172 44.89 8.31 -3.52
C GLU H 172 45.06 7.24 -4.60
N ASP H 173 44.73 7.57 -5.84
CA ASP H 173 44.92 6.67 -6.98
C ASP H 173 46.40 6.34 -7.17
N ALA H 174 47.29 7.35 -7.02
CA ALA H 174 48.71 7.12 -7.18
C ALA H 174 49.22 6.13 -6.12
N MET H 175 48.75 6.26 -4.88
CA MET H 175 49.16 5.36 -3.81
C MET H 175 48.63 3.94 -4.07
N ASP H 176 47.38 3.86 -4.51
CA ASP H 176 46.73 2.58 -4.78
C ASP H 176 47.44 1.86 -5.91
N LEU H 177 47.72 2.58 -7.01
CA LEU H 177 48.36 1.98 -8.17
C LEU H 177 49.80 1.63 -7.86
N MET H 178 50.55 2.55 -7.27
CA MET H 178 51.95 2.30 -7.00
C MET H 178 52.12 1.07 -6.10
N ALA H 179 51.23 0.92 -5.11
CA ALA H 179 51.32 -0.20 -4.19
C ALA H 179 51.14 -1.54 -4.91
N LYS H 180 50.35 -1.54 -6.00
CA LYS H 180 49.93 -2.76 -6.68
C LYS H 180 50.82 -3.11 -7.87
N LEU H 181 51.52 -2.13 -8.48
CA LEU H 181 52.23 -2.38 -9.75
C LEU H 181 53.19 -3.55 -9.63
N PRO H 182 53.99 -3.67 -8.54
CA PRO H 182 54.91 -4.80 -8.41
C PRO H 182 54.21 -6.17 -8.39
N SER H 183 53.07 -6.25 -7.68
CA SER H 183 52.26 -7.45 -7.63
C SER H 183 51.73 -7.80 -9.01
N LEU H 184 51.31 -6.78 -9.77
CA LEU H 184 50.80 -7.01 -11.11
C LEU H 184 51.92 -7.58 -11.98
N GLY H 185 53.10 -6.95 -11.90
CA GLY H 185 54.26 -7.40 -12.65
C GLY H 185 54.62 -8.85 -12.32
N ALA H 186 54.67 -9.16 -11.01
CA ALA H 186 55.02 -10.49 -10.54
C ALA H 186 53.99 -11.51 -11.02
N TYR H 187 52.71 -11.13 -10.98
CA TYR H 187 51.64 -12.02 -11.43
C TYR H 187 51.93 -12.42 -12.87
N ILE H 188 52.18 -11.43 -13.73
CA ILE H 188 52.48 -11.66 -15.13
C ILE H 188 53.71 -12.55 -15.28
N TYR H 189 54.75 -12.31 -14.46
CA TYR H 189 55.98 -13.09 -14.56
C TYR H 189 55.68 -14.56 -14.24
N ARG H 190 54.93 -14.80 -13.16
CA ARG H 190 54.63 -16.16 -12.73
C ARG H 190 53.75 -16.87 -13.76
N MET H 191 52.69 -16.18 -14.21
CA MET H 191 51.70 -16.76 -15.10
C MET H 191 52.30 -17.13 -16.46
N LYS H 192 53.25 -16.33 -16.94
CA LYS H 192 53.87 -16.55 -18.24
C LYS H 192 55.08 -17.47 -18.16
N TYR H 193 55.95 -17.28 -17.17
CA TYR H 193 57.29 -17.86 -17.25
C TYR H 193 57.60 -18.84 -16.15
N LYS H 194 56.78 -18.96 -15.10
CA LYS H 194 57.13 -19.83 -13.98
C LYS H 194 56.01 -20.83 -13.71
N SER H 195 55.44 -21.38 -14.81
CA SER H 195 54.49 -22.47 -14.70
C SER H 195 53.18 -22.07 -14.05
N ASP H 196 52.91 -20.77 -13.93
CA ASP H 196 51.63 -20.30 -13.44
C ASP H 196 51.39 -20.82 -12.02
N THR H 197 52.47 -20.94 -11.23
CA THR H 197 52.30 -21.07 -9.79
C THR H 197 52.70 -19.75 -9.14
N HIS H 198 51.99 -19.43 -8.06
CA HIS H 198 52.05 -18.09 -7.48
C HIS H 198 52.50 -18.17 -6.03
N ILE H 199 53.43 -17.28 -5.69
CA ILE H 199 53.92 -17.13 -4.33
C ILE H 199 53.15 -15.96 -3.71
N PRO H 200 52.41 -16.17 -2.59
CA PRO H 200 51.61 -15.10 -2.03
C PRO H 200 52.49 -13.96 -1.51
N SER H 201 51.87 -12.76 -1.53
CA SER H 201 52.43 -11.58 -0.90
C SER H 201 52.77 -11.89 0.55
N ASN H 202 53.96 -11.44 0.98
CA ASN H 202 54.31 -11.46 2.39
C ASN H 202 54.01 -10.09 2.98
N PRO H 203 52.98 -9.97 3.86
CA PRO H 203 52.54 -8.67 4.37
C PRO H 203 53.56 -8.01 5.30
N ASP H 204 54.64 -8.72 5.67
CA ASP H 204 55.69 -8.12 6.48
C ASP H 204 56.85 -7.56 5.62
N LEU H 205 56.83 -7.73 4.30
CA LEU H 205 57.93 -7.24 3.49
C LEU H 205 57.58 -5.87 2.92
N ASP H 206 58.62 -5.09 2.65
CA ASP H 206 58.50 -3.83 1.92
C ASP H 206 58.23 -4.10 0.43
N LEU H 207 58.01 -3.02 -0.32
CA LEU H 207 57.63 -3.12 -1.73
C LEU H 207 58.64 -3.97 -2.49
N GLY H 208 59.93 -3.63 -2.35
CA GLY H 208 60.98 -4.31 -3.11
C GLY H 208 61.17 -5.75 -2.67
N GLY H 209 61.13 -5.97 -1.36
CA GLY H 209 61.29 -7.30 -0.81
C GLY H 209 60.15 -8.20 -1.23
N ASP H 210 58.92 -7.67 -1.20
CA ASP H 210 57.76 -8.46 -1.54
C ASP H 210 57.74 -8.76 -3.04
N PHE H 211 58.23 -7.82 -3.85
CA PHE H 211 58.37 -8.06 -5.28
C PHE H 211 59.28 -9.27 -5.54
N ALA H 212 60.47 -9.28 -4.92
CA ALA H 212 61.40 -10.39 -5.08
C ALA H 212 60.78 -11.70 -4.60
N ASN H 213 60.07 -11.65 -3.46
CA ASN H 213 59.34 -12.75 -2.88
C ASN H 213 58.36 -13.33 -3.90
N MET H 214 57.48 -12.46 -4.44
CA MET H 214 56.42 -12.88 -5.34
C MET H 214 56.97 -13.32 -6.70
N MET H 215 58.14 -12.81 -7.08
CA MET H 215 58.80 -13.23 -8.32
C MET H 215 59.42 -14.62 -8.14
N GLY H 216 59.76 -14.96 -6.87
CA GLY H 216 60.34 -16.23 -6.51
C GLY H 216 61.87 -16.22 -6.63
N ILE H 217 62.49 -15.05 -6.34
CA ILE H 217 63.94 -14.89 -6.48
C ILE H 217 64.51 -14.50 -5.11
N ASP H 218 65.57 -15.21 -4.69
CA ASP H 218 66.12 -15.06 -3.36
C ASP H 218 66.98 -13.81 -3.23
N LYS H 219 67.24 -13.44 -1.96
CA LYS H 219 68.23 -12.43 -1.64
C LYS H 219 69.50 -12.71 -2.45
N PRO H 220 70.19 -11.69 -2.99
CA PRO H 220 69.84 -10.27 -2.81
C PRO H 220 69.01 -9.62 -3.92
N TYR H 221 68.12 -10.39 -4.58
CA TYR H 221 67.31 -9.82 -5.64
C TYR H 221 66.39 -8.73 -5.08
N ASP H 222 66.04 -8.82 -3.79
CA ASP H 222 65.29 -7.77 -3.11
C ASP H 222 66.00 -6.43 -3.26
N ASP H 223 67.34 -6.42 -3.10
CA ASP H 223 68.13 -5.19 -3.22
C ASP H 223 68.33 -4.82 -4.69
N VAL H 224 68.49 -5.81 -5.55
CA VAL H 224 68.56 -5.56 -6.99
C VAL H 224 67.33 -4.74 -7.41
N ALA H 225 66.15 -5.14 -6.91
CA ALA H 225 64.89 -4.56 -7.32
C ALA H 225 64.73 -3.16 -6.73
N ARG H 226 65.04 -3.01 -5.44
CA ARG H 226 64.99 -1.71 -4.79
C ARG H 226 65.85 -0.70 -5.55
N LEU H 227 67.09 -1.10 -5.87
CA LEU H 227 68.00 -0.25 -6.61
C LEU H 227 67.44 0.01 -8.01
N TYR H 228 67.04 -1.05 -8.71
CA TYR H 228 66.57 -0.90 -10.08
C TYR H 228 65.41 0.09 -10.13
N PHE H 229 64.45 -0.05 -9.21
CA PHE H 229 63.24 0.77 -9.23
C PHE H 229 63.58 2.24 -8.95
N ILE H 230 64.47 2.48 -7.99
CA ILE H 230 64.85 3.84 -7.65
C ILE H 230 65.58 4.49 -8.83
N LEU H 231 66.50 3.75 -9.47
CA LEU H 231 67.26 4.32 -10.59
C LEU H 231 66.34 4.69 -11.75
N HIS H 232 65.28 3.89 -11.97
CA HIS H 232 64.41 4.05 -13.14
C HIS H 232 63.20 4.92 -12.80
N SER H 233 63.20 5.50 -11.58
CA SER H 233 62.03 6.17 -11.02
C SER H 233 61.51 7.33 -11.87
N ASP H 234 62.41 8.12 -12.44
CA ASP H 234 62.05 9.31 -13.21
C ASP H 234 63.24 9.71 -14.07
N HIS H 235 62.95 10.37 -15.21
CA HIS H 235 63.99 10.95 -16.07
C HIS H 235 63.42 12.19 -16.73
N GLU H 236 63.05 13.14 -15.87
CA GLU H 236 62.18 14.28 -16.15
C GLU H 236 60.95 13.86 -16.98
N SER H 237 60.21 14.82 -17.55
CA SER H 237 58.86 14.58 -18.02
C SER H 237 58.80 14.46 -19.55
N GLY H 238 59.95 14.66 -20.21
CA GLY H 238 59.98 14.74 -21.67
C GLY H 238 60.22 13.39 -22.37
N ASN H 239 60.63 12.37 -21.60
CA ASN H 239 60.72 11.01 -22.10
C ASN H 239 59.31 10.51 -22.48
N VAL H 240 59.24 9.54 -23.39
CA VAL H 240 57.97 9.21 -24.03
C VAL H 240 56.94 8.72 -23.01
N SER H 241 57.36 7.84 -22.09
CA SER H 241 56.42 7.26 -21.13
C SER H 241 55.89 8.33 -20.17
N ALA H 242 56.80 9.16 -19.61
CA ALA H 242 56.39 10.18 -18.65
C ALA H 242 55.53 11.24 -19.32
N HIS H 243 55.91 11.61 -20.53
CA HIS H 243 55.18 12.60 -21.30
C HIS H 243 53.79 12.07 -21.65
N THR H 244 53.71 10.80 -22.03
CA THR H 244 52.43 10.23 -22.41
C THR H 244 51.47 10.27 -21.21
N ALA H 245 51.96 9.86 -20.03
CA ALA H 245 51.15 9.92 -18.83
C ALA H 245 50.67 11.36 -18.59
N HIS H 246 51.61 12.30 -18.67
CA HIS H 246 51.34 13.71 -18.42
C HIS H 246 50.28 14.22 -19.40
N LEU H 247 50.47 13.89 -20.68
CA LEU H 247 49.56 14.30 -21.74
C LEU H 247 48.14 13.79 -21.49
N VAL H 248 48.04 12.48 -21.25
CA VAL H 248 46.73 11.87 -21.06
C VAL H 248 46.06 12.45 -19.82
N ALA H 249 46.79 12.54 -18.69
CA ALA H 249 46.28 13.11 -17.45
C ALA H 249 45.87 14.59 -17.58
N SER H 250 46.50 15.31 -18.53
CA SER H 250 46.22 16.73 -18.77
C SER H 250 44.78 16.94 -19.23
N ALA H 251 44.16 15.90 -19.81
CA ALA H 251 42.75 15.94 -20.18
C ALA H 251 41.86 15.52 -19.01
N LEU H 252 42.46 15.34 -17.82
CA LEU H 252 41.81 14.95 -16.58
C LEU H 252 41.37 13.49 -16.60
N SER H 253 42.01 12.68 -17.46
CA SER H 253 42.01 11.24 -17.35
C SER H 253 42.77 10.85 -16.09
N ASP H 254 42.24 9.85 -15.40
CA ASP H 254 42.81 9.37 -14.15
C ASP H 254 44.13 8.65 -14.44
N ALA H 255 44.84 8.32 -13.35
CA ALA H 255 46.17 7.74 -13.37
C ALA H 255 46.18 6.37 -14.01
N TYR H 256 45.05 5.63 -13.97
CA TYR H 256 45.01 4.30 -14.57
C TYR H 256 45.03 4.43 -16.10
N TYR H 257 44.17 5.29 -16.64
CA TYR H 257 44.24 5.60 -18.06
C TYR H 257 45.63 6.13 -18.41
N ALA H 258 46.18 7.02 -17.57
CA ALA H 258 47.39 7.75 -17.93
C ALA H 258 48.60 6.84 -17.90
N TYR H 259 48.66 5.96 -16.88
CA TYR H 259 49.82 5.11 -16.77
C TYR H 259 49.73 3.91 -17.72
N SER H 260 48.52 3.40 -17.97
CA SER H 260 48.34 2.41 -19.03
C SER H 260 48.89 2.93 -20.37
N ALA H 261 48.45 4.13 -20.76
CA ALA H 261 48.95 4.84 -21.94
C ALA H 261 50.47 4.95 -21.92
N ALA H 262 51.03 5.28 -20.75
CA ALA H 262 52.48 5.42 -20.60
C ALA H 262 53.19 4.13 -20.95
N MET H 263 52.64 2.99 -20.50
CA MET H 263 53.27 1.70 -20.75
C MET H 263 53.16 1.30 -22.23
N CYS H 264 52.12 1.76 -22.92
CA CYS H 264 52.06 1.62 -24.37
C CYS H 264 53.26 2.31 -25.05
N GLY H 265 53.67 3.49 -24.54
CA GLY H 265 54.86 4.18 -25.04
C GLY H 265 56.17 3.51 -24.61
N LEU H 266 56.26 3.07 -23.35
CA LEU H 266 57.47 2.43 -22.86
C LEU H 266 57.71 1.11 -23.59
N ALA H 267 56.64 0.49 -24.11
CA ALA H 267 56.77 -0.75 -24.86
C ALA H 267 57.54 -0.55 -26.17
N GLY H 268 57.65 0.71 -26.62
CA GLY H 268 58.25 1.03 -27.91
C GLY H 268 59.72 0.64 -27.99
N PRO H 269 60.18 0.03 -29.11
CA PRO H 269 61.60 -0.28 -29.27
C PRO H 269 62.55 0.90 -29.04
N LEU H 270 62.12 2.14 -29.31
CA LEU H 270 63.01 3.29 -29.13
C LEU H 270 62.93 3.85 -27.71
N HIS H 271 62.25 3.14 -26.78
CA HIS H 271 62.13 3.65 -25.43
C HIS H 271 62.42 2.58 -24.38
N GLY H 272 61.80 1.38 -24.45
CA GLY H 272 61.88 0.45 -23.33
C GLY H 272 62.69 -0.83 -23.57
N LEU H 273 63.38 -0.94 -24.73
CA LEU H 273 63.98 -2.22 -25.11
C LEU H 273 65.51 -2.23 -24.99
N ALA H 274 66.15 -1.11 -24.66
CA ALA H 274 67.59 -1.01 -24.85
C ALA H 274 68.34 -1.97 -23.92
N ASN H 275 67.78 -2.21 -22.71
CA ASN H 275 68.36 -3.11 -21.73
C ASN H 275 68.56 -4.49 -22.36
N GLN H 276 67.46 -5.07 -22.88
CA GLN H 276 67.51 -6.40 -23.45
C GLN H 276 68.34 -6.42 -24.73
N GLU H 277 68.41 -5.30 -25.47
CA GLU H 277 69.13 -5.28 -26.74
C GLU H 277 70.64 -5.23 -26.50
N VAL H 278 71.06 -4.43 -25.52
CA VAL H 278 72.43 -4.48 -25.03
C VAL H 278 72.81 -5.91 -24.65
N LEU H 279 72.00 -6.53 -23.78
CA LEU H 279 72.39 -7.81 -23.20
C LEU H 279 72.53 -8.85 -24.31
N LYS H 280 71.56 -8.89 -25.23
CA LYS H 280 71.61 -9.82 -26.36
C LYS H 280 72.87 -9.62 -27.20
N TRP H 281 73.22 -8.36 -27.44
CA TRP H 281 74.37 -8.02 -28.24
C TRP H 281 75.67 -8.45 -27.53
N ILE H 282 75.75 -8.26 -26.21
CA ILE H 282 76.89 -8.73 -25.44
C ILE H 282 76.98 -10.25 -25.49
N GLN H 283 75.85 -10.95 -25.35
CA GLN H 283 75.86 -12.40 -25.31
C GLN H 283 76.26 -12.97 -26.67
N GLU H 284 75.83 -12.30 -27.75
CA GLU H 284 76.17 -12.70 -29.11
C GLU H 284 77.66 -12.40 -29.38
N THR H 285 78.17 -11.30 -28.83
CA THR H 285 79.56 -10.93 -28.97
C THR H 285 80.45 -11.97 -28.27
N ILE H 286 80.10 -12.31 -27.02
CA ILE H 286 80.83 -13.32 -26.27
C ILE H 286 80.90 -14.63 -27.06
N ASP H 287 79.80 -14.99 -27.72
CA ASP H 287 79.66 -16.30 -28.35
C ASP H 287 80.33 -16.31 -29.72
N LYS H 288 80.06 -15.29 -30.54
CA LYS H 288 80.54 -15.31 -31.93
C LYS H 288 81.90 -14.67 -32.14
N LYS H 289 82.18 -13.53 -31.51
CA LYS H 289 83.38 -12.80 -31.85
C LYS H 289 84.54 -13.06 -30.89
N LEU H 290 84.31 -13.77 -29.77
CA LEU H 290 85.37 -14.01 -28.80
C LEU H 290 85.38 -15.48 -28.36
N GLY H 291 84.86 -16.38 -29.20
CA GLY H 291 84.83 -17.81 -28.93
C GLY H 291 84.42 -18.15 -27.50
N GLY H 292 83.29 -17.59 -27.04
CA GLY H 292 82.64 -17.96 -25.78
C GLY H 292 83.45 -17.61 -24.53
N LYS H 293 84.40 -16.66 -24.62
CA LYS H 293 85.35 -16.41 -23.54
C LYS H 293 85.50 -14.90 -23.31
N VAL H 294 85.80 -14.54 -22.04
CA VAL H 294 86.09 -13.17 -21.64
C VAL H 294 87.40 -12.72 -22.30
N PRO H 295 87.37 -11.68 -23.16
CA PRO H 295 88.55 -11.30 -23.95
C PRO H 295 89.57 -10.46 -23.17
N THR H 296 90.66 -10.06 -23.84
CA THR H 296 91.59 -9.06 -23.34
C THR H 296 91.07 -7.68 -23.71
N LYS H 297 91.57 -6.66 -22.99
CA LYS H 297 91.29 -5.28 -23.31
C LYS H 297 91.68 -5.02 -24.78
N GLU H 298 92.75 -5.70 -25.21
CA GLU H 298 93.28 -5.58 -26.55
C GLU H 298 92.29 -6.10 -27.59
N GLU H 299 91.81 -7.34 -27.38
CA GLU H 299 90.95 -8.04 -28.33
C GLU H 299 89.63 -7.28 -28.52
N LEU H 300 89.12 -6.71 -27.43
CA LEU H 300 87.84 -6.04 -27.44
C LEU H 300 87.97 -4.66 -28.09
N LYS H 301 89.10 -3.98 -27.79
CA LYS H 301 89.39 -2.65 -28.33
C LYS H 301 89.25 -2.64 -29.85
N LYS H 302 89.74 -3.71 -30.49
CA LYS H 302 89.72 -3.80 -31.94
C LYS H 302 88.42 -4.41 -32.44
N PHE H 303 87.74 -5.23 -31.61
CA PHE H 303 86.41 -5.72 -31.95
C PHE H 303 85.44 -4.54 -32.11
N VAL H 304 85.57 -3.55 -31.20
CA VAL H 304 84.71 -2.38 -31.21
C VAL H 304 84.89 -1.62 -32.53
N GLU H 305 86.15 -1.41 -32.93
CA GLU H 305 86.51 -0.60 -34.08
C GLU H 305 85.97 -1.21 -35.37
N GLU H 306 85.98 -2.55 -35.45
CA GLU H 306 85.45 -3.29 -36.59
C GLU H 306 83.94 -3.11 -36.73
N THR H 307 83.22 -3.15 -35.58
CA THR H 307 81.77 -3.02 -35.58
C THR H 307 81.38 -1.60 -36.01
N LEU H 308 82.14 -0.60 -35.53
CA LEU H 308 81.89 0.81 -35.81
C LEU H 308 82.25 1.14 -37.25
N SER H 309 83.48 0.80 -37.67
CA SER H 309 83.96 1.15 -39.00
C SER H 309 83.23 0.35 -40.08
N SER H 310 82.55 -0.75 -39.71
CA SER H 310 81.65 -1.45 -40.61
C SER H 310 80.22 -0.90 -40.55
N GLY H 311 80.03 0.22 -39.84
CA GLY H 311 78.80 1.01 -39.90
C GLY H 311 77.71 0.55 -38.95
N GLN H 312 78.05 0.25 -37.69
CA GLN H 312 77.07 -0.27 -36.73
C GLN H 312 77.33 0.27 -35.32
N VAL H 313 76.25 0.37 -34.53
CA VAL H 313 76.26 1.10 -33.27
C VAL H 313 76.69 0.16 -32.13
N ILE H 314 77.28 0.74 -31.08
CA ILE H 314 77.45 0.04 -29.80
C ILE H 314 76.19 0.30 -28.97
N PRO H 315 75.33 -0.69 -28.68
CA PRO H 315 74.08 -0.48 -27.94
C PRO H 315 74.37 -0.09 -26.48
N GLY H 316 73.47 0.73 -25.92
CA GLY H 316 73.54 1.14 -24.52
C GLY H 316 74.49 2.32 -24.31
N TYR H 317 75.03 2.83 -25.43
CA TYR H 317 75.87 4.02 -25.48
C TYR H 317 75.13 5.05 -26.34
N GLY H 318 75.15 6.31 -25.94
CA GLY H 318 74.38 7.34 -26.62
C GLY H 318 73.06 7.60 -25.91
N HIS H 319 72.46 8.77 -26.19
CA HIS H 319 71.20 9.20 -25.58
C HIS H 319 70.71 10.47 -26.28
N ALA H 320 69.41 10.74 -26.20
CA ALA H 320 68.81 11.93 -26.78
C ALA H 320 69.26 13.19 -26.03
N VAL H 321 69.53 13.09 -24.71
CA VAL H 321 69.72 14.25 -23.85
C VAL H 321 71.05 14.17 -23.08
N LEU H 322 71.36 12.99 -22.49
CA LEU H 322 72.64 12.79 -21.80
C LEU H 322 73.81 13.05 -22.75
N ARG H 323 74.85 13.74 -22.24
CA ARG H 323 76.09 13.96 -22.96
C ARG H 323 77.29 13.42 -22.19
N LYS H 324 77.09 12.96 -20.95
CA LYS H 324 78.14 12.29 -20.19
C LYS H 324 77.67 10.94 -19.68
N THR H 325 78.57 10.26 -18.94
CA THR H 325 78.29 9.01 -18.27
C THR H 325 77.01 9.17 -17.44
N ASP H 326 76.12 8.17 -17.58
CA ASP H 326 74.88 8.12 -16.82
C ASP H 326 75.19 7.71 -15.38
N PRO H 327 74.84 8.53 -14.35
CA PRO H 327 75.07 8.12 -12.96
C PRO H 327 74.22 6.90 -12.54
N ARG H 328 73.16 6.61 -13.31
CA ARG H 328 72.35 5.42 -13.10
C ARG H 328 73.19 4.19 -13.47
N TYR H 329 73.96 4.30 -14.58
CA TYR H 329 74.92 3.29 -14.97
C TYR H 329 75.95 3.04 -13.86
N VAL H 330 76.45 4.11 -13.27
CA VAL H 330 77.49 4.04 -12.26
C VAL H 330 77.01 3.29 -11.02
N ALA H 331 75.76 3.56 -10.60
CA ALA H 331 75.19 2.89 -9.43
C ALA H 331 75.03 1.38 -9.69
N GLN H 332 74.66 1.03 -10.92
CA GLN H 332 74.53 -0.37 -11.30
C GLN H 332 75.90 -1.05 -11.20
N ARG H 333 76.93 -0.34 -11.70
CA ARG H 333 78.31 -0.83 -11.70
C ARG H 333 78.78 -1.14 -10.28
N GLU H 334 78.51 -0.22 -9.36
CA GLU H 334 78.96 -0.39 -7.99
C GLU H 334 78.33 -1.63 -7.38
N PHE H 335 77.06 -1.88 -7.74
CA PHE H 335 76.34 -3.05 -7.23
C PHE H 335 76.97 -4.34 -7.79
N ALA H 336 77.29 -4.33 -9.08
CA ALA H 336 77.85 -5.50 -9.76
C ALA H 336 79.25 -5.83 -9.24
N LEU H 337 80.09 -4.78 -9.03
CA LEU H 337 81.42 -4.97 -8.48
C LEU H 337 81.35 -5.69 -7.13
N LYS H 338 80.41 -5.26 -6.29
CA LYS H 338 80.19 -5.89 -4.99
C LYS H 338 79.71 -7.34 -5.09
N HIS H 339 78.70 -7.60 -5.93
CA HIS H 339 77.89 -8.81 -5.76
C HIS H 339 78.16 -9.86 -6.84
N MET H 340 78.75 -9.48 -7.98
CA MET H 340 78.96 -10.43 -9.07
C MET H 340 80.20 -10.04 -9.86
N PRO H 341 81.38 -9.86 -9.21
CA PRO H 341 82.58 -9.40 -9.91
C PRO H 341 83.10 -10.41 -10.94
N ASP H 342 82.80 -11.70 -10.70
CA ASP H 342 83.32 -12.79 -11.53
C ASP H 342 82.33 -13.22 -12.59
N ASP H 343 81.17 -12.55 -12.71
CA ASP H 343 80.20 -12.90 -13.73
C ASP H 343 80.79 -12.57 -15.10
N PRO H 344 80.84 -13.55 -16.02
CA PRO H 344 81.44 -13.34 -17.35
C PRO H 344 80.85 -12.15 -18.12
N ILE H 345 79.52 -12.00 -18.06
CA ILE H 345 78.82 -10.96 -18.82
C ILE H 345 79.17 -9.59 -18.23
N PHE H 346 79.20 -9.50 -16.90
CA PHE H 346 79.57 -8.25 -16.24
C PHE H 346 80.98 -7.85 -16.65
N GLN H 347 81.90 -8.83 -16.73
CA GLN H 347 83.28 -8.54 -17.05
C GLN H 347 83.38 -7.84 -18.40
N VAL H 348 82.61 -8.32 -19.38
CA VAL H 348 82.55 -7.68 -20.69
C VAL H 348 81.96 -6.27 -20.60
N VAL H 349 80.91 -6.10 -19.77
CA VAL H 349 80.27 -4.80 -19.56
C VAL H 349 81.30 -3.81 -19.00
N SER H 350 82.02 -4.26 -17.96
CA SER H 350 83.08 -3.48 -17.31
C SER H 350 84.15 -3.03 -18.32
N MET H 351 84.66 -3.98 -19.10
CA MET H 351 85.71 -3.70 -20.07
C MET H 351 85.22 -2.76 -21.16
N LEU H 352 83.94 -2.92 -21.56
CA LEU H 352 83.34 -2.03 -22.54
C LEU H 352 83.32 -0.58 -22.04
N TYR H 353 83.12 -0.41 -20.71
CA TYR H 353 83.13 0.89 -20.07
C TYR H 353 84.44 1.61 -20.37
N GLU H 354 85.55 0.86 -20.26
CA GLU H 354 86.90 1.40 -20.43
C GLU H 354 87.17 1.77 -21.89
N VAL H 355 86.88 0.83 -22.78
CA VAL H 355 87.43 0.86 -24.13
C VAL H 355 86.53 1.67 -25.09
N VAL H 356 85.20 1.68 -24.86
CA VAL H 356 84.26 2.17 -25.86
C VAL H 356 84.21 3.71 -25.90
N PRO H 357 84.18 4.44 -24.75
CA PRO H 357 84.13 5.90 -24.80
C PRO H 357 85.30 6.56 -25.54
N PRO H 358 86.60 6.26 -25.24
CA PRO H 358 87.72 6.78 -26.04
C PRO H 358 87.52 6.68 -27.55
N ILE H 359 87.05 5.50 -27.99
CA ILE H 359 86.91 5.17 -29.40
C ILE H 359 85.75 5.96 -30.05
N LEU H 360 84.60 6.03 -29.35
CA LEU H 360 83.43 6.73 -29.85
C LEU H 360 83.68 8.24 -29.91
N SER H 361 84.54 8.73 -28.99
CA SER H 361 84.90 10.13 -28.91
C SER H 361 85.74 10.53 -30.12
N SER H 362 86.78 9.73 -30.43
CA SER H 362 87.62 9.90 -31.62
C SER H 362 86.76 10.12 -32.87
N LEU H 363 85.90 9.14 -33.17
CA LEU H 363 85.07 9.19 -34.37
C LEU H 363 84.10 10.38 -34.31
N GLY H 364 83.82 10.87 -33.09
CA GLY H 364 83.10 12.12 -32.87
C GLY H 364 81.71 12.16 -33.51
N LYS H 365 81.05 11.01 -33.65
CA LYS H 365 79.83 10.91 -34.44
C LYS H 365 78.58 10.70 -33.56
N VAL H 366 78.72 10.08 -32.38
CA VAL H 366 77.62 10.01 -31.41
C VAL H 366 77.77 11.19 -30.45
N LYS H 367 76.69 11.96 -30.27
CA LYS H 367 76.72 13.16 -29.45
C LYS H 367 76.94 12.81 -27.97
N ASP H 368 76.63 11.56 -27.56
CA ASP H 368 76.88 11.06 -26.21
C ASP H 368 77.76 9.80 -26.28
N PRO H 369 79.12 9.95 -26.29
CA PRO H 369 80.04 8.82 -26.38
C PRO H 369 80.31 8.13 -25.04
N TRP H 370 79.22 7.72 -24.38
CA TRP H 370 79.26 7.25 -23.00
C TRP H 370 78.10 6.29 -22.74
N PRO H 371 78.19 5.44 -21.69
CA PRO H 371 77.10 4.50 -21.39
C PRO H 371 75.88 5.18 -20.76
N ASN H 372 74.68 4.62 -21.01
CA ASN H 372 73.48 4.89 -20.24
C ASN H 372 73.17 3.63 -19.41
N VAL H 373 72.16 3.67 -18.53
CA VAL H 373 71.86 2.56 -17.64
C VAL H 373 71.71 1.27 -18.41
N ASP H 374 71.10 1.36 -19.61
CA ASP H 374 70.68 0.19 -20.36
C ASP H 374 71.90 -0.66 -20.72
N ALA H 375 73.11 -0.06 -20.70
CA ALA H 375 74.34 -0.79 -20.87
C ALA H 375 74.63 -1.73 -19.70
N HIS H 376 74.02 -1.50 -18.52
CA HIS H 376 74.39 -2.23 -17.30
C HIS H 376 73.27 -3.10 -16.70
N SER H 377 72.00 -2.78 -16.96
CA SER H 377 70.89 -3.34 -16.18
C SER H 377 70.73 -4.82 -16.41
N GLY H 378 70.86 -5.23 -17.67
CA GLY H 378 70.58 -6.58 -18.12
C GLY H 378 71.53 -7.62 -17.52
N CYS H 379 72.83 -7.31 -17.37
CA CYS H 379 73.75 -8.33 -16.85
C CYS H 379 73.38 -8.65 -15.40
N ILE H 380 72.85 -7.67 -14.67
CA ILE H 380 72.42 -7.87 -13.29
C ILE H 380 71.15 -8.73 -13.25
N GLN H 381 70.16 -8.41 -14.09
CA GLN H 381 68.93 -9.20 -14.13
C GLN H 381 69.26 -10.64 -14.51
N TRP H 382 70.04 -10.79 -15.58
CA TRP H 382 70.43 -12.11 -16.10
C TRP H 382 71.15 -12.93 -15.02
N HIS H 383 72.07 -12.28 -14.30
CA HIS H 383 72.84 -12.98 -13.27
C HIS H 383 71.91 -13.69 -12.30
N TYR H 384 70.81 -13.03 -11.93
CA TYR H 384 69.93 -13.56 -10.88
C TYR H 384 68.81 -14.41 -11.48
N GLY H 385 68.88 -14.71 -12.77
CA GLY H 385 68.02 -15.70 -13.41
C GLY H 385 66.78 -15.09 -14.06
N VAL H 386 66.69 -13.76 -14.14
CA VAL H 386 65.66 -13.10 -14.93
C VAL H 386 66.17 -13.07 -16.37
N VAL H 387 65.89 -14.16 -17.09
CA VAL H 387 66.42 -14.39 -18.43
C VAL H 387 65.37 -13.98 -19.46
N GLU H 388 64.17 -13.60 -19.01
CA GLU H 388 63.03 -13.39 -19.91
C GLU H 388 63.05 -11.95 -20.38
N TYR H 389 63.79 -11.72 -21.47
CA TYR H 389 64.13 -10.39 -21.98
C TYR H 389 62.92 -9.45 -22.08
N ASP H 390 61.80 -9.93 -22.61
CA ASP H 390 60.63 -9.09 -22.84
C ASP H 390 60.13 -8.48 -21.52
N PHE H 391 60.29 -9.22 -20.41
CA PHE H 391 59.83 -8.79 -19.11
C PHE H 391 60.65 -7.62 -18.56
N TYR H 392 61.87 -7.38 -19.07
CA TYR H 392 62.72 -6.33 -18.49
C TYR H 392 62.00 -4.98 -18.54
N THR H 393 61.21 -4.74 -19.60
CA THR H 393 60.52 -3.48 -19.74
C THR H 393 59.44 -3.34 -18.66
N VAL H 394 58.88 -4.46 -18.18
CA VAL H 394 57.90 -4.40 -17.11
C VAL H 394 58.60 -3.92 -15.82
N LEU H 395 59.83 -4.37 -15.56
CA LEU H 395 60.62 -3.87 -14.42
C LEU H 395 60.73 -2.34 -14.51
N PHE H 396 61.07 -1.86 -15.70
CA PHE H 396 61.20 -0.44 -15.99
C PHE H 396 59.86 0.26 -15.67
N GLY H 397 58.75 -0.29 -16.15
CA GLY H 397 57.42 0.26 -15.94
C GLY H 397 57.03 0.35 -14.47
N ILE H 398 57.44 -0.63 -13.66
CA ILE H 398 57.17 -0.58 -12.23
C ILE H 398 57.93 0.60 -11.62
N GLY H 399 59.22 0.69 -11.95
CA GLY H 399 60.09 1.74 -11.43
C GLY H 399 59.66 3.15 -11.83
N ARG H 400 59.37 3.34 -13.13
CA ARG H 400 59.08 4.64 -13.69
C ARG H 400 57.78 5.19 -13.12
N ALA H 401 56.91 4.33 -12.57
CA ALA H 401 55.67 4.80 -11.99
C ALA H 401 55.94 5.68 -10.76
N LEU H 402 57.06 5.46 -10.06
CA LEU H 402 57.37 6.24 -8.85
C LEU H 402 57.41 7.74 -9.18
N GLY H 403 58.16 8.10 -10.22
CA GLY H 403 58.28 9.48 -10.64
C GLY H 403 57.04 9.97 -11.38
N VAL H 404 56.52 9.14 -12.30
CA VAL H 404 55.41 9.57 -13.12
C VAL H 404 54.16 9.83 -12.28
N LEU H 405 53.83 8.93 -11.35
CA LEU H 405 52.64 9.13 -10.54
C LEU H 405 52.83 10.35 -9.62
N ALA H 406 54.03 10.52 -9.06
CA ALA H 406 54.33 11.73 -8.30
C ALA H 406 54.10 12.98 -9.17
N ASN H 407 54.55 12.93 -10.43
CA ASN H 407 54.36 14.03 -11.36
C ASN H 407 52.89 14.31 -11.63
N LEU H 408 52.03 13.28 -11.74
CA LEU H 408 50.61 13.51 -12.03
C LEU H 408 49.92 14.18 -10.85
N VAL H 409 50.31 13.80 -9.63
CA VAL H 409 49.76 14.43 -8.44
C VAL H 409 50.05 15.93 -8.49
N TRP H 410 51.27 16.29 -8.84
CA TRP H 410 51.72 17.69 -8.90
C TRP H 410 51.09 18.42 -10.09
N ASP H 411 50.93 17.75 -11.24
CA ASP H 411 50.24 18.36 -12.36
C ASP H 411 48.86 18.82 -11.89
N ARG H 412 48.15 17.99 -11.12
CA ARG H 412 46.83 18.35 -10.63
C ARG H 412 46.93 19.38 -9.51
N ALA H 413 47.96 19.29 -8.65
CA ALA H 413 48.15 20.23 -7.57
C ALA H 413 48.29 21.64 -8.14
N LEU H 414 49.08 21.78 -9.20
CA LEU H 414 49.42 23.07 -9.80
C LEU H 414 48.44 23.43 -10.91
N GLY H 415 47.44 22.60 -11.19
CA GLY H 415 46.41 22.91 -12.16
C GLY H 415 46.95 23.10 -13.59
N TYR H 416 47.97 22.34 -13.96
CA TYR H 416 48.50 22.42 -15.33
C TYR H 416 47.41 22.10 -16.34
N ALA H 417 47.36 22.89 -17.40
CA ALA H 417 46.26 22.87 -18.35
C ALA H 417 46.44 21.71 -19.34
N ILE H 418 45.36 21.43 -20.08
CA ILE H 418 45.39 20.42 -21.12
C ILE H 418 46.55 20.71 -22.08
N GLU H 419 47.34 19.67 -22.39
CA GLU H 419 48.41 19.80 -23.37
C GLU H 419 47.81 19.71 -24.77
N ARG H 420 47.99 20.79 -25.55
CA ARG H 420 47.37 20.94 -26.85
C ARG H 420 48.22 21.88 -27.68
N PRO H 421 49.35 21.42 -28.25
CA PRO H 421 50.13 22.24 -29.18
C PRO H 421 49.40 22.34 -30.52
N LYS H 422 50.00 23.10 -31.46
CA LYS H 422 49.40 23.39 -32.74
C LYS H 422 50.18 22.64 -33.81
N SER H 423 49.45 22.01 -34.75
CA SER H 423 50.05 21.36 -35.90
C SER H 423 50.23 22.37 -37.05
N VAL H 424 51.21 22.08 -37.89
CA VAL H 424 51.41 22.77 -39.15
C VAL H 424 51.57 21.71 -40.23
N THR H 425 51.27 22.09 -41.49
CA THR H 425 51.45 21.24 -42.64
C THR H 425 52.85 21.39 -43.24
N THR H 426 53.22 20.45 -44.12
CA THR H 426 54.45 20.53 -44.88
C THR H 426 54.44 21.77 -45.79
N ASP H 427 53.27 22.09 -46.38
CA ASP H 427 53.10 23.28 -47.19
C ASP H 427 53.47 24.53 -46.39
N MET H 428 52.99 24.60 -45.15
CA MET H 428 53.24 25.76 -44.29
C MET H 428 54.72 25.87 -43.96
N LEU H 429 55.40 24.74 -43.77
CA LEU H 429 56.84 24.75 -43.51
C LEU H 429 57.60 25.23 -44.75
N GLU H 430 57.13 24.80 -45.92
CA GLU H 430 57.70 25.19 -47.19
C GLU H 430 57.51 26.69 -47.42
N LYS H 431 56.33 27.23 -47.09
CA LYS H 431 56.08 28.65 -47.14
C LYS H 431 57.10 29.39 -46.27
N TRP H 432 57.26 28.99 -45.00
CA TRP H 432 58.19 29.66 -44.10
C TRP H 432 59.63 29.53 -44.56
N ALA H 433 59.95 28.44 -45.27
CA ALA H 433 61.30 28.19 -45.75
C ALA H 433 61.60 29.01 -47.01
N GLY H 434 60.55 29.57 -47.63
CA GLY H 434 60.68 30.38 -48.84
C GLY H 434 60.66 29.56 -50.13
N ILE H 435 60.22 28.29 -50.06
CA ILE H 435 60.13 27.43 -51.23
C ILE H 435 58.81 27.69 -51.95
N LYS H 436 58.86 27.61 -53.29
CA LYS H 436 57.75 27.90 -54.19
C LYS H 436 56.66 26.82 -54.05
C1 CIT I . 8.94 -5.35 6.45
O1 CIT I . 8.60 -5.60 5.25
O2 CIT I . 8.71 -4.25 7.02
C2 CIT I . 9.68 -6.43 7.22
C3 CIT I . 8.80 -7.37 8.06
O7 CIT I . 8.42 -6.78 9.30
C4 CIT I . 7.54 -7.71 7.24
C5 CIT I . 6.45 -8.55 7.90
O3 CIT I . 5.38 -8.73 7.23
O4 CIT I . 6.68 -9.06 9.04
C6 CIT I . 9.63 -8.64 8.37
O5 CIT I . 9.58 -9.59 7.59
O6 CIT I . 10.32 -8.57 9.41
C1 CIT J . 0.68 -30.81 -9.85
O1 CIT J . -0.01 -31.85 -9.93
O2 CIT J . 1.55 -30.61 -8.99
C2 CIT J . 0.44 -29.72 -10.89
C3 CIT J . -0.83 -28.90 -10.71
O7 CIT J . -1.95 -29.63 -11.20
C4 CIT J . -0.95 -28.60 -9.20
C5 CIT J . -2.13 -27.78 -8.70
O3 CIT J . -3.00 -27.35 -9.52
O4 CIT J . -2.15 -27.54 -7.46
C6 CIT J . -0.64 -27.64 -11.59
O5 CIT J . -0.96 -27.72 -12.81
O6 CIT J . -0.07 -26.70 -11.06
C1 CIT K . -32.13 19.64 -2.55
O1 CIT K . -32.56 20.13 -3.62
O2 CIT K . -32.53 18.57 -2.04
C2 CIT K . -30.99 20.36 -1.84
C3 CIT K . -29.61 19.72 -2.03
O7 CIT K . -29.49 18.64 -1.13
C4 CIT K . -29.54 19.22 -3.49
C5 CIT K . -28.23 18.62 -4.00
O3 CIT K . -28.21 18.29 -5.23
O4 CIT K . -27.24 18.49 -3.22
C6 CIT K . -28.55 20.82 -1.69
O5 CIT K . -28.11 21.55 -2.64
O6 CIT K . -28.28 20.94 -0.47
C1 CIT L . -18.61 33.30 -27.36
O1 CIT L . -17.73 33.41 -28.27
O2 CIT L . -18.38 33.26 -26.13
C2 CIT L . -20.05 33.11 -27.81
C3 CIT L . -20.40 31.67 -28.18
O7 CIT L . -19.82 31.35 -29.44
C4 CIT L . -19.82 30.74 -27.09
C5 CIT L . -19.98 29.24 -27.28
O3 CIT L . -20.66 28.78 -28.24
O4 CIT L . -19.49 28.53 -26.39
C6 CIT L . -21.95 31.62 -28.27
O5 CIT L . -22.46 31.93 -29.40
O6 CIT L . -22.57 31.34 -27.22
C1 CIT M . -42.54 -9.76 37.13
O1 CIT M . -43.38 -8.82 36.99
O2 CIT M . -41.99 -10.08 38.24
C2 CIT M . -42.15 -10.54 35.89
C3 CIT M . -41.05 -9.92 35.01
O7 CIT M . -41.58 -8.83 34.28
C4 CIT M . -39.98 -9.39 35.97
C5 CIT M . -38.72 -8.77 35.39
O3 CIT M . -38.64 -8.64 34.15
O4 CIT M . -37.81 -8.45 36.21
C6 CIT M . -40.54 -11.01 34.03
O5 CIT M . -41.17 -11.12 32.93
O6 CIT M . -39.59 -11.74 34.40
C1 CIT N . -15.61 -23.63 45.51
O1 CIT N . -16.29 -23.37 44.48
O2 CIT N . -14.45 -24.13 45.49
C2 CIT N . -16.22 -23.30 46.87
C3 CIT N . -16.20 -21.81 47.29
O7 CIT N . -14.91 -21.44 47.73
C4 CIT N . -16.58 -20.96 46.05
C5 CIT N . -16.44 -19.45 46.16
O3 CIT N . -16.58 -18.78 45.08
O4 CIT N . -16.21 -18.94 47.29
C6 CIT N . -17.23 -21.64 48.44
O5 CIT N . -18.35 -21.15 48.17
O6 CIT N . -16.88 -22.05 49.56
C1 CIT O . 37.44 18.48 -27.96
O1 CIT O . 36.75 19.52 -28.02
O2 CIT O . 38.04 18.09 -26.91
C2 CIT O . 37.62 17.68 -29.24
C3 CIT O . 38.67 18.24 -30.21
O7 CIT O . 38.07 19.28 -30.97
C4 CIT O . 39.87 18.74 -29.37
C5 CIT O . 40.98 19.47 -30.09
O3 CIT O . 40.98 19.60 -31.34
O4 CIT O . 41.91 19.90 -29.36
C6 CIT O . 39.10 17.15 -31.21
O5 CIT O . 38.41 17.06 -32.24
O6 CIT O . 40.07 16.44 -30.94
C1 CIT P . 65.70 5.46 -23.01
O1 CIT P . 64.82 5.45 -23.88
O2 CIT P . 66.92 5.35 -23.23
C2 CIT P . 65.27 5.65 -21.56
C3 CIT P . 65.30 7.12 -21.11
O7 CIT P . 66.64 7.45 -20.78
C4 CIT P . 64.78 7.99 -22.28
C5 CIT P . 64.79 9.50 -22.10
O3 CIT P . 64.37 10.23 -23.08
O4 CIT P . 65.15 9.96 -20.98
C6 CIT P . 64.39 7.26 -19.85
O5 CIT P . 63.28 7.67 -20.01
O6 CIT P . 64.89 6.93 -18.77
#